data_6V4A
#
_entry.id   6V4A
#
_cell.length_a   141.064
_cell.length_b   116.028
_cell.length_c   169.630
_cell.angle_alpha   90.000
_cell.angle_beta   109.170
_cell.angle_gamma   90.000
#
_symmetry.space_group_name_H-M   'P 1 21 1'
#
loop_
_entity.id
_entity.type
_entity.pdbx_description
1 polymer 'Neur_chan_LBD domain-containing protein'
2 non-polymer 2-AMINO-2-HYDROXYMETHYL-PROPANE-1,3-DIOL
3 non-polymer PHOSPHATIDYLGLYCEROL-PHOSPHOGLYCEROL
#
_entity_poly.entity_id   1
_entity_poly.type   'polypeptide(L)'
_entity_poly.pdbx_seq_one_letter_code
;MHNLQQLLPTRSLIWIFSFLTSISIWCTVAHAETEGRVQHFTGYIEDGRGIFYSLPDMKQGDIIYASMQNTGGNLDPLVG
IMAEEIDPAVSLGQVLEKALASENDLISELTAVADRIFLGWDDDGGKGYSASLEFTIPRDGTYHIFAGSTITNQRLDKFQ
PTYTTGSFQLILGLNAPQVISGEGEPEGEVFASLASLEIKPEAHVQELEIRLDKDTRYLTQHTRNLQPGDTFHALVEPIG
EAPLPRLRLTDSGGKPLAFGLIDQPGESVELNYTCDQDICELVVHVDGTDGQKDSGEAVYRLLVGINAPNLRESGQTPVG
SSVFLESDLVTVGLAVDQIVGVDQRSENFSVVGTLKLSWHDPKLGFSPDQCGCTVKSFEDASIRAVAGEINLPLPSFSFY
NQQGNRWSQNQVIFVTPDGRASYFERFTVTLQAPDFDFLAYPFDRQKFSIKVDLAVPTNMFIFNEIERFQQVVGDQLGEE
EWVVTSYSQEITEVPFERGSTNSRFTTTLLVKRNLEYYILRIFVPLFLIISVSWVIFFLKDYGRQLEVASGNLLVFVAFN
FTISGDLPRLGYLTVLDRFMIVSFCLTAIVVLISVCQKRLGAVGKQAVAAQIDTWVLVIYPLVYSLYIIWVYLRFFTDHI
GW
;
_entity_poly.pdbx_strand_id   A,E,D,C,B
#
# COMPACT_ATOMS: atom_id res chain seq x y z
N GLY A 36 53.10 1.23 -28.91
CA GLY A 36 51.75 0.59 -28.72
C GLY A 36 50.68 1.37 -29.46
N ARG A 37 49.90 0.65 -30.26
CA ARG A 37 48.79 1.23 -31.01
C ARG A 37 47.48 0.49 -30.64
N VAL A 38 46.42 1.25 -30.36
CA VAL A 38 45.20 0.69 -29.80
C VAL A 38 43.94 1.20 -30.51
N GLN A 39 43.03 0.28 -30.86
CA GLN A 39 41.75 0.58 -31.53
C GLN A 39 40.55 -0.06 -30.81
N HIS A 40 39.39 0.58 -30.97
CA HIS A 40 38.08 0.16 -30.41
C HIS A 40 37.13 -0.28 -31.51
N PHE A 41 36.31 -1.27 -31.21
CA PHE A 41 35.23 -1.73 -32.10
C PHE A 41 34.04 -2.20 -31.30
N THR A 42 32.82 -1.94 -31.78
CA THR A 42 31.63 -2.55 -31.19
C THR A 42 30.78 -3.20 -32.27
N GLY A 43 30.06 -4.24 -31.86
CA GLY A 43 29.18 -4.97 -32.78
C GLY A 43 28.20 -5.89 -32.09
N TYR A 44 27.47 -6.67 -32.89
CA TYR A 44 26.40 -7.57 -32.43
C TYR A 44 26.53 -8.94 -33.07
N ILE A 45 26.43 -9.99 -32.27
CA ILE A 45 26.52 -11.37 -32.75
C ILE A 45 25.13 -11.93 -32.80
N GLU A 46 24.65 -12.27 -33.98
CA GLU A 46 23.25 -12.82 -34.10
C GLU A 46 23.18 -14.36 -34.23
N ASP A 47 23.09 -14.99 -33.04
CA ASP A 47 23.13 -16.44 -32.80
C ASP A 47 24.43 -17.19 -33.22
N GLY A 48 25.54 -16.61 -32.76
CA GLY A 48 26.85 -17.13 -32.93
C GLY A 48 27.62 -16.92 -34.25
N ARG A 49 26.98 -16.27 -35.23
CA ARG A 49 27.70 -15.85 -36.43
C ARG A 49 28.61 -14.68 -36.03
N GLY A 50 29.89 -14.77 -36.35
CA GLY A 50 30.84 -13.74 -35.93
C GLY A 50 31.02 -12.63 -36.96
N ILE A 51 31.96 -11.76 -36.65
CA ILE A 51 32.36 -10.66 -37.53
C ILE A 51 33.89 -10.74 -37.73
N PHE A 52 34.33 -10.54 -38.97
CA PHE A 52 35.74 -10.61 -39.35
C PHE A 52 36.32 -9.22 -39.52
N TYR A 53 37.57 -9.04 -39.08
CA TYR A 53 38.30 -7.78 -39.21
C TYR A 53 39.65 -8.02 -39.90
N SER A 54 39.92 -7.26 -40.97
CA SER A 54 41.15 -7.39 -41.79
C SER A 54 42.33 -6.63 -41.17
N LEU A 55 43.49 -7.28 -41.11
CA LEU A 55 44.73 -6.67 -40.61
C LEU A 55 45.82 -6.78 -41.69
N PRO A 56 45.77 -5.90 -42.72
CA PRO A 56 46.78 -5.98 -43.79
C PRO A 56 48.24 -5.61 -43.47
N ASP A 57 49.15 -6.31 -44.16
CA ASP A 57 50.61 -6.13 -44.02
C ASP A 57 51.15 -6.04 -42.56
N MET A 58 50.90 -7.12 -41.82
CA MET A 58 51.40 -7.18 -40.43
C MET A 58 52.82 -7.67 -40.53
N LYS A 59 53.59 -7.38 -39.50
CA LYS A 59 55.06 -7.67 -39.50
C LYS A 59 55.38 -8.81 -38.51
N GLN A 60 56.25 -9.73 -38.95
CA GLN A 60 56.73 -10.86 -38.14
C GLN A 60 57.36 -10.28 -36.89
N GLY A 61 56.98 -10.80 -35.73
CA GLY A 61 57.49 -10.30 -34.45
C GLY A 61 56.53 -9.33 -33.75
N ASP A 62 55.53 -8.80 -34.47
CA ASP A 62 54.46 -8.00 -33.85
C ASP A 62 53.67 -8.86 -32.85
N ILE A 63 53.24 -8.24 -31.76
CA ILE A 63 52.40 -8.92 -30.76
C ILE A 63 50.99 -8.32 -30.83
N ILE A 64 50.00 -9.19 -31.12
CA ILE A 64 48.60 -8.80 -31.22
C ILE A 64 47.93 -9.12 -29.88
N TYR A 65 47.22 -8.12 -29.34
CA TYR A 65 46.49 -8.25 -28.10
C TYR A 65 45.04 -7.98 -28.42
N ALA A 66 44.16 -8.89 -28.02
CA ALA A 66 42.70 -8.74 -28.24
C ALA A 66 41.94 -8.91 -26.92
N SER A 67 40.98 -8.00 -26.67
CA SER A 67 40.02 -8.13 -25.55
C SER A 67 38.59 -7.98 -26.04
N MET A 68 37.76 -8.99 -25.75
CA MET A 68 36.35 -9.04 -26.20
C MET A 68 35.44 -9.19 -24.97
N GLN A 69 34.65 -8.16 -24.70
CA GLN A 69 33.79 -8.12 -23.51
C GLN A 69 32.32 -8.01 -23.93
N ASN A 70 31.48 -8.73 -23.18
CA ASN A 70 30.05 -8.65 -23.30
C ASN A 70 29.59 -7.26 -22.90
N THR A 71 28.72 -6.66 -23.73
CA THR A 71 28.08 -5.37 -23.44
C THR A 71 26.56 -5.50 -23.27
N GLY A 72 26.01 -6.68 -23.50
CA GLY A 72 24.56 -6.87 -23.54
C GLY A 72 24.20 -8.23 -24.11
N GLY A 73 23.06 -8.75 -23.70
CA GLY A 73 22.67 -10.13 -24.07
C GLY A 73 23.47 -11.17 -23.31
N ASN A 74 23.31 -12.43 -23.70
CA ASN A 74 23.93 -13.59 -23.01
C ASN A 74 25.18 -14.14 -23.76
N LEU A 75 25.67 -13.39 -24.75
CA LEU A 75 26.86 -13.75 -25.55
C LEU A 75 28.06 -14.13 -24.67
N ASP A 76 28.63 -15.30 -24.93
CA ASP A 76 29.87 -15.74 -24.33
C ASP A 76 30.92 -15.59 -25.44
N PRO A 77 31.80 -14.60 -25.32
CA PRO A 77 32.63 -14.25 -26.45
C PRO A 77 33.75 -15.23 -26.77
N LEU A 78 34.06 -15.31 -28.07
CA LEU A 78 35.09 -16.18 -28.63
C LEU A 78 35.93 -15.34 -29.59
N VAL A 79 37.22 -15.20 -29.26
CA VAL A 79 38.15 -14.51 -30.13
C VAL A 79 39.23 -15.36 -30.75
N GLY A 80 39.49 -15.14 -32.04
CA GLY A 80 40.50 -15.90 -32.80
C GLY A 80 41.22 -15.09 -33.86
N ILE A 81 42.43 -15.54 -34.20
CA ILE A 81 43.24 -14.91 -35.25
C ILE A 81 43.64 -15.94 -36.31
N MET A 82 43.42 -15.56 -37.58
CA MET A 82 43.77 -16.34 -38.78
C MET A 82 44.66 -15.59 -39.80
N ALA A 83 45.17 -16.34 -40.78
CA ALA A 83 46.00 -15.80 -41.89
C ALA A 83 45.14 -15.38 -43.12
N GLU A 84 44.57 -16.37 -43.80
CA GLU A 84 43.55 -16.13 -44.82
C GLU A 84 42.17 -16.54 -44.29
N GLU A 85 41.15 -16.06 -44.98
CA GLU A 85 39.76 -16.17 -44.53
C GLU A 85 39.14 -17.50 -44.99
N ILE A 86 38.69 -18.32 -44.03
CA ILE A 86 37.77 -19.45 -44.33
C ILE A 86 36.72 -19.46 -43.21
N ASP A 87 35.47 -19.75 -43.57
CA ASP A 87 34.29 -19.46 -42.71
C ASP A 87 34.14 -20.43 -41.53
N PRO A 88 34.26 -19.91 -40.28
CA PRO A 88 34.10 -20.80 -39.11
C PRO A 88 32.67 -21.26 -38.85
N ALA A 89 31.63 -20.59 -39.37
CA ALA A 89 30.22 -20.98 -39.12
C ALA A 89 29.85 -22.42 -39.57
N VAL A 90 30.50 -22.86 -40.66
CA VAL A 90 30.33 -24.21 -41.20
C VAL A 90 30.87 -25.26 -40.22
N SER A 91 32.14 -25.14 -39.84
CA SER A 91 32.83 -26.01 -38.87
C SER A 91 32.20 -26.00 -37.48
N LEU A 92 31.91 -24.81 -36.96
CA LEU A 92 31.29 -24.62 -35.62
C LEU A 92 29.84 -25.13 -35.64
N GLY A 93 29.15 -24.99 -36.79
CA GLY A 93 27.80 -25.52 -36.98
C GLY A 93 27.75 -27.02 -36.82
N GLN A 94 28.80 -27.72 -37.26
CA GLN A 94 28.92 -29.17 -37.09
C GLN A 94 29.10 -29.56 -35.61
N VAL A 95 29.78 -28.71 -34.83
CA VAL A 95 29.95 -28.98 -33.39
C VAL A 95 28.58 -28.88 -32.66
N LEU A 96 27.77 -27.90 -33.07
CA LEU A 96 26.38 -27.67 -32.58
C LEU A 96 25.48 -28.89 -32.73
N GLU A 97 25.64 -29.56 -33.88
CA GLU A 97 24.87 -30.75 -34.28
C GLU A 97 25.15 -31.92 -33.36
N LYS A 98 26.36 -32.01 -32.82
CA LYS A 98 26.66 -33.10 -31.91
C LYS A 98 25.90 -32.91 -30.59
N ALA A 99 24.90 -33.76 -30.30
CA ALA A 99 24.39 -33.92 -28.94
C ALA A 99 25.29 -35.01 -28.33
N LEU A 100 26.53 -34.59 -28.01
CA LEU A 100 27.70 -35.50 -27.77
C LEU A 100 27.50 -36.51 -26.64
N ALA A 101 28.45 -37.45 -26.54
CA ALA A 101 28.54 -38.43 -25.44
C ALA A 101 28.26 -37.82 -24.06
N SER A 102 29.00 -36.78 -23.70
CA SER A 102 28.72 -35.91 -22.55
C SER A 102 29.74 -34.75 -22.51
N GLU A 103 29.76 -33.94 -21.44
CA GLU A 103 30.43 -32.61 -21.46
C GLU A 103 31.90 -32.51 -21.97
N ASN A 104 32.85 -33.25 -21.39
CA ASN A 104 34.28 -33.21 -21.84
C ASN A 104 34.54 -33.71 -23.27
N ASP A 105 33.56 -34.42 -23.85
CA ASP A 105 33.52 -34.63 -25.30
C ASP A 105 33.46 -33.29 -26.03
N LEU A 106 32.62 -32.35 -25.58
CA LEU A 106 32.56 -31.01 -26.17
C LEU A 106 33.88 -30.23 -26.05
N ILE A 107 34.50 -30.23 -24.86
CA ILE A 107 35.86 -29.67 -24.63
C ILE A 107 36.85 -30.15 -25.70
N SER A 108 36.94 -31.48 -25.79
CA SER A 108 37.82 -32.17 -26.72
C SER A 108 37.56 -31.72 -28.18
N GLU A 109 36.30 -31.75 -28.60
CA GLU A 109 35.90 -31.39 -29.96
C GLU A 109 36.08 -29.90 -30.24
N LEU A 110 35.68 -29.03 -29.33
CA LEU A 110 35.89 -27.58 -29.52
C LEU A 110 37.38 -27.26 -29.49
N THR A 111 38.14 -27.85 -28.55
CA THR A 111 39.58 -27.62 -28.47
C THR A 111 40.26 -27.94 -29.82
N ALA A 112 40.01 -29.14 -30.33
CA ALA A 112 40.53 -29.60 -31.62
C ALA A 112 40.16 -28.74 -32.82
N VAL A 113 38.92 -28.27 -32.90
CA VAL A 113 38.47 -27.42 -34.01
C VAL A 113 39.07 -26.04 -33.93
N ALA A 114 39.00 -25.38 -32.77
CA ALA A 114 39.60 -24.03 -32.57
C ALA A 114 41.10 -23.96 -32.91
N ASP A 115 41.86 -24.95 -32.38
CA ASP A 115 43.30 -25.11 -32.66
C ASP A 115 43.64 -25.23 -34.16
N ARG A 116 42.73 -25.82 -34.92
CA ARG A 116 42.87 -26.06 -36.34
C ARG A 116 42.49 -24.84 -37.17
N ILE A 117 41.37 -24.21 -36.80
CA ILE A 117 40.82 -23.05 -37.53
C ILE A 117 41.65 -21.78 -37.27
N PHE A 118 42.07 -21.54 -36.03
CA PHE A 118 42.86 -20.36 -35.67
C PHE A 118 44.34 -20.68 -35.39
N LEU A 119 45.19 -19.68 -35.58
CA LEU A 119 46.60 -19.76 -35.19
C LEU A 119 46.71 -19.47 -33.69
N GLY A 120 45.74 -18.71 -33.18
CA GLY A 120 45.57 -18.47 -31.76
C GLY A 120 44.14 -18.05 -31.48
N TRP A 121 43.65 -18.48 -30.31
CA TRP A 121 42.26 -18.27 -29.88
C TRP A 121 42.16 -18.03 -28.36
N ASP A 122 41.06 -17.38 -27.94
CA ASP A 122 40.67 -17.34 -26.55
C ASP A 122 39.14 -17.11 -26.38
N ASP A 123 38.72 -17.62 -25.22
CA ASP A 123 37.37 -18.06 -24.87
C ASP A 123 36.25 -17.13 -24.29
N ASP A 124 35.05 -17.62 -24.47
CA ASP A 124 33.88 -17.51 -23.55
C ASP A 124 34.01 -17.07 -22.13
N GLY A 125 33.67 -15.80 -21.85
CA GLY A 125 33.54 -15.25 -20.51
C GLY A 125 34.60 -15.64 -19.54
N GLY A 126 34.38 -15.24 -18.29
CA GLY A 126 35.29 -15.56 -17.20
C GLY A 126 35.78 -14.31 -16.52
N LYS A 127 36.95 -14.42 -15.89
CA LYS A 127 37.40 -13.40 -14.93
C LYS A 127 37.95 -12.14 -15.62
N GLY A 128 38.98 -12.28 -16.45
CA GLY A 128 39.44 -11.18 -17.32
C GLY A 128 38.44 -10.87 -18.43
N TYR A 129 37.22 -10.51 -18.01
CA TYR A 129 36.01 -10.43 -18.89
C TYR A 129 35.75 -11.66 -19.74
N SER A 130 36.08 -11.68 -21.04
CA SER A 130 35.84 -12.84 -21.81
C SER A 130 37.06 -13.15 -22.73
N ALA A 131 37.55 -12.27 -23.58
CA ALA A 131 38.59 -12.80 -24.51
C ALA A 131 39.87 -12.12 -24.48
N SER A 132 40.72 -12.35 -23.49
CA SER A 132 42.15 -11.86 -23.61
C SER A 132 43.17 -12.76 -24.31
N LEU A 133 43.75 -12.31 -25.46
CA LEU A 133 44.46 -13.24 -26.33
C LEU A 133 45.71 -12.54 -26.85
N GLU A 134 46.84 -13.06 -26.46
CA GLU A 134 48.12 -12.57 -26.88
C GLU A 134 48.57 -13.51 -28.00
N PHE A 135 48.93 -12.93 -29.14
CA PHE A 135 49.42 -13.70 -30.31
C PHE A 135 50.62 -13.03 -30.95
N THR A 136 51.71 -13.78 -31.09
CA THR A 136 52.94 -13.30 -31.75
C THR A 136 52.85 -13.65 -33.23
N ILE A 137 52.92 -12.63 -34.09
CA ILE A 137 52.76 -12.83 -35.55
C ILE A 137 53.96 -13.61 -36.11
N PRO A 138 53.71 -14.80 -36.70
CA PRO A 138 54.80 -15.66 -37.19
C PRO A 138 55.46 -15.22 -38.50
N ARG A 139 54.75 -14.48 -39.35
CA ARG A 139 55.31 -14.05 -40.66
C ARG A 139 54.56 -12.82 -41.23
N ASP A 140 55.23 -12.15 -42.17
CA ASP A 140 54.67 -10.96 -42.88
C ASP A 140 53.45 -11.36 -43.71
N GLY A 141 52.44 -10.47 -43.72
CA GLY A 141 51.24 -10.65 -44.55
C GLY A 141 49.95 -10.16 -43.90
N THR A 142 48.84 -10.48 -44.56
CA THR A 142 47.47 -10.10 -44.15
C THR A 142 46.91 -11.13 -43.18
N TYR A 143 46.40 -10.65 -42.04
CA TYR A 143 45.79 -11.50 -41.01
C TYR A 143 44.33 -11.09 -40.76
N HIS A 144 43.56 -11.97 -40.14
CA HIS A 144 42.15 -11.73 -39.84
C HIS A 144 41.88 -12.20 -38.42
N ILE A 145 41.24 -11.34 -37.62
CA ILE A 145 40.76 -11.69 -36.27
C ILE A 145 39.24 -11.88 -36.37
N PHE A 146 38.75 -12.93 -35.73
CA PHE A 146 37.34 -13.31 -35.75
C PHE A 146 36.75 -13.04 -34.38
N ALA A 147 35.61 -12.37 -34.34
CA ALA A 147 34.94 -12.05 -33.10
C ALA A 147 33.53 -12.61 -33.18
N GLY A 148 33.23 -13.57 -32.31
CA GLY A 148 31.91 -14.24 -32.30
C GLY A 148 31.47 -14.95 -31.05
N SER A 149 30.62 -15.96 -31.25
CA SER A 149 30.20 -16.87 -30.16
C SER A 149 31.03 -18.15 -29.97
N THR A 150 31.26 -18.52 -28.70
CA THR A 150 31.68 -19.87 -28.38
C THR A 150 30.45 -20.78 -28.42
N ILE A 151 30.67 -22.05 -28.11
CA ILE A 151 29.54 -22.96 -27.86
C ILE A 151 29.65 -23.41 -26.44
N THR A 152 28.65 -23.02 -25.63
CA THR A 152 28.58 -23.40 -24.21
C THR A 152 27.14 -23.68 -23.76
N ASN A 153 27.04 -24.28 -22.59
CA ASN A 153 25.79 -24.49 -21.90
C ASN A 153 25.45 -23.23 -21.10
N GLN A 154 24.17 -22.91 -21.00
CA GLN A 154 23.68 -21.79 -20.14
C GLN A 154 22.92 -22.24 -18.90
N ARG A 155 22.36 -23.45 -18.92
CA ARG A 155 21.28 -23.81 -18.00
C ARG A 155 21.60 -24.96 -17.05
N LEU A 156 20.88 -25.05 -15.94
CA LEU A 156 21.09 -26.13 -14.98
C LEU A 156 19.93 -27.12 -14.97
N ASP A 157 18.85 -26.82 -15.68
CA ASP A 157 17.67 -27.74 -15.76
C ASP A 157 17.91 -28.93 -16.71
N LYS A 158 18.76 -28.70 -17.72
CA LYS A 158 19.18 -29.71 -18.71
C LYS A 158 20.49 -29.26 -19.39
N PHE A 159 21.29 -30.22 -19.85
CA PHE A 159 22.57 -29.90 -20.53
C PHE A 159 22.31 -29.66 -22.02
N GLN A 160 22.30 -28.38 -22.39
CA GLN A 160 21.74 -27.90 -23.67
C GLN A 160 22.67 -26.82 -24.21
N PRO A 161 23.80 -27.25 -24.83
CA PRO A 161 24.84 -26.35 -25.34
C PRO A 161 24.42 -25.72 -26.67
N THR A 162 24.60 -24.40 -26.79
CA THR A 162 24.24 -23.64 -27.99
C THR A 162 25.21 -22.46 -28.13
N TYR A 163 25.14 -21.80 -29.31
CA TYR A 163 25.66 -20.46 -29.52
C TYR A 163 24.85 -19.46 -28.69
N THR A 164 25.46 -18.30 -28.48
CA THR A 164 24.86 -17.24 -27.70
C THR A 164 24.81 -15.99 -28.57
N THR A 165 24.05 -15.01 -28.08
CA THR A 165 23.66 -13.80 -28.82
C THR A 165 23.96 -12.55 -27.96
N GLY A 166 24.33 -11.45 -28.60
CA GLY A 166 24.52 -10.21 -27.89
C GLY A 166 25.52 -9.26 -28.50
N SER A 167 25.67 -8.11 -27.82
CA SER A 167 26.58 -7.05 -28.24
C SER A 167 27.90 -7.11 -27.46
N PHE A 168 28.92 -6.50 -28.05
CA PHE A 168 30.26 -6.55 -27.48
C PHE A 168 31.10 -5.37 -27.80
N GLN A 169 32.20 -5.24 -27.04
CA GLN A 169 33.24 -4.26 -27.29
C GLN A 169 34.53 -5.05 -27.49
N LEU A 170 35.21 -4.78 -28.59
CA LEU A 170 36.50 -5.38 -28.90
C LEU A 170 37.60 -4.34 -28.84
N ILE A 171 38.63 -4.65 -28.06
CA ILE A 171 39.80 -3.79 -27.91
C ILE A 171 40.97 -4.51 -28.61
N LEU A 172 41.59 -3.83 -29.59
CA LEU A 172 42.67 -4.40 -30.38
C LEU A 172 43.95 -3.62 -30.14
N GLY A 173 45.05 -4.34 -29.91
CA GLY A 173 46.35 -3.76 -29.54
C GLY A 173 47.49 -4.32 -30.37
N LEU A 174 48.32 -3.43 -30.89
CA LEU A 174 49.49 -3.82 -31.66
C LEU A 174 50.70 -3.35 -30.84
N ASN A 175 51.39 -4.33 -30.25
CA ASN A 175 52.53 -4.09 -29.34
C ASN A 175 52.12 -3.25 -28.12
N ALA A 176 50.88 -3.44 -27.65
CA ALA A 176 50.30 -2.68 -26.54
C ALA A 176 49.79 -3.65 -25.43
N PRO A 177 50.67 -4.07 -24.51
CA PRO A 177 50.30 -4.93 -23.36
C PRO A 177 49.14 -4.49 -22.46
N GLN A 178 48.81 -3.20 -22.39
CA GLN A 178 47.67 -2.74 -21.55
C GLN A 178 46.29 -3.27 -22.00
N VAL A 179 46.19 -3.73 -23.25
CA VAL A 179 44.94 -4.30 -23.78
C VAL A 179 44.51 -5.55 -23.01
N ILE A 180 45.43 -6.45 -22.65
CA ILE A 180 45.09 -7.62 -21.82
C ILE A 180 44.98 -7.32 -20.32
N SER A 181 45.17 -6.06 -19.95
CA SER A 181 45.02 -5.59 -18.58
C SER A 181 43.61 -5.02 -18.29
N GLY A 182 42.72 -5.09 -19.28
CA GLY A 182 41.38 -4.57 -19.18
C GLY A 182 41.23 -3.07 -19.34
N GLU A 183 42.24 -2.38 -19.87
CA GLU A 183 42.20 -0.94 -20.08
C GLU A 183 42.53 -0.68 -21.53
N GLY A 184 41.58 -0.10 -22.27
CA GLY A 184 41.77 0.20 -23.68
C GLY A 184 41.44 1.63 -24.03
N GLU A 185 42.42 2.33 -24.57
CA GLU A 185 42.22 3.67 -25.13
C GLU A 185 42.72 3.66 -26.58
N PRO A 186 41.91 4.15 -27.55
CA PRO A 186 42.37 4.32 -28.93
C PRO A 186 43.69 5.08 -28.96
N GLU A 187 44.75 4.49 -29.53
CA GLU A 187 46.11 5.13 -29.38
C GLU A 187 46.97 5.76 -30.61
N GLY A 188 47.04 5.09 -31.78
CA GLY A 188 47.91 5.48 -32.92
C GLY A 188 47.20 5.34 -34.27
N GLU A 189 47.93 4.87 -35.29
CA GLU A 189 47.40 4.73 -36.66
C GLU A 189 46.46 3.54 -36.80
N VAL A 190 45.47 3.66 -37.71
CA VAL A 190 44.58 2.57 -38.08
C VAL A 190 45.39 1.46 -38.77
N PHE A 191 45.20 0.21 -38.30
CA PHE A 191 45.75 -0.99 -38.95
C PHE A 191 44.69 -2.03 -39.32
N ALA A 192 43.42 -1.84 -38.91
CA ALA A 192 42.39 -2.84 -39.09
C ALA A 192 40.99 -2.24 -39.29
N SER A 193 40.14 -2.99 -39.98
CA SER A 193 38.68 -2.69 -40.13
C SER A 193 37.84 -3.87 -40.69
N LEU A 194 36.52 -3.68 -40.84
CA LEU A 194 35.58 -4.77 -41.11
C LEU A 194 35.75 -5.46 -42.47
N ALA A 195 36.09 -6.74 -42.47
CA ALA A 195 35.99 -7.54 -43.71
C ALA A 195 34.54 -7.92 -44.03
N ILE A 199 30.99 -10.23 -46.34
CA ILE A 199 31.18 -10.45 -47.79
C ILE A 199 30.81 -11.92 -48.22
N LYS A 200 29.85 -12.51 -47.50
CA LYS A 200 29.49 -13.89 -47.55
C LYS A 200 27.97 -13.90 -47.34
N PRO A 201 27.24 -14.83 -48.03
CA PRO A 201 25.77 -14.96 -47.96
C PRO A 201 25.12 -15.99 -46.97
N GLU A 202 24.00 -15.59 -46.36
CA GLU A 202 23.30 -16.33 -45.29
C GLU A 202 21.77 -16.31 -45.53
N ALA A 203 21.22 -17.48 -45.80
CA ALA A 203 19.80 -17.62 -46.21
C ALA A 203 18.83 -17.90 -45.05
N HIS A 204 17.76 -17.11 -44.96
CA HIS A 204 16.65 -17.33 -44.02
C HIS A 204 15.36 -16.88 -44.70
N VAL A 205 14.34 -17.74 -44.81
CA VAL A 205 13.10 -17.33 -45.45
C VAL A 205 11.92 -17.98 -44.73
N GLN A 206 10.78 -17.27 -44.76
CA GLN A 206 9.52 -17.67 -44.11
C GLN A 206 8.32 -17.14 -44.86
N GLU A 207 7.14 -17.69 -44.59
CA GLU A 207 5.87 -17.13 -45.00
C GLU A 207 4.92 -17.29 -43.81
N LEU A 208 3.80 -16.57 -43.85
CA LEU A 208 2.65 -16.79 -42.94
C LEU A 208 1.40 -16.20 -43.59
N GLU A 209 0.22 -16.51 -43.07
CA GLU A 209 -1.07 -15.93 -43.54
C GLU A 209 -1.52 -14.59 -42.84
N ILE A 210 -1.67 -13.52 -43.62
CA ILE A 210 -2.12 -12.23 -43.12
C ILE A 210 -3.62 -12.07 -43.30
N ARG A 211 -4.28 -11.50 -42.29
CA ARG A 211 -5.76 -11.44 -42.21
C ARG A 211 -6.20 -10.04 -41.75
N LEU A 212 -6.36 -9.13 -42.71
CA LEU A 212 -7.04 -7.82 -42.52
C LEU A 212 -8.54 -7.99 -42.61
N ASP A 213 -9.31 -7.30 -41.77
CA ASP A 213 -10.77 -7.42 -41.72
C ASP A 213 -11.42 -6.14 -41.14
N LYS A 214 -12.74 -6.19 -40.92
CA LYS A 214 -13.52 -5.11 -40.29
C LYS A 214 -12.88 -4.37 -39.11
N ASP A 215 -12.31 -5.11 -38.15
CA ASP A 215 -11.63 -4.57 -36.94
C ASP A 215 -10.07 -4.30 -36.90
N THR A 216 -9.35 -5.29 -37.44
CA THR A 216 -7.91 -5.22 -37.61
C THR A 216 -7.64 -4.75 -39.00
N ARG A 217 -7.66 -3.43 -39.25
CA ARG A 217 -7.53 -2.92 -40.63
C ARG A 217 -6.11 -2.48 -41.01
N TYR A 218 -5.12 -2.79 -40.18
CA TYR A 218 -3.73 -2.48 -40.44
C TYR A 218 -2.81 -3.44 -39.68
N LEU A 219 -1.63 -3.72 -40.23
CA LEU A 219 -0.75 -4.71 -39.66
C LEU A 219 0.72 -4.39 -39.72
N THR A 220 1.47 -4.89 -38.76
CA THR A 220 2.92 -4.76 -38.69
C THR A 220 3.55 -6.11 -38.35
N GLN A 221 4.85 -6.22 -38.58
CA GLN A 221 5.62 -7.33 -38.11
C GLN A 221 6.97 -6.72 -37.85
N HIS A 222 7.38 -6.86 -36.60
CA HIS A 222 8.73 -6.52 -36.15
C HIS A 222 9.62 -7.68 -36.61
N THR A 223 10.64 -7.34 -37.36
CA THR A 223 11.55 -8.30 -37.97
C THR A 223 12.71 -8.53 -37.05
N ARG A 224 13.57 -9.50 -37.41
CA ARG A 224 14.93 -9.69 -36.85
C ARG A 224 15.95 -8.61 -37.18
N ASN A 225 16.94 -8.47 -36.28
CA ASN A 225 18.00 -7.48 -36.45
C ASN A 225 18.91 -7.86 -37.62
N LEU A 226 18.85 -7.08 -38.69
CA LEU A 226 19.68 -7.29 -39.88
C LEU A 226 21.08 -6.81 -39.56
N GLN A 227 22.07 -7.58 -40.04
CA GLN A 227 23.49 -7.26 -39.81
C GLN A 227 23.88 -6.21 -40.84
N PRO A 228 25.02 -5.51 -40.63
CA PRO A 228 25.47 -4.55 -41.65
C PRO A 228 25.58 -5.18 -43.04
N GLY A 229 25.12 -4.49 -44.07
CA GLY A 229 25.26 -4.96 -45.46
C GLY A 229 24.56 -6.28 -45.77
N ASP A 230 23.37 -6.46 -45.24
CA ASP A 230 22.58 -7.66 -45.45
C ASP A 230 21.26 -7.29 -46.13
N THR A 231 20.83 -8.10 -47.08
CA THR A 231 19.66 -7.76 -47.91
C THR A 231 18.34 -8.16 -47.28
N PHE A 232 17.22 -7.80 -47.92
CA PHE A 232 15.89 -8.17 -47.48
C PHE A 232 14.91 -8.15 -48.65
N HIS A 233 14.05 -9.17 -48.71
CA HIS A 233 13.05 -9.34 -49.77
C HIS A 233 11.65 -9.55 -49.14
N ALA A 234 10.62 -8.95 -49.75
CA ALA A 234 9.25 -9.08 -49.26
C ALA A 234 8.19 -9.05 -50.38
N LEU A 235 7.11 -9.79 -50.16
CA LEU A 235 6.03 -9.94 -51.15
C LEU A 235 4.67 -10.21 -50.50
N VAL A 236 3.62 -9.58 -51.02
CA VAL A 236 2.24 -9.85 -50.63
C VAL A 236 1.49 -10.36 -51.86
N GLU A 237 0.61 -11.36 -51.66
CA GLU A 237 -0.24 -11.90 -52.75
C GLU A 237 -1.67 -12.20 -52.25
N PRO A 238 -2.71 -11.64 -52.91
CA PRO A 238 -4.10 -11.88 -52.47
C PRO A 238 -4.54 -13.33 -52.80
N ILE A 239 -4.37 -14.20 -51.80
CA ILE A 239 -4.80 -15.61 -51.83
C ILE A 239 -6.33 -15.79 -51.90
N GLY A 240 -7.12 -14.85 -51.39
CA GLY A 240 -8.58 -15.01 -51.36
C GLY A 240 -9.33 -14.06 -52.26
N GLU A 241 -8.82 -13.87 -53.49
CA GLU A 241 -9.27 -12.86 -54.48
C GLU A 241 -9.72 -11.49 -53.89
N ALA A 242 -8.90 -10.96 -52.97
CA ALA A 242 -9.18 -9.69 -52.29
C ALA A 242 -8.47 -8.50 -52.99
N PRO A 243 -8.90 -7.25 -52.69
CA PRO A 243 -8.24 -6.09 -53.31
C PRO A 243 -6.77 -5.92 -52.91
N LEU A 244 -6.03 -5.21 -53.75
CA LEU A 244 -4.57 -5.02 -53.61
C LEU A 244 -4.15 -4.12 -52.43
N PRO A 245 -3.20 -4.59 -51.59
CA PRO A 245 -2.74 -3.82 -50.42
C PRO A 245 -1.43 -3.05 -50.65
N ARG A 246 -1.20 -2.01 -49.85
CA ARG A 246 0.09 -1.31 -49.86
C ARG A 246 1.03 -1.98 -48.87
N LEU A 247 2.21 -2.35 -49.35
CA LEU A 247 3.28 -2.87 -48.50
C LEU A 247 4.34 -1.81 -48.32
N ARG A 248 4.94 -1.78 -47.14
CA ARG A 248 6.08 -0.90 -46.77
C ARG A 248 7.05 -1.49 -45.74
N LEU A 249 8.29 -1.02 -45.76
CA LEU A 249 9.24 -1.35 -44.75
C LEU A 249 9.57 -0.08 -44.00
N THR A 250 9.69 -0.17 -42.68
CA THR A 250 10.04 0.99 -41.82
C THR A 250 11.04 0.53 -40.74
N ASP A 251 11.67 1.51 -40.07
CA ASP A 251 12.64 1.23 -38.99
C ASP A 251 11.86 0.80 -37.73
N SER A 252 12.55 0.63 -36.61
CA SER A 252 11.85 0.25 -35.38
C SER A 252 10.93 1.38 -34.89
N GLY A 253 11.32 2.63 -35.15
CA GLY A 253 10.44 3.78 -34.97
C GLY A 253 9.56 4.01 -36.18
N GLY A 254 9.25 5.26 -36.46
CA GLY A 254 8.36 5.58 -37.57
C GLY A 254 9.02 5.67 -38.91
N LYS A 255 10.27 6.16 -38.91
CA LYS A 255 11.03 6.51 -40.11
C LYS A 255 11.05 5.34 -41.06
N PRO A 256 10.63 5.52 -42.33
CA PRO A 256 10.42 4.42 -43.26
C PRO A 256 11.61 4.19 -44.20
N LEU A 257 11.71 2.96 -44.71
CA LEU A 257 12.78 2.62 -45.65
C LEU A 257 12.41 2.31 -47.11
N ALA A 258 11.18 1.85 -47.39
CA ALA A 258 10.87 1.39 -48.75
C ALA A 258 9.39 1.32 -49.20
N PHE A 259 9.22 1.09 -50.51
CA PHE A 259 7.88 0.77 -51.12
C PHE A 259 7.78 -0.62 -51.81
N GLY A 260 6.74 -1.35 -51.39
CA GLY A 260 6.32 -2.59 -51.99
C GLY A 260 5.59 -2.32 -53.29
N LEU A 261 6.33 -2.24 -54.40
CA LEU A 261 5.76 -1.88 -55.72
C LEU A 261 4.84 -2.96 -56.29
N ILE A 262 3.88 -2.57 -57.15
CA ILE A 262 2.95 -3.51 -57.74
C ILE A 262 3.70 -4.04 -58.97
N ASP A 263 3.78 -5.37 -59.06
CA ASP A 263 4.68 -6.08 -60.00
C ASP A 263 4.24 -6.07 -61.49
N GLN A 264 5.08 -6.62 -62.38
CA GLN A 264 4.78 -6.63 -63.83
C GLN A 264 3.48 -7.39 -64.15
N PRO A 265 3.34 -8.68 -63.73
CA PRO A 265 2.05 -9.37 -63.77
C PRO A 265 0.83 -8.54 -63.35
N GLY A 266 0.97 -7.82 -62.23
CA GLY A 266 -0.07 -6.95 -61.66
C GLY A 266 -0.93 -7.53 -60.55
N GLU A 267 -0.42 -8.56 -59.86
CA GLU A 267 -1.08 -9.18 -58.68
C GLU A 267 -0.22 -9.39 -57.40
N SER A 268 1.09 -9.11 -57.48
CA SER A 268 2.03 -9.36 -56.41
C SER A 268 2.65 -8.02 -56.00
N VAL A 269 2.92 -7.86 -54.70
CA VAL A 269 3.52 -6.63 -54.16
C VAL A 269 5.02 -6.82 -53.80
N GLU A 270 5.88 -6.66 -54.81
CA GLU A 270 7.34 -6.89 -54.67
C GLU A 270 8.03 -5.75 -53.91
N LEU A 271 8.97 -6.11 -53.03
CA LEU A 271 9.64 -5.18 -52.10
C LEU A 271 11.08 -5.57 -51.80
N ASN A 272 11.97 -4.60 -51.74
CA ASN A 272 13.42 -4.80 -51.65
C ASN A 272 14.11 -3.75 -50.77
N TYR A 273 15.20 -4.11 -50.07
CA TYR A 273 16.01 -3.21 -49.23
C TYR A 273 17.28 -3.90 -48.72
N THR A 274 18.36 -3.14 -48.50
CA THR A 274 19.61 -3.65 -47.95
C THR A 274 20.12 -2.73 -46.83
N CYS A 275 20.70 -3.33 -45.80
CA CYS A 275 21.06 -2.63 -44.58
C CYS A 275 22.34 -1.81 -44.72
N ASP A 276 22.23 -0.49 -44.55
CA ASP A 276 23.38 0.44 -44.62
C ASP A 276 23.79 0.98 -43.22
N GLN A 277 22.84 1.07 -42.29
CA GLN A 277 23.12 1.46 -40.88
C GLN A 277 23.97 0.40 -40.12
N ASP A 278 24.36 0.73 -38.89
CA ASP A 278 25.22 -0.13 -38.04
C ASP A 278 24.47 -1.40 -37.62
N ILE A 279 23.23 -1.22 -37.15
CA ILE A 279 22.26 -2.31 -37.06
C ILE A 279 20.89 -1.87 -37.58
N CYS A 280 20.27 -2.78 -38.31
CA CYS A 280 18.93 -2.59 -38.86
C CYS A 280 17.81 -3.28 -38.07
N GLU A 281 17.02 -2.47 -37.35
CA GLU A 281 15.77 -2.98 -36.78
C GLU A 281 14.55 -2.68 -37.63
N LEU A 282 13.96 -3.74 -38.18
CA LEU A 282 12.97 -3.62 -39.27
C LEU A 282 11.54 -4.03 -38.94
N VAL A 283 10.58 -3.31 -39.55
CA VAL A 283 9.14 -3.49 -39.30
C VAL A 283 8.36 -3.41 -40.61
N VAL A 284 7.95 -4.57 -41.11
CA VAL A 284 7.13 -4.65 -42.34
C VAL A 284 5.69 -4.19 -42.06
N HIS A 285 5.16 -3.30 -42.91
CA HIS A 285 3.77 -2.85 -42.85
C HIS A 285 2.95 -3.47 -43.97
N VAL A 286 1.69 -3.79 -43.66
CA VAL A 286 0.71 -4.21 -44.66
C VAL A 286 -0.55 -3.35 -44.50
N ASP A 287 -0.63 -2.30 -45.32
CA ASP A 287 -1.71 -1.29 -45.27
C ASP A 287 -3.01 -1.81 -45.88
N GLY A 288 -4.06 -1.80 -45.08
CA GLY A 288 -5.37 -2.37 -45.44
C GLY A 288 -6.56 -1.45 -45.33
N THR A 289 -6.36 -0.19 -45.74
CA THR A 289 -7.40 0.84 -45.71
C THR A 289 -8.14 1.19 -47.03
N ASP A 290 -7.47 0.93 -48.15
CA ASP A 290 -8.15 1.02 -49.46
C ASP A 290 -8.36 -0.46 -49.81
N GLY A 291 -9.58 -0.94 -49.54
CA GLY A 291 -9.90 -2.36 -49.67
C GLY A 291 -11.42 -2.46 -49.67
N GLN A 292 -11.90 -3.69 -49.50
CA GLN A 292 -13.34 -4.00 -49.45
C GLN A 292 -13.88 -3.62 -48.07
N LYS A 293 -15.00 -2.90 -48.05
CA LYS A 293 -15.56 -2.33 -46.82
C LYS A 293 -16.05 -3.46 -45.92
N ASP A 294 -15.61 -3.46 -44.65
CA ASP A 294 -15.82 -4.56 -43.69
C ASP A 294 -15.60 -5.96 -44.27
N SER A 295 -14.44 -6.18 -44.89
CA SER A 295 -14.10 -7.46 -45.56
C SER A 295 -13.82 -8.59 -44.54
N GLY A 296 -14.84 -9.42 -44.29
CA GLY A 296 -14.82 -10.39 -43.22
C GLY A 296 -13.62 -11.30 -43.37
N GLU A 297 -13.49 -11.87 -44.56
CA GLU A 297 -12.27 -12.55 -45.00
C GLU A 297 -11.52 -11.72 -46.05
N ALA A 298 -10.24 -11.51 -45.83
CA ALA A 298 -9.34 -10.96 -46.81
C ALA A 298 -8.19 -11.78 -46.36
N VAL A 299 -7.60 -12.52 -47.27
CA VAL A 299 -6.39 -13.23 -46.90
C VAL A 299 -5.24 -12.68 -47.73
N TYR A 300 -4.02 -12.83 -47.21
CA TYR A 300 -2.78 -12.54 -47.94
C TYR A 300 -1.66 -13.50 -47.56
N ARG A 301 -0.81 -13.81 -48.54
CA ARG A 301 0.41 -14.61 -48.34
C ARG A 301 1.60 -13.66 -48.29
N LEU A 302 2.22 -13.52 -47.11
CA LEU A 302 3.37 -12.66 -46.93
C LEU A 302 4.67 -13.45 -47.01
N LEU A 303 5.37 -13.24 -48.11
CA LEU A 303 6.64 -13.88 -48.38
C LEU A 303 7.72 -12.93 -47.90
N VAL A 304 8.54 -13.37 -46.95
CA VAL A 304 9.63 -12.55 -46.42
C VAL A 304 10.88 -13.39 -46.22
N GLY A 305 12.02 -12.83 -46.64
CA GLY A 305 13.32 -13.49 -46.50
C GLY A 305 14.50 -12.56 -46.59
N ILE A 306 15.68 -13.01 -46.14
CA ILE A 306 16.87 -12.14 -45.95
C ILE A 306 17.81 -12.08 -47.15
N ASN A 307 18.34 -13.24 -47.54
CA ASN A 307 19.29 -13.29 -48.71
C ASN A 307 18.99 -13.95 -50.12
N ALA A 308 17.96 -14.80 -50.33
CA ALA A 308 17.74 -15.48 -51.59
C ALA A 308 16.46 -14.90 -52.20
N PRO A 309 16.52 -14.38 -53.46
CA PRO A 309 15.28 -13.95 -54.17
C PRO A 309 14.48 -15.12 -54.79
N ASN A 310 13.77 -15.88 -53.95
CA ASN A 310 13.00 -17.06 -54.41
C ASN A 310 11.52 -16.83 -54.24
N LEU A 311 10.74 -17.15 -55.28
CA LEU A 311 9.25 -16.96 -55.20
C LEU A 311 8.48 -18.12 -54.55
N SER A 321 15.00 -23.11 -43.07
CA SER A 321 15.64 -23.59 -41.84
C SER A 321 15.08 -23.06 -40.50
N SER A 322 15.20 -21.72 -40.28
CA SER A 322 14.77 -21.03 -39.09
C SER A 322 13.94 -19.82 -39.52
N VAL A 323 13.16 -19.33 -38.56
CA VAL A 323 11.99 -18.44 -38.76
C VAL A 323 12.40 -16.97 -38.64
N PHE A 324 12.38 -16.26 -39.78
CA PHE A 324 12.92 -14.89 -39.95
C PHE A 324 12.05 -13.67 -39.65
N LEU A 325 10.86 -13.88 -39.12
CA LEU A 325 10.00 -12.83 -38.58
C LEU A 325 10.33 -12.91 -37.10
N GLU A 326 10.89 -11.84 -36.52
CA GLU A 326 11.20 -11.86 -35.08
C GLU A 326 9.92 -11.95 -34.22
N SER A 327 9.90 -12.90 -33.30
CA SER A 327 8.69 -13.23 -32.45
C SER A 327 8.70 -12.72 -31.02
N ASP A 328 7.61 -12.14 -30.53
CA ASP A 328 7.39 -11.90 -29.10
C ASP A 328 5.93 -12.32 -28.88
N LEU A 329 5.68 -13.27 -28.01
CA LEU A 329 4.48 -14.04 -28.13
C LEU A 329 4.14 -14.47 -26.73
N VAL A 330 2.92 -14.25 -26.31
CA VAL A 330 2.69 -14.44 -24.90
C VAL A 330 2.08 -15.76 -24.68
N THR A 331 2.79 -16.65 -24.00
CA THR A 331 2.11 -17.94 -23.65
C THR A 331 1.32 -17.98 -22.30
N VAL A 332 -0.02 -17.92 -22.35
CA VAL A 332 -0.84 -17.94 -21.10
C VAL A 332 -1.34 -19.30 -20.63
N GLY A 333 -1.20 -19.53 -19.35
CA GLY A 333 -1.65 -20.72 -18.69
C GLY A 333 -2.43 -20.17 -17.54
N LEU A 334 -3.54 -20.83 -17.23
CA LEU A 334 -4.24 -20.55 -15.96
C LEU A 334 -4.77 -21.82 -15.38
N ALA A 335 -4.96 -21.82 -14.05
CA ALA A 335 -5.52 -22.96 -13.34
C ALA A 335 -6.31 -22.49 -12.14
N VAL A 336 -7.55 -23.00 -12.01
CA VAL A 336 -8.35 -22.80 -10.80
C VAL A 336 -7.97 -23.90 -9.81
N ASP A 337 -7.81 -23.56 -8.54
CA ASP A 337 -7.53 -24.55 -7.49
C ASP A 337 -8.55 -24.57 -6.39
N GLN A 338 -9.34 -23.50 -6.25
CA GLN A 338 -10.44 -23.42 -5.29
C GLN A 338 -11.59 -22.58 -5.83
N ILE A 339 -12.82 -23.04 -5.63
CA ILE A 339 -14.02 -22.22 -5.77
C ILE A 339 -14.43 -21.89 -4.34
N VAL A 340 -13.99 -20.73 -3.89
CA VAL A 340 -14.20 -20.34 -2.52
C VAL A 340 -15.68 -20.08 -2.28
N GLY A 341 -16.17 -19.03 -2.93
CA GLY A 341 -17.54 -18.58 -2.79
C GLY A 341 -18.28 -18.61 -4.13
N VAL A 342 -19.63 -18.81 -4.10
CA VAL A 342 -20.51 -18.72 -5.26
C VAL A 342 -21.76 -18.00 -4.80
N ASP A 343 -21.82 -16.71 -5.09
CA ASP A 343 -23.00 -15.93 -4.79
C ASP A 343 -24.07 -16.17 -5.85
N GLN A 344 -25.31 -16.11 -5.43
CA GLN A 344 -26.40 -16.31 -6.32
C GLN A 344 -27.10 -15.02 -6.61
N ARG A 345 -27.40 -14.22 -5.58
CA ARG A 345 -28.16 -12.94 -5.69
C ARG A 345 -27.37 -11.89 -6.52
N SER A 346 -26.13 -11.65 -6.09
CA SER A 346 -25.21 -10.71 -6.71
C SER A 346 -24.66 -11.22 -8.05
N GLU A 347 -24.79 -12.53 -8.29
CA GLU A 347 -24.43 -13.20 -9.55
C GLU A 347 -22.93 -13.13 -9.86
N ASN A 348 -22.15 -13.31 -8.80
CA ASN A 348 -20.69 -13.36 -8.88
C ASN A 348 -20.20 -14.63 -8.22
N PHE A 349 -18.88 -14.91 -8.30
CA PHE A 349 -18.29 -16.05 -7.61
C PHE A 349 -16.79 -15.88 -7.44
N SER A 350 -16.23 -16.61 -6.51
CA SER A 350 -14.83 -16.38 -6.15
C SER A 350 -13.98 -17.63 -6.26
N VAL A 351 -12.83 -17.46 -6.89
CA VAL A 351 -11.90 -18.55 -7.08
C VAL A 351 -10.47 -18.17 -6.75
N VAL A 352 -9.71 -19.17 -6.32
CA VAL A 352 -8.31 -19.04 -6.14
C VAL A 352 -7.68 -19.80 -7.29
N GLY A 353 -6.56 -19.29 -7.79
CA GLY A 353 -5.93 -19.90 -8.94
C GLY A 353 -4.47 -19.56 -9.14
N THR A 354 -4.02 -19.70 -10.39
CA THR A 354 -2.64 -19.43 -10.76
C THR A 354 -2.66 -19.09 -12.26
N LEU A 355 -1.86 -18.09 -12.64
CA LEU A 355 -1.82 -17.60 -14.00
C LEU A 355 -0.37 -17.40 -14.38
N LYS A 356 0.07 -18.07 -15.46
CA LYS A 356 1.45 -18.11 -15.90
C LYS A 356 1.59 -17.56 -17.31
N LEU A 357 2.42 -16.51 -17.50
CA LEU A 357 2.69 -15.94 -18.80
C LEU A 357 4.17 -16.11 -19.11
N SER A 358 4.45 -16.44 -20.36
CA SER A 358 5.83 -16.74 -20.76
C SER A 358 6.05 -16.34 -22.21
N TRP A 359 7.28 -15.89 -22.48
CA TRP A 359 7.60 -15.15 -23.71
C TRP A 359 9.09 -14.95 -23.87
N HIS A 360 9.60 -15.17 -25.08
CA HIS A 360 11.02 -15.00 -25.38
C HIS A 360 11.25 -13.53 -25.70
N ASP A 361 12.21 -12.90 -25.01
CA ASP A 361 12.72 -11.58 -25.39
C ASP A 361 14.22 -11.70 -25.49
N PRO A 362 14.79 -11.46 -26.68
CA PRO A 362 16.25 -11.56 -26.79
C PRO A 362 16.87 -10.52 -25.87
N LYS A 363 16.02 -9.57 -25.51
CA LYS A 363 16.36 -8.60 -24.57
C LYS A 363 16.39 -9.03 -23.12
N LEU A 364 16.80 -8.16 -22.19
CA LEU A 364 16.95 -8.64 -20.79
C LEU A 364 17.79 -9.91 -20.78
N GLY A 365 18.95 -9.84 -21.45
CA GLY A 365 19.77 -11.01 -21.82
C GLY A 365 20.75 -11.22 -20.70
N PHE A 366 20.41 -12.17 -19.88
CA PHE A 366 21.10 -12.36 -18.64
C PHE A 366 22.38 -13.21 -18.78
N SER A 367 23.45 -12.58 -19.26
CA SER A 367 24.75 -13.25 -19.33
C SER A 367 25.17 -13.74 -17.95
N PRO A 368 25.39 -15.06 -17.77
CA PRO A 368 25.66 -15.49 -16.42
C PRO A 368 27.14 -15.40 -16.11
N ASP A 369 27.74 -14.23 -16.36
CA ASP A 369 29.05 -13.96 -15.87
C ASP A 369 28.91 -13.11 -14.60
N GLN A 370 27.94 -12.18 -14.63
CA GLN A 370 27.60 -11.40 -13.45
C GLN A 370 27.01 -12.26 -12.35
N CYS A 371 26.17 -13.22 -12.71
CA CYS A 371 25.57 -14.07 -11.70
C CYS A 371 26.02 -15.49 -11.78
N GLY A 372 26.54 -16.00 -10.67
CA GLY A 372 26.94 -17.37 -10.60
C GLY A 372 25.66 -18.16 -10.61
N CYS A 373 24.93 -18.12 -11.73
CA CYS A 373 23.67 -18.85 -11.85
C CYS A 373 23.05 -18.83 -13.22
N THR A 374 22.16 -19.78 -13.47
CA THR A 374 21.40 -19.76 -14.71
C THR A 374 20.17 -18.87 -14.69
N VAL A 375 19.56 -18.63 -13.51
CA VAL A 375 18.25 -17.95 -13.42
C VAL A 375 18.12 -16.90 -12.29
N LYS A 376 17.57 -15.74 -12.63
CA LYS A 376 17.28 -14.71 -11.64
C LYS A 376 15.80 -14.43 -11.66
N SER A 377 15.26 -13.97 -10.54
CA SER A 377 13.82 -13.84 -10.31
C SER A 377 13.49 -12.47 -9.68
N PHE A 378 12.24 -12.05 -9.76
CA PHE A 378 11.78 -10.82 -9.10
C PHE A 378 10.29 -10.90 -8.67
N GLU A 379 9.93 -10.17 -7.61
CA GLU A 379 8.55 -10.06 -7.11
C GLU A 379 8.08 -8.65 -7.47
N ASP A 380 6.88 -8.27 -7.03
CA ASP A 380 5.99 -7.24 -7.63
C ASP A 380 6.55 -5.82 -7.77
N ALA A 381 6.89 -5.19 -6.62
CA ALA A 381 7.40 -3.83 -6.58
C ALA A 381 8.74 -3.68 -7.32
N SER A 382 9.54 -4.74 -7.34
CA SER A 382 10.81 -4.73 -8.02
C SER A 382 10.62 -4.87 -9.53
N ILE A 383 9.79 -5.79 -9.99
CA ILE A 383 9.55 -5.99 -11.45
C ILE A 383 8.90 -4.76 -12.08
N ARG A 384 7.75 -4.30 -11.55
CA ARG A 384 6.97 -3.23 -12.23
C ARG A 384 7.80 -1.94 -12.24
N ALA A 385 8.65 -1.71 -11.21
CA ALA A 385 9.50 -0.51 -11.16
C ALA A 385 10.87 -0.71 -11.82
N VAL A 386 11.66 -1.64 -11.28
CA VAL A 386 13.08 -1.85 -11.68
C VAL A 386 13.19 -2.52 -13.08
N ALA A 387 12.24 -3.33 -13.53
CA ALA A 387 12.29 -3.86 -14.91
C ALA A 387 11.88 -2.78 -15.92
N GLY A 388 11.11 -1.80 -15.44
CA GLY A 388 10.75 -0.62 -16.23
C GLY A 388 11.81 0.47 -16.23
N GLU A 389 13.01 0.16 -15.72
CA GLU A 389 14.17 1.05 -15.70
C GLU A 389 14.81 1.17 -17.08
N ILE A 390 14.80 0.07 -17.85
CA ILE A 390 15.36 0.08 -19.22
C ILE A 390 14.34 0.69 -20.23
N ASN A 391 13.07 0.73 -19.81
CA ASN A 391 11.93 1.22 -20.59
C ASN A 391 11.74 0.43 -21.87
N LEU A 392 11.85 -0.88 -21.77
CA LEU A 392 11.38 -1.77 -22.81
C LEU A 392 10.05 -2.27 -22.30
N PRO A 393 9.15 -2.67 -23.21
CA PRO A 393 7.79 -2.91 -22.84
C PRO A 393 7.60 -4.27 -22.19
N LEU A 394 6.56 -4.35 -21.36
CA LEU A 394 6.11 -5.58 -20.73
C LEU A 394 4.63 -5.83 -20.94
N PRO A 395 4.28 -7.11 -21.19
CA PRO A 395 2.89 -7.53 -21.43
C PRO A 395 2.01 -7.43 -20.20
N SER A 396 1.20 -6.39 -20.13
CA SER A 396 0.28 -6.16 -19.01
C SER A 396 -0.94 -7.02 -19.27
N PHE A 397 -1.76 -7.18 -18.23
CA PHE A 397 -2.93 -8.04 -18.30
C PHE A 397 -3.97 -7.71 -17.23
N SER A 398 -5.21 -8.03 -17.51
CA SER A 398 -6.32 -7.65 -16.68
C SER A 398 -7.37 -8.75 -16.69
N PHE A 399 -7.96 -9.05 -15.54
CA PHE A 399 -9.07 -9.97 -15.47
C PHE A 399 -10.29 -9.11 -15.79
N TYR A 400 -10.80 -9.26 -17.01
CA TYR A 400 -11.90 -8.42 -17.56
C TYR A 400 -13.10 -8.32 -16.62
N ASN A 401 -13.62 -9.51 -16.32
CA ASN A 401 -14.87 -9.66 -15.55
C ASN A 401 -14.60 -9.81 -14.07
N GLN A 402 -13.50 -9.21 -13.61
CA GLN A 402 -13.20 -9.06 -12.20
C GLN A 402 -14.11 -8.05 -11.54
N GLN A 403 -14.59 -8.39 -10.34
CA GLN A 403 -15.35 -7.46 -9.52
C GLN A 403 -14.50 -7.18 -8.31
N GLY A 404 -14.50 -5.94 -7.83
CA GLY A 404 -13.69 -5.55 -6.70
C GLY A 404 -12.19 -5.63 -6.98
N ASN A 405 -11.47 -6.32 -6.07
CA ASN A 405 -10.01 -6.45 -6.09
C ASN A 405 -9.54 -7.89 -6.39
N ARG A 406 -8.31 -8.02 -6.89
CA ARG A 406 -7.63 -9.30 -7.06
C ARG A 406 -6.61 -9.49 -5.94
N TRP A 407 -6.79 -10.51 -5.14
CA TRP A 407 -5.92 -10.73 -4.00
C TRP A 407 -4.69 -11.55 -4.40
N SER A 408 -3.64 -10.82 -4.75
CA SER A 408 -2.44 -11.42 -5.34
C SER A 408 -1.49 -11.84 -4.24
N GLN A 409 -1.24 -13.15 -4.13
CA GLN A 409 -0.35 -13.63 -3.05
C GLN A 409 1.13 -13.51 -3.34
N ASN A 410 1.59 -14.09 -4.43
CA ASN A 410 2.98 -13.86 -4.90
C ASN A 410 2.90 -13.53 -6.40
N GLN A 411 3.66 -12.52 -6.81
CA GLN A 411 3.71 -12.14 -8.18
C GLN A 411 5.20 -12.27 -8.32
N VAL A 412 5.66 -13.46 -8.65
CA VAL A 412 7.08 -13.72 -8.89
C VAL A 412 7.34 -14.01 -10.40
N ILE A 413 8.46 -13.54 -10.92
CA ILE A 413 8.82 -13.65 -12.34
C ILE A 413 10.30 -13.98 -12.57
N PHE A 414 10.52 -15.03 -13.34
CA PHE A 414 11.86 -15.59 -13.59
C PHE A 414 12.35 -15.32 -15.01
N VAL A 415 13.67 -15.23 -15.15
CA VAL A 415 14.33 -15.07 -16.45
C VAL A 415 15.66 -15.77 -16.49
N THR A 416 15.90 -16.40 -17.64
CA THR A 416 17.15 -17.09 -17.95
C THR A 416 18.02 -16.24 -18.84
N PRO A 417 19.28 -16.63 -19.02
CA PRO A 417 20.20 -15.90 -19.86
C PRO A 417 19.55 -15.76 -21.25
N ASP A 418 19.05 -16.89 -21.75
CA ASP A 418 18.28 -17.00 -23.03
C ASP A 418 17.28 -15.71 -23.46
N GLY A 419 16.62 -15.42 -22.33
CA GLY A 419 15.78 -14.24 -22.20
C GLY A 419 14.43 -14.91 -22.37
N ARG A 420 14.13 -15.87 -21.49
CA ARG A 420 12.80 -16.51 -21.48
C ARG A 420 12.13 -16.03 -20.22
N ALA A 421 11.10 -15.22 -20.40
CA ALA A 421 10.32 -14.64 -19.31
C ALA A 421 9.32 -15.69 -18.81
N SER A 422 9.22 -15.79 -17.49
CA SER A 422 8.31 -16.68 -16.83
C SER A 422 7.60 -15.99 -15.72
N TYR A 423 6.40 -15.54 -15.97
CA TYR A 423 5.63 -14.90 -14.97
C TYR A 423 4.40 -15.72 -14.63
N PHE A 424 4.39 -16.22 -13.40
CA PHE A 424 3.16 -16.70 -12.83
C PHE A 424 2.76 -15.95 -11.58
N GLU A 425 1.46 -15.92 -11.33
CA GLU A 425 0.85 -15.22 -10.19
C GLU A 425 -0.27 -16.06 -9.58
N ARG A 426 -0.11 -16.43 -8.31
CA ARG A 426 -1.21 -17.08 -7.58
C ARG A 426 -2.09 -15.95 -7.11
N PHE A 427 -3.40 -16.15 -7.21
CA PHE A 427 -4.39 -15.09 -6.97
C PHE A 427 -5.65 -15.52 -6.27
N THR A 428 -6.34 -14.55 -5.62
CA THR A 428 -7.75 -14.72 -5.26
C THR A 428 -8.60 -13.63 -5.94
N VAL A 429 -9.64 -14.10 -6.61
CA VAL A 429 -10.52 -13.24 -7.43
C VAL A 429 -11.98 -13.43 -7.14
N THR A 430 -12.74 -12.35 -7.31
CA THR A 430 -14.17 -12.41 -7.46
C THR A 430 -14.53 -12.03 -8.88
N LEU A 431 -15.30 -12.89 -9.52
CA LEU A 431 -15.63 -12.78 -10.92
C LEU A 431 -17.12 -12.70 -11.16
N GLN A 432 -17.50 -11.94 -12.19
CA GLN A 432 -18.89 -11.81 -12.60
C GLN A 432 -19.34 -13.00 -13.45
N ALA A 433 -20.57 -13.43 -13.22
CA ALA A 433 -21.22 -14.44 -14.02
C ALA A 433 -22.55 -13.80 -14.40
N PRO A 434 -22.57 -13.20 -15.56
CA PRO A 434 -23.79 -12.58 -16.08
C PRO A 434 -24.62 -13.59 -16.79
N ASP A 435 -24.04 -14.78 -17.09
CA ASP A 435 -24.67 -15.98 -17.64
C ASP A 435 -25.16 -17.05 -16.62
N PHE A 436 -26.02 -16.54 -15.74
CA PHE A 436 -26.72 -17.25 -14.77
C PHE A 436 -28.13 -17.30 -15.27
N ASP A 437 -28.60 -18.48 -15.65
CA ASP A 437 -29.99 -18.70 -16.02
C ASP A 437 -30.58 -19.42 -14.81
N PHE A 438 -31.53 -18.79 -14.13
CA PHE A 438 -32.15 -19.36 -12.97
C PHE A 438 -33.43 -20.11 -13.28
N LEU A 439 -33.70 -20.35 -14.55
CA LEU A 439 -35.04 -20.87 -14.90
C LEU A 439 -35.16 -22.34 -14.61
N ALA A 440 -34.14 -23.07 -15.05
CA ALA A 440 -33.96 -24.51 -14.81
C ALA A 440 -33.86 -24.95 -13.33
N TYR A 441 -33.84 -24.00 -12.40
CA TYR A 441 -33.64 -24.23 -10.95
C TYR A 441 -34.68 -25.12 -10.28
N PRO A 442 -34.23 -26.09 -9.45
CA PRO A 442 -32.83 -26.30 -9.03
C PRO A 442 -32.06 -27.29 -9.95
N PHE A 443 -32.56 -27.50 -11.15
CA PHE A 443 -32.00 -28.41 -12.12
C PHE A 443 -31.01 -27.77 -13.06
N ASP A 444 -30.53 -26.59 -12.66
CA ASP A 444 -29.76 -25.61 -13.50
C ASP A 444 -28.27 -25.80 -13.67
N ARG A 445 -27.81 -25.55 -14.90
CA ARG A 445 -26.39 -25.56 -15.24
C ARG A 445 -25.98 -24.12 -15.52
N GLN A 446 -24.69 -23.79 -15.34
CA GLN A 446 -24.22 -22.44 -15.47
C GLN A 446 -22.82 -22.37 -16.07
N LYS A 447 -22.43 -21.14 -16.47
CA LYS A 447 -21.09 -20.88 -17.00
C LYS A 447 -20.35 -19.97 -16.02
N PHE A 448 -19.27 -20.46 -15.43
CA PHE A 448 -18.37 -19.60 -14.65
C PHE A 448 -17.15 -19.35 -15.48
N SER A 449 -16.90 -18.09 -15.81
CA SER A 449 -15.81 -17.71 -16.71
C SER A 449 -14.72 -16.87 -16.02
N ILE A 450 -13.52 -16.90 -16.60
CA ILE A 450 -12.38 -16.18 -16.08
C ILE A 450 -11.65 -15.58 -17.28
N LYS A 451 -12.24 -14.52 -17.77
CA LYS A 451 -11.74 -13.85 -18.94
C LYS A 451 -10.52 -12.98 -18.56
N VAL A 452 -9.37 -13.33 -19.14
CA VAL A 452 -8.16 -12.56 -18.90
C VAL A 452 -7.45 -11.94 -20.15
N ASP A 453 -7.80 -10.67 -20.36
CA ASP A 453 -7.26 -9.82 -21.45
C ASP A 453 -5.81 -9.38 -21.18
N LEU A 454 -5.20 -8.83 -22.22
CA LEU A 454 -4.01 -8.00 -22.10
C LEU A 454 -4.50 -6.58 -21.95
N ALA A 455 -3.70 -5.73 -21.32
CA ALA A 455 -4.06 -4.29 -21.24
C ALA A 455 -3.55 -3.59 -22.49
N VAL A 456 -2.36 -4.00 -22.90
CA VAL A 456 -1.75 -3.57 -24.15
C VAL A 456 -2.42 -4.20 -25.37
N PRO A 457 -2.36 -3.50 -26.53
CA PRO A 457 -2.82 -4.07 -27.77
C PRO A 457 -1.87 -5.12 -28.38
N THR A 458 -2.28 -5.61 -29.54
CA THR A 458 -1.51 -6.62 -30.30
C THR A 458 -0.52 -6.02 -31.32
N ASN A 459 -0.28 -4.71 -31.22
CA ASN A 459 0.90 -4.08 -31.81
C ASN A 459 2.16 -4.49 -31.06
N MET A 460 1.94 -4.77 -29.77
CA MET A 460 2.91 -5.26 -28.78
C MET A 460 2.89 -6.79 -28.43
N PHE A 461 1.75 -7.28 -27.96
CA PHE A 461 1.64 -8.62 -27.42
C PHE A 461 0.33 -9.35 -27.72
N ILE A 462 0.47 -10.66 -27.85
CA ILE A 462 -0.64 -11.58 -28.13
C ILE A 462 -0.32 -12.81 -27.34
N PHE A 463 -1.33 -13.51 -26.81
CA PHE A 463 -1.13 -14.85 -26.31
C PHE A 463 -1.49 -15.59 -27.62
N ASN A 464 -0.66 -16.54 -28.04
CA ASN A 464 -0.94 -17.51 -29.11
C ASN A 464 -1.25 -18.99 -28.82
N GLU A 465 -0.53 -19.47 -27.83
CA GLU A 465 -0.57 -20.89 -27.44
C GLU A 465 -0.87 -21.11 -25.96
N ILE A 466 -1.84 -21.93 -25.63
CA ILE A 466 -2.15 -22.26 -24.24
C ILE A 466 -1.26 -23.42 -23.71
N GLU A 467 -0.55 -23.18 -22.62
CA GLU A 467 0.14 -24.24 -21.91
C GLU A 467 -0.69 -24.59 -20.68
N ARG A 468 -0.98 -25.88 -20.51
CA ARG A 468 -1.63 -26.38 -19.30
C ARG A 468 -0.53 -26.66 -18.30
N PHE A 469 -0.13 -25.66 -17.50
CA PHE A 469 0.99 -25.85 -16.61
C PHE A 469 0.69 -26.69 -15.36
N GLN A 470 -0.60 -26.76 -15.00
CA GLN A 470 -1.14 -27.84 -14.17
C GLN A 470 -2.64 -27.99 -14.49
N GLN A 471 -3.28 -29.00 -13.92
CA GLN A 471 -4.64 -29.29 -14.30
C GLN A 471 -5.55 -28.15 -13.93
N VAL A 472 -6.42 -27.84 -14.87
CA VAL A 472 -7.24 -26.66 -14.81
C VAL A 472 -8.19 -26.71 -13.64
N VAL A 473 -8.85 -27.82 -13.51
CA VAL A 473 -9.78 -27.96 -12.39
C VAL A 473 -9.13 -28.79 -11.30
N GLY A 474 -8.88 -28.18 -10.13
CA GLY A 474 -8.22 -28.85 -9.03
C GLY A 474 -9.10 -29.94 -8.53
N ASP A 475 -8.47 -31.01 -8.02
CA ASP A 475 -9.21 -32.12 -7.44
C ASP A 475 -10.10 -31.61 -6.31
N GLN A 476 -9.52 -30.77 -5.46
CA GLN A 476 -10.19 -30.34 -4.23
C GLN A 476 -10.58 -28.86 -4.31
N LEU A 477 -11.67 -28.59 -5.02
CA LEU A 477 -12.17 -27.23 -5.20
C LEU A 477 -12.67 -26.69 -3.89
N GLY A 478 -13.38 -27.52 -3.15
CA GLY A 478 -13.92 -27.16 -1.83
C GLY A 478 -15.28 -26.50 -1.82
N GLU A 479 -16.11 -26.81 -2.82
CA GLU A 479 -17.50 -26.32 -2.87
C GLU A 479 -18.49 -27.47 -3.04
N GLU A 480 -19.59 -27.40 -2.32
CA GLU A 480 -20.54 -28.53 -2.20
C GLU A 480 -21.89 -28.36 -2.85
N GLU A 481 -22.27 -27.14 -3.23
CA GLU A 481 -23.59 -26.90 -3.85
C GLU A 481 -23.54 -27.15 -5.37
N TRP A 482 -22.41 -26.78 -5.98
CA TRP A 482 -22.08 -27.03 -7.39
C TRP A 482 -20.88 -27.97 -7.53
N VAL A 483 -20.84 -28.72 -8.63
CA VAL A 483 -19.58 -29.33 -9.10
C VAL A 483 -19.44 -29.19 -10.60
N VAL A 484 -18.20 -29.03 -11.01
CA VAL A 484 -17.84 -28.74 -12.38
C VAL A 484 -18.08 -29.96 -13.24
N THR A 485 -18.65 -29.72 -14.42
CA THR A 485 -18.93 -30.72 -15.48
C THR A 485 -17.75 -30.82 -16.47
N SER A 486 -17.38 -29.69 -17.04
CA SER A 486 -16.37 -29.65 -18.08
C SER A 486 -15.80 -28.28 -18.05
N TYR A 487 -14.54 -28.16 -18.51
CA TYR A 487 -13.91 -26.81 -18.58
C TYR A 487 -13.64 -26.40 -20.02
N SER A 488 -13.25 -25.15 -20.22
CA SER A 488 -12.99 -24.63 -21.54
C SER A 488 -11.93 -23.58 -21.29
N GLN A 489 -10.85 -23.69 -22.04
CA GLN A 489 -9.84 -22.65 -22.11
C GLN A 489 -9.69 -22.36 -23.62
N GLU A 490 -9.62 -21.07 -23.98
CA GLU A 490 -9.72 -20.64 -25.39
C GLU A 490 -9.37 -19.15 -25.52
N ILE A 491 -8.65 -18.81 -26.58
CA ILE A 491 -8.20 -17.42 -26.82
C ILE A 491 -9.11 -16.76 -27.84
N THR A 492 -9.31 -15.45 -27.70
CA THR A 492 -10.17 -14.62 -28.55
C THR A 492 -9.33 -13.38 -28.75
N GLU A 493 -9.78 -12.47 -29.59
CA GLU A 493 -9.13 -11.17 -29.80
C GLU A 493 -10.31 -10.17 -29.78
N VAL A 494 -10.13 -9.07 -29.06
CA VAL A 494 -11.26 -8.20 -28.73
C VAL A 494 -10.95 -6.76 -29.10
N PRO A 495 -11.97 -6.03 -29.58
CA PRO A 495 -11.74 -4.65 -29.92
C PRO A 495 -11.57 -3.85 -28.65
N PHE A 496 -10.60 -2.95 -28.66
CA PHE A 496 -10.50 -1.92 -27.64
C PHE A 496 -10.19 -0.61 -28.31
N GLU A 497 -10.57 0.47 -27.67
CA GLU A 497 -10.34 1.84 -28.20
C GLU A 497 -11.05 1.90 -29.56
N ARG A 498 -10.40 2.47 -30.57
CA ARG A 498 -10.90 2.35 -31.92
C ARG A 498 -9.88 1.65 -32.79
N GLY A 499 -10.36 0.62 -33.47
CA GLY A 499 -9.51 -0.09 -34.41
C GLY A 499 -8.28 -0.71 -33.76
N SER A 500 -8.43 -1.22 -32.54
CA SER A 500 -7.32 -1.89 -31.90
C SER A 500 -7.79 -3.15 -31.21
N THR A 501 -7.01 -4.21 -31.31
CA THR A 501 -7.43 -5.52 -30.83
C THR A 501 -6.45 -5.98 -29.79
N ASN A 502 -6.92 -6.64 -28.73
CA ASN A 502 -6.08 -7.24 -27.68
C ASN A 502 -6.58 -8.66 -27.43
N SER A 503 -5.65 -9.56 -27.12
CA SER A 503 -5.99 -10.94 -26.82
C SER A 503 -6.81 -11.08 -25.52
N ARG A 504 -7.66 -12.10 -25.46
CA ARG A 504 -8.47 -12.45 -24.26
C ARG A 504 -8.42 -13.96 -24.00
N PHE A 505 -7.89 -14.35 -22.86
CA PHE A 505 -7.77 -15.74 -22.51
C PHE A 505 -9.00 -16.00 -21.66
N THR A 506 -9.99 -16.55 -22.34
CA THR A 506 -11.28 -16.92 -21.78
C THR A 506 -11.08 -18.33 -21.25
N THR A 507 -11.17 -18.50 -19.93
CA THR A 507 -11.08 -19.82 -19.25
C THR A 507 -12.38 -20.13 -18.48
N THR A 508 -13.21 -20.87 -19.17
CA THR A 508 -14.60 -21.17 -18.72
C THR A 508 -14.97 -22.59 -18.16
N LEU A 509 -15.40 -22.60 -16.91
CA LEU A 509 -15.95 -23.79 -16.26
C LEU A 509 -17.43 -23.86 -16.54
N LEU A 510 -17.91 -25.03 -16.96
CA LEU A 510 -19.34 -25.29 -17.05
C LEU A 510 -19.66 -26.08 -15.80
N VAL A 511 -20.81 -25.76 -15.20
CA VAL A 511 -21.16 -26.28 -13.89
C VAL A 511 -22.57 -26.78 -13.85
N LYS A 512 -22.84 -27.82 -13.04
CA LYS A 512 -24.23 -28.28 -12.72
C LYS A 512 -24.45 -28.39 -11.21
N ARG A 513 -25.70 -28.23 -10.79
CA ARG A 513 -26.05 -28.19 -9.38
C ARG A 513 -26.32 -29.57 -8.74
N ASN A 514 -25.75 -29.73 -7.54
CA ASN A 514 -26.01 -30.86 -6.67
C ASN A 514 -27.39 -30.62 -6.15
N LEU A 515 -28.27 -31.57 -6.50
CA LEU A 515 -29.71 -31.61 -6.19
C LEU A 515 -30.08 -32.65 -5.09
N GLU A 516 -29.07 -33.08 -4.36
CA GLU A 516 -29.22 -34.20 -3.48
C GLU A 516 -29.83 -33.51 -2.29
N TYR A 517 -29.35 -32.29 -2.00
CA TYR A 517 -30.02 -31.43 -1.00
C TYR A 517 -31.45 -31.18 -1.42
N TYR A 518 -31.64 -30.74 -2.67
CA TYR A 518 -32.95 -30.34 -3.19
C TYR A 518 -33.93 -31.49 -3.23
N ILE A 519 -33.46 -32.72 -3.44
CA ILE A 519 -34.34 -33.85 -3.46
C ILE A 519 -34.77 -34.25 -2.05
N LEU A 520 -33.82 -34.38 -1.12
CA LEU A 520 -34.18 -34.78 0.24
C LEU A 520 -34.82 -33.76 1.18
N ARG A 521 -34.58 -32.46 0.97
CA ARG A 521 -35.23 -31.43 1.77
C ARG A 521 -36.36 -30.64 1.03
N ILE A 522 -36.55 -30.82 -0.24
CA ILE A 522 -37.65 -30.10 -0.92
C ILE A 522 -38.62 -31.07 -1.56
N PHE A 523 -38.09 -32.02 -2.28
CA PHE A 523 -38.93 -32.90 -3.11
C PHE A 523 -39.57 -34.06 -2.36
N VAL A 524 -38.81 -34.72 -1.48
CA VAL A 524 -39.34 -35.79 -0.62
C VAL A 524 -40.53 -35.27 0.18
N PRO A 525 -40.35 -34.14 0.87
CA PRO A 525 -41.48 -33.63 1.65
C PRO A 525 -42.69 -33.33 0.77
N LEU A 526 -42.53 -32.60 -0.31
CA LEU A 526 -43.64 -32.27 -1.26
C LEU A 526 -44.51 -33.50 -1.64
N PHE A 527 -43.81 -34.57 -1.98
CA PHE A 527 -44.39 -35.84 -2.35
C PHE A 527 -45.20 -36.29 -1.16
N LEU A 528 -44.59 -36.27 0.03
CA LEU A 528 -45.34 -36.70 1.24
C LEU A 528 -46.66 -35.90 1.45
N ILE A 529 -46.58 -34.60 1.22
CA ILE A 529 -47.69 -33.70 1.58
C ILE A 529 -48.77 -33.91 0.55
N ILE A 530 -48.40 -34.02 -0.71
CA ILE A 530 -49.43 -34.26 -1.73
C ILE A 530 -49.99 -35.70 -1.61
N SER A 531 -49.16 -36.61 -1.09
CA SER A 531 -49.60 -38.00 -0.84
C SER A 531 -50.76 -38.02 0.18
N VAL A 532 -50.68 -37.10 1.14
CA VAL A 532 -51.72 -36.99 2.17
C VAL A 532 -53.02 -36.60 1.49
N SER A 533 -52.97 -35.61 0.59
CA SER A 533 -54.20 -35.23 -0.11
C SER A 533 -54.81 -36.39 -0.89
N TRP A 534 -53.97 -37.26 -1.39
CA TRP A 534 -54.46 -38.37 -2.12
C TRP A 534 -55.21 -39.40 -1.21
N VAL A 535 -54.53 -39.77 -0.15
CA VAL A 535 -54.94 -40.83 0.78
C VAL A 535 -56.22 -40.45 1.55
N ILE A 536 -56.44 -39.16 1.81
CA ILE A 536 -57.70 -38.74 2.43
C ILE A 536 -58.91 -39.14 1.59
N PHE A 537 -58.84 -39.10 0.26
CA PHE A 537 -59.97 -39.60 -0.52
C PHE A 537 -60.39 -41.06 -0.24
N PHE A 538 -59.45 -41.92 0.16
CA PHE A 538 -59.77 -43.27 0.64
C PHE A 538 -60.82 -43.32 1.73
N LEU A 539 -60.69 -42.41 2.71
CA LEU A 539 -61.39 -42.48 3.98
C LEU A 539 -62.91 -42.40 3.97
N LYS A 540 -63.42 -41.39 3.27
CA LYS A 540 -64.82 -41.01 3.24
C LYS A 540 -65.57 -41.00 4.59
N ASP A 541 -65.02 -40.36 5.62
CA ASP A 541 -65.80 -39.89 6.75
C ASP A 541 -65.60 -38.44 6.44
N TYR A 542 -66.62 -37.87 5.84
CA TYR A 542 -66.40 -36.58 5.16
C TYR A 542 -66.05 -35.37 6.04
N GLY A 543 -66.64 -35.22 7.22
CA GLY A 543 -66.23 -34.19 8.14
C GLY A 543 -64.75 -34.32 8.46
N ARG A 544 -64.38 -35.50 8.91
CA ARG A 544 -62.99 -35.75 9.24
C ARG A 544 -62.08 -35.70 8.03
N GLN A 545 -62.56 -36.12 6.88
CA GLN A 545 -61.78 -36.10 5.65
C GLN A 545 -61.41 -34.66 5.39
N LEU A 546 -62.43 -33.81 5.42
CA LEU A 546 -62.22 -32.40 5.13
C LEU A 546 -61.25 -31.81 6.13
N GLU A 547 -61.43 -32.15 7.40
CA GLU A 547 -60.59 -31.61 8.45
C GLU A 547 -59.14 -31.95 8.13
N VAL A 548 -58.90 -33.20 7.78
CA VAL A 548 -57.54 -33.63 7.49
C VAL A 548 -56.99 -32.90 6.29
N ALA A 549 -57.78 -32.84 5.23
CA ALA A 549 -57.30 -32.22 3.99
C ALA A 549 -56.98 -30.79 4.27
N SER A 550 -57.91 -30.09 4.90
CA SER A 550 -57.64 -28.72 5.24
C SER A 550 -56.33 -28.60 6.02
N GLY A 551 -56.11 -29.51 6.96
CA GLY A 551 -54.88 -29.50 7.76
C GLY A 551 -53.64 -29.71 6.92
N ASN A 552 -53.76 -30.62 5.97
CA ASN A 552 -52.66 -30.90 5.08
C ASN A 552 -52.36 -29.67 4.27
N LEU A 553 -53.37 -28.97 3.77
CA LEU A 553 -53.10 -27.71 3.05
C LEU A 553 -52.45 -26.71 3.93
N LEU A 554 -52.86 -26.61 5.18
CA LEU A 554 -52.25 -25.64 6.12
C LEU A 554 -50.77 -25.89 6.26
N VAL A 555 -50.35 -27.16 6.37
CA VAL A 555 -48.94 -27.46 6.48
C VAL A 555 -48.25 -26.90 5.23
N PHE A 556 -48.86 -27.17 4.10
CA PHE A 556 -48.32 -26.74 2.85
C PHE A 556 -47.85 -25.33 2.90
N VAL A 557 -48.61 -24.45 3.51
CA VAL A 557 -48.25 -23.06 3.57
C VAL A 557 -46.96 -22.92 4.33
N ALA A 558 -46.88 -23.58 5.46
CA ALA A 558 -45.70 -23.54 6.30
C ALA A 558 -44.51 -24.02 5.50
N PHE A 559 -44.69 -25.16 4.86
CA PHE A 559 -43.62 -25.77 4.14
C PHE A 559 -43.14 -24.86 3.01
N ASN A 560 -44.10 -24.26 2.35
CA ASN A 560 -43.78 -23.46 1.20
C ASN A 560 -42.93 -22.29 1.61
N PHE A 561 -43.29 -21.60 2.66
CA PHE A 561 -42.45 -20.50 3.03
C PHE A 561 -41.13 -20.95 3.71
N THR A 562 -41.07 -22.15 4.28
CA THR A 562 -39.80 -22.75 4.63
C THR A 562 -38.76 -22.89 3.56
N ILE A 563 -39.14 -23.52 2.47
CA ILE A 563 -38.12 -23.71 1.45
C ILE A 563 -37.65 -22.30 1.21
N SER A 564 -36.34 -22.17 1.19
CA SER A 564 -35.69 -20.92 0.96
C SER A 564 -34.99 -21.03 -0.36
N GLY A 565 -35.21 -20.03 -1.18
CA GLY A 565 -34.49 -19.89 -2.39
C GLY A 565 -33.60 -18.71 -2.16
N ASP A 566 -32.32 -18.89 -2.39
CA ASP A 566 -31.35 -17.84 -2.26
C ASP A 566 -31.23 -17.00 -3.53
N LEU A 567 -31.99 -17.33 -4.56
CA LEU A 567 -32.05 -16.61 -5.78
C LEU A 567 -32.34 -15.14 -5.53
N PRO A 568 -31.68 -14.28 -6.32
CA PRO A 568 -32.05 -12.89 -6.34
C PRO A 568 -33.48 -12.85 -6.83
N ARG A 569 -34.24 -11.90 -6.33
CA ARG A 569 -35.52 -11.55 -6.92
C ARG A 569 -35.38 -11.48 -8.41
N LEU A 570 -36.27 -12.15 -9.10
CA LEU A 570 -36.09 -12.50 -10.51
C LEU A 570 -37.34 -12.20 -11.28
N GLY A 571 -37.17 -11.83 -12.55
CA GLY A 571 -38.27 -11.66 -13.44
C GLY A 571 -39.08 -12.93 -13.69
N TYR A 572 -38.41 -14.08 -13.79
CA TYR A 572 -39.15 -15.27 -14.20
C TYR A 572 -39.51 -16.12 -12.97
N LEU A 573 -40.48 -17.00 -13.15
CA LEU A 573 -40.72 -18.26 -12.41
C LEU A 573 -39.62 -19.24 -12.78
N THR A 574 -39.07 -19.99 -11.85
CA THR A 574 -38.13 -21.11 -12.21
C THR A 574 -38.98 -22.38 -12.25
N VAL A 575 -38.29 -23.51 -12.48
CA VAL A 575 -38.97 -24.80 -12.51
C VAL A 575 -39.70 -25.04 -11.23
N LEU A 576 -38.98 -25.11 -10.11
CA LEU A 576 -39.56 -25.42 -8.81
C LEU A 576 -40.68 -24.46 -8.41
N ASP A 577 -40.58 -23.18 -8.78
CA ASP A 577 -41.62 -22.19 -8.51
C ASP A 577 -42.95 -22.61 -9.20
N ARG A 578 -42.84 -23.08 -10.43
CA ARG A 578 -43.97 -23.60 -11.20
C ARG A 578 -44.64 -24.87 -10.60
N PHE A 579 -43.83 -25.84 -10.16
CA PHE A 579 -44.33 -27.11 -9.57
C PHE A 579 -44.93 -26.81 -8.21
N MET A 580 -44.31 -25.89 -7.52
CA MET A 580 -44.79 -25.50 -6.21
C MET A 580 -46.13 -24.82 -6.32
N ILE A 581 -46.28 -23.89 -7.25
CA ILE A 581 -47.55 -23.17 -7.40
C ILE A 581 -48.69 -24.09 -7.87
N VAL A 582 -48.36 -25.07 -8.71
CA VAL A 582 -49.32 -26.09 -9.12
C VAL A 582 -49.71 -26.97 -7.95
N SER A 583 -48.73 -27.37 -7.13
CA SER A 583 -49.02 -28.16 -5.93
C SER A 583 -50.00 -27.48 -5.00
N PHE A 584 -49.68 -26.27 -4.53
CA PHE A 584 -50.52 -25.46 -3.59
C PHE A 584 -51.97 -25.36 -3.99
N CYS A 585 -52.20 -24.86 -5.20
CA CYS A 585 -53.55 -24.51 -5.69
C CYS A 585 -54.55 -25.70 -5.73
N LEU A 586 -54.17 -26.80 -6.41
CA LEU A 586 -54.98 -28.04 -6.44
C LEU A 586 -55.05 -28.78 -5.09
N THR A 587 -54.06 -28.55 -4.24
CA THR A 587 -54.07 -29.05 -2.89
C THR A 587 -55.23 -28.36 -2.24
N ALA A 588 -55.43 -27.09 -2.58
CA ALA A 588 -56.65 -26.35 -2.17
C ALA A 588 -57.88 -26.80 -2.94
N ILE A 589 -57.69 -27.40 -4.12
CA ILE A 589 -58.80 -27.96 -4.90
C ILE A 589 -59.26 -29.25 -4.24
N VAL A 590 -58.37 -30.00 -3.61
CA VAL A 590 -58.74 -31.18 -2.78
C VAL A 590 -59.62 -30.76 -1.61
N VAL A 591 -59.36 -29.57 -1.06
CA VAL A 591 -60.17 -28.98 -0.01
C VAL A 591 -61.50 -28.49 -0.59
N LEU A 592 -61.48 -27.90 -1.79
CA LEU A 592 -62.71 -27.49 -2.48
C LEU A 592 -63.65 -28.68 -2.71
N ILE A 593 -63.07 -29.86 -2.96
CA ILE A 593 -63.81 -31.10 -3.11
C ILE A 593 -64.33 -31.63 -1.74
N SER A 594 -63.59 -31.54 -0.63
CA SER A 594 -64.04 -32.12 0.67
C SER A 594 -65.33 -31.50 1.19
N VAL A 595 -65.39 -30.18 1.14
CA VAL A 595 -66.58 -29.38 1.33
C VAL A 595 -67.80 -29.93 0.57
N CYS A 596 -67.59 -30.08 -0.73
CA CYS A 596 -68.66 -30.45 -1.62
C CYS A 596 -69.18 -31.80 -1.20
N GLN A 597 -68.29 -32.75 -1.01
CA GLN A 597 -68.68 -34.09 -0.59
C GLN A 597 -69.44 -34.08 0.72
N LYS A 598 -68.95 -33.34 1.71
CA LYS A 598 -69.59 -33.28 3.03
C LYS A 598 -71.04 -32.78 2.88
N ARG A 599 -71.20 -31.71 2.11
CA ARG A 599 -72.51 -31.10 1.86
C ARG A 599 -73.49 -32.15 1.32
N LEU A 600 -73.02 -32.85 0.29
CA LEU A 600 -73.82 -33.87 -0.36
C LEU A 600 -74.24 -34.82 0.75
N GLY A 601 -73.25 -35.42 1.39
CA GLY A 601 -73.49 -36.47 2.37
C GLY A 601 -74.55 -36.05 3.37
N ALA A 602 -74.45 -34.81 3.84
CA ALA A 602 -75.41 -34.28 4.80
C ALA A 602 -76.84 -34.22 4.23
N VAL A 603 -77.00 -33.65 3.03
CA VAL A 603 -78.34 -33.59 2.46
C VAL A 603 -78.78 -35.01 2.04
N GLY A 604 -77.84 -35.75 1.49
CA GLY A 604 -78.09 -37.06 0.99
C GLY A 604 -77.13 -37.36 -0.14
N LYS A 605 -77.51 -38.30 -1.00
CA LYS A 605 -76.73 -38.71 -2.16
C LYS A 605 -75.26 -39.01 -1.79
N GLN A 606 -75.11 -39.79 -0.71
CA GLN A 606 -73.79 -40.11 -0.16
C GLN A 606 -72.98 -40.91 -1.15
N ALA A 607 -73.63 -41.81 -1.89
CA ALA A 607 -72.97 -42.57 -2.93
C ALA A 607 -72.40 -41.59 -3.94
N VAL A 608 -73.15 -40.54 -4.29
CA VAL A 608 -72.61 -39.56 -5.24
C VAL A 608 -71.27 -39.07 -4.74
N ALA A 609 -71.19 -38.76 -3.45
CA ALA A 609 -69.91 -38.30 -2.90
C ALA A 609 -68.82 -39.36 -3.06
N ALA A 610 -69.16 -40.61 -2.79
CA ALA A 610 -68.20 -41.71 -2.88
C ALA A 610 -67.74 -41.92 -4.31
N GLN A 611 -68.63 -41.71 -5.29
CA GLN A 611 -68.29 -41.89 -6.70
C GLN A 611 -67.13 -40.99 -7.13
N ILE A 612 -67.30 -39.70 -6.84
CA ILE A 612 -66.33 -38.68 -7.15
C ILE A 612 -65.01 -38.94 -6.42
N ASP A 613 -65.05 -39.40 -5.16
CA ASP A 613 -63.90 -39.82 -4.36
C ASP A 613 -63.06 -40.71 -5.25
N THR A 614 -63.67 -41.74 -5.82
CA THR A 614 -62.93 -42.71 -6.63
C THR A 614 -62.57 -42.01 -7.90
N TRP A 615 -63.53 -41.25 -8.40
CA TRP A 615 -63.22 -40.54 -9.59
C TRP A 615 -61.91 -39.72 -9.49
N VAL A 616 -61.82 -38.80 -8.56
CA VAL A 616 -60.59 -38.04 -8.26
C VAL A 616 -59.30 -38.81 -8.09
N LEU A 617 -59.33 -39.90 -7.33
CA LEU A 617 -58.12 -40.68 -7.07
C LEU A 617 -57.47 -41.13 -8.35
N VAL A 618 -58.28 -41.58 -9.30
CA VAL A 618 -57.76 -41.97 -10.61
C VAL A 618 -57.06 -40.79 -11.31
N ILE A 619 -57.80 -39.69 -11.45
CA ILE A 619 -57.38 -38.54 -12.29
C ILE A 619 -56.25 -37.70 -11.64
N TYR A 620 -56.38 -37.45 -10.34
CA TYR A 620 -55.49 -36.61 -9.58
C TYR A 620 -53.98 -36.86 -9.79
N PRO A 621 -53.50 -38.10 -9.61
CA PRO A 621 -52.06 -38.32 -9.80
C PRO A 621 -51.52 -38.43 -11.23
N LEU A 622 -52.40 -38.50 -12.22
CA LEU A 622 -52.01 -38.47 -13.64
C LEU A 622 -51.83 -37.05 -14.19
N VAL A 623 -52.70 -36.15 -13.75
CA VAL A 623 -52.57 -34.73 -14.06
C VAL A 623 -51.40 -34.52 -13.12
N TYR A 624 -51.33 -35.29 -12.03
CA TYR A 624 -50.09 -35.23 -11.31
C TYR A 624 -48.89 -35.51 -12.18
N SER A 625 -48.82 -36.68 -12.76
CA SER A 625 -47.78 -37.00 -13.73
C SER A 625 -47.50 -36.28 -15.06
N LEU A 626 -48.53 -35.95 -15.80
CA LEU A 626 -48.40 -35.22 -17.05
C LEU A 626 -47.90 -33.81 -16.85
N TYR A 627 -48.27 -33.21 -15.74
CA TYR A 627 -47.83 -31.87 -15.44
C TYR A 627 -46.31 -31.94 -15.40
N ILE A 628 -45.78 -32.91 -14.69
CA ILE A 628 -44.35 -33.15 -14.63
C ILE A 628 -43.75 -33.36 -16.02
N ILE A 629 -44.38 -34.20 -16.80
CA ILE A 629 -43.85 -34.50 -18.11
C ILE A 629 -43.98 -33.24 -19.01
N TRP A 630 -45.06 -32.49 -18.79
CA TRP A 630 -45.30 -31.19 -19.51
C TRP A 630 -44.14 -30.27 -19.41
N VAL A 631 -43.75 -29.97 -18.16
CA VAL A 631 -42.61 -29.08 -17.86
C VAL A 631 -41.24 -29.68 -18.20
N TYR A 632 -41.17 -31.02 -18.25
CA TYR A 632 -40.00 -31.72 -18.71
C TYR A 632 -39.73 -31.08 -20.06
N LEU A 633 -40.71 -31.19 -20.94
CA LEU A 633 -40.58 -30.71 -22.29
C LEU A 633 -40.14 -29.25 -22.50
N ARG A 634 -40.86 -28.34 -21.89
CA ARG A 634 -40.68 -26.90 -21.96
C ARG A 634 -39.36 -26.46 -21.28
N PHE A 635 -38.91 -27.19 -20.27
CA PHE A 635 -37.78 -26.77 -19.47
C PHE A 635 -36.58 -27.68 -19.71
N PHE A 636 -36.68 -28.53 -20.76
CA PHE A 636 -35.59 -29.43 -21.15
C PHE A 636 -35.57 -29.65 -22.69
N GLY B 36 41.58 24.42 -36.96
CA GLY B 36 40.15 24.05 -36.68
C GLY B 36 39.49 25.07 -35.78
N ARG B 37 38.33 25.55 -36.19
CA ARG B 37 37.54 26.51 -35.41
C ARG B 37 36.13 25.92 -35.17
N VAL B 38 35.66 25.99 -33.93
CA VAL B 38 34.44 25.30 -33.52
C VAL B 38 33.50 26.21 -32.71
N GLN B 39 32.21 26.22 -33.06
CA GLN B 39 31.15 27.01 -32.39
C GLN B 39 29.94 26.17 -32.01
N HIS B 40 29.26 26.61 -30.95
CA HIS B 40 28.03 25.97 -30.40
C HIS B 40 26.80 26.86 -30.63
N PHE B 41 25.66 26.22 -30.85
CA PHE B 41 24.37 26.90 -30.96
C PHE B 41 23.26 26.02 -30.42
N THR B 42 22.27 26.62 -29.76
CA THR B 42 21.05 25.89 -29.40
C THR B 42 19.81 26.66 -29.84
N GLY B 43 18.76 25.91 -30.10
CA GLY B 43 17.50 26.52 -30.54
C GLY B 43 16.32 25.57 -30.49
N TYR B 44 15.18 26.02 -31.00
CA TYR B 44 13.89 25.30 -30.96
C TYR B 44 13.22 25.36 -32.32
N ILE B 45 12.73 24.20 -32.81
CA ILE B 45 12.06 24.12 -34.09
C ILE B 45 10.59 24.00 -33.81
N GLU B 46 9.81 24.99 -34.26
CA GLU B 46 8.34 24.95 -34.02
C GLU B 46 7.48 24.39 -35.18
N ASP B 47 7.33 23.07 -35.16
CA ASP B 47 6.71 22.23 -36.21
C ASP B 47 7.35 22.31 -37.64
N GLY B 48 8.65 22.06 -37.65
CA GLY B 48 9.47 22.00 -38.82
C GLY B 48 9.99 23.26 -39.53
N ARG B 49 9.60 24.44 -39.04
CA ARG B 49 10.21 25.68 -39.53
C ARG B 49 11.62 25.75 -38.93
N GLY B 50 12.62 25.96 -39.78
CA GLY B 50 14.01 25.93 -39.32
C GLY B 50 14.53 27.30 -38.92
N ILE B 51 15.82 27.32 -38.61
CA ILE B 51 16.54 28.54 -38.29
C ILE B 51 17.79 28.63 -39.21
N PHE B 52 18.03 29.82 -39.72
CA PHE B 52 19.13 30.08 -40.66
C PHE B 52 20.28 30.77 -39.93
N TYR B 53 21.51 30.38 -40.28
CA TYR B 53 22.73 30.97 -39.75
C TYR B 53 23.65 31.50 -40.87
N SER B 54 24.08 32.77 -40.73
CA SER B 54 24.94 33.45 -41.72
C SER B 54 26.44 33.11 -41.61
N LEU B 55 27.06 32.75 -42.73
CA LEU B 55 28.49 32.43 -42.79
C LEU B 55 29.17 33.34 -43.83
N PRO B 56 29.39 34.64 -43.49
CA PRO B 56 30.01 35.54 -44.47
C PRO B 56 31.45 35.37 -44.98
N ASP B 57 31.62 35.68 -46.27
CA ASP B 57 32.92 35.47 -46.98
C ASP B 57 33.89 34.22 -46.58
N MET B 58 33.34 33.09 -47.01
CA MET B 58 33.91 31.80 -46.63
C MET B 58 34.87 31.65 -47.80
N LYS B 59 35.87 30.79 -47.63
CA LYS B 59 36.93 30.58 -48.62
C LYS B 59 36.81 29.22 -49.33
N GLN B 60 37.01 29.24 -50.66
CA GLN B 60 37.00 28.02 -51.49
C GLN B 60 38.05 27.08 -50.94
N GLY B 61 37.66 25.83 -50.72
CA GLY B 61 38.57 24.83 -50.15
C GLY B 61 38.36 24.60 -48.65
N ASP B 62 37.64 25.52 -47.98
CA ASP B 62 37.24 25.30 -46.57
C ASP B 62 36.32 24.08 -46.46
N ILE B 63 36.45 23.33 -45.37
CA ILE B 63 35.58 22.18 -45.10
C ILE B 63 34.67 22.53 -43.92
N ILE B 64 33.36 22.50 -44.16
CA ILE B 64 32.34 22.80 -43.16
C ILE B 64 31.84 21.48 -42.58
N TYR B 65 31.85 21.40 -41.25
CA TYR B 65 31.39 20.22 -40.52
C TYR B 65 30.22 20.69 -39.65
N ALA B 66 29.09 19.98 -39.76
CA ALA B 66 27.90 20.30 -38.95
C ALA B 66 27.40 19.05 -38.21
N SER B 67 27.08 19.21 -36.91
CA SER B 67 26.40 18.18 -36.09
C SER B 67 25.17 18.74 -35.41
N MET B 68 24.01 18.12 -35.64
CA MET B 68 22.73 18.56 -35.12
C MET B 68 22.07 17.43 -34.32
N GLN B 69 21.96 17.60 -33.01
CA GLN B 69 21.45 16.57 -32.10
C GLN B 69 20.18 17.05 -31.41
N ASN B 70 19.24 16.12 -31.27
CA ASN B 70 18.04 16.32 -30.50
C ASN B 70 18.40 16.52 -29.04
N THR B 71 17.81 17.53 -28.42
CA THR B 71 17.96 17.80 -26.98
C THR B 71 16.62 17.66 -26.22
N GLY B 72 15.53 17.44 -26.94
CA GLY B 72 14.20 17.45 -26.34
C GLY B 72 13.13 17.48 -27.41
N GLY B 73 11.96 16.94 -27.07
CA GLY B 73 10.88 16.76 -28.06
C GLY B 73 11.18 15.62 -29.02
N ASN B 74 10.34 15.48 -30.05
CA ASN B 74 10.43 14.37 -31.03
C ASN B 74 11.09 14.80 -32.37
N LEU B 75 11.71 15.98 -32.39
CA LEU B 75 12.41 16.53 -33.58
C LEU B 75 13.40 15.53 -34.18
N ASP B 76 13.26 15.30 -35.48
CA ASP B 76 14.19 14.51 -36.25
C ASP B 76 14.96 15.53 -37.09
N PRO B 77 16.23 15.77 -36.73
CA PRO B 77 16.92 16.92 -37.29
C PRO B 77 17.32 16.78 -38.75
N LEU B 78 17.32 17.92 -39.44
CA LEU B 78 17.67 18.06 -40.84
C LEU B 78 18.54 19.32 -40.93
N VAL B 79 19.79 19.14 -41.39
CA VAL B 79 20.68 20.26 -41.58
C VAL B 79 21.13 20.32 -43.02
N GLY B 80 21.26 21.54 -43.54
CA GLY B 80 21.69 21.78 -44.92
C GLY B 80 22.52 23.07 -45.05
N ILE B 81 23.25 23.15 -46.16
CA ILE B 81 24.06 24.33 -46.47
C ILE B 81 23.69 24.89 -47.86
N MET B 82 23.47 26.21 -47.88
CA MET B 82 23.14 27.00 -49.09
C MET B 82 24.09 28.20 -49.35
N ALA B 83 23.98 28.78 -50.55
CA ALA B 83 24.76 29.97 -50.95
C ALA B 83 24.04 31.31 -50.62
N GLU B 84 22.93 31.58 -51.31
CA GLU B 84 22.01 32.65 -50.95
C GLU B 84 20.72 32.06 -50.35
N GLU B 85 19.99 32.94 -49.69
CA GLU B 85 18.83 32.55 -48.89
C GLU B 85 17.55 32.46 -49.77
N ILE B 86 16.92 31.28 -49.82
CA ILE B 86 15.53 31.15 -50.31
C ILE B 86 14.84 30.16 -49.35
N ASP B 87 13.57 30.44 -49.03
CA ASP B 87 12.87 29.81 -47.89
C ASP B 87 12.47 28.34 -48.15
N PRO B 88 13.04 27.39 -47.38
CA PRO B 88 12.67 25.99 -47.58
C PRO B 88 11.27 25.61 -47.09
N ALA B 89 10.64 26.38 -46.20
CA ALA B 89 9.28 26.07 -45.67
C ALA B 89 8.18 25.95 -46.75
N VAL B 90 8.31 26.74 -47.80
CA VAL B 90 7.39 26.73 -48.96
C VAL B 90 7.49 25.39 -49.71
N SER B 91 8.70 25.05 -50.16
CA SER B 91 9.01 23.78 -50.87
C SER B 91 8.72 22.53 -50.04
N LEU B 92 9.17 22.53 -48.78
CA LEU B 92 8.99 21.40 -47.84
C LEU B 92 7.50 21.27 -47.47
N GLY B 93 6.79 22.40 -47.39
CA GLY B 93 5.34 22.42 -47.15
C GLY B 93 4.56 21.69 -48.22
N GLN B 94 5.02 21.78 -49.47
CA GLN B 94 4.44 21.04 -50.59
C GLN B 94 4.67 19.53 -50.47
N VAL B 95 5.81 19.12 -49.89
CA VAL B 95 6.09 17.68 -49.67
C VAL B 95 5.10 17.11 -48.61
N LEU B 96 4.82 17.91 -47.58
CA LEU B 96 3.84 17.60 -46.50
C LEU B 96 2.44 17.30 -47.01
N GLU B 97 2.04 18.08 -48.03
CA GLU B 97 0.74 18.00 -48.69
C GLU B 97 0.56 16.68 -49.41
N LYS B 98 1.64 16.08 -49.93
CA LYS B 98 1.52 14.80 -50.60
C LYS B 98 1.21 13.70 -49.57
N ALA B 99 0.00 13.14 -49.59
CA ALA B 99 -0.28 11.85 -48.95
C ALA B 99 0.06 10.82 -50.05
N LEU B 100 1.36 10.64 -50.27
CA LEU B 100 1.94 10.00 -51.49
C LEU B 100 1.47 8.59 -51.80
N ALA B 101 1.82 8.12 -52.99
CA ALA B 101 1.59 6.72 -53.44
C ALA B 101 1.89 5.68 -52.35
N SER B 102 3.11 5.72 -51.81
CA SER B 102 3.51 4.98 -50.61
C SER B 102 4.95 5.36 -50.23
N GLU B 103 5.56 4.69 -49.23
CA GLU B 103 6.79 5.19 -48.55
C GLU B 103 7.99 5.67 -49.42
N ASN B 104 8.54 4.81 -50.29
CA ASN B 104 9.69 5.17 -51.18
C ASN B 104 9.42 6.29 -52.19
N ASP B 105 8.13 6.58 -52.43
CA ASP B 105 7.74 7.85 -53.08
C ASP B 105 8.21 9.04 -52.25
N LEU B 106 8.05 9.02 -50.93
CA LEU B 106 8.57 10.09 -50.05
C LEU B 106 10.10 10.22 -50.10
N ILE B 107 10.84 9.11 -50.03
CA ILE B 107 12.31 9.06 -50.22
C ILE B 107 12.71 9.83 -51.48
N SER B 108 12.13 9.39 -52.60
CA SER B 108 12.36 9.95 -53.91
C SER B 108 12.10 11.46 -53.95
N GLU B 109 10.95 11.90 -53.44
CA GLU B 109 10.55 13.31 -53.43
C GLU B 109 11.39 14.14 -52.47
N LEU B 110 11.65 13.65 -51.25
CA LEU B 110 12.52 14.38 -50.31
C LEU B 110 13.95 14.42 -50.85
N THR B 111 14.47 13.30 -51.38
CA THR B 111 15.81 13.26 -51.94
C THR B 111 15.97 14.36 -53.02
N ALA B 112 15.06 14.38 -53.99
CA ALA B 112 15.06 15.37 -55.07
C ALA B 112 14.95 16.81 -54.64
N VAL B 113 14.13 17.12 -53.63
CA VAL B 113 13.97 18.48 -53.12
C VAL B 113 15.19 18.92 -52.34
N ALA B 114 15.68 18.12 -51.40
CA ALA B 114 16.90 18.42 -50.62
C ALA B 114 18.13 18.72 -51.49
N ASP B 115 18.37 17.83 -52.47
CA ASP B 115 19.44 17.97 -53.48
C ASP B 115 19.40 19.29 -54.27
N ARG B 116 18.20 19.79 -54.50
CA ARG B 116 17.92 21.02 -55.25
C ARG B 116 18.08 22.25 -54.38
N ILE B 117 17.53 22.21 -53.17
CA ILE B 117 17.52 23.34 -52.23
C ILE B 117 18.91 23.57 -51.61
N PHE B 118 19.60 22.50 -51.23
CA PHE B 118 20.93 22.60 -50.62
C PHE B 118 22.08 22.16 -51.56
N LEU B 119 23.26 22.70 -51.31
CA LEU B 119 24.48 22.25 -51.97
C LEU B 119 24.98 20.98 -51.29
N GLY B 120 24.65 20.85 -50.01
CA GLY B 120 24.88 19.65 -49.23
C GLY B 120 23.95 19.60 -48.04
N TRP B 121 23.54 18.37 -47.71
CA TRP B 121 22.52 18.11 -46.67
C TRP B 121 22.83 16.81 -45.90
N ASP B 122 22.28 16.72 -44.69
CA ASP B 122 22.20 15.47 -43.95
C ASP B 122 21.02 15.47 -42.92
N ASP B 123 20.61 14.21 -42.71
CA ASP B 123 19.31 13.78 -42.17
C ASP B 123 18.92 13.73 -40.67
N ASP B 124 17.63 13.66 -40.46
CA ASP B 124 16.86 12.91 -39.42
C ASP B 124 17.09 11.71 -38.45
N GLY B 125 17.82 12.04 -37.42
CA GLY B 125 18.18 11.06 -36.37
C GLY B 125 19.03 9.95 -36.92
N GLY B 126 19.28 8.96 -36.07
CA GLY B 126 20.08 7.81 -36.42
C GLY B 126 21.31 7.57 -35.60
N LYS B 127 22.31 6.92 -36.21
CA LYS B 127 23.46 6.40 -35.48
C LYS B 127 24.37 7.49 -34.85
N GLY B 128 25.09 8.23 -35.69
CA GLY B 128 25.77 9.47 -35.27
C GLY B 128 24.90 10.64 -34.86
N TYR B 129 24.10 10.43 -33.79
CA TYR B 129 22.97 11.31 -33.40
C TYR B 129 21.98 11.63 -34.53
N SER B 130 22.02 12.81 -35.14
CA SER B 130 21.13 13.06 -36.24
C SER B 130 21.88 13.73 -37.44
N ALA B 131 22.61 14.82 -37.30
CA ALA B 131 23.08 15.43 -38.58
C ALA B 131 24.49 15.63 -38.72
N SER B 132 25.28 14.60 -39.00
CA SER B 132 26.72 14.85 -39.42
C SER B 132 26.99 15.10 -40.91
N LEU B 133 27.50 16.31 -41.27
CA LEU B 133 27.49 16.71 -42.66
C LEU B 133 28.81 17.41 -42.97
N GLU B 134 29.57 16.81 -43.84
CA GLU B 134 30.83 17.36 -44.29
C GLU B 134 30.53 18.00 -45.65
N PHE B 135 30.92 19.26 -45.79
CA PHE B 135 30.76 20.01 -47.06
C PHE B 135 31.99 20.82 -47.41
N THR B 136 32.52 20.61 -48.61
CA THR B 136 33.68 21.34 -49.12
C THR B 136 33.17 22.58 -49.86
N ILE B 137 33.59 23.76 -49.42
CA ILE B 137 33.09 25.02 -50.00
C ILE B 137 33.62 25.19 -51.44
N PRO B 138 32.72 25.27 -52.43
CA PRO B 138 33.12 25.34 -53.84
C PRO B 138 33.69 26.69 -54.32
N ARG B 139 33.29 27.80 -53.67
CA ARG B 139 33.75 29.15 -54.09
C ARG B 139 33.64 30.18 -52.96
N ASP B 140 34.37 31.28 -53.12
CA ASP B 140 34.37 32.42 -52.16
C ASP B 140 32.99 33.08 -52.11
N GLY B 141 32.57 33.48 -50.90
CA GLY B 141 31.32 34.23 -50.69
C GLY B 141 30.59 33.88 -49.41
N THR B 142 29.37 34.39 -49.31
CA THR B 142 28.47 34.23 -48.14
C THR B 142 27.65 32.95 -48.29
N TYR B 143 27.67 32.12 -47.25
CA TYR B 143 26.89 30.87 -47.21
C TYR B 143 25.90 30.86 -46.05
N HIS B 144 24.93 29.97 -46.10
CA HIS B 144 23.90 29.85 -45.06
C HIS B 144 23.70 28.36 -44.77
N ILE B 145 23.74 27.98 -43.48
CA ILE B 145 23.41 26.63 -43.02
C ILE B 145 21.99 26.69 -42.40
N PHE B 146 21.17 25.72 -42.74
CA PHE B 146 19.77 25.65 -42.30
C PHE B 146 19.65 24.52 -41.30
N ALA B 147 19.02 24.80 -40.16
CA ALA B 147 18.82 23.80 -39.13
C ALA B 147 17.33 23.72 -38.87
N GLY B 148 16.75 22.55 -39.15
CA GLY B 148 15.29 22.35 -38.97
C GLY B 148 14.76 20.93 -38.86
N SER B 149 13.49 20.80 -39.26
CA SER B 149 12.88 19.44 -39.39
C SER B 149 13.00 18.72 -40.76
N THR B 150 13.24 17.40 -40.69
CA THR B 150 13.01 16.54 -41.84
C THR B 150 11.50 16.27 -41.91
N ILE B 151 11.11 15.47 -42.90
CA ILE B 151 9.75 14.95 -42.95
C ILE B 151 9.85 13.45 -42.83
N THR B 152 9.32 12.92 -41.73
CA THR B 152 9.32 11.46 -41.47
C THR B 152 8.04 11.01 -40.79
N ASN B 153 7.86 9.70 -40.78
CA ASN B 153 6.80 9.02 -40.07
C ASN B 153 7.27 8.78 -38.64
N GLN B 154 6.34 8.87 -37.69
CA GLN B 154 6.63 8.53 -36.25
C GLN B 154 5.99 7.23 -35.77
N ARG B 155 4.93 6.78 -36.43
CA ARG B 155 3.99 5.84 -35.83
C ARG B 155 3.87 4.50 -36.57
N LEU B 156 3.42 3.47 -35.87
CA LEU B 156 3.27 2.15 -36.47
C LEU B 156 1.80 1.77 -36.66
N ASP B 157 0.87 2.56 -36.12
CA ASP B 157 -0.57 2.30 -36.29
C ASP B 157 -1.11 2.67 -37.68
N LYS B 158 -0.46 3.67 -38.30
CA LYS B 158 -0.76 4.17 -39.66
C LYS B 158 0.45 4.95 -40.20
N PHE B 159 0.60 5.00 -41.54
CA PHE B 159 1.69 5.75 -42.18
C PHE B 159 1.30 7.21 -42.35
N GLN B 160 1.83 8.05 -41.46
CA GLN B 160 1.38 9.43 -41.25
C GLN B 160 2.61 10.32 -41.08
N PRO B 161 3.24 10.69 -42.22
CA PRO B 161 4.48 11.48 -42.23
C PRO B 161 4.19 12.97 -41.98
N THR B 162 4.97 13.59 -41.08
CA THR B 162 4.86 15.02 -40.76
C THR B 162 6.23 15.57 -40.39
N TYR B 163 6.31 16.90 -40.27
CA TYR B 163 7.38 17.59 -39.57
C TYR B 163 7.33 17.26 -38.08
N THR B 164 8.46 17.49 -37.41
CA THR B 164 8.61 17.23 -35.99
C THR B 164 9.03 18.52 -35.32
N THR B 165 8.95 18.48 -33.98
CA THR B 165 9.09 19.66 -33.12
C THR B 165 10.12 19.35 -31.99
N GLY B 166 10.87 20.35 -31.56
CA GLY B 166 11.76 20.18 -30.44
C GLY B 166 12.99 21.06 -30.44
N SER B 167 13.80 20.88 -29.40
CA SER B 167 15.02 21.63 -29.19
C SER B 167 16.25 20.83 -29.66
N PHE B 168 17.32 21.58 -29.93
CA PHE B 168 18.54 20.97 -30.46
C PHE B 168 19.79 21.70 -30.09
N GLN B 169 20.91 21.00 -30.30
CA GLN B 169 22.24 21.56 -30.17
C GLN B 169 22.92 21.39 -31.53
N LEU B 170 23.44 22.48 -32.05
CA LEU B 170 24.18 22.48 -33.31
C LEU B 170 25.66 22.79 -33.06
N ILE B 171 26.51 21.90 -33.56
CA ILE B 171 27.96 22.06 -33.46
C ILE B 171 28.47 22.37 -34.90
N LEU B 172 29.16 23.50 -35.04
CA LEU B 172 29.65 23.98 -36.33
C LEU B 172 31.17 24.01 -36.32
N GLY B 173 31.78 23.47 -37.38
CA GLY B 173 33.24 23.31 -37.48
C GLY B 173 33.78 23.81 -38.81
N LEU B 174 34.85 24.61 -38.75
CA LEU B 174 35.51 25.12 -39.93
C LEU B 174 36.90 24.51 -39.92
N ASN B 175 37.12 23.56 -40.83
CA ASN B 175 38.36 22.77 -40.94
C ASN B 175 38.65 21.99 -39.65
N ALA B 176 37.59 21.53 -38.97
CA ALA B 176 37.67 20.82 -37.69
C ALA B 176 36.95 19.45 -37.78
N PRO B 177 37.66 18.40 -38.25
CA PRO B 177 37.13 17.03 -38.32
C PRO B 177 36.50 16.41 -37.06
N GLN B 178 36.88 16.85 -35.86
CA GLN B 178 36.28 16.30 -34.62
C GLN B 178 34.77 16.56 -34.47
N VAL B 179 34.23 17.52 -35.21
CA VAL B 179 32.79 17.84 -35.17
C VAL B 179 31.94 16.66 -35.66
N ILE B 180 32.35 15.95 -36.71
CA ILE B 180 31.62 14.74 -37.16
C ILE B 180 31.95 13.48 -36.34
N SER B 181 32.81 13.62 -35.34
CA SER B 181 33.15 12.54 -34.42
C SER B 181 32.29 12.55 -33.13
N GLY B 182 31.33 13.46 -33.05
CA GLY B 182 30.48 13.61 -31.91
C GLY B 182 31.07 14.32 -30.71
N GLU B 183 32.16 15.06 -30.90
CA GLU B 183 32.85 15.80 -29.83
C GLU B 183 32.97 17.24 -30.28
N GLY B 184 32.34 18.16 -29.56
CA GLY B 184 32.32 19.57 -29.94
C GLY B 184 32.70 20.50 -28.81
N GLU B 185 33.80 21.23 -28.98
CA GLU B 185 34.19 22.26 -28.04
C GLU B 185 34.37 23.58 -28.81
N PRO B 186 33.77 24.69 -28.32
CA PRO B 186 34.01 26.00 -28.92
C PRO B 186 35.50 26.28 -29.03
N GLU B 187 36.02 26.53 -30.23
CA GLU B 187 37.51 26.58 -30.41
C GLU B 187 38.33 27.92 -30.80
N GLY B 188 37.87 28.73 -31.77
CA GLY B 188 38.58 29.91 -32.34
C GLY B 188 37.64 31.10 -32.54
N GLU B 189 37.85 31.84 -33.64
CA GLU B 189 37.10 33.06 -33.94
C GLU B 189 35.67 32.76 -34.43
N VAL B 190 34.74 33.69 -34.13
CA VAL B 190 33.37 33.65 -34.65
C VAL B 190 33.40 33.83 -36.18
N PHE B 191 32.71 32.94 -36.90
CA PHE B 191 32.47 33.06 -38.33
C PHE B 191 30.98 33.04 -38.71
N ALA B 192 30.07 32.78 -37.76
CA ALA B 192 28.66 32.60 -38.06
C ALA B 192 27.73 33.10 -36.96
N SER B 193 26.54 33.53 -37.36
CA SER B 193 25.43 33.90 -36.44
C SER B 193 24.01 33.94 -37.08
N LEU B 194 22.97 34.23 -36.28
CA LEU B 194 21.58 34.02 -36.68
C LEU B 194 21.14 34.99 -37.78
N ALA B 195 20.79 34.47 -38.95
CA ALA B 195 20.09 35.30 -39.97
C ALA B 195 18.62 35.49 -39.61
N LYS B 200 11.56 37.77 -42.65
CA LYS B 200 10.60 37.04 -43.43
C LYS B 200 9.45 36.78 -42.46
N PRO B 201 8.18 36.86 -42.94
CA PRO B 201 6.94 36.66 -42.15
C PRO B 201 6.26 35.25 -42.15
N GLU B 202 5.65 34.89 -41.02
CA GLU B 202 4.88 33.63 -40.84
C GLU B 202 3.54 33.91 -40.11
N ALA B 203 2.45 33.71 -40.84
CA ALA B 203 1.10 34.09 -40.39
C ALA B 203 0.34 32.95 -39.68
N HIS B 204 -0.18 33.24 -38.48
CA HIS B 204 -1.05 32.33 -37.73
C HIS B 204 -2.06 33.17 -36.96
N VAL B 205 -3.36 32.95 -37.15
CA VAL B 205 -4.35 33.73 -36.42
C VAL B 205 -5.54 32.85 -36.06
N GLN B 206 -6.18 33.19 -34.94
CA GLN B 206 -7.35 32.49 -34.39
C GLN B 206 -8.25 33.41 -33.60
N GLU B 207 -9.48 32.99 -33.32
CA GLU B 207 -10.36 33.65 -32.39
C GLU B 207 -11.03 32.56 -31.57
N LEU B 208 -11.66 32.94 -30.46
CA LEU B 208 -12.58 32.07 -29.69
C LEU B 208 -13.50 32.96 -28.85
N GLU B 209 -14.58 32.41 -28.31
CA GLU B 209 -15.52 33.14 -27.42
C GLU B 209 -15.18 33.10 -25.90
N ILE B 210 -14.96 34.26 -25.28
CA ILE B 210 -14.65 34.37 -23.86
C ILE B 210 -15.92 34.67 -23.07
N ARG B 211 -16.07 34.02 -21.91
CA ARG B 211 -17.26 34.07 -21.08
C ARG B 211 -16.87 34.28 -19.59
N LEU B 212 -16.74 35.53 -19.18
CA LEU B 212 -16.66 35.94 -17.76
C LEU B 212 -18.04 36.04 -17.16
N ASP B 213 -18.24 35.59 -15.92
CA ASP B 213 -19.55 35.61 -15.25
C ASP B 213 -19.41 35.61 -13.71
N LYS B 214 -20.53 35.49 -13.00
CA LYS B 214 -20.57 35.39 -11.53
C LYS B 214 -19.51 34.39 -11.00
N ASP B 215 -19.40 33.22 -11.65
CA ASP B 215 -18.47 32.13 -11.24
C ASP B 215 -16.96 32.32 -11.64
N THR B 216 -16.71 32.33 -12.95
CA THR B 216 -15.38 32.59 -13.50
C THR B 216 -15.18 34.07 -13.78
N ARG B 217 -14.67 34.83 -12.83
CA ARG B 217 -14.47 36.27 -13.02
C ARG B 217 -13.07 36.72 -13.54
N TYR B 218 -12.23 35.78 -13.94
CA TYR B 218 -10.90 36.08 -14.54
C TYR B 218 -10.43 34.95 -15.47
N LEU B 219 -9.62 35.27 -16.48
CA LEU B 219 -9.24 34.29 -17.47
C LEU B 219 -7.83 34.43 -18.02
N THR B 220 -7.25 33.32 -18.43
CA THR B 220 -5.94 33.27 -19.03
C THR B 220 -5.96 32.38 -20.29
N GLN B 221 -4.93 32.49 -21.11
CA GLN B 221 -4.70 31.57 -22.18
C GLN B 221 -3.20 31.54 -22.27
N HIS B 222 -2.70 30.31 -22.13
CA HIS B 222 -1.29 30.00 -22.38
C HIS B 222 -1.15 29.92 -23.90
N THR B 223 -0.23 30.70 -24.43
CA THR B 223 -0.01 30.83 -25.86
C THR B 223 1.04 29.83 -26.27
N ARG B 224 1.27 29.72 -27.60
CA ARG B 224 2.44 29.07 -28.22
C ARG B 224 3.79 29.78 -28.01
N ASN B 225 4.85 28.98 -28.07
CA ASN B 225 6.21 29.50 -27.92
C ASN B 225 6.58 30.37 -29.12
N LEU B 226 6.72 31.67 -28.87
CA LEU B 226 7.11 32.62 -29.91
C LEU B 226 8.59 32.48 -30.15
N GLN B 227 8.98 32.56 -31.43
CA GLN B 227 10.37 32.43 -31.84
C GLN B 227 11.04 33.76 -31.62
N PRO B 228 12.40 33.81 -31.58
CA PRO B 228 13.07 35.11 -31.43
C PRO B 228 12.62 36.12 -32.50
N GLY B 229 12.37 37.37 -32.10
CA GLY B 229 12.01 38.42 -33.06
C GLY B 229 10.74 38.21 -33.85
N ASP B 230 9.71 37.69 -33.19
CA ASP B 230 8.42 37.44 -33.80
C ASP B 230 7.34 38.25 -33.09
N THR B 231 6.41 38.79 -33.85
CA THR B 231 5.42 39.73 -33.30
C THR B 231 4.19 39.03 -32.70
N PHE B 232 3.29 39.82 -32.10
CA PHE B 232 2.05 39.32 -31.54
C PHE B 232 1.01 40.42 -31.46
N HIS B 233 -0.23 40.08 -31.84
CA HIS B 233 -1.37 41.02 -31.85
C HIS B 233 -2.55 40.41 -31.07
N ALA B 234 -3.26 41.24 -30.31
CA ALA B 234 -4.41 40.80 -29.52
C ALA B 234 -5.51 41.87 -29.40
N LEU B 235 -6.76 41.40 -29.35
CA LEU B 235 -7.93 42.28 -29.28
C LEU B 235 -9.11 41.63 -28.58
N VAL B 236 -9.81 42.40 -27.76
CA VAL B 236 -11.06 42.01 -27.12
C VAL B 236 -12.17 42.93 -27.60
N GLU B 237 -13.36 42.36 -27.87
CA GLU B 237 -14.55 43.14 -28.29
C GLU B 237 -15.83 42.63 -27.62
N PRO B 238 -16.59 43.52 -26.92
CA PRO B 238 -17.82 43.09 -26.24
C PRO B 238 -18.95 42.79 -27.26
N ILE B 239 -19.04 41.51 -27.63
CA ILE B 239 -20.08 40.96 -28.51
C ILE B 239 -21.51 41.02 -27.91
N GLY B 240 -21.65 41.00 -26.58
CA GLY B 240 -22.97 40.98 -25.96
C GLY B 240 -23.33 42.23 -25.22
N GLU B 241 -23.01 43.39 -25.81
CA GLU B 241 -23.08 44.75 -25.21
C GLU B 241 -22.72 44.83 -23.69
N ALA B 242 -21.61 44.17 -23.33
CA ALA B 242 -21.13 44.13 -21.94
C ALA B 242 -20.07 45.23 -21.65
N PRO B 243 -19.81 45.50 -20.35
CA PRO B 243 -18.79 46.51 -20.04
C PRO B 243 -17.36 46.14 -20.47
N LEU B 244 -16.54 47.16 -20.62
CA LEU B 244 -15.15 47.03 -21.16
C LEU B 244 -14.17 46.34 -20.19
N PRO B 245 -13.43 45.31 -20.68
CA PRO B 245 -12.48 44.55 -19.85
C PRO B 245 -11.01 45.02 -20.01
N ARG B 246 -10.18 44.70 -19.02
CA ARG B 246 -8.74 44.96 -19.11
C ARG B 246 -8.07 43.75 -19.74
N LEU B 247 -7.31 43.97 -20.79
CA LEU B 247 -6.48 42.94 -21.43
C LEU B 247 -5.03 43.17 -21.05
N ARG B 248 -4.29 42.09 -20.88
CA ARG B 248 -2.82 42.07 -20.65
C ARG B 248 -2.07 40.86 -21.20
N LEU B 249 -0.78 41.04 -21.49
CA LEU B 249 0.06 39.95 -21.85
C LEU B 249 1.07 39.78 -20.74
N THR B 250 1.38 38.55 -20.37
CA THR B 250 2.38 38.23 -19.33
C THR B 250 3.22 37.02 -19.78
N ASP B 251 4.34 36.79 -19.09
CA ASP B 251 5.24 35.65 -19.40
C ASP B 251 4.61 34.36 -18.87
N SER B 252 5.33 33.23 -18.92
CA SER B 252 4.77 31.98 -18.40
C SER B 252 4.59 32.06 -16.88
N GLY B 253 5.46 32.80 -16.20
CA GLY B 253 5.28 33.15 -14.79
C GLY B 253 4.40 34.38 -14.63
N GLY B 254 4.68 35.16 -13.60
CA GLY B 254 3.85 36.33 -13.32
C GLY B 254 4.23 37.57 -14.09
N LYS B 255 5.54 37.73 -14.35
CA LYS B 255 6.15 38.94 -14.90
C LYS B 255 5.43 39.30 -16.19
N PRO B 256 4.94 40.55 -16.30
CA PRO B 256 4.08 40.95 -17.42
C PRO B 256 4.84 41.65 -18.55
N LEU B 257 4.25 41.60 -19.74
CA LEU B 257 4.84 42.30 -20.89
C LEU B 257 4.10 43.51 -21.47
N ALA B 258 2.77 43.61 -21.31
CA ALA B 258 2.02 44.66 -22.03
C ALA B 258 0.65 45.09 -21.49
N PHE B 259 0.14 46.19 -22.08
CA PHE B 259 -1.27 46.66 -21.89
C PHE B 259 -2.13 46.70 -23.19
N GLY B 260 -3.30 46.05 -23.08
CA GLY B 260 -4.36 46.10 -24.06
C GLY B 260 -5.09 47.41 -23.96
N LEU B 261 -4.61 48.43 -24.70
CA LEU B 261 -5.18 49.79 -24.63
C LEU B 261 -6.60 49.90 -25.22
N ILE B 262 -7.39 50.87 -24.74
CA ILE B 262 -8.74 51.03 -25.22
C ILE B 262 -8.58 51.92 -26.47
N ASP B 263 -9.15 51.45 -27.58
CA ASP B 263 -8.84 51.98 -28.94
C ASP B 263 -9.48 53.36 -29.27
N GLN B 264 -9.16 53.91 -30.44
CA GLN B 264 -9.67 55.23 -30.85
C GLN B 264 -11.19 55.26 -30.95
N PRO B 265 -11.83 54.34 -31.74
CA PRO B 265 -13.30 54.14 -31.67
C PRO B 265 -13.90 54.14 -30.26
N GLY B 266 -13.24 53.43 -29.35
CA GLY B 266 -13.64 53.33 -27.95
C GLY B 266 -14.47 52.11 -27.54
N GLU B 267 -14.39 51.02 -28.32
CA GLU B 267 -15.05 49.73 -28.02
C GLU B 267 -14.15 48.47 -28.14
N SER B 268 -12.89 48.64 -28.59
CA SER B 268 -11.98 47.55 -28.86
C SER B 268 -10.76 47.68 -27.94
N VAL B 269 -10.25 46.54 -27.49
CA VAL B 269 -9.07 46.49 -26.60
C VAL B 269 -7.81 46.02 -27.36
N GLU B 270 -7.16 46.97 -28.07
CA GLU B 270 -5.99 46.70 -28.91
C GLU B 270 -4.72 46.46 -28.10
N LEU B 271 -3.92 45.47 -28.51
CA LEU B 271 -2.74 44.99 -27.77
C LEU B 271 -1.63 44.50 -28.70
N ASN B 272 -0.39 44.80 -28.35
CA ASN B 272 0.78 44.59 -29.22
C ASN B 272 2.03 44.20 -28.41
N TYR B 273 2.92 43.37 -29.00
CA TYR B 273 4.21 42.95 -28.41
C TYR B 273 5.06 42.15 -29.40
N THR B 274 6.38 42.22 -29.27
CA THR B 274 7.32 41.45 -30.10
C THR B 274 8.39 40.79 -29.22
N CYS B 275 8.79 39.59 -29.60
CA CYS B 275 9.65 38.76 -28.77
C CYS B 275 11.12 39.16 -28.85
N ASP B 276 11.68 39.57 -27.71
CA ASP B 276 13.12 39.95 -27.61
C ASP B 276 14.09 38.95 -26.91
N GLN B 277 13.61 38.18 -25.94
CA GLN B 277 14.46 37.11 -25.32
C GLN B 277 14.61 35.89 -26.25
N ASP B 278 15.35 34.88 -25.80
CA ASP B 278 15.64 33.64 -26.57
C ASP B 278 14.45 32.78 -27.00
N ILE B 279 13.57 32.47 -26.04
CA ILE B 279 12.24 31.97 -26.34
C ILE B 279 11.16 32.69 -25.48
N CYS B 280 10.07 33.02 -26.15
CA CYS B 280 8.93 33.66 -25.52
C CYS B 280 7.77 32.72 -25.19
N GLU B 281 7.59 32.44 -23.89
CA GLU B 281 6.35 31.74 -23.45
C GLU B 281 5.31 32.71 -22.91
N LEU B 282 4.20 32.80 -23.64
CA LEU B 282 3.21 33.87 -23.42
C LEU B 282 1.83 33.46 -22.91
N VAL B 283 1.24 34.36 -22.09
CA VAL B 283 -0.04 34.11 -21.42
C VAL B 283 -0.93 35.36 -21.46
N VAL B 284 -1.93 35.37 -22.33
CA VAL B 284 -2.89 36.47 -22.43
C VAL B 284 -3.86 36.45 -21.24
N HIS B 285 -4.04 37.61 -20.60
CA HIS B 285 -5.02 37.80 -19.52
C HIS B 285 -6.22 38.60 -19.99
N VAL B 286 -7.40 38.25 -19.48
CA VAL B 286 -8.64 39.00 -19.71
C VAL B 286 -9.29 39.26 -18.34
N ASP B 287 -9.02 40.45 -17.82
CA ASP B 287 -9.45 40.87 -16.46
C ASP B 287 -10.93 41.27 -16.43
N GLY B 288 -11.69 40.59 -15.59
CA GLY B 288 -13.14 40.76 -15.52
C GLY B 288 -13.72 41.09 -14.16
N THR B 289 -13.02 41.97 -13.44
CA THR B 289 -13.42 42.43 -12.11
C THR B 289 -14.11 43.81 -11.91
N ASP B 290 -13.85 44.71 -12.86
CA ASP B 290 -14.65 45.96 -12.93
C ASP B 290 -15.53 45.70 -14.16
N GLY B 291 -16.78 45.33 -13.87
CA GLY B 291 -17.74 44.92 -14.90
C GLY B 291 -19.09 44.96 -14.21
N GLN B 292 -20.08 44.31 -14.83
CA GLN B 292 -21.43 44.18 -14.25
C GLN B 292 -21.41 43.12 -13.15
N LYS B 293 -21.99 43.46 -11.99
CA LYS B 293 -21.95 42.58 -10.80
C LYS B 293 -22.79 41.35 -11.08
N ASP B 294 -22.21 40.15 -10.87
CA ASP B 294 -22.80 38.85 -11.23
C ASP B 294 -23.39 38.81 -12.65
N SER B 295 -22.61 39.22 -13.65
CA SER B 295 -23.05 39.29 -15.05
C SER B 295 -23.20 37.88 -15.69
N GLY B 296 -24.44 37.38 -15.72
CA GLY B 296 -24.73 36.01 -16.06
C GLY B 296 -24.16 35.69 -17.43
N GLU B 297 -24.51 36.54 -18.38
CA GLU B 297 -23.86 36.56 -19.70
C GLU B 297 -22.99 37.81 -19.85
N ALA B 298 -21.75 37.61 -20.24
CA ALA B 298 -20.87 38.66 -20.68
C ALA B 298 -20.22 37.83 -21.72
N VAL B 299 -20.22 38.30 -22.93
CA VAL B 299 -19.45 37.59 -23.96
C VAL B 299 -18.35 38.52 -24.44
N TYR B 300 -17.28 37.92 -24.97
CA TYR B 300 -16.19 38.64 -25.64
C TYR B 300 -15.61 37.83 -26.81
N ARG B 301 -15.19 38.54 -27.84
CA ARG B 301 -14.48 37.98 -28.99
C ARG B 301 -13.00 38.28 -28.84
N LEU B 302 -12.19 37.25 -28.57
CA LEU B 302 -10.75 37.41 -28.42
C LEU B 302 -10.02 37.10 -29.72
N LEU B 303 -9.52 38.16 -30.33
CA LEU B 303 -8.77 38.07 -31.57
C LEU B 303 -7.31 37.99 -31.20
N VAL B 304 -6.64 36.91 -31.60
CA VAL B 304 -5.21 36.74 -31.31
C VAL B 304 -4.49 36.15 -32.52
N GLY B 305 -3.33 36.72 -32.82
CA GLY B 305 -2.52 36.27 -33.95
C GLY B 305 -1.07 36.71 -33.87
N ILE B 306 -0.19 36.06 -34.66
CA ILE B 306 1.27 36.21 -34.53
C ILE B 306 1.90 37.29 -35.41
N ASN B 307 1.72 37.14 -36.73
CA ASN B 307 2.29 38.14 -37.69
C ASN B 307 1.45 39.16 -38.58
N ALA B 308 0.12 39.07 -38.74
CA ALA B 308 -0.63 39.94 -39.62
C ALA B 308 -1.52 40.83 -38.75
N PRO B 309 -1.42 42.19 -38.87
CA PRO B 309 -2.39 43.09 -38.20
C PRO B 309 -3.74 43.21 -38.94
N ASN B 310 -4.59 42.19 -38.80
CA ASN B 310 -5.87 42.15 -39.52
C ASN B 310 -7.03 42.25 -38.53
N LEU B 311 -8.01 43.11 -38.86
CA LEU B 311 -9.20 43.32 -38.00
C LEU B 311 -10.36 42.26 -38.02
N ARG B 312 -10.76 41.71 -39.18
CA ARG B 312 -11.51 40.46 -39.18
C ARG B 312 -10.95 39.57 -40.29
N GLU B 313 -10.38 38.43 -39.89
CA GLU B 313 -10.03 37.26 -40.78
C GLU B 313 -10.36 35.84 -40.19
N SER B 314 -9.96 34.75 -40.86
CA SER B 314 -9.66 33.42 -40.20
C SER B 314 -8.47 32.50 -40.41
N GLY B 315 -8.15 31.62 -39.44
CA GLY B 315 -7.06 30.63 -39.58
C GLY B 315 -6.03 31.00 -40.69
N SER B 321 -4.41 28.77 -41.47
CA SER B 321 -4.06 27.39 -41.41
C SER B 321 -4.33 26.66 -40.04
N SER B 322 -3.61 27.08 -38.98
CA SER B 322 -3.43 26.33 -37.75
C SER B 322 -3.67 27.27 -36.58
N VAL B 323 -3.93 26.67 -35.43
CA VAL B 323 -4.55 27.28 -34.23
C VAL B 323 -3.48 27.79 -33.27
N PHE B 324 -3.35 29.12 -33.17
CA PHE B 324 -2.26 29.84 -32.45
C PHE B 324 -2.37 30.15 -30.95
N LEU B 325 -3.43 29.65 -30.32
CA LEU B 325 -3.57 29.65 -28.87
C LEU B 325 -3.11 28.22 -28.63
N GLU B 326 -1.96 28.03 -27.98
CA GLU B 326 -1.52 26.62 -27.74
C GLU B 326 -2.44 25.91 -26.73
N SER B 327 -2.85 24.68 -27.04
CA SER B 327 -3.91 23.94 -26.30
C SER B 327 -3.42 22.81 -25.40
N ASP B 328 -4.02 22.63 -24.21
CA ASP B 328 -3.87 21.41 -23.42
C ASP B 328 -5.29 21.12 -22.94
N LEU B 329 -5.83 19.97 -23.26
CA LEU B 329 -7.25 19.84 -23.30
C LEU B 329 -7.54 18.40 -22.98
N VAL B 330 -8.41 18.15 -22.04
CA VAL B 330 -8.49 16.81 -21.57
C VAL B 330 -9.61 16.10 -22.23
N THR B 331 -9.32 15.10 -23.03
CA THR B 331 -10.46 14.31 -23.56
C THR B 331 -10.95 13.09 -22.71
N VAL B 332 -12.09 13.22 -22.02
CA VAL B 332 -12.60 12.11 -21.17
C VAL B 332 -13.61 11.18 -21.82
N GLY B 333 -13.40 9.91 -21.59
CA GLY B 333 -14.26 8.86 -22.08
C GLY B 333 -14.50 8.05 -20.85
N LEU B 334 -15.71 7.56 -20.69
CA LEU B 334 -15.99 6.55 -19.67
C LEU B 334 -16.97 5.54 -20.19
N ALA B 335 -16.91 4.32 -19.62
CA ALA B 335 -17.84 3.26 -19.96
C ALA B 335 -18.11 2.38 -18.77
N VAL B 336 -19.39 2.12 -18.50
CA VAL B 336 -19.80 1.12 -17.52
C VAL B 336 -19.85 -0.23 -18.22
N ASP B 337 -19.35 -1.28 -17.56
CA ASP B 337 -19.39 -2.65 -18.10
C ASP B 337 -20.10 -3.62 -17.20
N GLN B 338 -20.27 -3.29 -15.92
CA GLN B 338 -21.00 -4.10 -14.96
C GLN B 338 -21.69 -3.21 -13.91
N ILE B 339 -22.94 -3.52 -13.58
CA ILE B 339 -23.61 -3.02 -12.40
C ILE B 339 -23.58 -4.17 -11.42
N VAL B 340 -22.59 -4.14 -10.55
CA VAL B 340 -22.39 -5.24 -9.61
C VAL B 340 -23.53 -5.26 -8.60
N GLY B 341 -23.55 -4.23 -7.79
CA GLY B 341 -24.49 -4.08 -6.67
C GLY B 341 -25.36 -2.84 -6.84
N VAL B 342 -26.61 -2.88 -6.33
CA VAL B 342 -27.52 -1.74 -6.24
C VAL B 342 -28.17 -1.82 -4.88
N ASP B 343 -27.65 -1.04 -3.94
CA ASP B 343 -28.25 -0.97 -2.63
C ASP B 343 -29.44 -0.02 -2.67
N GLN B 344 -30.43 -0.33 -1.85
CA GLN B 344 -31.60 0.49 -1.78
C GLN B 344 -31.63 1.29 -0.53
N ARG B 345 -31.35 0.67 0.64
CA ARG B 345 -31.39 1.30 1.98
C ARG B 345 -30.36 2.44 2.10
N SER B 346 -29.11 2.07 1.83
CA SER B 346 -27.95 2.97 1.87
C SER B 346 -27.93 3.97 0.71
N GLU B 347 -28.70 3.68 -0.34
CA GLU B 347 -28.91 4.57 -1.50
C GLU B 347 -27.64 4.79 -2.32
N ASN B 348 -26.88 3.72 -2.47
CA ASN B 348 -25.65 3.69 -3.25
C ASN B 348 -25.72 2.55 -4.25
N PHE B 349 -24.73 2.45 -5.14
CA PHE B 349 -24.66 1.35 -6.09
C PHE B 349 -23.27 1.18 -6.64
N SER B 350 -22.99 0.01 -7.17
CA SER B 350 -21.61 -0.31 -7.56
C SER B 350 -21.50 -0.74 -9.00
N VAL B 351 -20.51 -0.14 -9.67
CA VAL B 351 -20.26 -0.43 -11.06
C VAL B 351 -18.79 -0.65 -11.36
N VAL B 352 -18.54 -1.47 -12.36
CA VAL B 352 -17.24 -1.67 -12.89
C VAL B 352 -17.25 -0.95 -14.22
N GLY B 353 -16.11 -0.35 -14.58
CA GLY B 353 -16.03 0.43 -15.79
C GLY B 353 -14.64 0.67 -16.33
N THR B 354 -14.52 1.74 -17.12
CA THR B 354 -13.26 2.12 -17.72
C THR B 354 -13.33 3.63 -17.98
N LEU B 355 -12.20 4.30 -17.74
CA LEU B 355 -12.14 5.76 -17.85
C LEU B 355 -10.87 6.12 -18.56
N LYS B 356 -10.99 6.83 -19.69
CA LYS B 356 -9.89 7.16 -20.58
C LYS B 356 -9.73 8.66 -20.73
N LEU B 357 -8.55 9.20 -20.40
CA LEU B 357 -8.24 10.61 -20.55
C LEU B 357 -7.10 10.75 -21.55
N SER B 358 -7.20 11.76 -22.39
CA SER B 358 -6.23 11.94 -23.47
C SER B 358 -6.08 13.42 -23.78
N TRP B 359 -4.85 13.78 -24.15
CA TRP B 359 -4.42 15.18 -24.17
C TRP B 359 -3.07 15.34 -24.85
N HIS B 360 -2.94 16.36 -25.70
CA HIS B 360 -1.69 16.64 -26.39
C HIS B 360 -0.83 17.49 -25.47
N ASP B 361 0.42 17.04 -25.23
CA ASP B 361 1.44 17.88 -24.59
C ASP B 361 2.66 17.86 -25.49
N PRO B 362 3.07 19.01 -26.02
CA PRO B 362 4.25 18.99 -26.88
C PRO B 362 5.43 18.55 -26.06
N LYS B 363 5.23 18.62 -24.75
CA LYS B 363 6.15 18.13 -23.81
C LYS B 363 6.15 16.62 -23.67
N LEU B 364 7.06 16.07 -22.87
CA LEU B 364 7.17 14.59 -22.81
C LEU B 364 7.30 14.05 -24.24
N GLY B 365 8.22 14.64 -25.00
CA GLY B 365 8.35 14.48 -26.46
C GLY B 365 9.26 13.32 -26.71
N PHE B 366 8.64 12.21 -26.98
CA PHE B 366 9.35 10.97 -27.03
C PHE B 366 9.95 10.71 -28.43
N SER B 367 11.09 11.34 -28.69
CA SER B 367 11.86 11.10 -29.90
C SER B 367 12.21 9.63 -30.00
N PRO B 368 11.79 8.93 -31.08
CA PRO B 368 12.06 7.49 -31.07
C PRO B 368 13.41 7.19 -31.63
N ASP B 369 14.45 7.86 -31.11
CA ASP B 369 15.80 7.45 -31.40
C ASP B 369 16.29 6.64 -30.20
N GLN B 370 15.89 7.08 -28.99
CA GLN B 370 16.19 6.35 -27.77
C GLN B 370 15.45 5.02 -27.75
N CYS B 371 14.20 4.99 -28.19
CA CYS B 371 13.46 3.76 -28.20
C CYS B 371 13.14 3.22 -29.55
N GLY B 372 13.53 1.98 -29.81
CA GLY B 372 13.23 1.37 -31.06
C GLY B 372 11.75 1.11 -31.02
N CYS B 373 10.94 2.18 -31.02
CA CYS B 373 9.49 2.05 -30.98
C CYS B 373 8.73 3.36 -31.14
N THR B 374 7.47 3.25 -31.53
CA THR B 374 6.62 4.43 -31.57
C THR B 374 6.00 4.81 -30.21
N VAL B 375 5.79 3.83 -29.30
CA VAL B 375 5.02 4.08 -28.08
C VAL B 375 5.59 3.41 -26.80
N LYS B 376 5.66 4.19 -25.72
CA LYS B 376 6.06 3.72 -24.41
C LYS B 376 4.91 3.94 -23.45
N SER B 377 4.85 3.10 -22.42
CA SER B 377 3.69 3.02 -21.50
C SER B 377 4.16 2.97 -20.05
N PHE B 378 3.29 3.29 -19.10
CA PHE B 378 3.60 3.18 -17.67
C PHE B 378 2.36 2.86 -16.81
N GLU B 379 2.56 2.22 -15.65
CA GLU B 379 1.49 1.89 -14.69
C GLU B 379 1.70 2.81 -13.49
N ASP B 380 0.92 2.62 -12.42
CA ASP B 380 0.55 3.63 -11.39
C ASP B 380 1.71 4.29 -10.62
N ALA B 381 2.48 3.47 -9.87
CA ALA B 381 3.59 3.94 -9.05
C ALA B 381 4.69 4.64 -9.87
N SER B 382 4.88 4.17 -11.12
CA SER B 382 5.85 4.75 -12.01
C SER B 382 5.39 6.11 -12.56
N ILE B 383 4.15 6.20 -13.03
CA ILE B 383 3.61 7.44 -13.60
C ILE B 383 3.56 8.56 -12.52
N ARG B 384 2.88 8.31 -11.40
CA ARG B 384 2.66 9.37 -10.39
C ARG B 384 4.03 9.85 -9.82
N ALA B 385 5.01 8.94 -9.70
CA ALA B 385 6.35 9.29 -9.21
C ALA B 385 7.31 9.74 -10.31
N VAL B 386 7.60 8.85 -11.26
CA VAL B 386 8.63 9.07 -12.31
C VAL B 386 8.17 10.10 -13.38
N ALA B 387 6.88 10.25 -13.67
CA ALA B 387 6.44 11.32 -14.58
C ALA B 387 6.47 12.68 -13.90
N GLY B 388 6.38 12.67 -12.56
CA GLY B 388 6.55 13.87 -11.73
C GLY B 388 8.00 14.22 -11.45
N GLU B 389 8.95 13.58 -12.16
CA GLU B 389 10.38 13.84 -12.07
C GLU B 389 10.75 15.14 -12.78
N ILE B 390 10.05 15.45 -13.88
CA ILE B 390 10.32 16.72 -14.62
C ILE B 390 9.61 17.91 -13.94
N ASN B 391 8.61 17.58 -13.10
CA ASN B 391 7.69 18.50 -12.42
C ASN B 391 6.94 19.38 -13.42
N LEU B 392 6.45 18.75 -14.48
CA LEU B 392 5.45 19.36 -15.32
C LEU B 392 4.14 18.74 -14.84
N PRO B 393 3.03 19.47 -15.03
CA PRO B 393 1.79 19.12 -14.37
C PRO B 393 1.07 18.00 -15.11
N LEU B 394 0.28 17.27 -14.33
CA LEU B 394 -0.62 16.25 -14.84
C LEU B 394 -2.05 16.43 -14.39
N PRO B 395 -3.01 16.19 -15.31
CA PRO B 395 -4.45 16.31 -15.02
C PRO B 395 -4.97 15.25 -14.06
N SER B 396 -5.16 15.63 -12.80
CA SER B 396 -5.66 14.74 -11.76
C SER B 396 -7.17 14.70 -11.93
N PHE B 397 -7.80 13.73 -11.27
CA PHE B 397 -9.23 13.50 -11.37
C PHE B 397 -9.79 12.70 -10.20
N SER B 398 -11.07 12.90 -9.94
CA SER B 398 -11.71 12.34 -8.79
C SER B 398 -13.14 11.97 -9.14
N PHE B 399 -13.62 10.83 -8.66
CA PHE B 399 -15.01 10.47 -8.80
C PHE B 399 -15.69 11.15 -7.63
N TYR B 400 -16.39 12.25 -7.91
CA TYR B 400 -17.02 13.13 -6.90
C TYR B 400 -17.85 12.35 -5.87
N ASN B 401 -18.84 11.65 -6.42
CA ASN B 401 -19.87 10.95 -5.64
C ASN B 401 -19.47 9.51 -5.36
N GLN B 402 -18.16 9.27 -5.29
CA GLN B 402 -17.60 8.01 -4.81
C GLN B 402 -17.80 7.84 -3.33
N GLN B 403 -18.18 6.64 -2.91
CA GLN B 403 -18.24 6.29 -1.50
C GLN B 403 -17.19 5.22 -1.27
N GLY B 404 -16.52 5.28 -0.14
CA GLY B 404 -15.45 4.34 0.15
C GLY B 404 -14.23 4.50 -0.76
N ASN B 405 -13.79 3.38 -1.32
CA ASN B 405 -12.59 3.27 -2.16
C ASN B 405 -12.94 2.94 -3.63
N ARG B 406 -12.02 3.29 -4.53
CA ARG B 406 -12.11 2.91 -5.96
C ARG B 406 -11.14 1.75 -6.22
N TRP B 407 -11.67 0.61 -6.63
CA TRP B 407 -10.84 -0.54 -6.85
C TRP B 407 -10.24 -0.54 -8.27
N SER B 408 -9.05 0.02 -8.35
CA SER B 408 -8.37 0.25 -9.61
C SER B 408 -7.59 -0.99 -10.01
N GLN B 409 -7.99 -1.63 -11.13
CA GLN B 409 -7.28 -2.85 -11.56
C GLN B 409 -5.98 -2.61 -12.31
N ASN B 410 -6.04 -1.84 -13.39
CA ASN B 410 -4.82 -1.40 -14.09
C ASN B 410 -4.94 0.12 -14.31
N GLN B 411 -3.87 0.85 -14.05
CA GLN B 411 -3.84 2.26 -14.27
C GLN B 411 -2.65 2.26 -15.17
N VAL B 412 -2.88 2.07 -16.46
CA VAL B 412 -1.81 2.12 -17.47
C VAL B 412 -1.97 3.40 -18.36
N ILE B 413 -0.85 4.00 -18.76
CA ILE B 413 -0.82 5.25 -19.54
C ILE B 413 0.26 5.25 -20.62
N PHE B 414 -0.19 5.52 -21.85
CA PHE B 414 0.65 5.47 -23.05
C PHE B 414 0.95 6.88 -23.57
N VAL B 415 2.14 6.97 -24.21
CA VAL B 415 2.60 8.21 -24.85
C VAL B 415 3.29 8.08 -26.17
N THR B 416 2.92 8.96 -27.09
CA THR B 416 3.54 9.01 -28.44
C THR B 416 4.69 9.98 -28.53
N PRO B 417 5.54 9.85 -29.57
CA PRO B 417 6.65 10.75 -29.76
C PRO B 417 5.98 12.12 -29.80
N ASP B 418 4.93 12.24 -30.61
CA ASP B 418 4.06 13.43 -30.77
C ASP B 418 3.75 14.25 -29.42
N GLY B 419 3.52 13.38 -28.44
CA GLY B 419 3.29 13.76 -27.06
C GLY B 419 1.77 13.73 -26.99
N ARG B 420 1.18 12.56 -27.27
CA ARG B 420 -0.25 12.34 -27.08
C ARG B 420 -0.39 11.41 -25.91
N ALA B 421 -0.91 11.95 -24.81
CA ALA B 421 -1.14 11.20 -23.59
C ALA B 421 -2.48 10.52 -23.73
N SER B 422 -2.57 9.29 -23.20
CA SER B 422 -3.79 8.51 -23.28
C SER B 422 -3.72 7.72 -22.02
N TYR B 423 -4.53 8.08 -21.06
CA TYR B 423 -4.60 7.32 -19.86
C TYR B 423 -6.01 6.77 -19.77
N PHE B 424 -6.05 5.44 -19.70
CA PHE B 424 -7.26 4.79 -19.25
C PHE B 424 -7.05 3.96 -18.02
N GLU B 425 -8.12 3.80 -17.23
CA GLU B 425 -8.12 3.05 -15.98
C GLU B 425 -9.39 2.21 -15.86
N ARG B 426 -9.23 0.89 -15.77
CA ARG B 426 -10.40 0.03 -15.47
C ARG B 426 -10.54 0.08 -13.96
N PHE B 427 -11.78 0.17 -13.50
CA PHE B 427 -12.08 0.41 -12.09
C PHE B 427 -13.26 -0.33 -11.50
N THR B 428 -13.27 -0.51 -10.18
CA THR B 428 -14.48 -0.83 -9.41
C THR B 428 -14.84 0.26 -8.38
N VAL B 429 -16.07 0.73 -8.49
CA VAL B 429 -16.57 1.85 -7.68
C VAL B 429 -17.88 1.61 -7.00
N THR B 430 -18.04 2.23 -5.83
CA THR B 430 -19.32 2.43 -5.20
C THR B 430 -19.68 3.89 -5.26
N LEU B 431 -20.86 4.17 -5.79
CA LEU B 431 -21.32 5.51 -6.05
C LEU B 431 -22.59 5.85 -5.32
N GLN B 432 -22.72 7.12 -4.93
CA GLN B 432 -23.91 7.63 -4.26
C GLN B 432 -24.99 7.98 -5.28
N ALA B 433 -26.23 7.66 -4.91
CA ALA B 433 -27.40 8.04 -5.68
C ALA B 433 -28.29 8.73 -4.64
N PRO B 434 -28.19 10.02 -4.58
CA PRO B 434 -29.03 10.80 -3.67
C PRO B 434 -30.34 11.16 -4.27
N ASP B 435 -30.49 11.00 -5.62
CA ASP B 435 -31.78 11.07 -6.36
C ASP B 435 -32.47 9.71 -6.65
N PHE B 436 -32.80 9.13 -5.51
CA PHE B 436 -33.60 7.97 -5.37
C PHE B 436 -34.93 8.47 -4.87
N ASP B 437 -35.97 8.38 -5.70
CA ASP B 437 -37.31 8.72 -5.30
C ASP B 437 -37.98 7.37 -5.15
N PHE B 438 -38.41 7.01 -3.93
CA PHE B 438 -39.04 5.75 -3.67
C PHE B 438 -40.55 5.83 -3.73
N LEU B 439 -41.08 6.93 -4.24
CA LEU B 439 -42.54 7.13 -4.11
C LEU B 439 -43.29 6.31 -5.10
N ALA B 440 -42.82 6.38 -6.34
CA ALA B 440 -43.33 5.57 -7.48
C ALA B 440 -43.24 4.03 -7.34
N TYR B 441 -42.62 3.54 -6.26
CA TYR B 441 -42.36 2.11 -6.02
C TYR B 441 -43.58 1.21 -5.96
N PRO B 442 -43.54 0.05 -6.65
CA PRO B 442 -42.37 -0.50 -7.36
C PRO B 442 -42.30 -0.12 -8.86
N PHE B 443 -42.99 0.93 -9.24
CA PHE B 443 -43.08 1.40 -10.60
C PHE B 443 -42.09 2.51 -10.90
N ASP B 444 -41.03 2.57 -10.07
CA ASP B 444 -40.06 3.70 -9.98
C ASP B 444 -38.88 3.68 -10.93
N ARG B 445 -38.54 4.87 -11.42
CA ARG B 445 -37.39 5.10 -12.27
C ARG B 445 -36.38 5.90 -11.44
N GLN B 446 -35.09 5.81 -11.77
CA GLN B 446 -34.05 6.46 -10.98
C GLN B 446 -32.91 6.97 -11.85
N LYS B 447 -32.05 7.80 -11.22
CA LYS B 447 -30.84 8.31 -11.87
C LYS B 447 -29.61 7.72 -11.17
N PHE B 448 -28.83 6.90 -11.89
CA PHE B 448 -27.53 6.47 -11.38
C PHE B 448 -26.48 7.26 -12.09
N SER B 449 -25.70 8.04 -11.35
CA SER B 449 -24.71 8.94 -11.93
C SER B 449 -23.26 8.57 -11.57
N ILE B 450 -22.34 9.01 -12.41
CA ILE B 450 -20.92 8.77 -12.23
C ILE B 450 -20.20 10.08 -12.54
N LYS B 451 -20.28 10.97 -11.59
CA LYS B 451 -19.71 12.28 -11.73
C LYS B 451 -18.19 12.23 -11.52
N VAL B 452 -17.46 12.55 -12.58
CA VAL B 452 -16.00 12.58 -12.52
C VAL B 452 -15.29 13.94 -12.83
N ASP B 453 -15.00 14.64 -11.73
CA ASP B 453 -14.30 15.94 -11.72
C ASP B 453 -12.80 15.79 -12.01
N LEU B 454 -12.16 16.92 -12.25
CA LEU B 454 -10.72 17.08 -12.15
C LEU B 454 -10.43 17.51 -10.74
N ALA B 455 -9.24 17.22 -10.25
CA ALA B 455 -8.84 17.74 -8.92
C ALA B 455 -8.25 19.12 -9.08
N VAL B 456 -7.50 19.28 -10.15
CA VAL B 456 -6.96 20.57 -10.56
C VAL B 456 -8.03 21.49 -11.16
N PRO B 457 -7.83 22.82 -11.05
CA PRO B 457 -8.69 23.77 -11.71
C PRO B 457 -8.48 23.88 -13.23
N THR B 458 -9.25 24.78 -13.83
CA THR B 458 -9.20 25.05 -15.28
C THR B 458 -8.22 26.18 -15.66
N ASN B 459 -7.37 26.57 -14.72
CA ASN B 459 -6.14 27.31 -15.05
C ASN B 459 -5.14 26.40 -15.74
N MET B 460 -5.25 25.12 -15.39
CA MET B 460 -4.50 23.97 -15.89
C MET B 460 -5.18 23.04 -16.96
N PHE B 461 -6.33 22.47 -16.59
CA PHE B 461 -6.98 21.45 -17.39
C PHE B 461 -8.51 21.51 -17.37
N ILE B 462 -9.07 21.12 -18.51
CA ILE B 462 -10.50 21.08 -18.77
C ILE B 462 -10.70 19.84 -19.61
N PHE B 463 -11.82 19.14 -19.49
CA PHE B 463 -12.19 18.16 -20.48
C PHE B 463 -13.10 19.11 -21.30
N ASN B 464 -12.97 19.11 -22.63
CA ASN B 464 -13.94 19.66 -23.59
C ASN B 464 -14.81 18.82 -24.60
N GLU B 465 -14.17 17.71 -24.95
CA GLU B 465 -14.78 16.76 -25.90
C GLU B 465 -14.91 15.33 -25.40
N ILE B 466 -16.11 14.77 -25.42
CA ILE B 466 -16.32 13.38 -25.02
C ILE B 466 -16.04 12.39 -26.18
N GLU B 467 -15.12 11.45 -25.97
CA GLU B 467 -14.93 10.36 -26.90
C GLU B 467 -15.63 9.15 -26.35
N ARG B 468 -16.47 8.51 -27.16
CA ARG B 468 -17.09 7.23 -26.79
C ARG B 468 -16.12 6.18 -27.19
N PHE B 469 -15.17 5.80 -26.32
CA PHE B 469 -14.14 4.85 -26.71
C PHE B 469 -14.62 3.38 -26.77
N GLN B 470 -15.71 3.09 -26.07
CA GLN B 470 -16.56 1.94 -26.35
C GLN B 470 -17.99 2.23 -25.82
N GLN B 471 -18.93 1.33 -26.08
CA GLN B 471 -20.31 1.64 -25.78
C GLN B 471 -20.47 1.77 -24.27
N VAL B 472 -21.21 2.80 -23.92
CA VAL B 472 -21.32 3.25 -22.56
C VAL B 472 -21.97 2.21 -21.69
N VAL B 473 -23.06 1.66 -22.18
CA VAL B 473 -23.75 0.65 -21.41
C VAL B 473 -23.42 -0.71 -22.02
N GLY B 474 -22.74 -1.57 -21.25
CA GLY B 474 -22.30 -2.86 -21.74
C GLY B 474 -23.50 -3.72 -22.02
N ASP B 475 -23.35 -4.63 -22.98
CA ASP B 475 -24.38 -5.61 -23.29
C ASP B 475 -24.74 -6.38 -22.02
N GLN B 476 -23.71 -6.84 -21.31
CA GLN B 476 -23.90 -7.74 -20.18
C GLN B 476 -23.57 -7.06 -18.85
N LEU B 477 -24.49 -6.24 -18.37
CA LEU B 477 -24.32 -5.51 -17.11
C LEU B 477 -24.31 -6.49 -15.95
N GLY B 478 -25.22 -7.44 -15.99
CA GLY B 478 -25.33 -8.47 -14.96
C GLY B 478 -26.20 -8.14 -13.76
N GLU B 479 -27.20 -7.27 -13.95
CA GLU B 479 -28.18 -6.96 -12.89
C GLU B 479 -29.61 -7.20 -13.37
N GLU B 480 -30.42 -7.79 -12.50
CA GLU B 480 -31.75 -8.27 -12.88
C GLU B 480 -32.94 -7.56 -12.29
N GLU B 481 -32.75 -6.73 -11.27
CA GLU B 481 -33.87 -6.02 -10.62
C GLU B 481 -34.20 -4.71 -11.38
N TRP B 482 -33.14 -4.06 -11.87
CA TRP B 482 -33.20 -2.87 -12.74
C TRP B 482 -32.64 -3.17 -14.13
N VAL B 483 -33.15 -2.46 -15.14
CA VAL B 483 -32.43 -2.33 -16.42
C VAL B 483 -32.47 -0.90 -16.93
N VAL B 484 -31.37 -0.54 -17.57
CA VAL B 484 -31.13 0.82 -18.02
C VAL B 484 -32.04 1.13 -19.19
N THR B 485 -32.61 2.34 -19.17
CA THR B 485 -33.49 2.92 -20.20
C THR B 485 -32.71 3.77 -21.20
N SER B 486 -31.92 4.69 -20.68
CA SER B 486 -31.18 5.62 -21.53
C SER B 486 -30.02 6.08 -20.71
N TYR B 487 -28.94 6.49 -21.39
CA TYR B 487 -27.76 7.03 -20.70
C TYR B 487 -27.54 8.50 -21.03
N SER B 488 -26.62 9.16 -20.33
CA SER B 488 -26.35 10.56 -20.53
C SER B 488 -24.91 10.69 -20.15
N GLN B 489 -24.14 11.29 -21.04
CA GLN B 489 -22.77 11.70 -20.75
C GLN B 489 -22.72 13.19 -21.15
N GLU B 490 -22.11 14.03 -20.30
CA GLU B 490 -22.21 15.50 -20.44
C GLU B 490 -21.25 16.20 -19.47
N ILE B 491 -20.61 17.28 -19.94
CA ILE B 491 -19.62 18.02 -19.16
C ILE B 491 -20.26 19.27 -18.58
N THR B 492 -19.79 19.69 -17.40
CA THR B 492 -20.28 20.85 -16.65
C THR B 492 -18.97 21.43 -16.11
N GLU B 493 -19.04 22.59 -15.47
CA GLU B 493 -17.90 23.19 -14.79
C GLU B 493 -18.39 23.62 -13.41
N VAL B 494 -17.61 23.38 -12.37
CA VAL B 494 -18.09 23.47 -11.00
C VAL B 494 -17.18 24.33 -10.15
N PRO B 495 -17.76 25.09 -9.22
CA PRO B 495 -16.95 25.91 -8.35
C PRO B 495 -16.13 25.06 -7.41
N PHE B 496 -14.86 25.41 -7.26
CA PHE B 496 -14.05 24.88 -6.19
C PHE B 496 -13.32 26.01 -5.49
N GLU B 497 -13.04 25.82 -4.23
CA GLU B 497 -12.32 26.81 -3.39
C GLU B 497 -13.13 28.11 -3.47
N ARG B 498 -12.50 29.21 -3.77
CA ARG B 498 -13.22 30.44 -4.02
C ARG B 498 -12.82 30.92 -5.39
N GLY B 499 -13.84 31.19 -6.20
CA GLY B 499 -13.64 31.71 -7.54
C GLY B 499 -12.76 30.84 -8.40
N SER B 500 -12.93 29.53 -8.30
CA SER B 500 -12.17 28.63 -9.18
C SER B 500 -13.05 27.52 -9.67
N THR B 501 -12.90 27.17 -10.94
CA THR B 501 -13.84 26.24 -11.59
C THR B 501 -13.05 25.06 -12.08
N ASN B 502 -13.60 23.84 -11.98
CA ASN B 502 -13.00 22.61 -12.50
C ASN B 502 -14.09 21.85 -13.27
N SER B 503 -13.68 21.18 -14.33
CA SER B 503 -14.60 20.38 -15.14
C SER B 503 -15.16 19.18 -14.37
N ARG B 504 -16.39 18.77 -14.72
CA ARG B 504 -17.06 17.58 -14.17
C ARG B 504 -17.70 16.74 -15.29
N PHE B 505 -17.26 15.52 -15.46
CA PHE B 505 -17.77 14.66 -16.50
C PHE B 505 -18.82 13.84 -15.79
N THR B 506 -20.04 14.30 -15.96
CA THR B 506 -21.26 13.72 -15.39
C THR B 506 -21.67 12.62 -16.37
N THR B 507 -21.59 11.36 -15.93
CA THR B 507 -22.00 10.19 -16.74
C THR B 507 -23.20 9.41 -16.14
N THR B 508 -24.37 9.85 -16.57
CA THR B 508 -25.66 9.41 -15.98
C THR B 508 -26.58 8.38 -16.72
N LEU B 509 -26.77 7.23 -16.05
CA LEU B 509 -27.72 6.21 -16.49
C LEU B 509 -29.08 6.52 -15.89
N LEU B 510 -30.10 6.47 -16.72
CA LEU B 510 -31.47 6.53 -16.24
C LEU B 510 -31.95 5.09 -16.25
N VAL B 511 -32.69 4.73 -15.20
CA VAL B 511 -33.04 3.34 -14.95
C VAL B 511 -34.49 3.19 -14.61
N LYS B 512 -35.11 2.05 -15.00
CA LYS B 512 -36.47 1.65 -14.58
C LYS B 512 -36.50 0.23 -14.00
N ARG B 513 -37.44 -0.02 -13.09
CA ARG B 513 -37.48 -1.29 -12.38
C ARG B 513 -38.29 -2.41 -13.10
N ASN B 514 -37.68 -3.60 -13.07
CA ASN B 514 -38.32 -4.83 -13.51
C ASN B 514 -39.40 -5.12 -12.53
N LEU B 515 -40.63 -5.09 -13.05
CA LEU B 515 -41.91 -5.26 -12.34
C LEU B 515 -42.48 -6.70 -12.42
N GLU B 516 -41.71 -7.60 -13.01
CA GLU B 516 -42.23 -8.90 -13.36
C GLU B 516 -42.24 -9.68 -12.07
N TYR B 517 -41.20 -9.51 -11.25
CA TYR B 517 -41.21 -10.03 -9.88
C TYR B 517 -42.39 -9.45 -9.11
N TYR B 518 -42.52 -8.13 -9.13
CA TYR B 518 -43.53 -7.43 -8.37
C TYR B 518 -44.94 -7.78 -8.78
N ILE B 519 -45.16 -8.10 -10.05
CA ILE B 519 -46.49 -8.47 -10.51
C ILE B 519 -46.82 -9.91 -10.05
N LEU B 520 -45.90 -10.85 -10.30
CA LEU B 520 -46.18 -12.23 -9.95
C LEU B 520 -46.13 -12.66 -8.49
N ARG B 521 -45.33 -12.01 -7.66
CA ARG B 521 -45.29 -12.31 -6.23
C ARG B 521 -46.00 -11.28 -5.28
N ILE B 522 -46.52 -10.19 -5.79
CA ILE B 522 -47.22 -9.26 -4.92
C ILE B 522 -48.60 -8.93 -5.41
N PHE B 523 -48.69 -8.66 -6.68
CA PHE B 523 -49.94 -8.15 -7.28
C PHE B 523 -51.08 -9.12 -7.56
N VAL B 524 -50.77 -10.25 -8.22
CA VAL B 524 -51.79 -11.33 -8.41
C VAL B 524 -52.29 -11.98 -7.09
N PRO B 525 -51.34 -12.14 -6.14
CA PRO B 525 -51.76 -12.65 -4.84
C PRO B 525 -52.79 -11.67 -4.31
N LEU B 526 -52.47 -10.40 -4.21
CA LEU B 526 -53.41 -9.34 -3.74
C LEU B 526 -54.81 -9.40 -4.39
N PHE B 527 -54.77 -9.55 -5.71
CA PHE B 527 -55.95 -9.65 -6.55
C PHE B 527 -56.69 -10.88 -6.06
N LEU B 528 -55.98 -12.00 -5.92
CA LEU B 528 -56.64 -13.23 -5.44
C LEU B 528 -57.36 -13.04 -4.07
N ILE B 529 -56.69 -12.32 -3.17
CA ILE B 529 -57.15 -12.24 -1.78
C ILE B 529 -58.33 -11.32 -1.77
N ILE B 530 -58.26 -10.21 -2.50
CA ILE B 530 -59.42 -9.31 -2.53
C ILE B 530 -60.59 -9.94 -3.33
N SER B 531 -60.24 -10.82 -4.28
CA SER B 531 -61.26 -11.57 -5.04
C SER B 531 -62.11 -12.45 -4.11
N VAL B 532 -61.45 -12.98 -3.08
CA VAL B 532 -62.14 -13.81 -2.10
C VAL B 532 -63.17 -12.96 -1.39
N SER B 533 -62.78 -11.76 -0.95
CA SER B 533 -63.76 -10.90 -0.28
C SER B 533 -64.96 -10.59 -1.16
N TRP B 534 -64.76 -10.52 -2.44
CA TRP B 534 -65.83 -10.25 -3.33
C TRP B 534 -66.84 -11.42 -3.43
N VAL B 535 -66.26 -12.59 -3.69
CA VAL B 535 -67.00 -13.82 -3.99
C VAL B 535 -67.80 -14.32 -2.77
N ILE B 536 -67.32 -14.06 -1.56
CA ILE B 536 -68.10 -14.42 -0.38
C ILE B 536 -69.46 -13.70 -0.36
N PHE B 537 -69.58 -12.47 -0.83
CA PHE B 537 -70.92 -11.87 -0.93
C PHE B 537 -71.94 -12.66 -1.76
N PHE B 538 -71.50 -13.40 -2.78
CA PHE B 538 -72.37 -14.33 -3.51
C PHE B 538 -73.13 -15.30 -2.62
N LEU B 539 -72.44 -15.87 -1.63
CA LEU B 539 -72.87 -17.04 -0.88
C LEU B 539 -74.14 -16.91 -0.06
N LYS B 540 -74.18 -15.85 0.76
CA LYS B 540 -75.19 -15.61 1.77
C LYS B 540 -75.60 -16.83 2.64
N ASP B 541 -74.67 -17.53 3.24
CA ASP B 541 -74.96 -18.36 4.41
C ASP B 541 -74.12 -17.53 5.32
N TYR B 542 -74.79 -16.71 6.11
CA TYR B 542 -74.08 -15.59 6.72
C TYR B 542 -73.05 -15.94 7.81
N GLY B 543 -73.30 -16.94 8.67
CA GLY B 543 -72.30 -17.44 9.57
C GLY B 543 -71.05 -17.83 8.83
N ARG B 544 -71.20 -18.72 7.86
CA ARG B 544 -70.07 -19.19 7.08
C ARG B 544 -69.43 -18.08 6.24
N GLN B 545 -70.28 -17.16 5.75
CA GLN B 545 -69.79 -16.08 4.92
C GLN B 545 -68.81 -15.29 5.77
N LEU B 546 -69.26 -14.97 6.97
CA LEU B 546 -68.43 -14.20 7.87
C LEU B 546 -67.18 -14.95 8.19
N GLU B 547 -67.31 -16.24 8.47
CA GLU B 547 -66.17 -17.06 8.83
C GLU B 547 -65.14 -16.97 7.72
N VAL B 548 -65.61 -17.14 6.48
CA VAL B 548 -64.68 -17.10 5.36
C VAL B 548 -64.04 -15.74 5.24
N ALA B 549 -64.84 -14.69 5.30
CA ALA B 549 -64.31 -13.34 5.12
C ALA B 549 -63.29 -13.07 6.17
N SER B 550 -63.65 -13.34 7.42
CA SER B 550 -62.70 -13.14 8.49
C SER B 550 -61.40 -13.88 8.18
N GLY B 551 -61.52 -15.12 7.70
CA GLY B 551 -60.34 -15.92 7.38
C GLY B 551 -59.50 -15.28 6.28
N ASN B 552 -60.19 -14.76 5.29
CA ASN B 552 -59.50 -14.09 4.19
C ASN B 552 -58.77 -12.90 4.71
N LEU B 553 -59.37 -12.10 5.59
CA LEU B 553 -58.64 -10.99 6.19
C LEU B 553 -57.48 -11.49 6.99
N LEU B 554 -57.65 -12.60 7.70
CA LEU B 554 -56.54 -13.16 8.46
C LEU B 554 -55.33 -13.44 7.59
N VAL B 555 -55.54 -14.02 6.42
CA VAL B 555 -54.43 -14.29 5.51
C VAL B 555 -53.75 -12.96 5.17
N PHE B 556 -54.58 -11.99 4.85
CA PHE B 556 -54.08 -10.70 4.45
C PHE B 556 -52.97 -10.25 5.34
N VAL B 557 -53.10 -10.42 6.64
CA VAL B 557 -52.10 -9.96 7.56
C VAL B 557 -50.80 -10.69 7.27
N ALA B 558 -50.89 -12.00 7.13
CA ALA B 558 -49.74 -12.81 6.86
C ALA B 558 -49.07 -12.35 5.60
N PHE B 559 -49.89 -12.19 4.57
CA PHE B 559 -49.36 -11.83 3.28
C PHE B 559 -48.67 -10.49 3.33
N ASN B 560 -49.29 -9.58 4.05
CA ASN B 560 -48.79 -8.24 4.12
C ASN B 560 -47.43 -8.23 4.74
N PHE B 561 -47.23 -8.92 5.84
CA PHE B 561 -45.90 -8.88 6.39
C PHE B 561 -44.89 -9.76 5.62
N THR B 562 -45.34 -10.76 4.87
CA THR B 562 -44.50 -11.42 3.88
C THR B 562 -43.85 -10.52 2.85
N ILE B 563 -44.65 -9.70 2.20
CA ILE B 563 -44.05 -8.88 1.18
C ILE B 563 -42.97 -8.19 1.94
N SER B 564 -41.78 -8.23 1.32
CA SER B 564 -40.62 -7.61 1.85
C SER B 564 -40.30 -6.45 0.94
N GLY B 565 -40.13 -5.30 1.55
CA GLY B 565 -39.65 -4.16 0.88
C GLY B 565 -38.28 -3.96 1.46
N ASP B 566 -37.30 -3.86 0.57
CA ASP B 566 -35.93 -3.60 0.96
C ASP B 566 -35.63 -2.12 1.11
N LEU B 567 -36.62 -1.26 0.88
CA LEU B 567 -36.52 0.14 1.03
C LEU B 567 -36.04 0.50 2.40
N PRO B 568 -35.19 1.56 2.48
CA PRO B 568 -34.84 2.12 3.74
C PRO B 568 -36.02 2.76 4.44
N ARG B 569 -35.89 2.92 5.74
CA ARG B 569 -36.77 3.79 6.51
C ARG B 569 -37.08 5.07 5.78
N LEU B 570 -38.35 5.31 5.56
CA LEU B 570 -38.81 6.30 4.59
C LEU B 570 -39.84 7.20 5.16
N GLY B 571 -39.68 8.51 4.93
CA GLY B 571 -40.68 9.47 5.32
C GLY B 571 -42.03 9.28 4.62
N TYR B 572 -42.03 8.91 3.36
CA TYR B 572 -43.29 8.88 2.63
C TYR B 572 -43.86 7.44 2.58
N LEU B 573 -45.15 7.37 2.29
CA LEU B 573 -45.87 6.23 1.67
C LEU B 573 -45.41 6.10 0.23
N THR B 574 -45.18 4.89 -0.28
CA THR B 574 -44.95 4.72 -1.73
C THR B 574 -46.28 4.31 -2.34
N VAL B 575 -46.28 4.04 -3.65
CA VAL B 575 -47.48 3.61 -4.35
C VAL B 575 -48.04 2.38 -3.71
N LEU B 576 -47.29 1.28 -3.73
CA LEU B 576 -47.73 0.00 -3.19
C LEU B 576 -48.17 0.07 -1.73
N ASP B 577 -47.50 0.90 -0.92
CA ASP B 577 -47.88 1.10 0.48
C ASP B 577 -49.33 1.65 0.58
N ARG B 578 -49.66 2.59 -0.29
CA ARG B 578 -51.00 3.15 -0.40
C ARG B 578 -52.10 2.16 -0.83
N PHE B 579 -51.81 1.32 -1.83
CA PHE B 579 -52.77 0.31 -2.35
C PHE B 579 -52.93 -0.79 -1.33
N MET B 580 -51.83 -1.10 -0.69
CA MET B 580 -51.84 -2.09 0.32
C MET B 580 -52.68 -1.65 1.51
N ILE B 581 -52.49 -0.42 1.97
CA ILE B 581 -53.27 0.06 3.11
C ILE B 581 -54.76 0.19 2.79
N VAL B 582 -55.08 0.57 1.56
CA VAL B 582 -56.47 0.61 1.11
C VAL B 582 -57.04 -0.81 1.03
N SER B 583 -56.25 -1.76 0.53
CA SER B 583 -56.68 -3.17 0.50
C SER B 583 -57.07 -3.69 1.87
N PHE B 584 -56.14 -3.67 2.83
CA PHE B 584 -56.33 -4.17 4.22
C PHE B 584 -57.58 -3.67 4.90
N CYS B 585 -57.73 -2.35 4.98
CA CYS B 585 -58.80 -1.69 5.75
C CYS B 585 -60.23 -2.05 5.32
N LEU B 586 -60.55 -1.87 4.04
CA LEU B 586 -61.85 -2.29 3.47
C LEU B 586 -62.08 -3.80 3.42
N THR B 587 -60.98 -4.55 3.39
CA THR B 587 -61.03 -5.99 3.49
C THR B 587 -61.60 -6.25 4.86
N ALA B 588 -61.19 -5.43 5.84
CA ALA B 588 -61.81 -5.46 7.18
C ALA B 588 -63.21 -4.86 7.19
N ILE B 589 -63.51 -4.01 6.20
CA ILE B 589 -64.84 -3.45 6.05
C ILE B 589 -65.80 -4.51 5.51
N VAL B 590 -65.29 -5.45 4.70
CA VAL B 590 -66.07 -6.64 4.25
C VAL B 590 -66.44 -7.50 5.44
N VAL B 591 -65.54 -7.55 6.44
CA VAL B 591 -65.79 -8.26 7.69
C VAL B 591 -66.79 -7.46 8.55
N LEU B 592 -66.66 -6.14 8.57
CA LEU B 592 -67.62 -5.27 9.27
C LEU B 592 -69.05 -5.46 8.73
N ILE B 593 -69.16 -5.72 7.43
CA ILE B 593 -70.43 -6.01 6.77
C ILE B 593 -70.93 -7.45 7.11
N SER B 594 -70.07 -8.48 7.19
CA SER B 594 -70.55 -9.87 7.44
C SER B 594 -71.26 -10.05 8.75
N VAL B 595 -70.68 -9.50 9.81
CA VAL B 595 -71.29 -9.30 11.11
C VAL B 595 -72.70 -8.74 11.03
N CYS B 596 -72.79 -7.61 10.35
CA CYS B 596 -74.03 -6.88 10.28
C CYS B 596 -75.09 -7.75 9.65
N GLN B 597 -74.75 -8.34 8.51
CA GLN B 597 -75.69 -9.21 7.82
C GLN B 597 -76.13 -10.38 8.68
N LYS B 598 -75.20 -11.04 9.36
CA LYS B 598 -75.53 -12.19 10.19
C LYS B 598 -76.52 -11.80 11.27
N ARG B 599 -76.26 -10.65 11.91
CA ARG B 599 -77.11 -10.12 13.00
C ARG B 599 -78.56 -9.98 12.47
N LEU B 600 -78.65 -9.32 11.32
CA LEU B 600 -79.95 -9.07 10.72
C LEU B 600 -80.60 -10.44 10.57
N GLY B 601 -79.95 -11.31 9.82
CA GLY B 601 -80.52 -12.60 9.47
C GLY B 601 -81.06 -13.30 10.70
N ALA B 602 -80.30 -13.26 11.78
CA ALA B 602 -80.72 -13.90 13.02
C ALA B 602 -82.00 -13.27 13.60
N VAL B 603 -82.05 -11.95 13.71
CA VAL B 603 -83.26 -11.32 14.24
C VAL B 603 -84.38 -11.45 13.21
N GLY B 604 -84.03 -11.27 11.95
CA GLY B 604 -84.96 -11.28 10.87
C GLY B 604 -84.46 -10.41 9.75
N LYS B 605 -85.39 -9.95 8.91
CA LYS B 605 -85.09 -9.07 7.78
C LYS B 605 -83.92 -9.62 6.91
N GLN B 606 -84.01 -10.91 6.61
CA GLN B 606 -82.97 -11.61 5.87
C GLN B 606 -82.82 -11.05 4.47
N ALA B 607 -83.93 -10.68 3.85
CA ALA B 607 -83.91 -10.04 2.55
C ALA B 607 -83.09 -8.77 2.66
N VAL B 608 -83.26 -8.02 3.75
CA VAL B 608 -82.47 -6.79 3.90
C VAL B 608 -80.99 -7.14 3.76
N ALA B 609 -80.57 -8.21 4.43
CA ALA B 609 -79.17 -8.61 4.32
C ALA B 609 -78.79 -8.94 2.88
N ALA B 610 -79.65 -9.65 2.17
CA ALA B 610 -79.38 -10.04 0.79
C ALA B 610 -79.31 -8.82 -0.12
N GLN B 611 -80.12 -7.80 0.15
CA GLN B 611 -80.12 -6.58 -0.66
C GLN B 611 -78.75 -5.90 -0.71
N ILE B 612 -78.23 -5.67 0.49
CA ILE B 612 -76.93 -5.04 0.67
C ILE B 612 -75.81 -5.89 0.05
N ASP B 613 -75.87 -7.21 0.18
CA ASP B 613 -74.95 -8.17 -0.47
C ASP B 613 -74.83 -7.75 -1.91
N THR B 614 -75.97 -7.59 -2.59
CA THR B 614 -75.95 -7.27 -4.01
C THR B 614 -75.48 -5.86 -4.12
N TRP B 615 -76.00 -5.05 -3.21
CA TRP B 615 -75.56 -3.70 -3.24
C TRP B 615 -74.01 -3.56 -3.25
N VAL B 616 -73.34 -4.05 -2.23
CA VAL B 616 -71.88 -4.11 -2.15
C VAL B 616 -71.12 -4.64 -3.36
N LEU B 617 -71.56 -5.76 -3.93
CA LEU B 617 -70.87 -6.37 -5.06
C LEU B 617 -70.73 -5.40 -6.20
N VAL B 618 -71.79 -4.66 -6.48
CA VAL B 618 -71.72 -3.62 -7.51
C VAL B 618 -70.66 -2.56 -7.19
N ILE B 619 -70.78 -1.98 -6.01
CA ILE B 619 -69.97 -0.78 -5.63
C ILE B 619 -68.49 -1.12 -5.31
N TYR B 620 -68.28 -2.20 -4.59
CA TYR B 620 -66.98 -2.65 -4.10
C TYR B 620 -65.84 -2.64 -5.15
N PRO B 621 -66.02 -3.30 -6.30
CA PRO B 621 -64.91 -3.29 -7.27
C PRO B 621 -64.74 -2.03 -8.15
N LEU B 622 -65.68 -1.10 -8.10
CA LEU B 622 -65.55 0.19 -8.79
C LEU B 622 -64.78 1.24 -7.98
N VAL B 623 -65.00 1.25 -6.67
CA VAL B 623 -64.23 2.08 -5.75
C VAL B 623 -62.99 1.20 -5.84
N TYR B 624 -63.17 -0.11 -6.11
CA TYR B 624 -61.98 -0.82 -6.42
C TYR B 624 -61.19 -0.19 -7.55
N SER B 625 -61.75 -0.11 -8.71
CA SER B 625 -61.15 0.61 -9.83
C SER B 625 -60.82 2.11 -9.87
N LEU B 626 -61.68 2.95 -9.32
CA LEU B 626 -61.47 4.38 -9.25
C LEU B 626 -60.29 4.72 -8.37
N TYR B 627 -60.12 3.96 -7.32
CA TYR B 627 -59.01 4.17 -6.43
C TYR B 627 -57.75 4.01 -7.25
N ILE B 628 -57.66 2.96 -8.04
CA ILE B 628 -56.55 2.73 -8.94
C ILE B 628 -56.36 3.90 -9.90
N ILE B 629 -57.43 4.34 -10.50
CA ILE B 629 -57.33 5.41 -11.47
C ILE B 629 -56.97 6.72 -10.69
N TRP B 630 -57.48 6.83 -9.46
CA TRP B 630 -57.17 7.93 -8.53
C TRP B 630 -55.68 8.17 -8.43
N VAL B 631 -54.99 7.13 -7.96
CA VAL B 631 -53.51 7.14 -7.78
C VAL B 631 -52.71 7.16 -9.06
N TYR B 632 -53.29 6.70 -10.17
CA TYR B 632 -52.69 6.77 -11.47
C TYR B 632 -52.11 8.14 -11.68
N LEU B 633 -53.00 9.12 -11.69
CA LEU B 633 -52.63 10.50 -11.94
C LEU B 633 -51.85 11.18 -10.79
N ARG B 634 -52.19 10.77 -9.56
CA ARG B 634 -51.62 11.24 -8.33
C ARG B 634 -50.12 10.88 -8.52
N PHE B 635 -49.83 9.66 -8.93
CA PHE B 635 -48.48 9.17 -8.99
C PHE B 635 -47.92 8.98 -10.41
N PHE B 636 -48.58 9.61 -11.39
CA PHE B 636 -48.14 9.58 -12.78
C PHE B 636 -48.47 10.90 -13.52
N GLY C 36 41.41 42.87 -14.60
CA GLY C 36 40.06 42.48 -14.10
C GLY C 36 40.12 42.07 -12.64
N ARG C 37 39.25 42.67 -11.82
CA ARG C 37 39.16 42.35 -10.39
C ARG C 37 37.71 41.91 -10.08
N VAL C 38 37.58 40.80 -9.35
CA VAL C 38 36.27 40.16 -9.15
C VAL C 38 36.02 39.79 -7.68
N GLN C 39 34.83 40.14 -7.17
CA GLN C 39 34.40 39.85 -5.79
C GLN C 39 33.03 39.16 -5.73
N HIS C 40 32.84 38.37 -4.66
CA HIS C 40 31.60 37.63 -4.37
C HIS C 40 30.89 38.21 -3.15
N PHE C 41 29.56 38.17 -3.18
CA PHE C 41 28.72 38.54 -2.03
C PHE C 41 27.47 37.67 -2.00
N THR C 42 27.02 37.30 -0.80
CA THR C 42 25.69 36.69 -0.66
C THR C 42 24.88 37.42 0.40
N GLY C 43 23.58 37.39 0.23
CA GLY C 43 22.67 38.05 1.18
C GLY C 43 21.24 37.62 1.02
N TYR C 44 20.35 38.28 1.78
CA TYR C 44 18.90 37.99 1.82
C TYR C 44 18.09 39.27 1.72
N ILE C 45 17.07 39.26 0.89
CA ILE C 45 16.18 40.42 0.70
C ILE C 45 14.90 40.12 1.45
N GLU C 46 14.62 40.92 2.47
CA GLU C 46 13.37 40.71 3.25
C GLU C 46 12.15 41.57 2.87
N ASP C 47 11.39 41.05 1.90
CA ASP C 47 10.28 41.71 1.19
C ASP C 47 10.58 43.02 0.43
N GLY C 48 11.61 42.90 -0.43
CA GLY C 48 12.06 43.94 -1.29
C GLY C 48 12.96 45.08 -0.80
N ARG C 49 13.26 45.11 0.50
CA ARG C 49 14.27 46.03 1.02
C ARG C 49 15.63 45.51 0.56
N GLY C 50 16.43 46.39 -0.07
CA GLY C 50 17.70 45.95 -0.63
C GLY C 50 18.85 46.11 0.35
N ILE C 51 20.04 45.81 -0.17
CA ILE C 51 21.29 46.00 0.55
C ILE C 51 22.23 46.88 -0.32
N PHE C 52 22.88 47.83 0.33
CA PHE C 52 23.78 48.78 -0.33
C PHE C 52 25.23 48.38 -0.10
N TYR C 53 26.06 48.53 -1.14
CA TYR C 53 27.49 48.27 -1.07
C TYR C 53 28.24 49.52 -1.57
N SER C 54 29.18 50.01 -0.77
CA SER C 54 29.97 51.22 -1.03
C SER C 54 31.19 50.89 -1.91
N LEU C 55 31.43 51.71 -2.94
CA LEU C 55 32.59 51.56 -3.82
C LEU C 55 33.40 52.87 -3.80
N PRO C 56 34.25 53.08 -2.76
CA PRO C 56 35.03 54.32 -2.69
C PRO C 56 36.10 54.70 -3.72
N ASP C 57 36.16 56.01 -4.03
CA ASP C 57 37.05 56.55 -5.08
C ASP C 57 37.40 55.66 -6.41
N MET C 58 36.32 55.62 -7.18
CA MET C 58 36.29 54.76 -8.37
C MET C 58 36.84 55.76 -9.37
N LYS C 59 37.35 55.24 -10.49
CA LYS C 59 38.00 56.06 -11.51
C LYS C 59 37.13 56.16 -12.79
N GLN C 60 37.07 57.38 -13.34
CA GLN C 60 36.35 57.66 -14.60
C GLN C 60 36.93 56.76 -15.68
N GLY C 61 36.07 56.08 -16.40
CA GLY C 61 36.50 55.14 -17.44
C GLY C 61 36.50 53.68 -17.00
N ASP C 62 36.42 53.43 -15.68
CA ASP C 62 36.24 52.06 -15.15
C ASP C 62 34.90 51.50 -15.63
N ILE C 63 34.88 50.19 -15.91
CA ILE C 63 33.65 49.49 -16.30
C ILE C 63 33.23 48.56 -15.15
N ILE C 64 32.03 48.78 -14.61
CA ILE C 64 31.46 47.99 -13.52
C ILE C 64 30.55 46.93 -14.13
N TYR C 65 30.76 45.69 -13.73
CA TYR C 65 29.96 44.55 -14.17
C TYR C 65 29.33 43.96 -12.92
N ALA C 66 27.99 43.78 -12.96
CA ALA C 66 27.26 43.19 -11.83
C ALA C 66 26.39 42.03 -12.30
N SER C 67 26.44 40.90 -11.57
CA SER C 67 25.52 39.76 -11.78
C SER C 67 24.85 39.36 -10.48
N MET C 68 23.51 39.33 -10.49
CA MET C 68 22.69 39.02 -9.31
C MET C 68 21.75 37.85 -9.62
N GLN C 69 22.00 36.72 -8.97
CA GLN C 69 21.26 35.46 -9.23
C GLN C 69 20.50 35.03 -7.98
N ASN C 70 19.28 34.56 -8.20
CA ASN C 70 18.46 33.93 -7.18
C ASN C 70 19.16 32.67 -6.70
N THR C 71 19.23 32.51 -5.37
CA THR C 71 19.74 31.29 -4.74
C THR C 71 18.67 30.56 -3.91
N GLY C 72 17.48 31.14 -3.81
CA GLY C 72 16.44 30.60 -2.93
C GLY C 72 15.33 31.61 -2.75
N GLY C 73 14.13 31.12 -2.45
CA GLY C 73 12.93 31.98 -2.41
C GLY C 73 12.47 32.40 -3.80
N ASN C 74 11.49 33.30 -3.86
CA ASN C 74 10.87 33.76 -5.11
C ASN C 74 11.44 35.12 -5.59
N LEU C 75 12.57 35.55 -5.00
CA LEU C 75 13.25 36.80 -5.35
C LEU C 75 13.46 37.00 -6.85
N ASP C 76 12.97 38.13 -7.35
CA ASP C 76 13.21 38.56 -8.71
C ASP C 76 14.20 39.72 -8.56
N PRO C 77 15.48 39.47 -8.88
CA PRO C 77 16.49 40.45 -8.51
C PRO C 77 16.50 41.72 -9.34
N LEU C 78 16.90 42.80 -8.66
CA LEU C 78 17.00 44.16 -9.21
C LEU C 78 18.35 44.73 -8.81
N VAL C 79 19.19 45.01 -9.82
CA VAL C 79 20.46 45.65 -9.58
C VAL C 79 20.60 47.06 -10.12
N GLY C 80 21.19 47.95 -9.32
CA GLY C 80 21.38 49.36 -9.68
C GLY C 80 22.67 49.97 -9.13
N ILE C 81 23.15 51.01 -9.81
CA ILE C 81 24.33 51.75 -9.39
C ILE C 81 24.01 53.25 -9.25
N MET C 82 24.43 53.81 -8.11
CA MET C 82 24.29 55.24 -7.75
C MET C 82 25.61 55.94 -7.36
N ALA C 83 25.56 57.28 -7.28
CA ALA C 83 26.72 58.11 -6.86
C ALA C 83 26.75 58.35 -5.32
N GLU C 84 25.78 59.12 -4.81
CA GLU C 84 25.53 59.24 -3.38
C GLU C 84 24.26 58.48 -3.00
N GLU C 85 24.13 58.24 -1.71
CA GLU C 85 23.10 57.38 -1.15
C GLU C 85 21.78 58.16 -0.92
N ILE C 86 20.69 57.75 -1.57
CA ILE C 86 19.32 58.17 -1.18
C ILE C 86 18.44 56.93 -1.27
N ASP C 87 17.50 56.78 -0.33
CA ASP C 87 16.83 55.49 -0.06
C ASP C 87 15.77 55.11 -1.11
N PRO C 88 15.99 53.99 -1.85
CA PRO C 88 14.99 53.58 -2.84
C PRO C 88 13.69 53.01 -2.26
N ALA C 89 13.68 52.54 -1.00
CA ALA C 89 12.46 51.94 -0.39
C ALA C 89 11.24 52.89 -0.33
N VAL C 90 11.51 54.19 -0.15
CA VAL C 90 10.50 55.25 -0.11
C VAL C 90 9.82 55.39 -1.49
N SER C 91 10.63 55.63 -2.52
CA SER C 91 10.19 55.77 -3.92
C SER C 91 9.50 54.51 -4.48
N LEU C 92 10.14 53.35 -4.26
CA LEU C 92 9.62 52.04 -4.71
C LEU C 92 8.34 51.67 -3.95
N GLY C 93 8.26 52.06 -2.67
CA GLY C 93 7.07 51.88 -1.85
C GLY C 93 5.86 52.58 -2.42
N GLN C 94 6.07 53.75 -3.02
CA GLN C 94 5.00 54.50 -3.71
C GLN C 94 4.53 53.78 -4.98
N VAL C 95 5.43 53.07 -5.67
CA VAL C 95 5.05 52.29 -6.86
C VAL C 95 4.12 51.12 -6.46
N LEU C 96 4.45 50.48 -5.33
CA LEU C 96 3.65 49.39 -4.70
C LEU C 96 2.20 49.76 -4.43
N GLU C 97 2.03 51.01 -3.97
CA GLU C 97 0.73 51.60 -3.61
C GLU C 97 -0.17 51.75 -4.83
N LYS C 98 0.40 51.97 -6.01
CA LYS C 98 -0.41 52.09 -7.21
C LYS C 98 -1.00 50.72 -7.57
N ALA C 99 -2.32 50.54 -7.43
CA ALA C 99 -3.04 49.44 -8.09
C ALA C 99 -3.41 50.02 -9.48
N LEU C 100 -2.39 50.14 -10.33
CA LEU C 100 -2.40 51.00 -11.55
C LEU C 100 -3.51 50.72 -12.56
N ALA C 101 -3.65 51.64 -13.53
CA ALA C 101 -4.59 51.52 -14.66
C ALA C 101 -4.60 50.10 -15.27
N SER C 102 -3.43 49.63 -15.67
CA SER C 102 -3.19 48.22 -16.06
C SER C 102 -1.69 48.01 -16.31
N GLU C 103 -1.28 46.83 -16.81
CA GLU C 103 0.16 46.39 -16.80
C GLU C 103 1.24 47.38 -17.32
N ASN C 104 1.15 47.85 -18.57
CA ASN C 104 2.14 48.81 -19.16
C ASN C 104 2.23 50.18 -18.46
N ASP C 105 1.21 50.51 -17.66
CA ASP C 105 1.32 51.60 -16.67
C ASP C 105 2.45 51.31 -15.69
N LEU C 106 2.56 50.07 -15.17
CA LEU C 106 3.66 49.68 -14.29
C LEU C 106 5.03 49.77 -14.96
N ILE C 107 5.17 49.26 -16.18
CA ILE C 107 6.39 49.41 -17.02
C ILE C 107 6.86 50.87 -17.05
N SER C 108 5.93 51.73 -17.48
CA SER C 108 6.15 53.17 -17.59
C SER C 108 6.62 53.78 -16.28
N GLU C 109 5.92 53.49 -15.18
CA GLU C 109 6.22 54.04 -13.86
C GLU C 109 7.51 53.48 -13.29
N LEU C 110 7.74 52.16 -13.39
CA LEU C 110 9.00 51.57 -12.92
C LEU C 110 10.17 52.05 -13.78
N THR C 111 9.99 52.10 -15.11
CA THR C 111 11.05 52.58 -16.00
C THR C 111 11.50 54.00 -15.57
N ALA C 112 10.54 54.91 -15.45
CA ALA C 112 10.79 56.30 -15.04
C ALA C 112 11.45 56.46 -13.68
N VAL C 113 11.06 55.68 -12.69
CA VAL C 113 11.65 55.75 -11.35
C VAL C 113 13.06 55.18 -11.34
N ALA C 114 13.27 53.99 -11.89
CA ALA C 114 14.62 53.37 -11.98
C ALA C 114 15.67 54.26 -12.67
N ASP C 115 15.27 54.81 -13.83
CA ASP C 115 16.10 55.76 -14.61
C ASP C 115 16.54 57.00 -13.83
N ARG C 116 15.68 57.44 -12.90
CA ARG C 116 15.88 58.62 -12.08
C ARG C 116 16.76 58.31 -10.87
N ILE C 117 16.46 57.19 -10.20
CA ILE C 117 17.16 56.79 -8.96
C ILE C 117 18.58 56.28 -9.26
N PHE C 118 18.75 55.48 -10.32
CA PHE C 118 20.06 54.93 -10.69
C PHE C 118 20.68 55.58 -11.94
N LEU C 119 22.01 55.55 -12.00
CA LEU C 119 22.73 55.96 -13.20
C LEU C 119 22.71 54.82 -14.22
N GLY C 120 22.59 53.60 -13.70
CA GLY C 120 22.37 52.40 -14.48
C GLY C 120 21.75 51.31 -13.63
N TRP C 121 20.89 50.53 -14.27
CA TRP C 121 20.10 49.48 -13.62
C TRP C 121 19.92 48.24 -14.54
N ASP C 122 19.62 47.10 -13.91
CA ASP C 122 19.14 45.93 -14.61
C ASP C 122 18.32 44.99 -13.67
N ASP C 123 17.44 44.27 -14.39
CA ASP C 123 16.21 43.62 -13.92
C ASP C 123 16.17 42.22 -13.27
N ASP C 124 15.09 42.04 -12.53
CA ASP C 124 14.26 40.78 -12.34
C ASP C 124 14.08 39.44 -13.11
N GLY C 125 15.03 38.58 -12.85
CA GLY C 125 15.05 37.24 -13.46
C GLY C 125 15.19 37.31 -14.97
N GLY C 126 15.10 36.13 -15.57
CA GLY C 126 15.22 35.98 -17.01
C GLY C 126 16.30 34.96 -17.27
N LYS C 127 16.81 34.97 -18.50
CA LYS C 127 17.65 33.88 -19.02
C LYS C 127 19.12 33.99 -18.57
N GLY C 128 19.76 35.13 -18.79
CA GLY C 128 21.07 35.42 -18.17
C GLY C 128 20.92 35.61 -16.67
N TYR C 129 20.37 34.58 -16.03
CA TYR C 129 19.91 34.59 -14.61
C TYR C 129 18.98 35.75 -14.25
N SER C 130 19.44 36.82 -13.59
CA SER C 130 18.58 37.89 -13.29
C SER C 130 19.30 39.26 -13.54
N ALA C 131 20.45 39.58 -12.96
CA ALA C 131 20.88 40.99 -13.15
C ALA C 131 22.18 41.18 -13.75
N SER C 132 22.34 41.02 -15.07
CA SER C 132 23.62 41.47 -15.72
C SER C 132 23.71 42.93 -16.19
N LEU C 133 24.65 43.74 -15.62
CA LEU C 133 24.55 45.18 -15.78
C LEU C 133 25.96 45.73 -15.98
N GLU C 134 26.19 46.27 -17.14
CA GLU C 134 27.45 46.88 -17.49
C GLU C 134 27.23 48.39 -17.32
N PHE C 135 28.12 49.03 -16.55
CA PHE C 135 28.09 50.47 -16.33
C PHE C 135 29.46 51.11 -16.42
N THR C 136 29.60 52.11 -17.27
CA THR C 136 30.84 52.86 -17.44
C THR C 136 30.84 54.05 -16.48
N ILE C 137 31.83 54.11 -15.58
CA ILE C 137 31.87 55.15 -14.54
C ILE C 137 32.13 56.54 -15.18
N PRO C 138 31.18 57.48 -15.01
CA PRO C 138 31.31 58.80 -15.64
C PRO C 138 32.33 59.78 -15.02
N ARG C 139 32.62 59.63 -13.73
CA ARG C 139 33.56 60.53 -13.02
C ARG C 139 34.15 59.91 -11.75
N ASP C 140 35.26 60.49 -11.28
CA ASP C 140 35.94 60.07 -10.04
C ASP C 140 35.06 60.29 -8.82
N GLY C 141 35.10 59.36 -7.87
CA GLY C 141 34.40 59.48 -6.59
C GLY C 141 33.85 58.17 -6.04
N THR C 142 33.04 58.29 -5.00
CA THR C 142 32.40 57.19 -4.28
C THR C 142 31.07 56.83 -4.95
N TYR C 143 30.89 55.54 -5.26
CA TYR C 143 29.67 55.01 -5.85
C TYR C 143 29.01 53.96 -4.95
N HIS C 144 27.75 53.65 -5.21
CA HIS C 144 27.00 52.66 -4.43
C HIS C 144 26.19 51.81 -5.41
N ILE C 145 26.30 50.48 -5.27
CA ILE C 145 25.47 49.52 -6.02
C ILE C 145 24.39 49.00 -5.05
N PHE C 146 23.16 48.92 -5.54
CA PHE C 146 22.00 48.50 -4.75
C PHE C 146 21.58 47.14 -5.23
N ALA C 147 21.36 46.21 -4.30
CA ALA C 147 20.94 44.86 -4.62
C ALA C 147 19.67 44.60 -3.87
N GLY C 148 18.56 44.40 -4.61
CA GLY C 148 17.25 44.18 -3.98
C GLY C 148 16.15 43.52 -4.80
N SER C 149 14.91 43.86 -4.41
CA SER C 149 13.73 43.44 -5.23
C SER C 149 13.26 44.39 -6.35
N THR C 150 12.87 43.80 -7.49
CA THR C 150 12.05 44.49 -8.45
C THR C 150 10.60 44.49 -7.95
N ILE C 151 9.73 45.07 -8.73
CA ILE C 151 8.28 44.95 -8.49
C ILE C 151 7.71 44.24 -9.68
N THR C 152 7.21 43.02 -9.46
CA THR C 152 6.59 42.21 -10.53
C THR C 152 5.38 41.42 -10.00
N ASN C 153 4.64 40.89 -10.96
CA ASN C 153 3.54 39.99 -10.71
C ASN C 153 4.11 38.57 -10.61
N GLN C 154 3.52 37.74 -9.76
CA GLN C 154 3.88 36.30 -9.65
C GLN C 154 2.82 35.34 -10.18
N ARG C 155 1.57 35.78 -10.23
CA ARG C 155 0.43 34.88 -10.30
C ARG C 155 -0.42 35.00 -11.55
N LEU C 156 -1.17 33.94 -11.88
CA LEU C 156 -2.03 33.96 -13.05
C LEU C 156 -3.51 34.00 -12.69
N ASP C 157 -3.83 33.85 -11.40
CA ASP C 157 -5.24 33.91 -10.94
C ASP C 157 -5.79 35.34 -10.87
N LYS C 158 -4.89 36.31 -10.63
CA LYS C 158 -5.18 37.75 -10.57
C LYS C 158 -3.87 38.56 -10.76
N PHE C 159 -3.99 39.78 -11.28
CA PHE C 159 -2.82 40.65 -11.49
C PHE C 159 -2.47 41.40 -10.21
N GLN C 160 -1.45 40.90 -9.51
CA GLN C 160 -1.17 41.24 -8.10
C GLN C 160 0.35 41.45 -7.95
N PRO C 161 0.81 42.65 -8.37
CA PRO C 161 2.26 42.98 -8.35
C PRO C 161 2.74 43.35 -6.95
N THR C 162 3.86 42.76 -6.53
CA THR C 162 4.49 43.02 -5.22
C THR C 162 6.01 42.89 -5.35
N TYR C 163 6.71 43.29 -4.28
CA TYR C 163 8.10 42.91 -4.02
C TYR C 163 8.18 41.40 -3.76
N THR C 164 9.39 40.88 -3.90
CA THR C 164 9.67 39.48 -3.68
C THR C 164 10.75 39.36 -2.64
N THR C 165 10.94 38.12 -2.16
CA THR C 165 11.75 37.78 -1.00
C THR C 165 12.70 36.61 -1.36
N GLY C 166 13.90 36.60 -0.77
CA GLY C 166 14.80 35.49 -0.97
C GLY C 166 16.27 35.84 -0.89
N SER C 167 17.08 34.78 -1.06
CA SER C 167 18.54 34.88 -1.01
C SER C 167 19.16 34.97 -2.41
N PHE C 168 20.37 35.50 -2.44
CA PHE C 168 21.05 35.73 -3.71
C PHE C 168 22.54 35.67 -3.62
N GLN C 169 23.16 35.58 -4.80
CA GLN C 169 24.60 35.67 -4.96
C GLN C 169 24.85 36.85 -5.92
N LEU C 170 25.71 37.76 -5.48
CA LEU C 170 26.10 38.91 -6.29
C LEU C 170 27.57 38.79 -6.68
N ILE C 171 27.81 38.91 -7.98
CA ILE C 171 29.16 38.87 -8.54
C ILE C 171 29.48 40.30 -9.05
N LEU C 172 30.56 40.88 -8.53
CA LEU C 172 30.96 42.24 -8.85
C LEU C 172 32.30 42.23 -9.57
N GLY C 173 32.39 42.97 -10.68
CA GLY C 173 33.56 42.99 -11.55
C GLY C 173 34.01 44.40 -11.90
N LEU C 174 35.31 44.65 -11.76
CA LEU C 174 35.89 45.94 -12.10
C LEU C 174 36.83 45.67 -13.27
N ASN C 175 36.41 46.12 -14.46
CA ASN C 175 37.11 45.89 -15.74
C ASN C 175 37.26 44.38 -16.04
N ALA C 176 36.25 43.60 -15.63
CA ALA C 176 36.24 42.14 -15.79
C ALA C 176 34.97 41.67 -16.55
N PRO C 177 35.01 41.68 -17.90
CA PRO C 177 33.92 41.20 -18.76
C PRO C 177 33.33 39.80 -18.49
N GLN C 178 34.09 38.87 -17.90
CA GLN C 178 33.57 37.52 -17.60
C GLN C 178 32.39 37.50 -16.60
N VAL C 179 32.21 38.57 -15.83
CA VAL C 179 31.12 38.67 -14.85
C VAL C 179 29.75 38.63 -15.52
N ILE C 180 29.57 39.31 -16.67
CA ILE C 180 28.30 39.25 -17.43
C ILE C 180 28.16 37.99 -18.30
N SER C 181 29.19 37.12 -18.26
CA SER C 181 29.17 35.85 -18.98
C SER C 181 28.69 34.67 -18.10
N GLY C 182 28.27 34.97 -16.86
CA GLY C 182 27.85 33.97 -15.92
C GLY C 182 28.83 33.07 -15.21
N GLU C 183 30.11 33.45 -15.17
CA GLU C 183 31.16 32.73 -14.46
C GLU C 183 31.87 33.77 -13.62
N GLY C 184 31.93 33.58 -12.32
CA GLY C 184 32.49 34.58 -11.40
C GLY C 184 33.45 33.93 -10.44
N GLU C 185 34.72 34.37 -10.44
CA GLU C 185 35.71 33.92 -9.49
C GLU C 185 36.31 35.15 -8.81
N PRO C 186 36.39 35.16 -7.46
CA PRO C 186 37.09 36.24 -6.74
C PRO C 186 38.48 36.42 -7.30
N GLU C 187 38.82 37.63 -7.79
CA GLU C 187 40.11 37.78 -8.54
C GLU C 187 41.37 38.67 -8.04
N GLY C 188 41.15 39.89 -7.50
CA GLY C 188 42.20 40.85 -7.10
C GLY C 188 41.89 41.54 -5.78
N GLU C 189 42.20 42.84 -5.70
CA GLU C 189 42.04 43.62 -4.46
C GLU C 189 40.58 43.98 -4.17
N VAL C 190 40.25 44.08 -2.86
CA VAL C 190 38.93 44.55 -2.41
C VAL C 190 38.75 46.02 -2.81
N PHE C 191 37.60 46.32 -3.43
CA PHE C 191 37.17 47.69 -3.72
C PHE C 191 35.80 48.05 -3.13
N ALA C 192 35.07 47.08 -2.56
CA ALA C 192 33.71 47.30 -2.10
C ALA C 192 33.32 46.48 -0.87
N SER C 193 32.40 47.03 -0.08
CA SER C 193 31.77 46.33 1.07
C SER C 193 30.44 46.98 1.59
N LEU C 194 29.82 46.38 2.61
CA LEU C 194 28.45 46.70 3.01
C LEU C 194 28.29 48.10 3.60
N ALA C 195 27.54 48.97 2.94
CA ALA C 195 27.12 50.24 3.57
C ALA C 195 25.98 50.00 4.57
N LYS C 200 21.05 52.78 8.38
CA LYS C 200 19.82 53.48 8.05
C LYS C 200 18.74 52.64 8.74
N PRO C 201 17.75 53.30 9.37
CA PRO C 201 16.73 52.63 10.27
C PRO C 201 15.34 52.25 9.71
N GLU C 202 14.82 51.10 10.14
CA GLU C 202 13.57 50.48 9.63
C GLU C 202 12.72 49.96 10.80
N ALA C 203 11.56 50.59 11.00
CA ALA C 203 10.70 50.33 12.16
C ALA C 203 9.60 49.26 11.91
N HIS C 204 9.52 48.29 12.80
CA HIS C 204 8.47 47.26 12.80
C HIS C 204 8.16 46.88 14.25
N VAL C 205 6.92 47.01 14.71
CA VAL C 205 6.61 46.67 16.08
C VAL C 205 5.23 46.03 16.14
N GLN C 206 5.05 45.16 17.14
CA GLN C 206 3.82 44.39 17.40
C GLN C 206 3.65 44.08 18.87
N GLU C 207 2.45 43.68 19.27
CA GLU C 207 2.20 43.09 20.58
C GLU C 207 1.23 41.94 20.35
N LEU C 208 1.09 41.06 21.35
CA LEU C 208 0.00 40.07 21.41
C LEU C 208 -0.18 39.64 22.87
N GLU C 209 -1.28 38.96 23.19
CA GLU C 209 -1.54 38.44 24.56
C GLU C 209 -1.01 37.01 24.86
N ILE C 210 -0.13 36.86 25.85
CA ILE C 210 0.45 35.58 26.22
C ILE C 210 -0.32 34.99 27.40
N ARG C 211 -0.56 33.68 27.36
CA ARG C 211 -1.43 32.96 28.31
C ARG C 211 -0.73 31.65 28.75
N LEU C 212 0.10 31.73 29.79
CA LEU C 212 0.62 30.56 30.53
C LEU C 212 -0.38 30.08 31.54
N ASP C 213 -0.57 28.76 31.71
CA ASP C 213 -1.57 28.20 32.62
C ASP C 213 -1.18 26.77 33.05
N LYS C 214 -2.07 26.09 33.77
CA LYS C 214 -1.93 24.68 34.18
C LYS C 214 -1.49 23.81 33.00
N ASP C 215 -2.11 24.02 31.82
CA ASP C 215 -1.82 23.25 30.57
C ASP C 215 -0.47 23.60 29.82
N THR C 216 -0.44 24.79 29.26
CA THR C 216 0.75 25.34 28.60
C THR C 216 1.63 26.13 29.56
N ARG C 217 2.61 25.51 30.17
CA ARG C 217 3.47 26.19 31.14
C ARG C 217 4.79 26.81 30.62
N TYR C 218 4.96 26.82 29.30
CA TYR C 218 6.13 27.48 28.65
C TYR C 218 5.80 27.90 27.20
N LEU C 219 6.46 28.93 26.68
CA LEU C 219 6.11 29.48 25.39
C LEU C 219 7.29 29.99 24.56
N THR C 220 7.15 29.92 23.25
CA THR C 220 8.13 30.43 22.31
C THR C 220 7.45 31.26 21.22
N GLN C 221 8.22 32.03 20.48
CA GLN C 221 7.76 32.67 19.30
C GLN C 221 9.01 32.72 18.43
N HIS C 222 8.86 32.11 17.26
CA HIS C 222 9.84 32.19 16.19
C HIS C 222 9.65 33.56 15.54
N THR C 223 10.73 34.31 15.49
CA THR C 223 10.73 35.68 15.01
C THR C 223 11.06 35.67 13.55
N ARG C 224 10.95 36.86 12.92
CA ARG C 224 11.52 37.18 11.57
C ARG C 224 13.05 37.20 11.50
N ASN C 225 13.54 36.93 10.30
CA ASN C 225 14.99 36.93 10.02
C ASN C 225 15.52 38.36 10.11
N LEU C 226 16.33 38.62 11.14
CA LEU C 226 16.95 39.93 11.33
C LEU C 226 18.08 40.06 10.36
N GLN C 227 18.22 41.28 9.81
CA GLN C 227 19.25 41.59 8.82
C GLN C 227 20.53 41.86 9.58
N PRO C 228 21.69 41.82 8.89
CA PRO C 228 22.95 42.16 9.60
C PRO C 228 22.88 43.53 10.26
N GLY C 229 23.37 43.64 11.50
CA GLY C 229 23.42 44.94 12.19
C GLY C 229 22.09 45.62 12.45
N ASP C 230 21.09 44.84 12.81
CA ASP C 230 19.75 45.34 13.09
C ASP C 230 19.38 45.00 14.53
N THR C 231 18.71 45.93 15.19
CA THR C 231 18.44 45.79 16.63
C THR C 231 17.16 45.01 16.92
N PHE C 232 16.90 44.76 18.21
CA PHE C 232 15.69 44.08 18.67
C PHE C 232 15.38 44.46 20.11
N HIS C 233 14.10 44.72 20.38
CA HIS C 233 13.60 45.09 21.70
C HIS C 233 12.43 44.17 22.12
N ALA C 234 12.39 43.79 23.40
CA ALA C 234 11.34 42.94 23.93
C ALA C 234 10.96 43.25 25.38
N LEU C 235 9.68 43.06 25.70
CA LEU C 235 9.15 43.36 27.03
C LEU C 235 7.95 42.50 27.39
N VAL C 236 7.89 42.04 28.64
CA VAL C 236 6.75 41.34 29.19
C VAL C 236 6.19 42.17 30.35
N GLU C 237 4.85 42.24 30.45
CA GLU C 237 4.18 42.96 31.57
C GLU C 237 2.95 42.17 32.06
N PRO C 238 2.89 41.87 33.39
CA PRO C 238 1.75 41.14 33.94
C PRO C 238 0.46 42.02 33.98
N ILE C 239 -0.33 41.88 32.91
CA ILE C 239 -1.64 42.53 32.76
C ILE C 239 -2.70 42.03 33.76
N GLY C 240 -2.59 40.79 34.26
CA GLY C 240 -3.61 40.26 35.17
C GLY C 240 -3.15 40.07 36.59
N GLU C 241 -2.38 41.04 37.11
CA GLU C 241 -1.60 40.99 38.37
C GLU C 241 -1.03 39.60 38.76
N ALA C 242 -0.38 38.95 37.78
CA ALA C 242 0.23 37.63 37.95
C ALA C 242 1.73 37.72 38.33
N PRO C 243 2.32 36.60 38.82
CA PRO C 243 3.74 36.63 39.17
C PRO C 243 4.68 36.87 37.98
N LEU C 244 5.89 37.36 38.29
CA LEU C 244 6.89 37.75 37.28
C LEU C 244 7.52 36.58 36.51
N PRO C 245 7.55 36.66 35.16
CA PRO C 245 8.13 35.60 34.31
C PRO C 245 9.57 35.87 33.87
N ARG C 246 10.30 34.81 33.50
CA ARG C 246 11.62 34.96 32.89
C ARG C 246 11.46 35.06 31.39
N LEU C 247 12.03 36.10 30.80
CA LEU C 247 12.10 36.28 29.35
C LEU C 247 13.50 36.00 28.89
N ARG C 248 13.62 35.40 27.70
CA ARG C 248 14.89 35.14 27.00
C ARG C 248 14.82 35.18 25.46
N LEU C 249 15.95 35.47 24.82
CA LEU C 249 16.06 35.37 23.40
C LEU C 249 17.03 34.26 23.10
N THR C 250 16.73 33.45 22.10
CA THR C 250 17.59 32.33 21.66
C THR C 250 17.63 32.27 20.13
N ASP C 251 18.58 31.51 19.58
CA ASP C 251 18.72 31.34 18.11
C ASP C 251 17.61 30.38 17.63
N SER C 252 17.65 29.99 16.35
CA SER C 252 16.63 29.06 15.84
C SER C 252 16.77 27.68 16.49
N GLY C 253 18.01 27.29 16.83
CA GLY C 253 18.27 26.12 17.67
C GLY C 253 18.18 26.47 19.15
N GLY C 254 18.99 25.80 19.95
CA GLY C 254 18.93 25.99 21.39
C GLY C 254 19.74 27.16 21.90
N LYS C 255 20.89 27.41 21.25
CA LYS C 255 21.91 28.36 21.68
C LYS C 255 21.27 29.71 21.92
N PRO C 256 21.46 30.31 23.12
CA PRO C 256 20.74 31.51 23.51
C PRO C 256 21.53 32.80 23.28
N LEU C 257 20.81 33.91 23.15
CA LEU C 257 21.46 35.21 23.00
C LEU C 257 21.34 36.23 24.17
N ALA C 258 20.30 36.15 25.01
CA ALA C 258 20.05 37.24 25.98
C ALA C 258 19.19 36.95 27.22
N PHE C 259 19.21 37.92 28.14
CA PHE C 259 18.29 37.96 29.33
C PHE C 259 17.36 39.20 29.40
N GLY C 260 16.06 38.90 29.55
CA GLY C 260 15.03 39.84 29.83
C GLY C 260 15.08 40.28 31.27
N LEU C 261 15.87 41.31 31.56
CA LEU C 261 16.09 41.78 32.96
C LEU C 261 14.85 42.41 33.60
N ILE C 262 14.76 42.35 34.93
CA ILE C 262 13.61 42.89 35.65
C ILE C 262 13.97 44.36 35.83
N ASP C 263 13.05 45.24 35.41
CA ASP C 263 13.33 46.69 35.24
C ASP C 263 13.41 47.51 36.55
N GLN C 264 13.75 48.80 36.45
CA GLN C 264 13.90 49.66 37.62
C GLN C 264 12.61 49.78 38.43
N PRO C 265 11.47 50.19 37.81
CA PRO C 265 10.14 50.08 38.45
C PRO C 265 9.89 48.77 39.23
N GLY C 266 10.25 47.65 38.60
CA GLY C 266 10.13 46.31 39.17
C GLY C 266 8.88 45.50 38.78
N GLU C 267 8.26 45.84 37.64
CA GLU C 267 7.11 45.11 37.07
C GLU C 267 7.22 44.74 35.56
N SER C 268 8.28 45.21 34.89
CA SER C 268 8.46 45.05 33.45
C SER C 268 9.72 44.22 33.20
N VAL C 269 9.66 43.35 32.19
CA VAL C 269 10.79 42.48 31.81
C VAL C 269 11.48 42.98 30.52
N GLU C 270 12.38 43.96 30.69
CA GLU C 270 13.08 44.62 29.57
C GLU C 270 14.18 43.75 28.98
N LEU C 271 14.28 43.74 27.64
CA LEU C 271 15.17 42.83 26.88
C LEU C 271 15.69 43.48 25.60
N ASN C 272 16.96 43.25 25.30
CA ASN C 272 17.69 43.94 24.22
C ASN C 272 18.69 43.01 23.51
N TYR C 273 18.91 43.21 22.21
CA TYR C 273 19.89 42.47 21.38
C TYR C 273 20.04 43.08 19.98
N THR C 274 21.22 42.96 19.39
CA THR C 274 21.50 43.44 18.02
C THR C 274 22.25 42.35 17.23
N CYS C 275 21.92 42.25 15.96
CA CYS C 275 22.39 41.15 15.11
C CYS C 275 23.81 41.35 14.64
N ASP C 276 24.71 40.45 15.04
CA ASP C 276 26.14 40.49 14.62
C ASP C 276 26.54 39.41 13.56
N GLN C 277 25.87 38.25 13.57
CA GLN C 277 26.09 37.20 12.53
C GLN C 277 25.52 37.65 11.14
N ASP C 278 25.72 36.81 10.12
CA ASP C 278 25.30 37.09 8.72
C ASP C 278 23.78 37.16 8.55
N ILE C 279 23.07 36.17 9.10
CA ILE C 279 21.63 36.28 9.31
C ILE C 279 21.22 35.78 10.71
N CYS C 280 20.33 36.53 11.32
CA CYS C 280 19.79 36.22 12.64
C CYS C 280 18.41 35.57 12.62
N GLU C 281 18.35 34.26 12.91
CA GLU C 281 17.04 33.62 13.15
C GLU C 281 16.69 33.50 14.62
N LEU C 282 15.68 34.24 15.05
CA LEU C 282 15.40 34.47 16.48
C LEU C 282 14.12 33.88 17.06
N VAL C 283 14.20 33.46 18.34
CA VAL C 283 13.11 32.79 19.06
C VAL C 283 12.99 33.33 20.49
N VAL C 284 12.00 34.17 20.72
CA VAL C 284 11.70 34.70 22.07
C VAL C 284 11.10 33.62 22.97
N HIS C 285 11.63 33.46 24.17
CA HIS C 285 11.10 32.57 25.21
C HIS C 285 10.38 33.35 26.30
N VAL C 286 9.29 32.77 26.82
CA VAL C 286 8.60 33.29 28.00
C VAL C 286 8.41 32.14 29.00
N ASP C 287 9.35 32.08 29.95
CA ASP C 287 9.42 31.00 30.95
C ASP C 287 8.38 31.15 32.06
N GLY C 288 7.54 30.14 32.21
CA GLY C 288 6.41 30.18 33.15
C GLY C 288 6.55 29.06 34.17
N THR C 289 7.78 28.82 34.59
CA THR C 289 8.11 27.75 35.53
C THR C 289 8.01 28.21 36.99
N ASP C 290 8.46 29.43 37.27
CA ASP C 290 8.28 30.00 38.61
C ASP C 290 7.07 30.93 38.58
N GLY C 291 5.93 30.43 39.06
CA GLY C 291 4.70 31.22 39.12
C GLY C 291 3.69 30.60 40.07
N GLN C 292 2.42 30.98 39.90
CA GLN C 292 1.31 30.43 40.69
C GLN C 292 0.98 29.02 40.20
N LYS C 293 0.86 28.08 41.13
CA LYS C 293 0.64 26.65 40.79
C LYS C 293 -0.74 26.49 40.18
N ASP C 294 -0.80 25.85 39.00
CA ASP C 294 -2.01 25.73 38.17
C ASP C 294 -2.78 27.05 38.01
N SER C 295 -2.08 28.11 37.60
CA SER C 295 -2.66 29.45 37.42
C SER C 295 -3.59 29.53 36.19
N GLY C 296 -4.89 29.42 36.45
CA GLY C 296 -5.89 29.25 35.41
C GLY C 296 -5.79 30.39 34.42
N GLU C 297 -5.83 31.60 34.95
CA GLU C 297 -5.49 32.82 34.20
C GLU C 297 -4.14 33.39 34.68
N ALA C 298 -3.26 33.64 33.74
CA ALA C 298 -2.06 34.41 33.94
C ALA C 298 -2.12 35.05 32.61
N VAL C 299 -2.11 36.35 32.57
CA VAL C 299 -2.00 37.00 31.28
C VAL C 299 -0.69 37.78 31.24
N TYR C 300 -0.18 38.01 30.03
CA TYR C 300 0.98 38.88 29.80
C TYR C 300 0.85 39.63 28.47
N ARG C 301 1.38 40.86 28.46
CA ARG C 301 1.48 41.68 27.26
C ARG C 301 2.93 41.61 26.76
N LEU C 302 3.13 40.97 25.61
CA LEU C 302 4.46 40.84 25.03
C LEU C 302 4.70 41.90 23.96
N LEU C 303 5.54 42.86 24.32
CA LEU C 303 5.91 43.94 23.45
C LEU C 303 7.18 43.53 22.72
N VAL C 304 7.13 43.49 21.39
CA VAL C 304 8.30 43.12 20.60
C VAL C 304 8.39 43.99 19.35
N GLY C 305 9.61 44.45 19.08
CA GLY C 305 9.87 45.30 17.92
C GLY C 305 11.34 45.35 17.52
N ILE C 306 11.61 45.80 16.29
CA ILE C 306 12.96 45.71 15.67
C ILE C 306 13.86 46.91 15.88
N ASN C 307 13.39 48.08 15.42
CA ASN C 307 14.20 49.33 15.58
C ASN C 307 13.88 50.55 16.54
N ALA C 308 12.68 50.71 17.13
CA ALA C 308 12.35 51.87 17.94
C ALA C 308 12.22 51.41 19.39
N PRO C 309 12.97 52.02 20.35
CA PRO C 309 12.72 51.80 21.80
C PRO C 309 11.49 52.58 22.34
N ASN C 310 10.29 52.08 22.06
CA ASN C 310 9.04 52.74 22.47
C ASN C 310 8.32 51.89 23.51
N LEU C 311 7.81 52.56 24.55
CA LEU C 311 7.03 51.89 25.63
C LEU C 311 5.53 51.52 25.35
N ARG C 312 4.72 52.36 24.71
CA ARG C 312 3.46 51.89 24.12
C ARG C 312 3.30 52.52 22.74
N GLU C 313 3.30 51.66 21.71
CA GLU C 313 2.88 52.00 20.30
C GLU C 313 2.05 50.86 19.58
N SER C 314 1.78 50.99 18.29
CA SER C 314 1.39 49.81 17.43
C SER C 314 1.84 49.78 15.96
N GLY C 315 1.82 48.58 15.33
CA GLY C 315 2.18 48.38 13.92
C GLY C 315 3.03 49.52 13.32
N SER C 321 3.11 49.49 10.48
CA SER C 321 2.77 48.87 9.20
C SER C 321 2.44 47.35 9.30
N SER C 322 3.44 46.52 9.63
CA SER C 322 3.46 45.08 9.35
C SER C 322 3.93 44.37 10.62
N VAL C 323 3.59 43.09 10.66
CA VAL C 323 3.58 42.22 11.87
C VAL C 323 4.91 41.49 12.02
N PHE C 324 5.70 41.89 13.03
CA PHE C 324 7.11 41.46 13.25
C PHE C 324 7.43 40.18 14.04
N LEU C 325 6.40 39.42 14.39
CA LEU C 325 6.54 38.07 14.93
C LEU C 325 6.35 37.20 13.70
N GLU C 326 7.35 36.41 13.34
CA GLU C 326 7.21 35.54 12.15
C GLU C 326 6.12 34.47 12.34
N SER C 327 5.21 34.42 11.36
CA SER C 327 3.98 33.55 11.39
C SER C 327 4.05 32.27 10.58
N ASP C 328 3.64 31.13 11.15
CA ASP C 328 3.34 29.91 10.41
C ASP C 328 2.04 29.42 11.06
N LEU C 329 0.99 29.27 10.29
CA LEU C 329 -0.31 29.34 10.87
C LEU C 329 -1.19 28.49 10.02
N VAL C 330 -1.91 27.56 10.62
CA VAL C 330 -2.55 26.59 9.77
C VAL C 330 -3.95 26.97 9.54
N THR C 331 -4.31 27.31 8.33
CA THR C 331 -5.76 27.56 8.09
C THR C 331 -6.64 26.33 7.68
N VAL C 332 -7.44 25.79 8.62
CA VAL C 332 -8.29 24.60 8.32
C VAL C 332 -9.71 24.89 7.85
N GLY C 333 -10.11 24.19 6.83
CA GLY C 333 -11.45 24.27 6.27
C GLY C 333 -11.84 22.83 6.19
N LEU C 334 -13.11 22.55 6.48
CA LEU C 334 -13.66 21.24 6.19
C LEU C 334 -15.07 21.35 5.69
N ALA C 335 -15.52 20.35 4.94
CA ALA C 335 -16.88 20.32 4.44
C ALA C 335 -17.35 18.88 4.30
N VAL C 336 -18.53 18.58 4.84
CA VAL C 336 -19.22 17.31 4.61
C VAL C 336 -20.01 17.42 3.31
N ASP C 337 -19.97 16.39 2.48
CA ASP C 337 -20.76 16.35 1.24
C ASP C 337 -21.68 15.17 1.15
N GLN C 338 -21.46 14.14 1.96
CA GLN C 338 -22.33 12.96 2.07
C GLN C 338 -22.33 12.41 3.49
N ILE C 339 -23.51 12.06 4.00
CA ILE C 339 -23.65 11.19 5.17
C ILE C 339 -24.04 9.85 4.60
N VAL C 340 -23.03 9.01 4.42
CA VAL C 340 -23.24 7.73 3.78
C VAL C 340 -24.07 6.82 4.69
N GLY C 341 -23.46 6.47 5.80
CA GLY C 341 -24.03 5.55 6.80
C GLY C 341 -24.20 6.25 8.15
N VAL C 342 -25.22 5.82 8.92
CA VAL C 342 -25.43 6.21 10.31
C VAL C 342 -25.82 4.96 11.06
N ASP C 343 -24.84 4.37 11.74
CA ASP C 343 -25.13 3.21 12.57
C ASP C 343 -25.71 3.68 13.91
N GLN C 344 -26.58 2.85 14.45
CA GLN C 344 -27.20 3.16 15.70
C GLN C 344 -26.64 2.32 16.80
N ARG C 345 -26.52 1.01 16.60
CA ARG C 345 -26.05 0.02 17.60
C ARG C 345 -24.58 0.29 18.00
N SER C 346 -23.72 0.33 16.99
CA SER C 346 -22.29 0.58 17.13
C SER C 346 -21.96 2.04 17.49
N GLU C 347 -22.93 2.93 17.28
CA GLU C 347 -22.86 4.35 17.67
C GLU C 347 -21.78 5.12 16.91
N ASN C 348 -21.67 4.81 15.63
CA ASN C 348 -20.74 5.47 14.71
C ASN C 348 -21.51 5.95 13.50
N PHE C 349 -20.83 6.69 12.61
CA PHE C 349 -21.46 7.13 11.36
C PHE C 349 -20.43 7.51 10.33
N SER C 350 -20.83 7.52 9.07
CA SER C 350 -19.85 7.68 8.00
C SER C 350 -20.20 8.85 7.09
N VAL C 351 -19.16 9.65 6.83
CA VAL C 351 -19.30 10.80 5.96
C VAL C 351 -18.19 10.92 4.94
N VAL C 352 -18.53 11.50 3.81
CA VAL C 352 -17.59 11.84 2.81
C VAL C 352 -17.47 13.35 2.89
N GLY C 353 -16.25 13.85 2.66
CA GLY C 353 -16.01 15.26 2.81
C GLY C 353 -14.79 15.80 2.08
N THR C 354 -14.30 16.93 2.58
CA THR C 354 -13.13 17.58 2.03
C THR C 354 -12.50 18.42 3.15
N LEU C 355 -11.18 18.41 3.20
CA LEU C 355 -10.43 19.07 4.26
C LEU C 355 -9.29 19.81 3.65
N LYS C 356 -9.23 21.13 3.86
CA LYS C 356 -8.26 22.03 3.25
C LYS C 356 -7.42 22.73 4.30
N LEU C 357 -6.09 22.57 4.24
CA LEU C 357 -5.16 23.24 5.14
C LEU C 357 -4.27 24.15 4.32
N SER C 358 -4.01 25.33 4.87
CA SER C 358 -3.24 26.34 4.14
C SER C 358 -2.45 27.19 5.12
N TRP C 359 -1.28 27.59 4.65
CA TRP C 359 -0.20 28.13 5.52
C TRP C 359 0.88 28.82 4.71
N HIS C 360 1.34 29.97 5.17
CA HIS C 360 2.42 30.69 4.50
C HIS C 360 3.74 30.14 5.05
N ASP C 361 4.64 29.71 4.15
CA ASP C 361 6.03 29.43 4.51
C ASP C 361 6.89 30.20 3.55
N PRO C 362 7.70 31.15 4.05
CA PRO C 362 8.57 31.89 3.13
C PRO C 362 9.51 30.93 2.48
N LYS C 363 9.60 29.77 3.10
CA LYS C 363 10.33 28.69 2.57
C LYS C 363 9.67 27.94 1.43
N LEU C 364 10.37 26.99 0.82
CA LEU C 364 9.80 26.34 -0.39
C LEU C 364 9.35 27.44 -1.37
N GLY C 365 10.27 28.36 -1.65
CA GLY C 365 10.00 29.62 -2.34
C GLY C 365 10.19 29.38 -3.80
N PHE C 366 9.09 29.20 -4.47
CA PHE C 366 9.09 28.74 -5.81
C PHE C 366 9.22 29.90 -6.82
N SER C 367 10.45 30.37 -7.00
CA SER C 367 10.77 31.38 -8.01
C SER C 367 10.35 30.88 -9.38
N PRO C 368 9.46 31.59 -10.09
CA PRO C 368 9.04 31.04 -11.35
C PRO C 368 9.96 31.43 -12.48
N ASP C 369 11.26 31.21 -12.29
CA ASP C 369 12.18 31.29 -13.39
C ASP C 369 12.47 29.86 -13.85
N GLN C 370 12.57 28.95 -12.88
CA GLN C 370 12.74 27.53 -13.17
C GLN C 370 11.48 26.96 -13.81
N CYS C 371 10.30 27.38 -13.35
CA CYS C 371 9.09 26.87 -13.93
C CYS C 371 8.28 27.88 -14.67
N GLY C 372 7.98 27.61 -15.93
CA GLY C 372 7.18 28.49 -16.72
C GLY C 372 5.80 28.37 -16.15
N CYS C 373 5.61 28.82 -14.90
CA CYS C 373 4.30 28.75 -14.25
C CYS C 373 4.24 29.46 -12.90
N THR C 374 3.03 29.80 -12.49
CA THR C 374 2.85 30.33 -11.16
C THR C 374 2.72 29.27 -10.07
N VAL C 375 2.26 28.05 -10.39
CA VAL C 375 1.92 27.05 -9.36
C VAL C 375 2.34 25.59 -9.71
N LYS C 376 2.94 24.91 -8.74
CA LYS C 376 3.28 23.50 -8.83
C LYS C 376 2.55 22.76 -7.74
N SER C 377 2.26 21.48 -8.01
CA SER C 377 1.33 20.67 -7.18
C SER C 377 1.92 19.28 -6.95
N PHE C 378 1.46 18.57 -5.93
CA PHE C 378 1.91 17.19 -5.66
C PHE C 378 0.82 16.33 -4.97
N GLU C 379 0.87 15.01 -5.16
CA GLU C 379 -0.06 14.04 -4.55
C GLU C 379 0.75 13.28 -3.50
N ASP C 380 0.15 12.26 -2.87
CA ASP C 380 0.49 11.71 -1.52
C ASP C 380 1.92 11.21 -1.31
N ALA C 381 2.32 10.17 -2.09
CA ALA C 381 3.63 9.54 -1.97
C ALA C 381 4.78 10.51 -2.29
N SER C 382 4.52 11.47 -3.19
CA SER C 382 5.49 12.47 -3.55
C SER C 382 5.67 13.52 -2.45
N ILE C 383 4.57 14.05 -1.92
CA ILE C 383 4.63 15.09 -0.87
C ILE C 383 5.28 14.53 0.41
N ARG C 384 4.75 13.43 0.96
CA ARG C 384 5.24 12.94 2.28
C ARG C 384 6.73 12.53 2.16
N ALA C 385 7.15 12.02 0.99
CA ALA C 385 8.56 11.63 0.77
C ALA C 385 9.43 12.77 0.23
N VAL C 386 9.10 13.28 -0.96
CA VAL C 386 9.92 14.28 -1.68
C VAL C 386 9.86 15.69 -1.03
N ALA C 387 8.78 16.08 -0.36
CA ALA C 387 8.76 17.36 0.37
C ALA C 387 9.56 17.25 1.67
N GLY C 388 9.70 16.03 2.18
CA GLY C 388 10.54 15.73 3.34
C GLY C 388 12.02 15.54 2.98
N GLU C 389 12.39 15.88 1.74
CA GLU C 389 13.78 15.83 1.25
C GLU C 389 14.60 17.01 1.79
N ILE C 390 13.97 18.16 1.95
CA ILE C 390 14.63 19.36 2.50
C ILE C 390 14.69 19.29 4.06
N ASN C 391 13.85 18.44 4.63
CA ASN C 391 13.67 18.23 6.06
C ASN C 391 13.27 19.52 6.77
N LEU C 392 12.34 20.25 6.17
CA LEU C 392 11.64 21.30 6.88
C LEU C 392 10.30 20.66 7.25
N PRO C 393 9.67 21.15 8.33
CA PRO C 393 8.57 20.44 8.92
C PRO C 393 7.27 20.70 8.15
N LEU C 394 6.36 19.72 8.26
CA LEU C 394 5.01 19.85 7.74
C LEU C 394 3.95 19.56 8.78
N PRO C 395 2.87 20.36 8.78
CA PRO C 395 1.75 20.22 9.72
C PRO C 395 0.93 18.95 9.48
N SER C 396 1.16 17.94 10.32
CA SER C 396 0.44 16.67 10.23
C SER C 396 -0.90 16.88 10.92
N PHE C 397 -1.80 15.92 10.70
CA PHE C 397 -3.16 16.01 11.22
C PHE C 397 -3.84 14.64 11.28
N SER C 398 -4.79 14.53 12.18
CA SER C 398 -5.43 13.28 12.49
C SER C 398 -6.90 13.52 12.79
N PHE C 399 -7.78 12.65 12.32
CA PHE C 399 -9.17 12.70 12.68
C PHE C 399 -9.25 11.92 13.99
N TYR C 400 -9.37 12.65 15.10
CA TYR C 400 -9.33 12.10 16.47
C TYR C 400 -10.26 10.90 16.65
N ASN C 401 -11.54 11.19 16.39
CA ASN C 401 -12.63 10.24 16.64
C ASN C 401 -12.94 9.40 15.41
N GLN C 402 -11.92 9.19 14.58
CA GLN C 402 -11.95 8.22 13.48
C GLN C 402 -11.97 6.80 13.99
N GLN C 403 -12.82 5.97 13.40
CA GLN C 403 -12.81 4.55 13.67
C GLN C 403 -12.38 3.87 12.39
N GLY C 404 -11.57 2.82 12.52
CA GLY C 404 -11.03 2.14 11.37
C GLY C 404 -10.09 2.97 10.52
N ASN C 405 -10.37 3.02 9.21
CA ASN C 405 -9.53 3.67 8.20
C ASN C 405 -10.21 4.92 7.60
N ARG C 406 -9.38 5.82 7.06
CA ARG C 406 -9.86 6.99 6.30
C ARG C 406 -9.64 6.73 4.81
N TRP C 407 -10.71 6.70 4.05
CA TRP C 407 -10.58 6.40 2.63
C TRP C 407 -10.28 7.69 1.83
N SER C 408 -9.00 7.92 1.64
CA SER C 408 -8.51 9.14 1.04
C SER C 408 -8.49 9.01 -0.46
N GLN C 409 -9.30 9.80 -1.17
CA GLN C 409 -9.35 9.67 -2.63
C GLN C 409 -8.27 10.43 -3.37
N ASN C 410 -8.16 11.72 -3.14
CA ASN C 410 -7.03 12.53 -3.66
C ASN C 410 -6.42 13.32 -2.50
N GLN C 411 -5.10 13.31 -2.41
CA GLN C 411 -4.40 14.03 -1.40
C GLN C 411 -3.52 14.81 -2.32
N VAL C 412 -4.01 15.92 -2.81
CA VAL C 412 -3.24 16.83 -3.67
C VAL C 412 -2.91 18.15 -2.92
N ILE C 413 -1.71 18.71 -3.16
CA ILE C 413 -1.21 19.91 -2.47
C ILE C 413 -0.46 20.86 -3.39
N PHE C 414 -0.89 22.12 -3.38
CA PHE C 414 -0.37 23.17 -4.28
C PHE C 414 0.46 24.17 -3.44
N VAL C 415 1.41 24.81 -4.16
CA VAL C 415 2.23 25.88 -3.63
C VAL C 415 2.60 26.92 -4.63
N THR C 416 2.56 28.17 -4.21
CA THR C 416 2.90 29.33 -5.06
C THR C 416 4.31 29.79 -4.85
N PRO C 417 4.83 30.68 -5.72
CA PRO C 417 6.16 31.22 -5.58
C PRO C 417 6.46 31.72 -4.17
N ASP C 418 5.60 32.68 -3.70
CA ASP C 418 5.69 33.31 -2.35
C ASP C 418 5.69 32.33 -1.20
N GLY C 419 5.25 31.11 -1.50
CA GLY C 419 5.20 30.02 -0.53
C GLY C 419 3.89 29.97 0.25
N ARG C 420 2.78 29.79 -0.48
CA ARG C 420 1.49 29.57 0.14
C ARG C 420 1.12 28.13 -0.10
N ALA C 421 1.12 27.36 0.98
CA ALA C 421 0.77 25.95 0.96
C ALA C 421 -0.74 25.85 1.04
N SER C 422 -1.32 24.90 0.32
CA SER C 422 -2.76 24.74 0.27
C SER C 422 -2.90 23.28 0.06
N TYR C 423 -3.28 22.57 1.09
CA TYR C 423 -3.51 21.18 0.96
C TYR C 423 -4.97 20.94 1.27
N PHE C 424 -5.64 20.37 0.27
CA PHE C 424 -6.93 19.75 0.52
C PHE C 424 -6.94 18.28 0.21
N GLU C 425 -7.83 17.56 0.90
CA GLU C 425 -7.99 16.11 0.78
C GLU C 425 -9.47 15.74 0.80
N ARG C 426 -9.95 15.11 -0.28
CA ARG C 426 -11.30 14.54 -0.25
C ARG C 426 -11.15 13.19 0.41
N PHE C 427 -12.10 12.86 1.28
CA PHE C 427 -12.02 11.67 2.13
C PHE C 427 -13.31 10.90 2.35
N THR C 428 -13.19 9.60 2.69
CA THR C 428 -14.26 8.84 3.33
C THR C 428 -13.88 8.34 4.74
N VAL C 429 -14.73 8.69 5.69
CA VAL C 429 -14.49 8.40 7.11
C VAL C 429 -15.67 7.78 7.79
N THR C 430 -15.38 6.96 8.80
CA THR C 430 -16.36 6.55 9.78
C THR C 430 -15.91 7.15 11.10
N LEU C 431 -16.84 7.81 11.76
CA LEU C 431 -16.57 8.56 12.97
C LEU C 431 -17.40 8.08 14.14
N GLN C 432 -16.82 8.22 15.34
CA GLN C 432 -17.51 7.85 16.56
C GLN C 432 -18.45 8.97 17.03
N ALA C 433 -19.62 8.57 17.52
CA ALA C 433 -20.55 9.47 18.16
C ALA C 433 -20.85 8.83 19.51
N PRO C 434 -20.14 9.26 20.51
CA PRO C 434 -20.36 8.75 21.86
C PRO C 434 -21.41 9.50 22.59
N ASP C 435 -21.81 10.70 22.06
CA ASP C 435 -22.98 11.49 22.53
C ASP C 435 -24.29 11.31 21.71
N PHE C 436 -24.70 10.03 21.80
CA PHE C 436 -25.91 9.52 21.33
C PHE C 436 -26.75 9.32 22.56
N ASP C 437 -27.81 10.10 22.72
CA ASP C 437 -28.75 9.94 23.80
C ASP C 437 -29.96 9.32 23.13
N PHE C 438 -30.32 8.08 23.50
CA PHE C 438 -31.42 7.39 22.92
C PHE C 438 -32.69 7.54 23.72
N LEU C 439 -32.71 8.47 24.67
CA LEU C 439 -33.85 8.50 25.60
C LEU C 439 -35.04 9.13 24.98
N ALA C 440 -34.79 10.28 24.33
CA ALA C 440 -35.79 11.03 23.56
C ALA C 440 -36.44 10.31 22.35
N TYR C 441 -35.99 9.09 22.05
CA TYR C 441 -36.41 8.29 20.88
C TYR C 441 -37.89 7.96 20.80
N PRO C 442 -38.51 8.13 19.63
CA PRO C 442 -37.87 8.51 18.34
C PRO C 442 -37.84 10.03 18.08
N PHE C 443 -38.01 10.81 19.13
CA PHE C 443 -38.06 12.26 19.06
C PHE C 443 -36.71 12.91 19.29
N ASP C 444 -35.65 12.11 19.11
CA ASP C 444 -34.25 12.41 19.53
C ASP C 444 -33.35 13.25 18.66
N ARG C 445 -32.59 14.12 19.31
CA ARG C 445 -31.59 14.97 18.66
C ARG C 445 -30.20 14.44 19.02
N GLN C 446 -29.22 14.66 18.15
CA GLN C 446 -27.89 14.09 18.34
C GLN C 446 -26.79 15.01 17.86
N LYS C 447 -25.55 14.71 18.30
CA LYS C 447 -24.36 15.46 17.87
C LYS C 447 -23.48 14.53 17.03
N PHE C 448 -23.29 14.84 15.75
CA PHE C 448 -22.30 14.12 14.94
C PHE C 448 -21.12 15.05 14.77
N SER C 449 -19.96 14.61 15.26
CA SER C 449 -18.77 15.47 15.25
C SER C 449 -17.65 14.93 14.36
N ILE C 450 -16.78 15.82 13.94
CA ILE C 450 -15.65 15.50 13.10
C ILE C 450 -14.44 16.26 13.64
N LYS C 451 -13.92 15.72 14.71
CA LYS C 451 -12.82 16.34 15.41
C LYS C 451 -11.52 16.05 14.67
N VAL C 452 -10.88 17.13 14.19
CA VAL C 452 -9.60 17.01 13.50
C VAL C 452 -8.39 17.78 14.10
N ASP C 453 -7.64 17.04 14.91
CA ASP C 453 -6.41 17.48 15.58
C ASP C 453 -5.23 17.63 14.60
N LEU C 454 -4.17 18.26 15.08
CA LEU C 454 -2.85 18.16 14.51
C LEU C 454 -2.16 17.02 15.20
N ALA C 455 -1.19 16.39 14.54
CA ALA C 455 -0.38 15.35 15.22
C ALA C 455 0.77 16.01 15.96
N VAL C 456 1.32 17.03 15.32
CA VAL C 456 2.33 17.88 15.91
C VAL C 456 1.76 18.83 16.97
N PRO C 457 2.58 19.25 17.95
CA PRO C 457 2.18 20.26 18.90
C PRO C 457 2.17 21.69 18.33
N THR C 458 1.84 22.63 19.21
CA THR C 458 1.78 24.06 18.87
C THR C 458 3.11 24.82 19.12
N ASN C 459 4.17 24.07 19.37
CA ASN C 459 5.55 24.59 19.22
C ASN C 459 5.88 24.81 17.75
N MET C 460 5.22 23.99 16.92
CA MET C 460 5.26 23.98 15.46
C MET C 460 4.05 24.64 14.69
N PHE C 461 2.84 24.13 14.95
CA PHE C 461 1.67 24.51 14.17
C PHE C 461 0.37 24.58 14.99
N ILE C 462 -0.48 25.50 14.56
CA ILE C 462 -1.77 25.79 15.15
C ILE C 462 -2.68 26.10 13.98
N PHE C 463 -3.96 25.77 14.03
CA PHE C 463 -4.90 26.32 13.10
C PHE C 463 -5.35 27.52 13.97
N ASN C 464 -5.43 28.72 13.38
CA ASN C 464 -6.08 29.91 13.93
C ASN C 464 -7.41 30.49 13.38
N GLU C 465 -7.52 30.33 12.08
CA GLU C 465 -8.67 30.90 11.32
C GLU C 465 -9.40 29.87 10.47
N ILE C 466 -10.71 29.74 10.62
CA ILE C 466 -11.49 28.84 9.78
C ILE C 466 -11.91 29.50 8.45
N GLU C 467 -11.55 28.88 7.33
CA GLU C 467 -12.07 29.33 6.04
C GLU C 467 -13.17 28.37 5.65
N ARG C 468 -14.34 28.90 5.29
CA ARG C 468 -15.42 28.08 4.75
C ARG C 468 -15.17 27.99 3.28
N PHE C 469 -14.40 27.00 2.82
CA PHE C 469 -14.04 26.95 1.41
C PHE C 469 -15.16 26.46 0.48
N GLN C 470 -16.13 25.75 1.05
CA GLN C 470 -17.47 25.60 0.47
C GLN C 470 -18.47 25.31 1.59
N GLN C 471 -19.76 25.21 1.26
CA GLN C 471 -20.77 25.09 2.27
C GLN C 471 -20.59 23.79 3.03
N VAL C 472 -20.69 23.92 4.32
CA VAL C 472 -20.34 22.86 5.24
C VAL C 472 -21.23 21.66 5.06
N VAL C 473 -22.52 21.95 5.01
CA VAL C 473 -23.48 20.87 4.83
C VAL C 473 -23.94 20.89 3.38
N GLY C 474 -23.64 19.83 2.63
CA GLY C 474 -23.96 19.75 1.22
C GLY C 474 -25.46 19.72 1.06
N ASP C 475 -25.94 20.24 -0.07
CA ASP C 475 -27.35 20.17 -0.40
C ASP C 475 -27.81 18.71 -0.38
N GLN C 476 -27.01 17.84 -1.01
CA GLN C 476 -27.43 16.46 -1.23
C GLN C 476 -26.59 15.49 -0.39
N LEU C 477 -26.90 15.41 0.90
CA LEU C 477 -26.21 14.53 1.83
C LEU C 477 -26.48 13.09 1.47
N GLY C 478 -27.73 12.80 1.17
CA GLY C 478 -28.16 11.45 0.79
C GLY C 478 -28.57 10.53 1.92
N GLU C 479 -29.04 11.10 3.05
CA GLU C 479 -29.54 10.31 4.17
C GLU C 479 -30.97 10.73 4.54
N GLU C 480 -31.81 9.73 4.79
CA GLU C 480 -33.25 9.94 4.94
C GLU C 480 -33.85 9.76 6.30
N GLU C 481 -33.12 9.14 7.24
CA GLU C 481 -33.65 8.89 8.60
C GLU C 481 -33.44 10.11 9.51
N TRP C 482 -32.28 10.78 9.31
CA TRP C 482 -31.91 12.05 9.95
C TRP C 482 -31.79 13.18 8.93
N VAL C 483 -32.04 14.42 9.38
CA VAL C 483 -31.57 15.61 8.66
C VAL C 483 -30.99 16.62 9.61
N VAL C 484 -29.98 17.31 9.12
CA VAL C 484 -29.18 18.23 9.91
C VAL C 484 -30.02 19.47 10.16
N THR C 485 -29.92 19.98 11.40
CA THR C 485 -30.57 21.21 11.91
C THR C 485 -29.63 22.42 11.85
N SER C 486 -28.42 22.23 12.37
CA SER C 486 -27.45 23.31 12.45
C SER C 486 -26.11 22.67 12.50
N TYR C 487 -25.09 23.41 12.03
CA TYR C 487 -23.70 22.94 12.12
C TYR C 487 -22.86 23.80 13.05
N SER C 488 -21.65 23.36 13.36
CA SER C 488 -20.78 24.08 14.26
C SER C 488 -19.41 23.71 13.80
N GLN C 489 -18.61 24.73 13.54
CA GLN C 489 -17.18 24.57 13.27
C GLN C 489 -16.49 25.51 14.27
N GLU C 490 -15.41 25.03 14.92
CA GLU C 490 -14.82 25.72 16.07
C GLU C 490 -13.48 25.08 16.47
N ILE C 491 -12.50 25.89 16.83
CA ILE C 491 -11.16 25.43 17.18
C ILE C 491 -11.02 25.44 18.69
N THR C 492 -10.21 24.52 19.23
CA THR C 492 -9.95 24.33 20.66
C THR C 492 -8.46 23.98 20.67
N GLU C 493 -7.87 23.84 21.84
CA GLU C 493 -6.52 23.36 22.03
C GLU C 493 -6.53 22.27 23.09
N VAL C 494 -5.80 21.18 22.87
CA VAL C 494 -5.95 19.96 23.65
C VAL C 494 -4.61 19.47 24.17
N PRO C 495 -4.62 18.92 25.39
CA PRO C 495 -3.38 18.40 25.93
C PRO C 495 -3.05 17.12 25.20
N PHE C 496 -1.78 16.94 24.90
CA PHE C 496 -1.23 15.65 24.53
C PHE C 496 0.11 15.50 25.18
N GLU C 497 0.56 14.27 25.32
CA GLU C 497 1.89 13.96 25.90
C GLU C 497 1.85 14.51 27.34
N ARG C 498 2.88 15.18 27.75
CA ARG C 498 2.86 15.88 29.03
C ARG C 498 3.20 17.32 28.72
N GLY C 499 2.36 18.21 29.22
CA GLY C 499 2.56 19.63 29.06
C GLY C 499 2.70 20.08 27.62
N SER C 500 1.90 19.51 26.73
CA SER C 500 1.93 19.97 25.34
C SER C 500 0.55 20.04 24.78
N THR C 501 0.29 21.07 23.98
CA THR C 501 -1.05 21.37 23.47
C THR C 501 -1.01 21.32 21.98
N ASN C 502 -2.05 20.79 21.33
CA ASN C 502 -2.21 20.76 19.87
C ASN C 502 -3.64 21.21 19.54
N SER C 503 -3.77 21.92 18.44
CA SER C 503 -5.07 22.40 17.98
C SER C 503 -6.01 21.24 17.60
N ARG C 504 -7.33 21.48 17.76
CA ARG C 504 -8.39 20.53 17.37
C ARG C 504 -9.52 21.26 16.63
N PHE C 505 -9.76 20.91 15.38
CA PHE C 505 -10.76 21.57 14.59
C PHE C 505 -11.96 20.64 14.75
N THR C 506 -12.82 21.05 15.66
CA THR C 506 -14.05 20.36 16.02
C THR C 506 -15.08 20.85 15.00
N THR C 507 -15.56 19.94 14.13
CA THR C 507 -16.60 20.24 13.14
C THR C 507 -17.91 19.44 13.36
N THR C 508 -18.79 20.07 14.14
CA THR C 508 -20.01 19.41 14.64
C THR C 508 -21.42 19.73 14.03
N LEU C 509 -22.02 18.68 13.45
CA LEU C 509 -23.39 18.72 12.96
C LEU C 509 -24.32 18.36 14.10
N LEU C 510 -25.37 19.16 14.29
CA LEU C 510 -26.44 18.80 15.20
C LEU C 510 -27.55 18.28 14.31
N VAL C 511 -28.20 17.23 14.78
CA VAL C 511 -29.13 16.48 13.96
C VAL C 511 -30.40 16.17 14.70
N LYS C 512 -31.54 16.13 13.96
CA LYS C 512 -32.86 15.66 14.50
C LYS C 512 -33.46 14.57 13.59
N ARG C 513 -34.24 13.68 14.20
CA ARG C 513 -34.79 12.54 13.48
C ARG C 513 -36.12 12.80 12.73
N ASN C 514 -36.17 12.28 11.50
CA ASN C 514 -37.38 12.24 10.70
C ASN C 514 -38.29 11.27 11.36
N LEU C 515 -39.43 11.82 11.82
CA LEU C 515 -40.50 11.14 12.58
C LEU C 515 -41.70 10.73 11.69
N GLU C 516 -41.55 10.88 10.40
CA GLU C 516 -42.68 10.75 9.50
C GLU C 516 -42.87 9.26 9.36
N TYR C 517 -41.76 8.52 9.27
CA TYR C 517 -41.80 7.05 9.36
C TYR C 517 -42.44 6.63 10.67
N TYR C 518 -41.93 7.17 11.78
CA TYR C 518 -42.35 6.79 13.13
C TYR C 518 -43.80 7.13 13.40
N ILE C 519 -44.33 8.18 12.79
CA ILE C 519 -45.73 8.52 12.99
C ILE C 519 -46.63 7.57 12.18
N LEU C 520 -46.32 7.39 10.90
CA LEU C 520 -47.17 6.54 10.07
C LEU C 520 -47.12 5.02 10.23
N ARG C 521 -45.99 4.46 10.65
CA ARG C 521 -45.88 3.02 10.90
C ARG C 521 -45.84 2.64 12.43
N ILE C 522 -45.80 3.58 13.34
CA ILE C 522 -45.81 3.19 14.75
C ILE C 522 -46.95 3.80 15.49
N PHE C 523 -47.13 5.09 15.31
CA PHE C 523 -48.08 5.87 16.13
C PHE C 523 -49.57 5.81 15.82
N VAL C 524 -49.94 5.96 14.54
CA VAL C 524 -51.36 5.76 14.12
C VAL C 524 -51.90 4.33 14.33
N PRO C 525 -51.02 3.34 14.08
CA PRO C 525 -51.43 1.97 14.35
C PRO C 525 -51.78 1.91 15.84
N LEU C 526 -50.86 2.30 16.73
CA LEU C 526 -51.10 2.33 18.19
C LEU C 526 -52.45 3.00 18.59
N PHE C 527 -52.70 4.15 17.98
CA PHE C 527 -53.89 4.94 18.18
C PHE C 527 -55.04 4.05 17.76
N LEU C 528 -54.94 3.44 16.57
CA LEU C 528 -56.03 2.55 16.12
C LEU C 528 -56.34 1.39 17.13
N ILE C 529 -55.28 0.82 17.68
CA ILE C 529 -55.42 -0.39 18.49
C ILE C 529 -56.00 0.02 19.81
N ILE C 530 -55.52 1.11 20.37
CA ILE C 530 -56.09 1.57 21.64
C ILE C 530 -57.53 2.11 21.45
N SER C 531 -57.80 2.62 20.24
CA SER C 531 -59.16 3.07 19.89
C SER C 531 -60.17 1.93 19.96
N VAL C 532 -59.69 0.74 19.59
CA VAL C 532 -60.53 -0.45 19.62
C VAL C 532 -60.91 -0.72 21.08
N SER C 533 -59.93 -0.67 21.98
CA SER C 533 -60.26 -0.89 23.39
C SER C 533 -61.28 0.09 23.92
N TRP C 534 -61.27 1.30 23.40
CA TRP C 534 -62.20 2.27 23.83
C TRP C 534 -63.64 1.96 23.38
N VAL C 535 -63.75 1.71 22.08
CA VAL C 535 -65.03 1.55 21.36
C VAL C 535 -65.77 0.28 21.82
N ILE C 536 -65.05 -0.75 22.23
CA ILE C 536 -65.72 -1.93 22.78
C ILE C 536 -66.54 -1.61 24.01
N PHE C 537 -66.13 -0.67 24.87
CA PHE C 537 -67.01 -0.28 25.98
C PHE C 537 -68.40 0.24 25.56
N PHE C 538 -68.53 0.86 24.39
CA PHE C 538 -69.84 1.21 23.84
C PHE C 538 -70.82 0.04 23.77
N LEU C 539 -70.35 -1.12 23.34
CA LEU C 539 -71.16 -2.25 22.91
C LEU C 539 -72.07 -2.89 23.94
N LYS C 540 -71.48 -3.21 25.09
CA LYS C 540 -72.08 -3.99 26.15
C LYS C 540 -72.88 -5.25 25.72
N ASP C 541 -72.31 -6.13 24.92
CA ASP C 541 -72.78 -7.51 24.84
C ASP C 541 -71.53 -8.07 25.41
N TYR C 542 -71.59 -8.43 26.69
CA TYR C 542 -70.35 -8.59 27.43
C TYR C 542 -69.45 -9.77 27.05
N GLY C 543 -70.01 -10.94 26.73
CA GLY C 543 -69.23 -12.02 26.16
C GLY C 543 -68.45 -11.57 24.96
N ARG C 544 -69.16 -11.04 23.98
CA ARG C 544 -68.53 -10.56 22.76
C ARG C 544 -67.58 -9.40 22.99
N GLN C 545 -67.95 -8.54 23.94
CA GLN C 545 -67.15 -7.37 24.25
C GLN C 545 -65.80 -7.89 24.70
N LEU C 546 -65.84 -8.84 25.62
CA LEU C 546 -64.62 -9.40 26.14
C LEU C 546 -63.84 -10.06 25.06
N GLU C 547 -64.54 -10.82 24.20
CA GLU C 547 -63.88 -11.54 23.12
C GLU C 547 -63.12 -10.54 22.27
N VAL C 548 -63.80 -9.45 21.91
CA VAL C 548 -63.16 -8.46 21.06
C VAL C 548 -61.96 -7.84 21.75
N ALA C 549 -62.13 -7.45 23.00
CA ALA C 549 -61.07 -6.77 23.73
C ALA C 549 -59.91 -7.69 23.83
N SER C 550 -60.14 -8.91 24.26
CA SER C 550 -59.06 -9.86 24.32
C SER C 550 -58.34 -9.95 22.99
N GLY C 551 -59.10 -9.99 21.89
CA GLY C 551 -58.52 -10.08 20.56
C GLY C 551 -57.66 -8.87 20.23
N ASN C 552 -58.16 -7.71 20.63
CA ASN C 552 -57.42 -6.49 20.39
C ASN C 552 -56.13 -6.52 21.16
N LEU C 553 -56.13 -6.99 22.41
CA LEU C 553 -54.88 -7.14 23.14
C LEU C 553 -53.99 -8.13 22.46
N LEU C 554 -54.55 -9.21 21.94
CA LEU C 554 -53.76 -10.19 21.22
C LEU C 554 -52.97 -9.58 20.08
N VAL C 555 -53.62 -8.72 19.29
CA VAL C 555 -52.92 -8.06 18.20
C VAL C 555 -51.76 -7.25 18.77
N PHE C 556 -52.05 -6.53 19.83
CA PHE C 556 -51.06 -5.68 20.45
C PHE C 556 -49.76 -6.38 20.58
N VAL C 557 -49.75 -7.62 21.00
CA VAL C 557 -48.52 -8.35 21.19
C VAL C 557 -47.79 -8.45 19.87
N ALA C 558 -48.51 -8.82 18.84
CA ALA C 558 -47.94 -8.96 17.52
C ALA C 558 -47.34 -7.65 17.10
N PHE C 559 -48.14 -6.59 17.24
CA PHE C 559 -47.71 -5.31 16.79
C PHE C 559 -46.46 -4.85 17.53
N ASN C 560 -46.45 -5.13 18.82
CA ASN C 560 -45.37 -4.69 19.64
C ASN C 560 -44.09 -5.32 19.20
N PHE C 561 -44.08 -6.61 18.95
CA PHE C 561 -42.82 -7.18 18.53
C PHE C 561 -42.49 -6.87 17.06
N THR C 562 -43.46 -6.56 16.23
CA THR C 562 -43.21 -5.95 14.92
C THR C 562 -42.38 -4.69 15.01
N ILE C 563 -42.74 -3.81 15.92
CA ILE C 563 -41.99 -2.58 15.96
C ILE C 563 -40.58 -3.06 16.13
N SER C 564 -39.73 -2.51 15.25
CA SER C 564 -38.35 -2.79 15.24
C SER C 564 -37.65 -1.52 15.67
N GLY C 565 -36.86 -1.64 16.70
CA GLY C 565 -35.98 -0.62 17.11
C GLY C 565 -34.62 -1.13 16.79
N ASP C 566 -33.86 -0.35 16.05
CA ASP C 566 -32.51 -0.68 15.70
C ASP C 566 -31.51 -0.25 16.76
N LEU C 567 -31.97 0.34 17.85
CA LEU C 567 -31.18 0.75 18.95
C LEU C 567 -30.37 -0.41 19.48
N PRO C 568 -29.12 -0.11 19.90
CA PRO C 568 -28.35 -1.08 20.63
C PRO C 568 -29.08 -1.34 21.92
N ARG C 569 -28.92 -2.56 22.42
CA ARG C 569 -29.32 -2.89 23.78
C ARG C 569 -28.89 -1.79 24.70
N LEU C 570 -29.83 -1.31 25.50
CA LEU C 570 -29.66 -0.04 26.21
C LEU C 570 -30.06 -0.16 27.65
N GLY C 571 -29.33 0.53 28.52
CA GLY C 571 -29.69 0.61 29.91
C GLY C 571 -31.04 1.25 30.17
N TYR C 572 -31.41 2.29 29.42
CA TYR C 572 -32.63 3.00 29.76
C TYR C 572 -33.82 2.53 28.89
N LEU C 573 -35.01 2.83 29.37
CA LEU C 573 -36.28 2.98 28.62
C LEU C 573 -36.16 4.24 27.77
N THR C 574 -36.63 4.24 26.53
CA THR C 574 -36.73 5.51 25.75
C THR C 574 -38.18 5.98 25.89
N VAL C 575 -38.50 7.08 25.21
CA VAL C 575 -39.84 7.62 25.23
C VAL C 575 -40.82 6.59 24.76
N LEU C 576 -40.72 6.13 23.52
CA LEU C 576 -41.64 5.18 22.92
C LEU C 576 -41.74 3.88 23.71
N ASP C 577 -40.66 3.42 24.32
CA ASP C 577 -40.68 2.23 25.17
C ASP C 577 -41.64 2.42 26.37
N ARG C 578 -41.60 3.61 26.96
CA ARG C 578 -42.51 4.00 28.04
C ARG C 578 -44.00 4.07 27.65
N PHE C 579 -44.30 4.66 26.49
CA PHE C 579 -45.70 4.80 25.99
C PHE C 579 -46.22 3.44 25.58
N MET C 580 -45.32 2.68 25.01
CA MET C 580 -45.66 1.35 24.60
C MET C 580 -45.98 0.48 25.79
N ILE C 581 -45.16 0.52 26.83
CA ILE C 581 -45.42 -0.30 28.01
C ILE C 581 -46.69 0.14 28.74
N VAL C 582 -46.98 1.42 28.76
CA VAL C 582 -48.22 1.92 29.32
C VAL C 582 -49.46 1.48 28.56
N SER C 583 -49.42 1.54 27.23
CA SER C 583 -50.53 1.02 26.40
C SER C 583 -50.84 -0.45 26.59
N PHE C 584 -49.82 -1.32 26.48
CA PHE C 584 -49.92 -2.79 26.62
C PHE C 584 -50.67 -3.16 27.88
N CYS C 585 -50.14 -2.70 29.03
CA CYS C 585 -50.62 -3.11 30.36
C CYS C 585 -52.11 -2.77 30.64
N LEU C 586 -52.49 -1.49 30.47
CA LEU C 586 -53.89 -1.06 30.59
C LEU C 586 -54.83 -1.59 29.50
N THR C 587 -54.25 -1.91 28.35
CA THR C 587 -54.97 -2.58 27.28
C THR C 587 -55.37 -3.90 27.85
N ALA C 588 -54.48 -4.50 28.65
CA ALA C 588 -54.83 -5.71 29.43
C ALA C 588 -55.75 -5.39 30.61
N ILE C 589 -55.75 -4.14 31.06
CA ILE C 589 -56.66 -3.70 32.11
C ILE C 589 -58.06 -3.57 31.56
N VAL C 590 -58.20 -3.22 30.27
CA VAL C 590 -59.51 -3.24 29.56
C VAL C 590 -60.06 -4.66 29.51
N VAL C 591 -59.17 -5.63 29.38
CA VAL C 591 -59.54 -7.04 29.42
C VAL C 591 -59.88 -7.46 30.85
N LEU C 592 -59.14 -6.97 31.84
CA LEU C 592 -59.44 -7.21 33.26
C LEU C 592 -60.85 -6.70 33.62
N ILE C 593 -61.26 -5.61 32.99
CA ILE C 593 -62.60 -5.06 33.15
C ILE C 593 -63.68 -5.90 32.40
N SER C 594 -63.42 -6.43 31.19
CA SER C 594 -64.45 -7.18 30.43
C SER C 594 -64.95 -8.42 31.12
N VAL C 595 -64.03 -9.20 31.65
CA VAL C 595 -64.26 -10.28 32.60
C VAL C 595 -65.24 -9.92 33.71
N CYS C 596 -64.87 -8.84 34.39
CA CYS C 596 -65.61 -8.42 35.56
C CYS C 596 -67.03 -8.13 35.16
N GLN C 597 -67.20 -7.34 34.12
CA GLN C 597 -68.52 -7.00 33.64
C GLN C 597 -69.33 -8.22 33.26
N LYS C 598 -68.74 -9.15 32.53
CA LYS C 598 -69.43 -10.35 32.06
C LYS C 598 -69.95 -11.13 33.28
N ARG C 599 -69.09 -11.30 34.28
CA ARG C 599 -69.41 -12.02 35.52
C ARG C 599 -70.69 -11.41 36.15
N LEU C 600 -70.64 -10.09 36.29
CA LEU C 600 -71.72 -9.37 36.92
C LEU C 600 -72.95 -9.73 36.11
N GLY C 601 -72.92 -9.42 34.82
CA GLY C 601 -74.08 -9.57 33.97
C GLY C 601 -74.70 -10.94 34.12
N ALA C 602 -73.85 -11.96 34.16
CA ALA C 602 -74.33 -13.34 34.32
C ALA C 602 -75.06 -13.55 35.65
N VAL C 603 -74.45 -13.13 36.76
CA VAL C 603 -75.12 -13.32 38.05
C VAL C 603 -76.32 -12.36 38.13
N GLY C 604 -76.12 -11.15 37.64
CA GLY C 604 -77.09 -10.11 37.71
C GLY C 604 -76.40 -8.77 37.75
N LYS C 605 -77.10 -7.76 38.29
CA LYS C 605 -76.57 -6.39 38.42
C LYS C 605 -75.97 -5.88 37.09
N GLN C 606 -76.73 -6.10 36.01
CA GLN C 606 -76.27 -5.75 34.67
C GLN C 606 -76.08 -4.25 34.52
N ALA C 607 -76.95 -3.47 35.14
CA ALA C 607 -76.82 -2.02 35.17
C ALA C 607 -75.49 -1.69 35.80
N VAL C 608 -75.12 -2.38 36.88
CA VAL C 608 -73.82 -2.09 37.50
C VAL C 608 -72.74 -2.17 36.43
N ALA C 609 -72.79 -3.23 35.63
CA ALA C 609 -71.78 -3.36 34.57
C ALA C 609 -71.82 -2.19 33.59
N ALA C 610 -73.02 -1.76 33.21
CA ALA C 610 -73.18 -0.66 32.27
C ALA C 610 -72.69 0.64 32.87
N GLN C 611 -72.85 0.84 34.18
CA GLN C 611 -72.39 2.06 34.83
C GLN C 611 -70.88 2.30 34.66
N ILE C 612 -70.13 1.26 35.02
CA ILE C 612 -68.68 1.25 34.91
C ILE C 612 -68.19 1.44 33.48
N ASP C 613 -68.85 0.81 32.51
CA ASP C 613 -68.60 0.99 31.06
C ASP C 613 -68.54 2.47 30.81
N THR C 614 -69.55 3.21 31.25
CA THR C 614 -69.63 4.64 30.99
C THR C 614 -68.55 5.26 31.82
N TRP C 615 -68.47 4.77 33.04
CA TRP C 615 -67.45 5.29 33.87
C TRP C 615 -66.05 5.27 33.21
N VAL C 616 -65.55 4.11 32.86
CA VAL C 616 -64.29 3.93 32.11
C VAL C 616 -64.08 4.79 30.87
N LEU C 617 -65.08 4.91 30.02
CA LEU C 617 -64.95 5.66 28.77
C LEU C 617 -64.53 7.09 29.05
N VAL C 618 -65.14 7.69 30.06
CA VAL C 618 -64.74 9.04 30.47
C VAL C 618 -63.26 9.10 30.88
N ILE C 619 -62.90 8.25 31.83
CA ILE C 619 -61.59 8.33 32.51
C ILE C 619 -60.42 7.81 31.62
N TYR C 620 -60.65 6.70 30.93
CA TYR C 620 -59.66 6.02 30.12
C TYR C 620 -58.83 6.93 29.16
N PRO C 621 -59.49 7.74 28.31
CA PRO C 621 -58.67 8.57 27.41
C PRO C 621 -58.05 9.86 28.00
N LEU C 622 -58.40 10.23 29.21
CA LEU C 622 -57.78 11.36 29.90
C LEU C 622 -56.47 11.01 30.64
N VAL C 623 -56.44 9.82 31.24
CA VAL C 623 -55.24 9.28 31.84
C VAL C 623 -54.61 8.93 30.49
N TYR C 624 -55.44 8.67 29.47
CA TYR C 624 -54.82 8.58 28.19
C TYR C 624 -54.00 9.81 27.87
N SER C 625 -54.60 10.95 27.78
CA SER C 625 -53.89 12.21 27.63
C SER C 625 -52.91 12.82 28.63
N LEU C 626 -53.17 12.70 29.93
CA LEU C 626 -52.31 13.21 30.97
C LEU C 626 -51.00 12.46 30.97
N TYR C 627 -51.07 11.18 30.69
CA TYR C 627 -49.86 10.38 30.64
C TYR C 627 -48.96 11.01 29.58
N ILE C 628 -49.51 11.30 28.42
CA ILE C 628 -48.79 11.97 27.36
C ILE C 628 -48.20 13.30 27.81
N ILE C 629 -49.02 14.08 28.47
CA ILE C 629 -48.57 15.40 28.90
C ILE C 629 -47.52 15.18 30.04
N TRP C 630 -47.73 14.12 30.83
CA TRP C 630 -46.80 13.70 31.90
C TRP C 630 -45.38 13.60 31.40
N VAL C 631 -45.20 12.72 30.41
CA VAL C 631 -43.88 12.49 29.76
C VAL C 631 -43.36 13.61 28.91
N TYR C 632 -44.26 14.48 28.41
CA TYR C 632 -43.89 15.66 27.68
C TYR C 632 -42.86 16.36 28.54
N LEU C 633 -43.27 16.72 29.74
CA LEU C 633 -42.46 17.46 30.66
C LEU C 633 -41.15 16.77 31.07
N ARG C 634 -41.26 15.49 31.45
CA ARG C 634 -40.19 14.65 31.92
C ARG C 634 -39.14 14.53 30.78
N PHE C 635 -39.60 14.41 29.53
CA PHE C 635 -38.73 14.10 28.43
C PHE C 635 -38.55 15.30 27.48
N PHE C 636 -38.97 16.48 27.95
CA PHE C 636 -38.80 17.74 27.19
C PHE C 636 -38.56 18.94 28.15
N GLY D 36 53.86 27.89 6.22
CA GLY D 36 52.58 27.34 6.79
C GLY D 36 52.69 25.83 6.97
N ARG D 37 52.39 25.36 8.18
CA ARG D 37 52.38 23.94 8.50
C ARG D 37 50.98 23.55 9.03
N VAL D 38 50.43 22.45 8.52
CA VAL D 38 49.04 22.08 8.78
C VAL D 38 48.89 20.59 9.16
N GLN D 39 48.14 20.33 10.24
CA GLN D 39 47.87 18.96 10.75
C GLN D 39 46.38 18.70 10.98
N HIS D 40 46.00 17.42 10.87
CA HIS D 40 44.62 16.93 11.05
C HIS D 40 44.51 16.07 12.31
N PHE D 41 43.36 16.15 12.96
CA PHE D 41 43.03 15.29 14.11
C PHE D 41 41.55 14.98 14.14
N THR D 42 41.17 13.77 14.56
CA THR D 42 39.77 13.48 14.83
C THR D 42 39.63 12.83 16.21
N GLY D 43 38.47 13.03 16.80
CA GLY D 43 38.18 12.47 18.13
C GLY D 43 36.73 12.53 18.51
N TYR D 44 36.43 12.15 19.75
CA TYR D 44 35.06 12.05 20.30
C TYR D 44 35.00 12.70 21.68
N ILE D 45 33.98 13.52 21.90
CA ILE D 45 33.78 14.20 23.19
C ILE D 45 32.67 13.48 23.91
N GLU D 46 32.99 12.88 25.05
CA GLU D 46 31.96 12.14 25.84
C GLU D 46 31.36 12.89 27.05
N ASP D 47 30.29 13.64 26.76
CA ASP D 47 29.59 14.56 27.67
C ASP D 47 30.36 15.83 28.14
N GLY D 48 31.01 16.46 27.16
CA GLY D 48 31.72 17.69 27.33
C GLY D 48 33.13 17.65 27.90
N ARG D 49 33.63 16.45 28.25
CA ARG D 49 35.03 16.29 28.63
C ARG D 49 35.85 16.41 27.33
N GLY D 50 36.85 17.28 27.34
CA GLY D 50 37.63 17.53 26.14
C GLY D 50 38.85 16.62 26.01
N ILE D 51 39.62 16.91 24.98
CA ILE D 51 40.90 16.27 24.73
C ILE D 51 41.99 17.36 24.58
N PHE D 52 43.14 17.11 25.20
CA PHE D 52 44.26 18.05 25.20
C PHE D 52 45.33 17.60 24.22
N TYR D 53 45.93 18.58 23.53
CA TYR D 53 47.02 18.34 22.58
C TYR D 53 48.21 19.25 22.96
N SER D 54 49.39 18.66 23.13
CA SER D 54 50.63 19.34 23.54
C SER D 54 51.34 19.95 22.32
N LEU D 55 51.78 21.21 22.46
CA LEU D 55 52.54 21.90 21.41
C LEU D 55 53.89 22.36 22.00
N PRO D 56 54.88 21.44 22.09
CA PRO D 56 56.18 21.83 22.66
C PRO D 56 57.11 22.88 22.01
N ASP D 57 57.75 23.65 22.87
CA ASP D 57 58.62 24.78 22.43
C ASP D 57 58.25 25.64 21.09
N MET D 58 57.17 26.39 21.35
CA MET D 58 56.53 27.14 20.26
C MET D 58 57.33 28.42 20.39
N LYS D 59 57.30 29.22 19.31
CA LYS D 59 58.09 30.46 19.23
C LYS D 59 57.18 31.71 19.32
N GLN D 60 57.64 32.70 20.08
CA GLN D 60 56.96 33.99 20.23
C GLN D 60 56.83 34.60 18.84
N GLY D 61 55.61 35.04 18.50
CA GLY D 61 55.34 35.59 17.18
C GLY D 61 54.68 34.61 16.22
N ASP D 62 54.72 33.31 16.54
CA ASP D 62 53.95 32.29 15.78
C ASP D 62 52.46 32.58 15.87
N ILE D 63 51.74 32.32 14.79
CA ILE D 63 50.28 32.46 14.76
C ILE D 63 49.66 31.05 14.67
N ILE D 64 48.83 30.71 15.68
CA ILE D 64 48.16 29.42 15.77
C ILE D 64 46.74 29.62 15.21
N TYR D 65 46.37 28.74 14.28
CA TYR D 65 45.04 28.73 13.68
C TYR D 65 44.42 27.39 14.01
N ALA D 66 43.20 27.42 14.56
CA ALA D 66 42.47 26.18 14.90
C ALA D 66 41.06 26.21 14.30
N SER D 67 40.66 25.08 13.68
CA SER D 67 39.28 24.87 13.20
C SER D 67 38.73 23.55 13.73
N MET D 68 37.58 23.62 14.42
CA MET D 68 36.93 22.46 15.04
C MET D 68 35.50 22.32 14.52
N GLN D 69 35.25 21.26 13.76
CA GLN D 69 33.95 21.05 13.10
C GLN D 69 33.30 19.77 13.62
N ASN D 70 31.99 19.85 13.80
CA ASN D 70 31.15 18.72 14.13
C ASN D 70 31.18 17.73 12.97
N THR D 71 31.38 16.45 13.29
CA THR D 71 31.32 15.35 12.32
C THR D 71 30.17 14.37 12.63
N GLY D 72 29.48 14.56 13.73
CA GLY D 72 28.48 13.60 14.20
C GLY D 72 28.05 13.91 15.62
N GLY D 73 26.83 13.52 15.96
CA GLY D 73 26.25 13.88 17.27
C GLY D 73 25.84 15.33 17.33
N ASN D 74 25.46 15.80 18.52
CA ASN D 74 24.94 17.17 18.74
C ASN D 74 26.03 18.12 19.31
N LEU D 75 27.31 17.68 19.27
CA LEU D 75 28.46 18.46 19.75
C LEU D 75 28.43 19.75 18.94
N ASP D 76 28.45 20.87 19.65
CA ASP D 76 28.80 22.17 19.04
C ASP D 76 30.12 22.60 19.81
N PRO D 77 31.22 22.77 19.07
CA PRO D 77 32.52 22.61 19.69
C PRO D 77 33.03 23.88 20.36
N LEU D 78 34.01 23.67 21.23
CA LEU D 78 34.68 24.71 22.01
C LEU D 78 36.18 24.51 21.89
N VAL D 79 36.85 25.50 21.28
CA VAL D 79 38.30 25.48 21.20
C VAL D 79 39.04 26.52 22.00
N GLY D 80 40.11 26.09 22.66
CA GLY D 80 40.92 26.97 23.51
C GLY D 80 42.43 26.64 23.50
N ILE D 81 43.23 27.66 23.82
CA ILE D 81 44.69 27.50 23.91
C ILE D 81 45.19 27.98 25.27
N MET D 82 46.01 27.13 25.90
CA MET D 82 46.68 27.38 27.20
C MET D 82 48.21 27.23 27.18
N ALA D 83 48.85 27.68 28.27
CA ALA D 83 50.33 27.57 28.45
C ALA D 83 50.75 26.27 29.16
N GLU D 84 50.40 26.15 30.45
CA GLU D 84 50.50 24.90 31.19
C GLU D 84 49.10 24.30 31.42
N GLU D 85 49.10 23.04 31.78
CA GLU D 85 47.88 22.24 31.88
C GLU D 85 47.22 22.41 33.25
N ILE D 86 45.98 22.89 33.29
CA ILE D 86 45.09 22.77 34.48
C ILE D 86 43.70 22.39 33.94
N ASP D 87 43.00 21.52 34.68
CA ASP D 87 41.82 20.80 34.15
C ASP D 87 40.55 21.66 34.03
N PRO D 88 40.05 21.88 32.79
CA PRO D 88 38.83 22.69 32.64
C PRO D 88 37.55 21.99 33.10
N ALA D 89 37.51 20.65 33.20
CA ALA D 89 36.29 19.92 33.59
C ALA D 89 35.73 20.30 34.99
N VAL D 90 36.64 20.63 35.90
CA VAL D 90 36.31 21.06 37.27
C VAL D 90 35.57 22.41 37.24
N SER D 91 36.21 23.41 36.63
CA SER D 91 35.66 24.78 36.47
C SER D 91 34.36 24.82 35.66
N LEU D 92 34.36 24.13 34.51
CA LEU D 92 33.19 24.08 33.60
C LEU D 92 32.05 23.28 34.26
N GLY D 93 32.40 22.27 35.06
CA GLY D 93 31.43 21.49 35.83
C GLY D 93 30.65 22.34 36.81
N GLN D 94 31.32 23.34 37.40
CA GLN D 94 30.67 24.31 38.30
C GLN D 94 29.68 25.21 37.56
N VAL D 95 29.97 25.53 36.29
CA VAL D 95 29.06 26.35 35.47
C VAL D 95 27.75 25.57 35.19
N LEU D 96 27.90 24.26 34.92
CA LEU D 96 26.78 23.30 34.71
C LEU D 96 25.80 23.26 35.86
N GLU D 97 26.34 23.32 37.08
CA GLU D 97 25.60 23.27 38.35
C GLU D 97 24.71 24.48 38.52
N LYS D 98 25.11 25.63 37.98
CA LYS D 98 24.27 26.82 38.09
C LYS D 98 23.01 26.65 37.21
N ALA D 99 21.83 26.50 37.82
CA ALA D 99 20.57 26.73 37.12
C ALA D 99 20.30 28.24 37.30
N LEU D 100 21.08 29.03 36.54
CA LEU D 100 21.31 30.49 36.80
C LEU D 100 20.05 31.37 36.84
N ALA D 101 20.25 32.62 37.26
CA ALA D 101 19.20 33.66 37.25
C ALA D 101 18.37 33.66 35.95
N SER D 102 19.05 33.78 34.81
CA SER D 102 18.46 33.55 33.47
C SER D 102 19.58 33.63 32.41
N GLU D 103 19.24 33.59 31.12
CA GLU D 103 20.22 33.35 30.03
C GLU D 103 21.55 34.15 30.01
N ASN D 104 21.50 35.49 29.96
CA ASN D 104 22.72 36.36 29.95
C ASN D 104 23.61 36.27 31.20
N ASP D 105 23.05 35.72 32.30
CA ASP D 105 23.88 35.25 33.42
C ASP D 105 24.84 34.17 32.95
N LEU D 106 24.40 33.20 32.14
CA LEU D 106 25.29 32.17 31.57
C LEU D 106 26.38 32.76 30.66
N ILE D 107 26.02 33.67 29.76
CA ILE D 107 26.97 34.43 28.92
C ILE D 107 28.11 35.01 29.77
N SER D 108 27.69 35.80 30.76
CA SER D 108 28.58 36.47 31.71
C SER D 108 29.52 35.48 32.41
N GLU D 109 28.97 34.40 32.96
CA GLU D 109 29.73 33.38 33.68
C GLU D 109 30.63 32.58 32.77
N LEU D 110 30.14 32.13 31.61
CA LEU D 110 30.99 31.40 30.65
C LEU D 110 32.07 32.32 30.10
N THR D 111 31.71 33.57 29.74
CA THR D 111 32.70 34.54 29.23
C THR D 111 33.88 34.68 30.22
N ALA D 112 33.54 34.97 31.48
CA ALA D 112 34.53 35.14 32.56
C ALA D 112 35.41 33.92 32.82
N VAL D 113 34.85 32.71 32.78
CA VAL D 113 35.62 31.47 33.00
C VAL D 113 36.52 31.18 31.82
N ALA D 114 36.01 31.20 30.59
CA ALA D 114 36.82 30.97 29.37
C ALA D 114 38.03 31.91 29.25
N ASP D 115 37.78 33.21 29.47
CA ASP D 115 38.82 34.26 29.48
C ASP D 115 39.95 34.01 30.47
N ARG D 116 39.61 33.38 31.60
CA ARG D 116 40.52 33.07 32.70
C ARG D 116 41.31 31.81 32.43
N ILE D 117 40.61 30.77 31.96
CA ILE D 117 41.21 29.44 31.72
C ILE D 117 42.11 29.44 30.46
N PHE D 118 41.66 30.10 29.39
CA PHE D 118 42.43 30.15 28.14
C PHE D 118 43.07 31.53 27.86
N LEU D 119 44.16 31.51 27.11
CA LEU D 119 44.78 32.73 26.61
C LEU D 119 44.02 33.21 25.38
N GLY D 120 43.39 32.26 24.69
CA GLY D 120 42.46 32.53 23.60
C GLY D 120 41.53 31.35 23.41
N TRP D 121 40.29 31.66 23.04
CA TRP D 121 39.22 30.69 22.87
C TRP D 121 38.29 31.05 21.69
N ASP D 122 37.58 30.04 21.18
CA ASP D 122 36.46 30.24 20.27
C ASP D 122 35.46 29.04 20.30
N ASP D 123 34.23 29.46 19.95
CA ASP D 123 32.95 28.85 20.28
C ASP D 123 32.25 27.71 19.47
N ASP D 124 31.38 27.04 20.19
CA ASP D 124 30.09 26.45 19.73
C ASP D 124 29.45 26.80 18.44
N GLY D 125 29.58 25.93 17.44
CA GLY D 125 28.85 25.96 16.17
C GLY D 125 28.75 27.33 15.56
N GLY D 126 27.98 27.40 14.47
CA GLY D 126 27.74 28.64 13.76
C GLY D 126 28.08 28.30 12.33
N LYS D 127 28.30 29.34 11.54
CA LYS D 127 28.43 29.22 10.09
C LYS D 127 29.86 28.94 9.55
N GLY D 128 30.86 29.62 10.09
CA GLY D 128 32.27 29.23 9.90
C GLY D 128 32.50 27.94 10.66
N TYR D 129 31.63 26.95 10.38
CA TYR D 129 31.49 25.68 11.14
C TYR D 129 31.32 25.86 12.65
N SER D 130 32.36 25.65 13.48
CA SER D 130 32.20 25.85 14.86
C SER D 130 33.45 26.59 15.46
N ALA D 131 34.68 26.14 15.30
CA ALA D 131 35.72 26.86 16.09
C ALA D 131 36.82 27.42 15.34
N SER D 132 36.65 28.55 14.66
CA SER D 132 37.86 29.26 14.09
C SER D 132 38.59 30.28 14.99
N LEU D 133 39.88 30.01 15.33
CA LEU D 133 40.49 30.74 16.43
C LEU D 133 41.94 31.07 16.03
N GLU D 134 42.20 32.34 15.91
CA GLU D 134 43.52 32.84 15.58
C GLU D 134 44.12 33.28 16.92
N PHE D 135 45.32 32.78 17.21
CA PHE D 135 46.05 33.15 18.44
C PHE D 135 47.52 33.41 18.17
N THR D 136 48.00 34.59 18.56
CA THR D 136 49.40 34.98 18.41
C THR D 136 50.16 34.57 19.68
N ILE D 137 51.18 33.72 19.53
CA ILE D 137 51.91 33.16 20.68
C ILE D 137 52.72 34.29 21.37
N PRO D 138 52.43 34.56 22.67
CA PRO D 138 53.09 35.66 23.38
C PRO D 138 54.55 35.42 23.82
N ARG D 139 54.94 34.16 24.02
CA ARG D 139 56.31 33.83 24.49
C ARG D 139 56.71 32.39 24.15
N ASP D 140 58.02 32.13 24.18
CA ASP D 140 58.61 30.79 23.93
C ASP D 140 58.18 29.81 25.02
N GLY D 141 57.91 28.57 24.61
CA GLY D 141 57.58 27.48 25.54
C GLY D 141 56.56 26.49 25.02
N THR D 142 56.10 25.62 25.92
CA THR D 142 55.12 24.55 25.67
C THR D 142 53.70 25.10 25.85
N TYR D 143 52.85 24.87 24.84
CA TYR D 143 51.44 25.28 24.86
C TYR D 143 50.51 24.06 24.73
N HIS D 144 49.25 24.24 25.07
CA HIS D 144 48.25 23.18 24.99
C HIS D 144 46.98 23.77 24.41
N ILE D 145 46.41 23.12 23.39
CA ILE D 145 45.10 23.46 22.81
C ILE D 145 44.09 22.43 23.33
N PHE D 146 42.93 22.91 23.74
CA PHE D 146 41.88 22.08 24.33
C PHE D 146 40.74 22.01 23.34
N ALA D 147 40.25 20.79 23.08
CA ALA D 147 39.16 20.58 22.15
C ALA D 147 38.06 19.85 22.90
N GLY D 148 36.91 20.50 23.07
CA GLY D 148 35.79 19.93 23.82
C GLY D 148 34.39 20.47 23.60
N SER D 149 33.57 20.33 24.63
CA SER D 149 32.23 20.98 24.64
C SER D 149 32.10 22.40 25.20
N THR D 150 31.29 23.24 24.53
CA THR D 150 30.77 24.45 25.14
C THR D 150 29.63 24.05 26.09
N ILE D 151 29.04 25.05 26.72
CA ILE D 151 27.80 24.84 27.47
C ILE D 151 26.75 25.69 26.79
N THR D 152 25.75 25.03 26.19
CA THR D 152 24.64 25.71 25.52
C THR D 152 23.32 24.98 25.72
N ASN D 153 22.25 25.69 25.37
CA ASN D 153 20.91 25.16 25.34
C ASN D 153 20.69 24.49 23.99
N GLN D 154 19.93 23.41 23.96
CA GLN D 154 19.53 22.72 22.69
C GLN D 154 18.05 22.88 22.34
N ARG D 155 17.20 23.16 23.33
CA ARG D 155 15.77 22.90 23.21
C ARG D 155 14.89 24.14 23.32
N LEU D 156 13.67 24.06 22.79
CA LEU D 156 12.74 25.17 22.85
C LEU D 156 11.59 24.91 23.79
N ASP D 157 11.47 23.67 24.30
CA ASP D 157 10.38 23.33 25.26
C ASP D 157 10.60 23.88 26.68
N LYS D 158 11.87 24.08 27.03
CA LYS D 158 12.34 24.68 28.29
C LYS D 158 13.83 25.03 28.16
N PHE D 159 14.29 26.01 28.95
CA PHE D 159 15.72 26.42 28.93
C PHE D 159 16.60 25.51 29.81
N GLN D 160 17.33 24.63 29.13
CA GLN D 160 17.99 23.47 29.74
C GLN D 160 19.41 23.37 29.16
N PRO D 161 20.33 24.21 29.67
CA PRO D 161 21.73 24.26 29.17
C PRO D 161 22.56 23.10 29.71
N THR D 162 23.30 22.42 28.81
CA THR D 162 24.17 21.30 29.16
C THR D 162 25.38 21.28 28.22
N TYR D 163 26.35 20.43 28.55
CA TYR D 163 27.38 19.96 27.62
C TYR D 163 26.74 19.11 26.53
N THR D 164 27.48 18.96 25.43
CA THR D 164 27.04 18.20 24.29
C THR D 164 28.08 17.13 24.00
N THR D 165 27.69 16.20 23.14
CA THR D 165 28.41 14.95 22.87
C THR D 165 28.57 14.76 21.34
N GLY D 166 29.68 14.15 20.92
CA GLY D 166 29.85 13.85 19.52
C GLY D 166 31.29 13.83 19.04
N SER D 167 31.43 13.53 17.74
CA SER D 167 32.72 13.43 17.08
C SER D 167 33.06 14.72 16.30
N PHE D 168 34.35 14.90 16.06
CA PHE D 168 34.82 16.12 15.42
C PHE D 168 36.08 15.93 14.62
N GLN D 169 36.36 16.94 13.80
CA GLN D 169 37.60 17.05 13.05
C GLN D 169 38.24 18.37 13.47
N LEU D 170 39.51 18.30 13.87
CA LEU D 170 40.27 19.47 14.25
C LEU D 170 41.40 19.71 13.24
N ILE D 171 41.44 20.93 12.73
CA ILE D 171 42.47 21.35 11.78
C ILE D 171 43.36 22.37 12.52
N LEU D 172 44.66 22.08 12.58
CA LEU D 172 45.64 22.90 13.30
C LEU D 172 46.64 23.48 12.31
N GLY D 173 46.90 24.79 12.44
CA GLY D 173 47.75 25.54 11.52
C GLY D 173 48.79 26.38 12.25
N LEU D 174 50.04 26.30 11.80
CA LEU D 174 51.12 27.08 12.35
C LEU D 174 51.58 28.01 11.23
N ASN D 175 51.25 29.29 11.38
CA ASN D 175 51.50 30.34 10.36
C ASN D 175 50.82 30.02 9.02
N ALA D 176 49.64 29.38 9.09
CA ALA D 176 48.88 28.94 7.92
C ALA D 176 47.43 29.51 7.96
N PRO D 177 47.25 30.75 7.45
CA PRO D 177 45.93 31.40 7.35
C PRO D 177 44.77 30.63 6.69
N GLN D 178 45.06 29.68 5.79
CA GLN D 178 43.98 28.90 5.13
C GLN D 178 43.15 28.03 6.08
N VAL D 179 43.66 27.75 7.28
CA VAL D 179 42.96 26.96 8.30
C VAL D 179 41.65 27.64 8.74
N ILE D 180 41.65 28.95 8.94
CA ILE D 180 40.41 29.69 9.28
C ILE D 180 39.52 30.00 8.07
N SER D 181 39.96 29.57 6.89
CA SER D 181 39.18 29.72 5.65
C SER D 181 38.33 28.47 5.33
N GLY D 182 38.33 27.47 6.21
CA GLY D 182 37.63 26.24 6.02
C GLY D 182 38.11 25.16 5.06
N GLU D 183 39.40 25.20 4.69
CA GLU D 183 40.03 24.16 3.86
C GLU D 183 41.32 23.81 4.58
N GLY D 184 41.50 22.53 4.90
CA GLY D 184 42.67 22.09 5.68
C GLY D 184 43.33 20.92 5.01
N GLU D 185 44.61 21.07 4.66
CA GLU D 185 45.40 19.98 4.12
C GLU D 185 46.65 19.80 5.00
N PRO D 186 46.94 18.56 5.45
CA PRO D 186 48.19 18.28 6.18
C PRO D 186 49.39 18.81 5.40
N GLU D 187 50.19 19.70 5.99
CA GLU D 187 51.23 20.41 5.16
C GLU D 187 52.83 20.23 5.37
N GLY D 188 53.35 20.24 6.61
CA GLY D 188 54.80 20.16 6.92
C GLY D 188 55.10 19.24 8.10
N GLU D 189 56.03 19.65 8.98
CA GLU D 189 56.47 18.82 10.10
C GLU D 189 55.45 18.77 11.24
N VAL D 190 55.43 17.64 11.96
CA VAL D 190 54.64 17.46 13.19
C VAL D 190 55.16 18.43 14.27
N PHE D 191 54.23 19.18 14.88
CA PHE D 191 54.51 20.02 16.05
C PHE D 191 53.62 19.69 17.27
N ALA D 192 52.62 18.82 17.12
CA ALA D 192 51.65 18.57 18.17
C ALA D 192 51.10 17.14 18.18
N SER D 193 50.68 16.68 19.35
CA SER D 193 49.97 15.40 19.55
C SER D 193 49.30 15.23 20.95
N LEU D 194 48.64 14.09 21.20
CA LEU D 194 47.74 13.94 22.35
C LEU D 194 48.41 13.94 23.72
N ALA D 195 48.10 14.94 24.55
CA ALA D 195 48.50 14.89 25.98
C ALA D 195 47.59 13.93 26.76
N ILE D 199 46.23 12.77 31.08
CA ILE D 199 47.07 12.51 32.27
C ILE D 199 46.28 12.77 33.60
N LYS D 200 44.97 12.53 33.57
CA LYS D 200 44.05 12.99 34.60
C LYS D 200 43.00 11.90 34.70
N PRO D 201 42.53 11.59 35.93
CA PRO D 201 41.51 10.54 36.23
C PRO D 201 40.01 10.96 36.38
N GLU D 202 39.10 10.11 35.90
CA GLU D 202 37.64 10.38 35.86
C GLU D 202 36.85 9.14 36.34
N ALA D 203 36.20 9.30 37.50
CA ALA D 203 35.53 8.19 38.20
C ALA D 203 34.04 8.03 37.86
N HIS D 204 33.63 6.83 37.48
CA HIS D 204 32.22 6.49 37.20
C HIS D 204 32.01 5.03 37.58
N VAL D 205 31.04 4.74 38.44
CA VAL D 205 30.82 3.36 38.87
C VAL D 205 29.33 3.13 39.05
N GLN D 206 28.91 1.88 38.83
CA GLN D 206 27.53 1.39 38.94
C GLN D 206 27.49 -0.07 39.36
N GLU D 207 26.32 -0.54 39.79
CA GLU D 207 26.03 -1.95 39.99
C GLU D 207 24.60 -2.15 39.49
N LEU D 208 24.22 -3.41 39.27
CA LEU D 208 22.82 -3.82 39.06
C LEU D 208 22.68 -5.30 39.37
N GLU D 209 21.47 -5.82 39.50
CA GLU D 209 21.20 -7.26 39.73
C GLU D 209 21.03 -8.13 38.45
N ILE D 210 21.90 -9.14 38.26
CA ILE D 210 21.84 -10.03 37.12
C ILE D 210 21.09 -11.31 37.47
N ARG D 211 20.27 -11.78 36.54
CA ARG D 211 19.31 -12.89 36.76
C ARG D 211 19.36 -13.87 35.56
N LEU D 212 20.27 -14.83 35.62
CA LEU D 212 20.29 -16.03 34.75
C LEU D 212 19.35 -17.08 35.24
N ASP D 213 18.60 -17.76 34.37
CA ASP D 213 17.61 -18.76 34.76
C ASP D 213 17.33 -19.75 33.61
N LYS D 214 16.35 -20.64 33.79
CA LYS D 214 15.86 -21.58 32.77
C LYS D 214 15.62 -20.83 31.44
N ASP D 215 15.00 -19.65 31.52
CA ASP D 215 14.66 -18.79 30.35
C ASP D 215 15.87 -18.05 29.63
N THR D 216 16.41 -17.06 30.32
CA THR D 216 17.62 -16.35 29.89
C THR D 216 18.89 -16.98 30.43
N ARG D 217 19.53 -17.85 29.68
CA ARG D 217 20.76 -18.51 30.15
C ARG D 217 22.12 -17.85 29.77
N TYR D 218 22.06 -16.66 29.19
CA TYR D 218 23.26 -15.87 28.86
C TYR D 218 22.94 -14.35 28.82
N LEU D 219 23.93 -13.49 29.11
CA LEU D 219 23.68 -12.07 29.24
C LEU D 219 24.81 -11.17 28.76
N THR D 220 24.45 -9.98 28.29
CA THR D 220 25.38 -8.97 27.86
C THR D 220 24.99 -7.61 28.44
N GLN D 221 25.91 -6.66 28.39
CA GLN D 221 25.63 -5.29 28.68
C GLN D 221 26.58 -4.54 27.78
N HIS D 222 25.98 -3.70 26.94
CA HIS D 222 26.70 -2.74 26.11
C HIS D 222 27.10 -1.59 27.05
N THR D 223 28.38 -1.31 27.07
CA THR D 223 28.97 -0.30 27.94
C THR D 223 29.01 1.00 27.21
N ARG D 224 29.39 2.07 27.93
CA ARG D 224 29.84 3.38 27.37
C ARG D 224 31.15 3.36 26.60
N ASN D 225 31.26 4.31 25.67
CA ASN D 225 32.46 4.48 24.85
C ASN D 225 33.62 4.95 25.73
N LEU D 226 34.62 4.06 25.90
CA LEU D 226 35.80 4.39 26.68
C LEU D 226 36.70 5.25 25.84
N GLN D 227 37.31 6.25 26.49
CA GLN D 227 38.21 7.20 25.82
C GLN D 227 39.56 6.53 25.69
N PRO D 228 40.46 7.05 24.81
CA PRO D 228 41.81 6.48 24.73
C PRO D 228 42.50 6.44 26.09
N GLY D 229 43.17 5.32 26.41
CA GLY D 229 43.94 5.21 27.65
C GLY D 229 43.15 5.35 28.94
N ASP D 230 41.96 4.76 28.96
CA ASP D 230 41.10 4.78 30.12
C ASP D 230 40.84 3.35 30.61
N THR D 231 40.82 3.18 31.91
CA THR D 231 40.75 1.82 32.49
C THR D 231 39.31 1.31 32.64
N PHE D 232 39.17 0.05 33.07
CA PHE D 232 37.87 -0.56 33.32
C PHE D 232 38.01 -1.71 34.31
N HIS D 233 37.08 -1.78 35.25
CA HIS D 233 37.03 -2.81 36.31
C HIS D 233 35.65 -3.49 36.33
N ALA D 234 35.64 -4.81 36.55
CA ALA D 234 34.40 -5.58 36.59
C ALA D 234 34.46 -6.76 37.57
N LEU D 235 33.30 -7.05 38.18
CA LEU D 235 33.19 -8.12 39.18
C LEU D 235 31.81 -8.72 39.24
N VAL D 236 31.74 -10.04 39.39
CA VAL D 236 30.49 -10.77 39.62
C VAL D 236 30.59 -11.46 40.98
N GLU D 237 29.48 -11.45 41.74
CA GLU D 237 29.39 -12.14 43.04
C GLU D 237 28.05 -12.84 43.24
N PRO D 238 28.06 -14.16 43.54
CA PRO D 238 26.80 -14.90 43.72
C PRO D 238 26.11 -14.50 45.06
N ILE D 239 25.19 -13.54 44.93
CA ILE D 239 24.33 -13.06 46.02
C ILE D 239 23.33 -14.12 46.55
N GLY D 240 22.92 -15.09 45.72
CA GLY D 240 21.93 -16.08 46.16
C GLY D 240 22.47 -17.49 46.33
N GLU D 241 23.67 -17.60 46.91
CA GLU D 241 24.53 -18.79 46.97
C GLU D 241 24.45 -19.76 45.76
N ALA D 242 24.55 -19.18 44.56
CA ALA D 242 24.47 -19.89 43.28
C ALA D 242 25.89 -20.29 42.75
N PRO D 243 25.93 -21.21 41.77
CA PRO D 243 27.24 -21.59 41.21
C PRO D 243 27.97 -20.45 40.48
N LEU D 244 29.29 -20.61 40.38
CA LEU D 244 30.19 -19.58 39.79
C LEU D 244 30.04 -19.41 38.28
N PRO D 245 29.89 -18.16 37.79
CA PRO D 245 29.76 -17.86 36.37
C PRO D 245 31.06 -17.41 35.69
N ARG D 246 31.12 -17.54 34.36
CA ARG D 246 32.25 -17.00 33.59
C ARG D 246 31.92 -15.57 33.19
N LEU D 247 32.81 -14.65 33.51
CA LEU D 247 32.72 -13.26 33.07
C LEU D 247 33.73 -13.03 31.96
N ARG D 248 33.34 -12.20 31.00
CA ARG D 248 34.20 -11.72 29.88
C ARG D 248 33.91 -10.29 29.38
N LEU D 249 34.91 -9.65 28.80
CA LEU D 249 34.74 -8.40 28.14
C LEU D 249 34.99 -8.64 26.67
N THR D 250 34.18 -8.03 25.82
CA THR D 250 34.32 -8.13 24.35
C THR D 250 34.07 -6.76 23.70
N ASP D 251 34.43 -6.62 22.43
CA ASP D 251 34.22 -5.36 21.67
C ASP D 251 32.73 -5.24 21.30
N SER D 252 32.36 -4.23 20.52
CA SER D 252 30.96 -4.10 20.11
C SER D 252 30.52 -5.26 19.21
N GLY D 253 31.46 -5.78 18.41
CA GLY D 253 31.26 -7.03 17.68
C GLY D 253 31.58 -8.24 18.54
N GLY D 254 32.09 -9.29 17.91
CA GLY D 254 32.38 -10.52 18.64
C GLY D 254 33.71 -10.55 19.32
N LYS D 255 34.72 -9.91 18.70
CA LYS D 255 36.12 -9.98 19.08
C LYS D 255 36.26 -9.62 20.55
N PRO D 256 36.91 -10.48 21.36
CA PRO D 256 36.92 -10.32 22.81
C PRO D 256 38.19 -9.64 23.34
N LEU D 257 38.09 -9.04 24.51
CA LEU D 257 39.24 -8.40 25.15
C LEU D 257 39.82 -9.04 26.44
N ALA D 258 39.03 -9.78 27.22
CA ALA D 258 39.49 -10.20 28.55
C ALA D 258 38.83 -11.40 29.24
N PHE D 259 39.46 -11.86 30.32
CA PHE D 259 38.88 -12.88 31.26
C PHE D 259 38.67 -12.40 32.73
N GLY D 260 37.44 -12.59 33.19
CA GLY D 260 37.03 -12.41 34.56
C GLY D 260 37.52 -13.57 35.41
N LEU D 261 38.74 -13.46 35.94
CA LEU D 261 39.38 -14.55 36.71
C LEU D 261 38.70 -14.82 38.07
N ILE D 262 38.81 -16.05 38.57
CA ILE D 262 38.20 -16.41 39.83
C ILE D 262 39.23 -16.00 40.87
N ASP D 263 38.80 -15.20 41.85
CA ASP D 263 39.69 -14.46 42.79
C ASP D 263 40.36 -15.33 43.88
N GLN D 264 41.25 -14.72 44.68
CA GLN D 264 41.98 -15.43 45.72
C GLN D 264 41.05 -16.06 46.76
N PRO D 265 40.15 -15.27 47.42
CA PRO D 265 39.07 -15.84 48.23
C PRO D 265 38.36 -17.07 47.63
N GLY D 266 38.03 -16.97 46.34
CA GLY D 266 37.38 -18.03 45.58
C GLY D 266 35.86 -17.94 45.41
N GLU D 267 35.30 -16.73 45.56
CA GLU D 267 33.86 -16.45 45.35
C GLU D 267 33.53 -15.24 44.43
N SER D 268 34.56 -14.50 44.02
CA SER D 268 34.40 -13.27 43.25
C SER D 268 35.06 -13.44 41.88
N VAL D 269 34.43 -12.86 40.86
CA VAL D 269 34.95 -12.93 39.47
C VAL D 269 35.58 -11.58 39.04
N GLU D 270 36.84 -11.39 39.42
CA GLU D 270 37.59 -10.15 39.17
C GLU D 270 38.03 -10.02 37.71
N LEU D 271 37.90 -8.81 37.16
CA LEU D 271 38.13 -8.52 35.71
C LEU D 271 38.69 -7.13 35.48
N ASN D 272 39.63 -7.02 34.55
CA ASN D 272 40.41 -5.79 34.31
C ASN D 272 40.70 -5.60 32.81
N TYR D 273 40.78 -4.34 32.35
CA TYR D 273 41.14 -3.96 30.97
C TYR D 273 41.34 -2.43 30.84
N THR D 274 42.22 -2.01 29.94
CA THR D 274 42.48 -0.60 29.65
C THR D 274 42.48 -0.35 28.13
N CYS D 275 41.93 0.79 27.73
CA CYS D 275 41.69 1.08 26.33
C CYS D 275 42.92 1.51 25.57
N ASP D 276 43.34 0.72 24.57
CA ASP D 276 44.53 1.03 23.75
C ASP D 276 44.17 1.52 22.30
N GLN D 277 43.05 1.08 21.75
CA GLN D 277 42.55 1.58 20.44
C GLN D 277 42.07 3.08 20.54
N ASP D 278 41.69 3.65 19.40
CA ASP D 278 41.25 5.05 19.27
C ASP D 278 39.95 5.33 20.02
N ILE D 279 38.95 4.48 19.83
CA ILE D 279 37.79 4.43 20.72
C ILE D 279 37.42 2.97 21.08
N CYS D 280 37.09 2.78 22.34
CA CYS D 280 36.66 1.50 22.87
C CYS D 280 35.15 1.34 23.02
N GLU D 281 34.54 0.54 22.14
CA GLU D 281 33.15 0.11 22.38
C GLU D 281 32.98 -1.24 23.05
N LEU D 282 32.53 -1.24 24.29
CA LEU D 282 32.62 -2.41 25.18
C LEU D 282 31.33 -3.11 25.58
N VAL D 283 31.41 -4.45 25.70
CA VAL D 283 30.27 -5.31 26.00
C VAL D 283 30.64 -6.40 27.01
N VAL D 284 30.23 -6.21 28.26
CA VAL D 284 30.46 -7.21 29.32
C VAL D 284 29.55 -8.44 29.12
N HIS D 285 30.13 -9.64 29.18
CA HIS D 285 29.40 -10.91 29.13
C HIS D 285 29.34 -11.56 30.49
N VAL D 286 28.21 -12.22 30.78
CA VAL D 286 28.04 -13.07 31.97
C VAL D 286 27.52 -14.43 31.52
N ASP D 287 28.45 -15.37 31.35
CA ASP D 287 28.16 -16.73 30.85
C ASP D 287 27.51 -17.62 31.91
N GLY D 288 26.33 -18.12 31.59
CA GLY D 288 25.52 -18.91 32.53
C GLY D 288 25.32 -20.30 31.95
N THR D 289 26.36 -20.80 31.29
CA THR D 289 26.35 -22.10 30.65
C THR D 289 26.67 -23.25 31.64
N ASP D 290 27.68 -23.05 32.48
CA ASP D 290 27.96 -24.01 33.56
C ASP D 290 27.33 -23.53 34.86
N GLY D 291 26.16 -24.11 35.22
CA GLY D 291 25.48 -23.78 36.47
C GLY D 291 24.48 -24.86 36.86
N GLN D 292 23.54 -24.47 37.71
CA GLN D 292 22.43 -25.36 38.14
C GLN D 292 21.41 -25.46 37.01
N LYS D 293 21.00 -26.70 36.68
CA LYS D 293 20.10 -26.96 35.55
C LYS D 293 18.73 -26.38 35.86
N ASP D 294 18.18 -25.57 34.94
CA ASP D 294 16.95 -24.80 35.13
C ASP D 294 16.87 -24.07 36.48
N SER D 295 17.92 -23.30 36.82
CA SER D 295 18.02 -22.57 38.10
C SER D 295 17.05 -21.36 38.15
N GLY D 296 15.90 -21.59 38.81
CA GLY D 296 14.79 -20.64 38.78
C GLY D 296 15.25 -19.29 39.25
N GLU D 297 15.89 -19.27 40.42
CA GLU D 297 16.62 -18.12 40.91
C GLU D 297 18.14 -18.38 40.86
N ALA D 298 18.87 -17.47 40.27
CA ALA D 298 20.30 -17.42 40.35
C ALA D 298 20.36 -15.94 40.37
N VAL D 299 20.98 -15.37 41.36
CA VAL D 299 21.18 -13.93 41.34
C VAL D 299 22.67 -13.68 41.28
N TYR D 300 23.04 -12.50 40.75
CA TYR D 300 24.42 -12.00 40.76
C TYR D 300 24.46 -10.48 40.93
N ARG D 301 25.50 -10.00 41.61
CA ARG D 301 25.79 -8.58 41.76
C ARG D 301 26.93 -8.24 40.79
N LEU D 302 26.63 -7.45 39.75
CA LEU D 302 27.62 -7.05 38.77
C LEU D 302 28.16 -5.66 39.09
N LEU D 303 29.40 -5.64 39.54
CA LEU D 303 30.10 -4.43 39.89
C LEU D 303 30.89 -4.00 38.67
N VAL D 304 30.62 -2.81 38.16
CA VAL D 304 31.33 -2.29 36.98
C VAL D 304 31.64 -0.81 37.16
N GLY D 305 32.86 -0.44 36.81
CA GLY D 305 33.34 0.94 36.92
C GLY D 305 34.54 1.25 36.07
N ILE D 306 34.80 2.54 35.83
CA ILE D 306 35.82 2.98 34.83
C ILE D 306 37.22 3.23 35.39
N ASN D 307 37.31 4.16 36.34
CA ASN D 307 38.63 4.49 36.96
C ASN D 307 39.11 4.13 38.43
N ALA D 308 38.25 3.73 39.40
CA ALA D 308 38.66 3.50 40.77
C ALA D 308 38.54 1.98 41.02
N PRO D 309 39.63 1.31 41.48
CA PRO D 309 39.51 -0.08 42.00
C PRO D 309 38.92 -0.17 43.43
N ASN D 310 37.60 -0.03 43.53
CA ASN D 310 36.89 -0.05 44.83
C ASN D 310 36.03 -1.29 44.93
N LEU D 311 36.05 -1.94 46.11
CA LEU D 311 35.25 -3.15 46.39
C LEU D 311 33.73 -2.99 46.71
N ARG D 312 33.28 -2.02 47.50
CA ARG D 312 31.87 -1.64 47.50
C ARG D 312 31.77 -0.13 47.51
N GLU D 313 31.23 0.44 46.43
CA GLU D 313 30.77 1.87 46.32
C GLU D 313 29.43 2.01 45.51
N SER D 314 29.03 3.22 45.15
CA SER D 314 28.00 3.43 44.07
C SER D 314 28.04 4.85 43.45
N GLY D 315 27.41 5.02 42.28
CA GLY D 315 27.43 6.28 41.50
C GLY D 315 28.61 7.23 41.79
N SER D 321 28.32 9.84 40.74
CA SER D 321 27.61 10.83 39.93
C SER D 321 26.59 10.24 38.92
N SER D 322 27.09 9.53 37.90
CA SER D 322 26.37 9.18 36.69
C SER D 322 26.61 7.70 36.40
N VAL D 323 25.72 7.16 35.58
CA VAL D 323 25.52 5.69 35.38
C VAL D 323 26.33 5.17 34.21
N PHE D 324 27.38 4.38 34.52
CA PHE D 324 28.40 3.90 33.55
C PHE D 324 28.18 2.64 32.72
N LEU D 325 26.98 2.06 32.80
CA LEU D 325 26.53 1.00 31.89
C LEU D 325 25.74 1.79 30.89
N GLU D 326 26.16 1.80 29.62
CA GLU D 326 25.41 2.58 28.60
C GLU D 326 24.01 1.99 28.37
N SER D 327 22.99 2.86 28.42
CA SER D 327 21.55 2.47 28.36
C SER D 327 20.83 2.70 27.03
N ASP D 328 20.04 1.73 26.55
CA ASP D 328 19.08 1.94 25.48
C ASP D 328 17.83 1.21 25.96
N LEU D 329 16.72 1.91 26.10
CA LEU D 329 15.72 1.45 27.00
C LEU D 329 14.41 1.94 26.47
N VAL D 330 13.45 1.07 26.32
CA VAL D 330 12.29 1.49 25.59
C VAL D 330 11.23 1.92 26.51
N THR D 331 10.89 3.19 26.52
CA THR D 331 9.71 3.59 27.34
C THR D 331 8.30 3.50 26.67
N VAL D 332 7.50 2.48 27.00
CA VAL D 332 6.14 2.32 26.39
C VAL D 332 4.98 2.93 27.16
N GLY D 333 4.13 3.61 26.43
CA GLY D 333 2.94 4.22 26.97
C GLY D 333 1.89 3.74 26.02
N LEU D 334 0.72 3.44 26.56
CA LEU D 334 -0.45 3.20 25.70
C LEU D 334 -1.68 3.77 26.33
N ALA D 335 -2.67 4.10 25.49
CA ALA D 335 -3.95 4.61 25.97
C ALA D 335 -5.06 4.18 25.04
N VAL D 336 -6.14 3.64 25.60
CA VAL D 336 -7.38 3.37 24.87
C VAL D 336 -8.21 4.64 24.90
N ASP D 337 -8.81 5.00 23.76
CA ASP D 337 -9.71 6.17 23.69
C ASP D 337 -11.08 5.84 23.20
N GLN D 338 -11.26 4.67 22.58
CA GLN D 338 -12.57 4.17 22.15
C GLN D 338 -12.62 2.64 22.21
N ILE D 339 -13.73 2.09 22.71
CA ILE D 339 -14.08 0.69 22.53
C ILE D 339 -15.13 0.71 21.44
N VAL D 340 -14.69 0.49 20.22
CA VAL D 340 -15.58 0.58 19.08
C VAL D 340 -16.59 -0.57 19.13
N GLY D 341 -16.05 -1.77 18.97
CA GLY D 341 -16.84 -3.01 18.90
C GLY D 341 -16.44 -3.98 20.02
N VAL D 342 -17.41 -4.80 20.47
CA VAL D 342 -17.18 -5.91 21.40
C VAL D 342 -18.00 -7.07 20.89
N ASP D 343 -17.33 -7.97 20.19
CA ASP D 343 -17.99 -9.19 19.74
C ASP D 343 -18.07 -10.19 20.89
N GLN D 344 -19.13 -10.97 20.88
CA GLN D 344 -19.30 -11.96 21.89
C GLN D 344 -19.06 -13.32 21.36
N ARG D 345 -19.62 -13.67 20.20
CA ARG D 345 -19.52 -15.01 19.56
C ARG D 345 -18.07 -15.36 19.18
N SER D 346 -17.47 -14.44 18.40
CA SER D 346 -16.09 -14.54 17.94
C SER D 346 -15.05 -14.32 19.04
N GLU D 347 -15.49 -13.71 20.15
CA GLU D 347 -14.69 -13.51 21.37
C GLU D 347 -13.50 -12.58 21.14
N ASN D 348 -13.76 -11.54 20.36
CA ASN D 348 -12.80 -10.47 20.07
C ASN D 348 -13.41 -9.14 20.40
N PHE D 349 -12.61 -8.06 20.31
CA PHE D 349 -13.14 -6.71 20.51
C PHE D 349 -12.23 -5.67 19.91
N SER D 350 -12.78 -4.50 19.66
CA SER D 350 -12.03 -3.49 18.91
C SER D 350 -11.91 -2.18 19.65
N VAL D 351 -10.67 -1.69 19.66
CA VAL D 351 -10.38 -0.43 20.33
C VAL D 351 -9.54 0.50 19.48
N VAL D 352 -9.73 1.79 19.69
CA VAL D 352 -8.92 2.80 19.12
C VAL D 352 -8.07 3.32 20.26
N GLY D 353 -6.82 3.66 19.96
CA GLY D 353 -5.90 4.08 20.99
C GLY D 353 -4.70 4.87 20.53
N THR D 354 -3.65 4.85 21.34
CA THR D 354 -2.42 5.56 21.06
C THR D 354 -1.30 4.81 21.81
N LEU D 355 -0.15 4.69 21.14
CA LEU D 355 0.97 3.93 21.68
C LEU D 355 2.24 4.73 21.44
N LYS D 356 2.95 5.05 22.52
CA LYS D 356 4.12 5.92 22.51
C LYS D 356 5.35 5.21 23.02
N LEU D 357 6.40 5.13 22.20
CA LEU D 357 7.68 4.52 22.59
C LEU D 357 8.75 5.59 22.55
N SER D 358 9.64 5.55 23.53
CA SER D 358 10.67 6.58 23.67
C SER D 358 11.91 5.99 24.30
N TRP D 359 13.05 6.53 23.87
CA TRP D 359 14.35 5.90 24.08
C TRP D 359 15.49 6.81 23.72
N HIS D 360 16.52 6.87 24.57
CA HIS D 360 17.69 7.70 24.33
C HIS D 360 18.66 6.90 23.45
N ASP D 361 19.07 7.50 22.31
CA ASP D 361 20.18 6.97 21.53
C ASP D 361 21.16 8.11 21.31
N PRO D 362 22.39 7.97 21.81
CA PRO D 362 23.35 9.07 21.61
C PRO D 362 23.57 9.23 20.13
N LYS D 363 23.19 8.19 19.42
CA LYS D 363 23.19 8.21 18.02
C LYS D 363 22.06 8.98 17.36
N LEU D 364 22.07 9.11 16.04
CA LEU D 364 21.06 9.97 15.40
C LEU D 364 21.08 11.34 16.10
N GLY D 365 22.28 11.91 16.22
CA GLY D 365 22.58 13.07 17.05
C GLY D 365 22.38 14.30 16.22
N PHE D 366 21.23 14.89 16.41
CA PHE D 366 20.79 15.95 15.56
C PHE D 366 21.33 17.32 16.02
N SER D 367 22.58 17.59 15.68
CA SER D 367 23.20 18.90 15.91
C SER D 367 22.38 19.97 15.22
N PRO D 368 21.85 20.96 15.96
CA PRO D 368 20.99 21.91 15.27
C PRO D 368 21.79 23.04 14.67
N ASP D 369 22.80 22.69 13.89
CA ASP D 369 23.46 23.65 13.03
C ASP D 369 22.90 23.48 11.63
N GLN D 370 22.64 22.22 11.24
CA GLN D 370 21.96 21.91 9.99
C GLN D 370 20.52 22.43 9.99
N CYS D 371 19.82 22.26 11.10
CA CYS D 371 18.44 22.69 11.16
C CYS D 371 18.20 23.82 12.10
N GLY D 372 17.62 24.90 11.59
CA GLY D 372 17.28 26.01 12.42
C GLY D 372 16.14 25.54 13.27
N CYS D 373 16.40 24.57 14.16
CA CYS D 373 15.36 24.04 15.04
C CYS D 373 15.86 23.06 16.09
N THR D 374 15.07 22.88 17.14
CA THR D 374 15.39 21.86 18.11
C THR D 374 14.94 20.44 17.73
N VAL D 375 13.88 20.30 16.91
CA VAL D 375 13.26 18.98 16.68
C VAL D 375 12.82 18.72 15.22
N LYS D 376 13.16 17.53 14.72
CA LYS D 376 12.73 17.06 13.41
C LYS D 376 11.92 15.79 13.61
N SER D 377 11.01 15.53 12.67
CA SER D 377 9.98 14.48 12.79
C SER D 377 9.87 13.69 11.49
N PHE D 378 9.31 12.48 11.54
CA PHE D 378 9.08 11.67 10.32
C PHE D 378 7.85 10.74 10.46
N GLU D 379 7.22 10.39 9.33
CA GLU D 379 6.07 9.49 9.26
C GLU D 379 6.59 8.17 8.65
N ASP D 380 5.70 7.23 8.38
CA ASP D 380 5.95 5.77 8.27
C ASP D 380 6.98 5.30 7.22
N ALA D 381 6.69 5.58 5.95
CA ALA D 381 7.55 5.17 4.83
C ALA D 381 8.97 5.79 4.89
N SER D 382 9.06 7.00 5.43
CA SER D 382 10.32 7.68 5.58
C SER D 382 11.14 7.10 6.74
N ILE D 383 10.54 6.87 7.90
CA ILE D 383 11.23 6.33 9.07
C ILE D 383 11.75 4.91 8.77
N ARG D 384 10.86 3.99 8.37
CA ARG D 384 11.26 2.57 8.22
C ARG D 384 12.34 2.44 7.11
N ALA D 385 12.27 3.30 6.08
CA ALA D 385 13.27 3.29 4.98
C ALA D 385 14.48 4.20 5.26
N VAL D 386 14.24 5.51 5.39
CA VAL D 386 15.30 6.52 5.51
C VAL D 386 16.03 6.50 6.87
N ALA D 387 15.37 6.07 7.97
CA ALA D 387 16.11 5.92 9.25
C ALA D 387 16.95 4.64 9.24
N GLY D 388 16.57 3.69 8.39
CA GLY D 388 17.36 2.47 8.15
C GLY D 388 18.47 2.66 7.13
N GLU D 389 18.77 3.92 6.77
CA GLU D 389 19.86 4.29 5.88
C GLU D 389 21.22 4.19 6.58
N ILE D 390 21.26 4.50 7.88
CA ILE D 390 22.50 4.39 8.68
C ILE D 390 22.76 2.92 9.11
N ASN D 391 21.69 2.12 9.06
CA ASN D 391 21.68 0.70 9.43
C ASN D 391 22.07 0.49 10.88
N LEU D 392 21.55 1.32 11.76
CA LEU D 392 21.58 1.08 13.18
C LEU D 392 20.17 0.58 13.48
N PRO D 393 20.03 -0.18 14.57
CA PRO D 393 18.78 -0.89 14.81
C PRO D 393 17.72 0.01 15.41
N LEU D 394 16.47 -0.38 15.16
CA LEU D 394 15.29 0.25 15.73
C LEU D 394 14.36 -0.74 16.40
N PRO D 395 13.82 -0.34 17.57
CA PRO D 395 12.92 -1.18 18.37
C PRO D 395 11.58 -1.45 17.71
N SER D 396 11.43 -2.64 17.15
CA SER D 396 10.19 -3.04 16.48
C SER D 396 9.23 -3.50 17.59
N PHE D 397 7.97 -3.63 17.22
CA PHE D 397 6.92 -4.00 18.14
C PHE D 397 5.67 -4.57 17.44
N SER D 398 4.93 -5.37 18.16
CA SER D 398 3.83 -6.11 17.62
C SER D 398 2.73 -6.22 18.66
N PHE D 399 1.48 -6.08 18.25
CA PHE D 399 0.36 -6.33 19.13
C PHE D 399 0.12 -7.83 19.03
N TYR D 400 0.55 -8.55 20.06
CA TYR D 400 0.53 -10.04 20.11
C TYR D 400 -0.81 -10.64 19.70
N ASN D 401 -1.81 -10.22 20.48
CA ASN D 401 -3.18 -10.77 20.39
C ASN D 401 -4.05 -9.96 19.45
N GLN D 402 -3.41 -9.33 18.46
CA GLN D 402 -4.09 -8.70 17.34
C GLN D 402 -4.70 -9.73 16.42
N GLN D 403 -5.92 -9.46 15.98
CA GLN D 403 -6.58 -10.28 14.97
C GLN D 403 -6.73 -9.41 13.75
N GLY D 404 -6.52 -9.98 12.56
CA GLY D 404 -6.58 -9.21 11.33
C GLY D 404 -5.49 -8.16 11.21
N ASN D 405 -5.91 -6.93 10.89
CA ASN D 405 -5.04 -5.78 10.62
C ASN D 405 -5.12 -4.70 11.71
N ARG D 406 -4.06 -3.89 11.82
CA ARG D 406 -4.04 -2.70 12.69
C ARG D 406 -4.20 -1.45 11.83
N TRP D 407 -5.26 -0.71 12.06
CA TRP D 407 -5.52 0.46 11.25
C TRP D 407 -4.78 1.69 11.82
N SER D 408 -3.59 1.89 11.27
CA SER D 408 -2.68 2.91 11.76
C SER D 408 -2.96 4.24 11.10
N GLN D 409 -3.40 5.22 11.88
CA GLN D 409 -3.75 6.54 11.30
C GLN D 409 -2.56 7.47 11.13
N ASN D 410 -1.83 7.74 12.20
CA ASN D 410 -0.54 8.44 12.11
C ASN D 410 0.59 7.63 12.78
N GLN D 411 1.71 7.50 12.08
CA GLN D 411 2.83 6.81 12.61
C GLN D 411 3.83 7.91 12.42
N VAL D 412 3.86 8.83 13.37
CA VAL D 412 4.82 9.94 13.37
C VAL D 412 5.87 9.77 14.51
N ILE D 413 7.12 10.15 14.27
CA ILE D 413 8.24 9.97 15.20
C ILE D 413 9.20 11.16 15.22
N PHE D 414 9.44 11.66 16.42
CA PHE D 414 10.23 12.88 16.66
C PHE D 414 11.58 12.52 17.30
N VAL D 415 12.57 13.39 17.01
CA VAL D 415 13.91 13.29 17.59
C VAL D 415 14.56 14.60 17.86
N THR D 416 15.21 14.69 19.02
CA THR D 416 15.92 15.91 19.45
C THR D 416 17.40 15.80 19.17
N PRO D 417 18.13 16.91 19.27
CA PRO D 417 19.56 16.89 19.07
C PRO D 417 20.30 15.79 19.84
N ASP D 418 20.12 15.80 21.18
CA ASP D 418 20.72 14.82 22.13
C ASP D 418 20.41 13.37 21.80
N GLY D 419 19.39 13.19 20.97
CA GLY D 419 18.95 11.87 20.52
C GLY D 419 17.93 11.22 21.44
N ARG D 420 16.77 11.87 21.59
CA ARG D 420 15.66 11.27 22.33
C ARG D 420 14.60 10.95 21.30
N ALA D 421 14.39 9.66 21.10
CA ALA D 421 13.41 9.14 20.16
C ALA D 421 12.08 9.10 20.89
N SER D 422 11.01 9.41 20.17
CA SER D 422 9.67 9.45 20.75
C SER D 422 8.82 9.08 19.61
N TYR D 423 8.32 7.87 19.63
CA TYR D 423 7.42 7.44 18.61
C TYR D 423 6.11 7.14 19.27
N PHE D 424 5.09 7.86 18.80
CA PHE D 424 3.73 7.45 19.06
C PHE D 424 2.96 7.15 17.80
N GLU D 425 1.97 6.27 17.94
CA GLU D 425 1.10 5.82 16.85
C GLU D 425 -0.35 5.73 17.31
N ARG D 426 -1.24 6.51 16.68
CA ARG D 426 -2.67 6.34 16.94
C ARG D 426 -3.10 5.19 16.05
N PHE D 427 -3.94 4.32 16.57
CA PHE D 427 -4.32 3.06 15.92
C PHE D 427 -5.76 2.63 16.04
N THR D 428 -6.22 1.80 15.09
CA THR D 428 -7.42 0.97 15.26
C THR D 428 -7.10 -0.54 15.18
N VAL D 429 -7.52 -1.24 16.23
CA VAL D 429 -7.22 -2.66 16.40
C VAL D 429 -8.41 -3.50 16.75
N THR D 430 -8.36 -4.76 16.31
CA THR D 430 -9.22 -5.81 16.83
C THR D 430 -8.35 -6.78 17.59
N LEU D 431 -8.75 -7.07 18.82
CA LEU D 431 -7.98 -7.87 19.74
C LEU D 431 -8.73 -9.09 20.21
N GLN D 432 -7.97 -10.16 20.47
CA GLN D 432 -8.54 -11.40 20.99
C GLN D 432 -8.74 -11.33 22.51
N ALA D 433 -9.85 -11.90 22.95
CA ALA D 433 -10.15 -12.05 24.36
C ALA D 433 -10.49 -13.53 24.49
N PRO D 434 -9.50 -14.30 24.86
CA PRO D 434 -9.69 -15.73 25.08
C PRO D 434 -10.15 -16.03 26.47
N ASP D 435 -10.04 -15.05 27.40
CA ASP D 435 -10.59 -15.09 28.78
C ASP D 435 -11.97 -14.40 28.98
N PHE D 436 -12.90 -14.98 28.23
CA PHE D 436 -14.27 -14.69 28.24
C PHE D 436 -14.91 -15.87 28.96
N ASP D 437 -15.43 -15.62 30.15
CA ASP D 437 -16.15 -16.64 30.90
C ASP D 437 -17.60 -16.21 30.77
N PHE D 438 -18.44 -17.01 30.11
CA PHE D 438 -19.82 -16.70 29.92
C PHE D 438 -20.71 -17.30 30.98
N LEU D 439 -20.13 -17.80 32.06
CA LEU D 439 -20.95 -18.58 33.00
C LEU D 439 -21.77 -17.69 33.88
N ALA D 440 -21.12 -16.67 34.41
CA ALA D 440 -21.73 -15.59 35.21
C ALA D 440 -22.83 -14.74 34.52
N TYR D 441 -23.06 -14.96 33.23
CA TYR D 441 -23.99 -14.18 32.39
C TYR D 441 -25.43 -14.16 32.83
N PRO D 442 -26.07 -12.98 32.85
CA PRO D 442 -25.54 -11.69 32.35
C PRO D 442 -24.83 -10.85 33.44
N PHE D 443 -24.43 -11.50 34.53
CA PHE D 443 -23.79 -10.87 35.66
C PHE D 443 -22.28 -10.90 35.59
N ASP D 444 -21.77 -11.10 34.36
CA ASP D 444 -20.35 -11.45 34.04
C ASP D 444 -19.35 -10.33 33.90
N ARG D 445 -18.15 -10.58 34.42
CA ARG D 445 -17.01 -9.65 34.32
C ARG D 445 -16.01 -10.32 33.37
N GLN D 446 -15.18 -9.52 32.71
CA GLN D 446 -14.25 -10.04 31.72
C GLN D 446 -12.93 -9.29 31.71
N LYS D 447 -11.93 -9.87 31.02
CA LYS D 447 -10.61 -9.27 30.86
C LYS D 447 -10.41 -8.91 29.39
N PHE D 448 -10.30 -7.63 29.06
CA PHE D 448 -9.91 -7.21 27.71
C PHE D 448 -8.49 -6.75 27.77
N SER D 449 -7.61 -7.43 27.03
CA SER D 449 -6.18 -7.14 27.09
C SER D 449 -5.61 -6.59 25.79
N ILE D 450 -4.50 -5.90 25.89
CA ILE D 450 -3.82 -5.30 24.75
C ILE D 450 -2.32 -5.57 24.93
N LYS D 451 -1.96 -6.80 24.64
CA LYS D 451 -0.60 -7.23 24.82
C LYS D 451 0.27 -6.73 23.66
N VAL D 452 1.25 -5.89 24.01
CA VAL D 452 2.18 -5.37 23.02
C VAL D 452 3.69 -5.65 23.22
N ASP D 453 4.12 -6.72 22.56
CA ASP D 453 5.51 -7.22 22.54
C ASP D 453 6.44 -6.34 21.70
N LEU D 454 7.73 -6.58 21.83
CA LEU D 454 8.74 -6.17 20.89
C LEU D 454 8.89 -7.29 19.91
N ALA D 455 9.34 -6.98 18.69
CA ALA D 455 9.65 -8.08 17.71
C ALA D 455 11.07 -8.55 17.93
N VAL D 456 11.93 -7.57 18.21
CA VAL D 456 13.31 -7.82 18.57
C VAL D 456 13.45 -8.38 19.99
N PRO D 457 14.54 -9.13 20.25
CA PRO D 457 14.84 -9.58 21.58
C PRO D 457 15.42 -8.49 22.50
N THR D 458 15.72 -8.92 23.74
CA THR D 458 16.29 -8.03 24.76
C THR D 458 17.83 -8.01 24.79
N ASN D 459 18.44 -8.57 23.75
CA ASN D 459 19.86 -8.27 23.45
C ASN D 459 20.01 -6.87 22.90
N MET D 460 18.92 -6.43 22.27
CA MET D 460 18.69 -5.08 21.71
C MET D 460 17.83 -4.06 22.54
N PHE D 461 16.59 -4.45 22.84
CA PHE D 461 15.63 -3.54 23.45
C PHE D 461 14.68 -4.20 24.45
N ILE D 462 14.32 -3.40 25.45
CA ILE D 462 13.45 -3.79 26.55
C ILE D 462 12.62 -2.55 26.81
N PHE D 463 11.37 -2.66 27.21
CA PHE D 463 10.66 -1.53 27.78
C PHE D 463 11.03 -1.77 29.27
N ASN D 464 11.45 -0.71 29.98
CA ASN D 464 11.65 -0.70 31.43
C ASN D 464 10.61 0.01 32.32
N GLU D 465 10.21 1.17 31.83
CA GLU D 465 9.33 2.07 32.61
C GLU D 465 8.08 2.49 31.85
N ILE D 466 6.90 2.36 32.47
CA ILE D 466 5.67 2.83 31.85
C ILE D 466 5.41 4.32 32.08
N GLU D 467 5.25 5.10 31.01
CA GLU D 467 4.81 6.47 31.16
C GLU D 467 3.34 6.52 30.81
N ARG D 468 2.53 7.10 31.69
CA ARG D 468 1.11 7.33 31.40
C ARG D 468 1.05 8.63 30.68
N PHE D 469 1.15 8.62 29.34
CA PHE D 469 1.21 9.88 28.60
C PHE D 469 -0.14 10.58 28.46
N GLN D 470 -1.22 9.83 28.61
CA GLN D 470 -2.55 10.37 28.96
C GLN D 470 -3.36 9.26 29.65
N GLN D 471 -4.56 9.59 30.13
CA GLN D 471 -5.31 8.63 30.93
C GLN D 471 -5.68 7.45 30.08
N VAL D 472 -5.49 6.30 30.69
CA VAL D 472 -5.55 5.03 30.00
C VAL D 472 -6.93 4.78 29.47
N VAL D 473 -7.91 4.99 30.32
CA VAL D 473 -9.29 4.78 29.91
C VAL D 473 -9.91 6.13 29.63
N GLY D 474 -10.29 6.39 28.38
CA GLY D 474 -10.81 7.68 27.98
C GLY D 474 -12.14 7.94 28.64
N ASP D 475 -12.44 9.21 28.86
CA ASP D 475 -13.74 9.63 29.37
C ASP D 475 -14.84 9.03 28.50
N GLN D 476 -14.70 9.19 27.18
CA GLN D 476 -15.75 8.85 26.25
C GLN D 476 -15.39 7.63 25.38
N LEU D 477 -15.52 6.44 25.95
CA LEU D 477 -15.18 5.21 25.24
C LEU D 477 -16.17 4.98 24.12
N GLY D 478 -17.44 5.22 24.42
CA GLY D 478 -18.52 5.09 23.43
C GLY D 478 -19.16 3.71 23.33
N GLU D 479 -19.13 2.95 24.42
CA GLU D 479 -19.77 1.62 24.46
C GLU D 479 -20.76 1.52 25.63
N GLU D 480 -21.92 0.93 25.35
CA GLU D 480 -23.05 0.95 26.29
C GLU D 480 -23.42 -0.38 26.95
N GLU D 481 -22.91 -1.50 26.44
CA GLU D 481 -23.26 -2.82 27.00
C GLU D 481 -22.34 -3.18 28.19
N TRP D 482 -21.06 -2.78 28.05
CA TRP D 482 -20.02 -2.90 29.09
C TRP D 482 -19.54 -1.53 29.55
N VAL D 483 -19.08 -1.45 30.81
CA VAL D 483 -18.22 -0.36 31.25
C VAL D 483 -17.08 -0.86 32.08
N VAL D 484 -15.94 -0.19 31.92
CA VAL D 484 -14.68 -0.62 32.52
C VAL D 484 -14.74 -0.38 34.02
N THR D 485 -14.24 -1.37 34.77
CA THR D 485 -14.12 -1.40 36.25
C THR D 485 -12.77 -0.84 36.71
N SER D 486 -11.69 -1.43 36.19
CA SER D 486 -10.36 -1.04 36.59
C SER D 486 -9.49 -1.42 35.44
N TYR D 487 -8.33 -0.75 35.34
CA TYR D 487 -7.34 -1.10 34.29
C TYR D 487 -6.05 -1.64 34.88
N SER D 488 -5.17 -2.15 34.05
CA SER D 488 -3.92 -2.74 34.50
C SER D 488 -3.01 -2.50 33.34
N GLN D 489 -1.86 -1.91 33.64
CA GLN D 489 -0.75 -1.81 32.69
C GLN D 489 0.46 -2.38 33.44
N GLU D 490 1.25 -3.22 32.77
CA GLU D 490 2.30 -4.03 33.42
C GLU D 490 3.21 -4.69 32.37
N ILE D 491 4.50 -4.75 32.66
CA ILE D 491 5.49 -5.34 31.73
C ILE D 491 5.85 -6.74 32.20
N THR D 492 6.17 -7.62 31.25
CA THR D 492 6.53 -9.03 31.47
C THR D 492 7.67 -9.33 30.51
N GLU D 493 8.26 -10.50 30.61
CA GLU D 493 9.31 -10.96 29.72
C GLU D 493 8.90 -12.35 29.16
N VAL D 494 9.01 -12.53 27.85
CA VAL D 494 8.43 -13.67 27.20
C VAL D 494 9.42 -14.41 26.32
N PRO D 495 9.37 -15.75 26.33
CA PRO D 495 10.28 -16.51 25.50
C PRO D 495 9.80 -16.38 24.08
N PHE D 496 10.75 -16.23 23.16
CA PHE D 496 10.52 -16.45 21.75
C PHE D 496 11.73 -17.12 21.18
N GLU D 497 11.56 -17.79 20.04
CA GLU D 497 12.64 -18.53 19.37
C GLU D 497 13.08 -19.61 20.38
N ARG D 498 14.35 -19.80 20.54
CA ARG D 498 14.85 -20.66 21.59
C ARG D 498 15.80 -19.85 22.43
N GLY D 499 15.56 -19.87 23.73
CA GLY D 499 16.40 -19.17 24.68
C GLY D 499 16.54 -17.69 24.40
N SER D 500 15.46 -17.04 24.01
CA SER D 500 15.49 -15.61 23.82
C SER D 500 14.25 -14.96 24.35
N THR D 501 14.40 -13.82 25.00
CA THR D 501 13.29 -13.19 25.72
C THR D 501 13.05 -11.82 25.13
N ASN D 502 11.79 -11.40 25.02
CA ASN D 502 11.40 -10.07 24.54
C ASN D 502 10.33 -9.52 25.50
N SER D 503 10.37 -8.22 25.72
CA SER D 503 9.41 -7.54 26.58
C SER D 503 7.98 -7.61 26.00
N ARG D 504 6.98 -7.61 26.90
CA ARG D 504 5.54 -7.57 26.56
C ARG D 504 4.81 -6.55 27.45
N PHE D 505 4.24 -5.53 26.84
CA PHE D 505 3.55 -4.50 27.56
C PHE D 505 2.10 -4.94 27.50
N THR D 506 1.71 -5.58 28.59
CA THR D 506 0.37 -6.12 28.81
C THR D 506 -0.44 -4.96 29.34
N THR D 507 -1.43 -4.49 28.55
CA THR D 507 -2.36 -3.42 28.97
C THR D 507 -3.83 -3.88 29.09
N THR D 508 -4.15 -4.30 30.30
CA THR D 508 -5.44 -4.97 30.59
C THR D 508 -6.61 -4.20 31.33
N LEU D 509 -7.73 -4.08 30.61
CA LEU D 509 -8.96 -3.54 31.16
C LEU D 509 -9.75 -4.68 31.75
N LEU D 510 -10.24 -4.49 32.97
CA LEU D 510 -11.21 -5.40 33.55
C LEU D 510 -12.56 -4.72 33.37
N VAL D 511 -13.55 -5.52 33.02
CA VAL D 511 -14.85 -5.01 32.61
C VAL D 511 -15.97 -5.74 33.28
N LYS D 512 -17.09 -5.03 33.55
CA LYS D 512 -18.37 -5.62 34.04
C LYS D 512 -19.56 -5.18 33.16
N ARG D 513 -20.57 -6.05 33.09
CA ARG D 513 -21.71 -5.81 32.20
C ARG D 513 -22.84 -4.96 32.82
N ASN D 514 -23.32 -4.02 31.99
CA ASN D 514 -24.52 -3.24 32.28
C ASN D 514 -25.67 -4.19 32.19
N LEU D 515 -26.33 -4.35 33.34
CA LEU D 515 -27.46 -5.26 33.60
C LEU D 515 -28.83 -4.54 33.60
N GLU D 516 -28.83 -3.28 33.16
CA GLU D 516 -29.98 -2.44 33.34
C GLU D 516 -30.88 -2.89 32.22
N TYR D 517 -30.31 -3.16 31.05
CA TYR D 517 -31.06 -3.80 29.95
C TYR D 517 -31.60 -5.15 30.43
N TYR D 518 -30.71 -5.98 30.99
CA TYR D 518 -31.06 -7.34 31.40
C TYR D 518 -32.10 -7.37 32.48
N ILE D 519 -32.14 -6.38 33.35
CA ILE D 519 -33.15 -6.36 34.42
C ILE D 519 -34.51 -5.93 33.83
N LEU D 520 -34.54 -4.85 33.06
CA LEU D 520 -35.80 -4.37 32.53
C LEU D 520 -36.47 -5.11 31.38
N ARG D 521 -35.71 -5.77 30.51
CA ARG D 521 -36.27 -6.58 29.43
C ARG D 521 -36.17 -8.13 29.65
N ILE D 522 -35.56 -8.60 30.69
CA ILE D 522 -35.53 -10.06 30.91
C ILE D 522 -36.09 -10.43 32.24
N PHE D 523 -35.64 -9.75 33.27
CA PHE D 523 -35.96 -10.15 34.66
C PHE D 523 -37.32 -9.72 35.19
N VAL D 524 -37.71 -8.46 34.94
CA VAL D 524 -39.06 -7.97 35.32
C VAL D 524 -40.17 -8.79 34.64
N PRO D 525 -40.00 -9.05 33.32
CA PRO D 525 -41.02 -9.86 32.65
C PRO D 525 -41.13 -11.21 33.33
N LEU D 526 -40.01 -11.94 33.49
CA LEU D 526 -39.98 -13.25 34.16
C LEU D 526 -40.75 -13.29 35.51
N PHE D 527 -40.49 -12.26 36.30
CA PHE D 527 -41.10 -12.07 37.61
C PHE D 527 -42.60 -11.96 37.35
N LEU D 528 -42.98 -11.12 36.40
CA LEU D 528 -44.42 -10.99 36.09
C LEU D 528 -45.10 -12.34 35.71
N ILE D 529 -44.39 -13.13 34.93
CA ILE D 529 -44.98 -14.34 34.34
C ILE D 529 -45.08 -15.36 35.43
N ILE D 530 -44.05 -15.47 36.26
CA ILE D 530 -44.12 -16.43 37.35
C ILE D 530 -45.12 -15.95 38.44
N SER D 531 -45.29 -14.62 38.53
CA SER D 531 -46.29 -14.04 39.45
C SER D 531 -47.71 -14.50 39.09
N VAL D 532 -47.94 -14.65 37.79
CA VAL D 532 -49.24 -15.10 37.30
C VAL D 532 -49.46 -16.52 37.81
N SER D 533 -48.46 -17.38 37.68
CA SER D 533 -48.62 -18.75 38.19
C SER D 533 -48.95 -18.78 39.68
N TRP D 534 -48.44 -17.84 40.42
CA TRP D 534 -48.70 -17.80 41.81
C TRP D 534 -50.17 -17.41 42.12
N VAL D 535 -50.59 -16.32 41.50
CA VAL D 535 -51.87 -15.66 41.76
C VAL D 535 -53.07 -16.53 41.31
N ILE D 536 -52.87 -17.36 40.28
CA ILE D 536 -53.93 -18.29 39.90
C ILE D 536 -54.28 -19.25 41.03
N PHE D 537 -53.34 -19.69 41.87
CA PHE D 537 -53.75 -20.50 43.02
C PHE D 537 -54.77 -19.84 43.97
N PHE D 538 -54.76 -18.52 44.09
CA PHE D 538 -55.82 -17.80 44.81
C PHE D 538 -57.22 -18.14 44.37
N LEU D 539 -57.45 -18.23 43.07
CA LEU D 539 -58.76 -18.24 42.43
C LEU D 539 -59.86 -19.16 42.92
N LYS D 540 -59.52 -20.45 43.03
CA LYS D 540 -60.53 -21.52 43.17
C LYS D 540 -61.75 -21.92 42.22
N ASP D 541 -61.57 -21.54 40.97
CA ASP D 541 -62.40 -22.04 39.87
C ASP D 541 -61.49 -22.85 39.02
N TYR D 542 -61.51 -24.15 39.24
CA TYR D 542 -60.41 -24.96 38.76
C TYR D 542 -60.26 -25.13 37.23
N GLY D 543 -61.36 -25.26 36.49
CA GLY D 543 -61.30 -25.20 35.05
C GLY D 543 -60.61 -23.96 34.56
N ARG D 544 -61.10 -22.82 34.98
CA ARG D 544 -60.53 -21.54 34.58
C ARG D 544 -59.11 -21.35 35.10
N GLN D 545 -58.86 -21.87 36.31
CA GLN D 545 -57.55 -21.73 36.93
C GLN D 545 -56.58 -22.42 36.00
N LEU D 546 -56.92 -23.64 35.62
CA LEU D 546 -56.06 -24.41 34.76
C LEU D 546 -55.89 -23.71 33.45
N GLU D 547 -56.97 -23.20 32.90
CA GLU D 547 -56.93 -22.52 31.60
C GLU D 547 -55.92 -21.39 31.68
N VAL D 548 -56.05 -20.60 32.75
CA VAL D 548 -55.14 -19.46 32.89
C VAL D 548 -53.71 -19.92 33.02
N ALA D 549 -53.47 -20.90 33.88
CA ALA D 549 -52.11 -21.35 34.14
C ALA D 549 -51.53 -21.87 32.87
N SER D 550 -52.26 -22.73 32.19
CA SER D 550 -51.78 -23.23 30.92
C SER D 550 -51.41 -22.08 30.00
N GLY D 551 -52.26 -21.05 29.96
CA GLY D 551 -52.01 -19.90 29.10
C GLY D 551 -50.73 -19.16 29.50
N ASN D 552 -50.54 -19.03 30.80
CA ASN D 552 -49.35 -18.38 31.30
C ASN D 552 -48.13 -19.17 30.90
N LEU D 553 -48.17 -20.50 31.00
CA LEU D 553 -47.04 -21.29 30.52
C LEU D 553 -46.86 -21.11 29.05
N LEU D 554 -47.96 -21.02 28.29
CA LEU D 554 -47.84 -20.80 26.86
C LEU D 554 -47.04 -19.56 26.53
N VAL D 555 -47.31 -18.47 27.23
CA VAL D 555 -46.56 -17.23 26.99
C VAL D 555 -45.07 -17.52 27.24
N PHE D 556 -44.82 -18.18 28.35
CA PHE D 556 -43.47 -18.46 28.75
C PHE D 556 -42.66 -18.94 27.60
N VAL D 557 -43.19 -19.81 26.77
CA VAL D 557 -42.45 -20.37 25.68
C VAL D 557 -42.07 -19.24 24.74
N ALA D 558 -43.03 -18.39 24.42
CA ALA D 558 -42.81 -17.29 23.53
C ALA D 558 -41.72 -16.41 24.09
N PHE D 559 -41.86 -16.08 25.36
CA PHE D 559 -40.95 -15.18 25.98
C PHE D 559 -39.55 -15.75 25.98
N ASN D 560 -39.48 -17.03 26.24
CA ASN D 560 -38.20 -17.69 26.35
C ASN D 560 -37.46 -17.61 25.05
N PHE D 561 -38.12 -17.90 23.95
CA PHE D 561 -37.38 -17.83 22.71
C PHE D 561 -37.16 -16.38 22.24
N THR D 562 -37.98 -15.43 22.65
CA THR D 562 -37.66 -14.01 22.50
C THR D 562 -36.32 -13.59 23.08
N ILE D 563 -36.08 -13.98 24.32
CA ILE D 563 -34.84 -13.53 24.90
C ILE D 563 -33.82 -14.04 23.90
N SER D 564 -32.96 -13.10 23.52
CA SER D 564 -31.90 -13.36 22.60
C SER D 564 -30.63 -13.26 23.40
N GLY D 565 -29.82 -14.30 23.28
CA GLY D 565 -28.51 -14.28 23.80
C GLY D 565 -27.63 -14.26 22.59
N ASP D 566 -26.72 -13.31 22.57
CA ASP D 566 -25.76 -13.18 21.50
C ASP D 566 -24.52 -14.04 21.72
N LEU D 567 -24.47 -14.77 22.83
CA LEU D 567 -23.42 -15.67 23.16
C LEU D 567 -23.19 -16.66 22.05
N PRO D 568 -21.90 -17.00 21.82
CA PRO D 568 -21.58 -18.10 20.96
C PRO D 568 -22.16 -19.33 21.58
N ARG D 569 -22.53 -20.27 20.74
CA ARG D 569 -22.86 -21.62 21.18
C ARG D 569 -21.84 -22.08 22.17
N LEU D 570 -22.30 -22.56 23.31
CA LEU D 570 -21.45 -22.73 24.48
C LEU D 570 -21.60 -24.08 25.11
N GLY D 571 -20.49 -24.61 25.60
CA GLY D 571 -20.51 -25.85 26.35
C GLY D 571 -21.34 -25.78 27.63
N TYR D 572 -21.27 -24.67 28.34
CA TYR D 572 -21.92 -24.63 29.64
C TYR D 572 -23.31 -23.98 29.56
N LEU D 573 -24.12 -24.23 30.58
CA LEU D 573 -25.24 -23.41 31.06
C LEU D 573 -24.67 -22.13 31.67
N THR D 574 -25.25 -20.96 31.44
CA THR D 574 -24.86 -19.74 32.19
C THR D 574 -25.87 -19.60 33.34
N VAL D 575 -25.71 -18.51 34.10
CA VAL D 575 -26.61 -18.24 35.21
C VAL D 575 -28.02 -18.16 34.72
N LEU D 576 -28.34 -17.21 33.85
CA LEU D 576 -29.69 -17.00 33.34
C LEU D 576 -30.29 -18.23 32.69
N ASP D 577 -29.48 -19.04 32.01
CA ASP D 577 -29.93 -20.30 31.40
C ASP D 577 -30.49 -21.26 32.49
N ARG D 578 -29.80 -21.32 33.61
CA ARG D 578 -30.21 -22.09 34.78
C ARG D 578 -31.54 -21.62 35.44
N PHE D 579 -31.70 -20.31 35.61
CA PHE D 579 -32.91 -19.71 36.24
C PHE D 579 -34.07 -19.84 35.29
N MET D 580 -33.75 -19.68 34.02
CA MET D 580 -34.74 -19.80 33.02
C MET D 580 -35.27 -21.23 32.94
N ILE D 581 -34.38 -22.22 32.95
CA ILE D 581 -34.82 -23.61 32.88
C ILE D 581 -35.59 -24.04 34.12
N VAL D 582 -35.22 -23.52 35.28
CA VAL D 582 -35.96 -23.76 36.51
C VAL D 582 -37.36 -23.16 36.51
N SER D 583 -37.49 -21.92 36.03
CA SER D 583 -38.83 -21.31 35.89
C SER D 583 -39.78 -22.05 34.96
N PHE D 584 -39.34 -22.35 33.74
CA PHE D 584 -40.13 -23.06 32.69
C PHE D 584 -40.74 -24.31 33.25
N CYS D 585 -39.90 -25.21 33.76
CA CYS D 585 -40.31 -26.57 34.18
C CYS D 585 -41.38 -26.60 35.30
N LEU D 586 -41.12 -25.92 36.42
CA LEU D 586 -42.10 -25.77 37.51
C LEU D 586 -43.34 -24.93 37.16
N THR D 587 -43.17 -24.04 36.19
CA THR D 587 -44.27 -23.28 35.64
C THR D 587 -45.17 -24.30 35.02
N ALA D 588 -44.56 -25.33 34.40
CA ALA D 588 -45.33 -26.50 33.91
C ALA D 588 -45.79 -27.40 35.06
N ILE D 589 -45.12 -27.32 36.20
CA ILE D 589 -45.52 -28.06 37.39
C ILE D 589 -46.76 -27.41 38.00
N VAL D 590 -46.91 -26.09 37.87
CA VAL D 590 -48.15 -25.38 38.26
C VAL D 590 -49.33 -25.86 37.41
N VAL D 591 -49.05 -26.18 36.14
CA VAL D 591 -50.03 -26.74 35.24
C VAL D 591 -50.32 -28.21 35.62
N LEU D 592 -49.28 -28.97 35.99
CA LEU D 592 -49.43 -30.34 36.48
C LEU D 592 -50.34 -30.40 37.70
N ILE D 593 -50.27 -29.37 38.55
CA ILE D 593 -51.13 -29.22 39.72
C ILE D 593 -52.57 -28.81 39.32
N SER D 594 -52.81 -27.93 38.34
CA SER D 594 -54.18 -27.46 38.00
C SER D 594 -55.10 -28.57 37.54
N VAL D 595 -54.59 -29.41 36.66
CA VAL D 595 -55.17 -30.70 36.28
C VAL D 595 -55.64 -31.52 37.47
N CYS D 596 -54.71 -31.74 38.37
CA CYS D 596 -54.94 -32.61 39.51
C CYS D 596 -56.09 -32.05 40.31
N GLN D 597 -56.03 -30.76 40.62
CA GLN D 597 -57.08 -30.12 41.39
C GLN D 597 -58.43 -30.22 40.71
N LYS D 598 -58.48 -29.95 39.41
CA LYS D 598 -59.74 -29.99 38.65
C LYS D 598 -60.28 -31.41 38.75
N ARG D 599 -59.38 -32.38 38.58
CA ARG D 599 -59.72 -33.82 38.65
C ARG D 599 -60.50 -34.07 39.96
N LEU D 600 -59.86 -33.71 41.06
CA LEU D 600 -60.44 -33.90 42.37
C LEU D 600 -61.80 -33.25 42.41
N GLY D 601 -61.84 -31.95 42.15
CA GLY D 601 -63.05 -31.17 42.30
C GLY D 601 -64.21 -31.84 41.61
N ALA D 602 -63.97 -32.34 40.40
CA ALA D 602 -65.01 -33.01 39.63
C ALA D 602 -65.52 -34.27 40.33
N VAL D 603 -64.62 -35.14 40.76
CA VAL D 603 -65.08 -36.36 41.43
C VAL D 603 -65.62 -35.99 42.82
N GLY D 604 -64.95 -35.07 43.47
CA GLY D 604 -65.29 -34.66 44.80
C GLY D 604 -64.05 -34.18 45.51
N LYS D 605 -64.10 -34.22 46.84
CA LYS D 605 -62.98 -33.81 47.70
C LYS D 605 -62.42 -32.43 47.30
N GLN D 606 -63.34 -31.49 47.10
CA GLN D 606 -62.99 -30.14 46.65
C GLN D 606 -62.15 -29.43 47.67
N ALA D 607 -62.43 -29.64 48.95
CA ALA D 607 -61.62 -29.08 50.02
C ALA D 607 -60.20 -29.58 49.85
N VAL D 608 -60.03 -30.87 49.52
CA VAL D 608 -58.67 -31.39 49.33
C VAL D 608 -57.95 -30.52 48.31
N ALA D 609 -58.63 -30.19 47.22
CA ALA D 609 -58.00 -29.34 46.21
C ALA D 609 -57.63 -27.97 46.78
N ALA D 610 -58.52 -27.38 47.58
CA ALA D 610 -58.27 -26.08 48.17
C ALA D 610 -57.11 -26.13 49.16
N GLN D 611 -56.96 -27.24 49.88
CA GLN D 611 -55.87 -27.38 50.85
C GLN D 611 -54.49 -27.23 50.21
N ILE D 612 -54.28 -28.00 49.14
CA ILE D 612 -53.06 -28.00 48.39
C ILE D 612 -52.77 -26.63 47.74
N ASP D 613 -53.80 -25.95 47.24
CA ASP D 613 -53.72 -24.57 46.71
C ASP D 613 -52.99 -23.75 47.74
N THR D 614 -53.43 -23.82 49.00
CA THR D 614 -52.85 -23.00 50.05
C THR D 614 -51.50 -23.57 50.30
N TRP D 615 -51.47 -24.90 50.33
CA TRP D 615 -50.21 -25.50 50.52
C TRP D 615 -49.11 -24.98 49.55
N VAL D 616 -49.31 -25.15 48.26
CA VAL D 616 -48.43 -24.60 47.21
C VAL D 616 -48.02 -23.13 47.32
N LEU D 617 -48.96 -22.25 47.60
CA LEU D 617 -48.68 -20.81 47.68
C LEU D 617 -47.59 -20.53 48.67
N VAL D 618 -47.66 -21.18 49.82
CA VAL D 618 -46.60 -21.04 50.83
C VAL D 618 -45.24 -21.48 50.28
N ILE D 619 -45.19 -22.70 49.77
CA ILE D 619 -43.90 -23.37 49.42
C ILE D 619 -43.28 -22.82 48.10
N TYR D 620 -44.13 -22.61 47.10
CA TYR D 620 -43.75 -22.19 45.76
C TYR D 620 -42.73 -21.01 45.70
N PRO D 621 -43.04 -19.86 46.35
CA PRO D 621 -42.08 -18.76 46.26
C PRO D 621 -40.83 -18.81 47.16
N LEU D 622 -40.76 -19.76 48.08
CA LEU D 622 -39.58 -19.98 48.90
C LEU D 622 -38.60 -20.93 48.18
N VAL D 623 -39.15 -21.93 47.49
CA VAL D 623 -38.38 -22.82 46.63
C VAL D 623 -38.09 -21.72 45.61
N TYR D 624 -39.05 -20.81 45.38
CA TYR D 624 -38.64 -19.69 44.61
C TYR D 624 -37.41 -18.95 45.10
N SER D 625 -37.46 -18.41 46.29
CA SER D 625 -36.28 -17.82 46.94
C SER D 625 -34.98 -18.58 47.22
N LEU D 626 -35.10 -19.80 47.71
CA LEU D 626 -33.95 -20.66 47.99
C LEU D 626 -33.13 -20.97 46.77
N TYR D 627 -33.81 -21.21 45.66
CA TYR D 627 -33.10 -21.50 44.42
C TYR D 627 -32.18 -20.33 44.09
N ILE D 628 -32.70 -19.12 44.16
CA ILE D 628 -31.91 -17.93 43.92
C ILE D 628 -30.73 -17.87 44.87
N ILE D 629 -30.98 -18.12 46.13
CA ILE D 629 -29.92 -18.04 47.12
C ILE D 629 -28.92 -19.21 46.81
N TRP D 630 -29.46 -20.35 46.39
CA TRP D 630 -28.67 -21.52 45.96
C TRP D 630 -27.57 -21.19 44.98
N VAL D 631 -27.98 -20.64 43.85
CA VAL D 631 -27.06 -20.21 42.76
C VAL D 631 -26.18 -19.01 43.03
N TYR D 632 -26.59 -18.15 43.96
CA TYR D 632 -25.80 -17.05 44.42
C TYR D 632 -24.44 -17.58 44.78
N LEU D 633 -24.44 -18.52 45.72
CA LEU D 633 -23.24 -19.10 46.24
C LEU D 633 -22.39 -19.85 45.20
N ARG D 634 -23.07 -20.69 44.40
CA ARG D 634 -22.49 -21.53 43.40
C ARG D 634 -21.84 -20.60 42.35
N PHE D 635 -22.47 -19.48 42.02
CA PHE D 635 -22.04 -18.63 40.95
C PHE D 635 -21.46 -17.30 41.45
N PHE D 636 -21.18 -17.24 42.75
CA PHE D 636 -20.55 -16.06 43.36
C PHE D 636 -19.62 -16.48 44.54
N GLY E 36 60.83 2.80 -2.98
CA GLY E 36 59.59 2.09 -2.56
C GLY E 36 58.99 1.32 -3.74
N ARG E 37 58.72 0.04 -3.50
CA ARG E 37 58.11 -0.84 -4.51
C ARG E 37 56.80 -1.44 -3.92
N VAL E 38 55.73 -1.38 -4.70
CA VAL E 38 54.39 -1.72 -4.19
C VAL E 38 53.63 -2.66 -5.13
N GLN E 39 53.02 -3.73 -4.57
CA GLN E 39 52.23 -4.73 -5.31
C GLN E 39 50.86 -4.96 -4.70
N HIS E 40 49.91 -5.35 -5.54
CA HIS E 40 48.50 -5.67 -5.18
C HIS E 40 48.22 -7.16 -5.34
N PHE E 41 47.38 -7.68 -4.46
CA PHE E 41 46.90 -9.07 -4.55
C PHE E 41 45.46 -9.16 -4.04
N THR E 42 44.63 -9.99 -4.67
CA THR E 42 43.32 -10.31 -4.10
C THR E 42 43.12 -11.82 -4.04
N GLY E 43 42.32 -12.24 -3.08
CA GLY E 43 42.03 -13.67 -2.90
C GLY E 43 40.86 -13.93 -1.97
N TYR E 44 40.63 -15.21 -1.67
CA TYR E 44 39.52 -15.70 -0.85
C TYR E 44 40.00 -16.69 0.19
N ILE E 45 39.55 -16.52 1.43
CA ILE E 45 39.91 -17.42 2.54
C ILE E 45 38.74 -18.32 2.79
N GLU E 46 38.92 -19.62 2.58
CA GLU E 46 37.81 -20.59 2.78
C GLU E 46 37.84 -21.37 4.12
N ASP E 47 37.20 -20.76 5.13
CA ASP E 47 37.16 -21.16 6.55
C ASP E 47 38.51 -21.15 7.31
N GLY E 48 39.22 -20.04 7.15
CA GLY E 48 40.44 -19.74 7.80
C GLY E 48 41.74 -20.35 7.29
N ARG E 49 41.68 -21.15 6.22
CA ARG E 49 42.89 -21.61 5.54
C ARG E 49 43.44 -20.39 4.76
N GLY E 50 44.71 -20.09 4.95
CA GLY E 50 45.31 -18.95 4.31
C GLY E 50 45.92 -19.24 2.94
N ILE E 51 46.56 -18.20 2.41
CA ILE E 51 47.32 -18.28 1.16
C ILE E 51 48.74 -17.76 1.42
N PHE E 52 49.73 -18.46 0.87
CA PHE E 52 51.14 -18.14 1.06
C PHE E 52 51.69 -17.46 -0.19
N TYR E 53 52.57 -16.46 0.02
CA TYR E 53 53.24 -15.74 -1.05
C TYR E 53 54.75 -15.77 -0.77
N SER E 54 55.53 -16.20 -1.78
CA SER E 54 56.98 -16.37 -1.71
C SER E 54 57.68 -15.03 -2.02
N LEU E 55 58.68 -14.66 -1.22
CA LEU E 55 59.49 -13.46 -1.44
C LEU E 55 60.97 -13.86 -1.54
N PRO E 56 61.41 -14.36 -2.72
CA PRO E 56 62.81 -14.77 -2.86
C PRO E 56 64.00 -13.81 -2.74
N ASP E 57 65.08 -14.31 -2.13
CA ASP E 57 66.29 -13.50 -1.83
C ASP E 57 66.15 -11.91 -1.47
N MET E 58 65.61 -11.79 -0.26
CA MET E 58 65.22 -10.48 0.24
C MET E 58 66.54 -10.10 0.90
N LYS E 59 66.72 -8.80 1.13
CA LYS E 59 67.97 -8.25 1.68
C LYS E 59 67.79 -7.79 3.14
N GLN E 60 68.79 -8.11 3.98
CA GLN E 60 68.83 -7.68 5.39
C GLN E 60 68.76 -6.17 5.42
N GLY E 61 67.87 -5.63 6.24
CA GLY E 61 67.67 -4.18 6.32
C GLY E 61 66.47 -3.68 5.53
N ASP E 62 65.94 -4.51 4.62
CA ASP E 62 64.67 -4.19 3.92
C ASP E 62 63.52 -4.11 4.94
N ILE E 63 62.59 -3.18 4.69
CA ILE E 63 61.38 -3.05 5.52
C ILE E 63 60.17 -3.51 4.70
N ILE E 64 59.48 -4.54 5.22
CA ILE E 64 58.30 -5.11 4.58
C ILE E 64 57.06 -4.48 5.23
N TYR E 65 56.17 -3.96 4.40
CA TYR E 65 54.92 -3.36 4.83
C TYR E 65 53.80 -4.18 4.22
N ALA E 66 52.86 -4.63 5.04
CA ALA E 66 51.70 -5.41 4.57
C ALA E 66 50.39 -4.79 5.07
N SER E 67 49.40 -4.66 4.16
CA SER E 67 48.02 -4.26 4.51
C SER E 67 47.01 -5.24 3.95
N MET E 68 46.17 -5.80 4.83
CA MET E 68 45.17 -6.81 4.47
C MET E 68 43.77 -6.32 4.88
N GLN E 69 42.92 -6.04 3.90
CA GLN E 69 41.58 -5.47 4.15
C GLN E 69 40.50 -6.43 3.65
N ASN E 70 39.44 -6.52 4.44
CA ASN E 70 38.23 -7.23 4.08
C ASN E 70 37.60 -6.58 2.86
N THR E 71 37.22 -7.39 1.87
CA THR E 71 36.49 -6.93 0.68
C THR E 71 35.08 -7.56 0.59
N GLY E 72 34.76 -8.47 1.51
CA GLY E 72 33.52 -9.24 1.40
C GLY E 72 33.53 -10.41 2.37
N GLY E 73 32.34 -10.82 2.80
CA GLY E 73 32.23 -11.85 3.85
C GLY E 73 32.58 -11.30 5.23
N ASN E 74 32.67 -12.19 6.22
CA ASN E 74 32.90 -11.81 7.64
C ASN E 74 34.38 -12.04 8.07
N LEU E 75 35.26 -12.28 7.11
CA LEU E 75 36.71 -12.49 7.36
C LEU E 75 37.28 -11.32 8.16
N ASP E 76 37.95 -11.65 9.27
CA ASP E 76 38.72 -10.69 10.02
C ASP E 76 40.17 -11.15 9.75
N PRO E 77 40.95 -10.32 9.04
CA PRO E 77 42.20 -10.81 8.50
C PRO E 77 43.35 -10.94 9.47
N LEU E 78 44.26 -11.86 9.13
CA LEU E 78 45.46 -12.17 9.89
C LEU E 78 46.65 -12.21 8.94
N VAL E 79 47.59 -11.29 9.17
CA VAL E 79 48.83 -11.28 8.40
C VAL E 79 50.09 -11.63 9.14
N GLY E 80 50.93 -12.45 8.51
CA GLY E 80 52.20 -12.90 9.10
C GLY E 80 53.34 -13.09 8.10
N ILE E 81 54.57 -12.98 8.60
CA ILE E 81 55.77 -13.19 7.79
C ILE E 81 56.67 -14.26 8.42
N MET E 82 57.09 -15.22 7.57
CA MET E 82 57.99 -16.34 7.92
C MET E 82 59.25 -16.43 7.02
N ALA E 83 60.20 -17.27 7.45
CA ALA E 83 61.46 -17.53 6.69
C ALA E 83 61.32 -18.73 5.72
N GLU E 84 61.19 -19.94 6.30
CA GLU E 84 60.82 -21.14 5.54
C GLU E 84 59.35 -21.52 5.85
N GLU E 85 58.83 -22.35 4.97
CA GLU E 85 57.40 -22.71 4.96
C GLU E 85 57.13 -23.88 5.94
N ILE E 86 56.28 -23.67 6.94
CA ILE E 86 55.65 -24.78 7.69
C ILE E 86 54.18 -24.38 7.89
N ASP E 87 53.28 -25.36 7.81
CA ASP E 87 51.83 -25.12 7.65
C ASP E 87 51.13 -24.62 8.93
N PRO E 88 50.59 -23.38 8.91
CA PRO E 88 49.89 -22.88 10.10
C PRO E 88 48.53 -23.51 10.36
N ALA E 89 47.88 -24.14 9.38
CA ALA E 89 46.53 -24.75 9.57
C ALA E 89 46.48 -25.85 10.67
N VAL E 90 47.59 -26.58 10.79
CA VAL E 90 47.74 -27.63 11.80
C VAL E 90 47.75 -27.03 13.22
N SER E 91 48.68 -26.09 13.46
CA SER E 91 48.82 -25.36 14.73
C SER E 91 47.58 -24.54 15.13
N LEU E 92 47.05 -23.78 14.17
CA LEU E 92 45.85 -22.93 14.37
C LEU E 92 44.61 -23.82 14.59
N GLY E 93 44.56 -24.98 13.92
CA GLY E 93 43.50 -25.96 14.11
C GLY E 93 43.42 -26.47 15.53
N GLN E 94 44.57 -26.61 16.19
CA GLN E 94 44.65 -27.00 17.59
C GLN E 94 44.11 -25.91 18.53
N VAL E 95 44.28 -24.63 18.15
CA VAL E 95 43.74 -23.51 18.95
C VAL E 95 42.20 -23.53 18.91
N LEU E 96 41.65 -23.84 17.72
CA LEU E 96 40.19 -24.00 17.47
C LEU E 96 39.53 -25.03 18.38
N GLU E 97 40.25 -26.13 18.60
CA GLU E 97 39.83 -27.27 19.41
C GLU E 97 39.67 -26.89 20.88
N LYS E 98 40.47 -25.94 21.36
CA LYS E 98 40.34 -25.52 22.74
C LYS E 98 39.03 -24.75 22.94
N ALA E 99 38.06 -25.31 23.66
CA ALA E 99 36.95 -24.54 24.22
C ALA E 99 37.49 -24.09 25.59
N LEU E 100 38.39 -23.10 25.53
CA LEU E 100 39.31 -22.73 26.65
C LEU E 100 38.62 -22.33 27.97
N ALA E 101 39.44 -22.18 29.01
CA ALA E 101 39.00 -21.67 30.34
C ALA E 101 38.03 -20.48 30.25
N SER E 102 38.46 -19.43 29.56
CA SER E 102 37.61 -18.30 29.15
C SER E 102 38.44 -17.33 28.27
N GLU E 103 37.89 -16.17 27.90
CA GLU E 103 38.43 -15.33 26.79
C GLU E 103 39.96 -15.01 26.76
N ASN E 104 40.52 -14.40 27.81
CA ASN E 104 41.98 -14.06 27.86
C ASN E 104 43.20 -14.99 27.82
N ASP E 105 42.98 -16.28 28.12
CA ASP E 105 43.93 -17.33 27.59
C ASP E 105 43.87 -17.79 26.05
N LEU E 106 42.74 -17.39 25.45
CA LEU E 106 42.57 -17.42 23.98
C LEU E 106 43.62 -16.40 23.55
N ILE E 107 43.57 -15.17 24.08
CA ILE E 107 44.61 -14.13 23.87
C ILE E 107 46.02 -14.71 24.08
N SER E 108 46.19 -15.25 25.30
CA SER E 108 47.44 -15.86 25.74
C SER E 108 47.92 -16.95 24.77
N GLU E 109 47.04 -17.88 24.42
CA GLU E 109 47.36 -19.01 23.54
C GLU E 109 47.58 -18.57 22.11
N LEU E 110 46.76 -17.69 21.57
CA LEU E 110 46.98 -17.16 20.20
C LEU E 110 48.24 -16.32 20.16
N THR E 111 48.47 -15.46 21.16
CA THR E 111 49.68 -14.63 21.23
C THR E 111 50.94 -15.53 21.14
N ALA E 112 51.01 -16.53 22.02
CA ALA E 112 52.12 -17.49 22.06
C ALA E 112 52.35 -18.29 20.78
N VAL E 113 51.29 -18.73 20.11
CA VAL E 113 51.40 -19.47 18.85
C VAL E 113 51.83 -18.58 17.71
N ALA E 114 51.19 -17.42 17.52
CA ALA E 114 51.58 -16.45 16.47
C ALA E 114 53.03 -16.00 16.54
N ASP E 115 53.47 -15.65 17.76
CA ASP E 115 54.88 -15.29 18.06
C ASP E 115 55.91 -16.35 17.67
N ARG E 116 55.50 -17.60 17.77
CA ARG E 116 56.33 -18.78 17.49
C ARG E 116 56.35 -19.09 15.99
N ILE E 117 55.17 -19.06 15.37
CA ILE E 117 55.01 -19.40 13.95
C ILE E 117 55.57 -18.31 13.02
N PHE E 118 55.32 -17.03 13.35
CA PHE E 118 55.79 -15.91 12.54
C PHE E 118 56.96 -15.13 13.19
N LEU E 119 57.77 -14.49 12.36
CA LEU E 119 58.80 -13.57 12.83
C LEU E 119 58.15 -12.21 13.13
N GLY E 120 57.04 -11.94 12.46
CA GLY E 120 56.17 -10.81 12.75
C GLY E 120 54.78 -11.06 12.20
N TRP E 121 53.79 -10.53 12.92
CA TRP E 121 52.37 -10.74 12.64
C TRP E 121 51.54 -9.47 12.94
N ASP E 122 50.36 -9.39 12.32
CA ASP E 122 49.34 -8.44 12.70
C ASP E 122 47.91 -8.92 12.29
N ASP E 123 46.99 -8.39 13.10
CA ASP E 123 45.64 -8.90 13.38
C ASP E 123 44.36 -8.58 12.54
N ASP E 124 43.41 -9.47 12.72
CA ASP E 124 41.94 -9.24 12.75
C ASP E 124 41.34 -7.87 12.88
N GLY E 125 40.87 -7.31 11.76
CA GLY E 125 40.05 -6.09 11.69
C GLY E 125 40.51 -4.99 12.60
N GLY E 126 39.70 -3.94 12.64
CA GLY E 126 39.98 -2.78 13.48
C GLY E 126 39.93 -1.58 12.57
N LYS E 127 40.53 -0.49 13.03
CA LYS E 127 40.35 0.83 12.42
C LYS E 127 41.26 1.10 11.20
N GLY E 128 42.56 0.85 11.33
CA GLY E 128 43.48 0.84 10.17
C GLY E 128 43.18 -0.40 9.34
N TYR E 129 41.91 -0.52 8.92
CA TYR E 129 41.31 -1.73 8.30
C TYR E 129 41.54 -3.02 9.09
N SER E 130 42.47 -3.90 8.71
CA SER E 130 42.66 -5.09 9.44
C SER E 130 44.20 -5.39 9.60
N ALA E 131 45.01 -5.49 8.59
CA ALA E 131 46.38 -5.97 8.91
C ALA E 131 47.47 -5.08 8.52
N SER E 132 47.75 -4.01 9.24
CA SER E 132 49.03 -3.25 9.00
C SER E 132 50.29 -3.70 9.75
N LEU E 133 51.34 -4.15 9.02
CA LEU E 133 52.41 -4.89 9.69
C LEU E 133 53.74 -4.46 9.08
N GLU E 134 54.55 -3.84 9.90
CA GLU E 134 55.86 -3.39 9.52
C GLU E 134 56.82 -4.45 10.05
N PHE E 135 57.68 -4.97 9.17
CA PHE E 135 58.70 -5.96 9.54
C PHE E 135 60.03 -5.67 8.90
N THR E 136 61.08 -5.57 9.73
CA THR E 136 62.45 -5.33 9.27
C THR E 136 63.12 -6.69 9.04
N ILE E 137 63.58 -6.94 7.81
CA ILE E 137 64.15 -8.24 7.44
C ILE E 137 65.50 -8.44 8.16
N PRO E 138 65.60 -9.50 8.99
CA PRO E 138 66.81 -9.74 9.79
C PRO E 138 68.02 -10.29 9.03
N ARG E 139 67.81 -11.00 7.92
CA ARG E 139 68.92 -11.60 7.14
C ARG E 139 68.53 -11.91 5.68
N ASP E 140 69.55 -12.08 4.84
CA ASP E 140 69.38 -12.43 3.41
C ASP E 140 68.74 -13.80 3.26
N GLY E 141 67.84 -13.92 2.26
CA GLY E 141 67.20 -15.21 1.93
C GLY E 141 65.74 -15.08 1.48
N THR E 142 65.11 -16.24 1.34
CA THR E 142 63.71 -16.40 0.91
C THR E 142 62.77 -16.30 2.11
N TYR E 143 61.75 -15.42 2.00
CA TYR E 143 60.72 -15.23 3.03
C TYR E 143 59.33 -15.55 2.49
N HIS E 144 58.37 -15.75 3.39
CA HIS E 144 57.00 -16.06 3.02
C HIS E 144 56.01 -15.21 3.84
N ILE E 145 55.07 -14.58 3.15
CA ILE E 145 53.96 -13.86 3.79
C ILE E 145 52.69 -14.72 3.78
N PHE E 146 52.02 -14.81 4.92
CA PHE E 146 50.84 -15.65 5.10
C PHE E 146 49.64 -14.73 5.25
N ALA E 147 48.61 -14.95 4.45
CA ALA E 147 47.40 -14.14 4.48
C ALA E 147 46.24 -15.06 4.72
N GLY E 148 45.58 -14.92 5.87
CA GLY E 148 44.45 -15.78 6.25
C GLY E 148 43.48 -15.28 7.29
N SER E 149 42.87 -16.22 8.00
CA SER E 149 41.98 -15.91 9.14
C SER E 149 42.65 -15.90 10.52
N THR E 150 42.23 -14.92 11.37
CA THR E 150 42.48 -15.02 12.79
C THR E 150 41.46 -15.98 13.40
N ILE E 151 41.52 -16.14 14.71
CA ILE E 151 40.47 -16.85 15.45
C ILE E 151 39.85 -15.85 16.38
N THR E 152 38.58 -15.52 16.15
CA THR E 152 37.84 -14.59 16.99
C THR E 152 36.37 -15.01 17.15
N ASN E 153 35.72 -14.37 18.11
CA ASN E 153 34.30 -14.50 18.34
C ASN E 153 33.58 -13.51 17.42
N GLN E 154 32.40 -13.88 16.95
CA GLN E 154 31.52 -12.98 16.16
C GLN E 154 30.25 -12.54 16.88
N ARG E 155 29.82 -13.29 17.88
CA ARG E 155 28.43 -13.24 18.35
C ARG E 155 28.27 -12.80 19.80
N LEU E 156 27.08 -12.31 20.15
CA LEU E 156 26.81 -11.89 21.52
C LEU E 156 25.84 -12.81 22.22
N ASP E 157 25.24 -13.77 21.50
CA ASP E 157 24.31 -14.74 22.11
C ASP E 157 25.00 -15.85 22.92
N LYS E 158 26.24 -16.16 22.51
CA LYS E 158 27.13 -17.12 23.17
C LYS E 158 28.59 -16.88 22.72
N PHE E 159 29.56 -17.25 23.57
CA PHE E 159 30.99 -17.06 23.24
C PHE E 159 31.50 -18.28 22.45
N GLN E 160 31.63 -18.08 21.13
CA GLN E 160 31.77 -19.15 20.15
C GLN E 160 32.81 -18.69 19.13
N PRO E 161 34.10 -18.84 19.48
CA PRO E 161 35.23 -18.39 18.62
C PRO E 161 35.49 -19.38 17.50
N THR E 162 35.67 -18.87 16.28
CA THR E 162 35.94 -19.67 15.08
C THR E 162 36.82 -18.86 14.11
N TYR E 163 37.30 -19.55 13.08
CA TYR E 163 37.82 -18.93 11.87
C TYR E 163 36.68 -18.24 11.12
N THR E 164 37.06 -17.32 10.23
CA THR E 164 36.13 -16.56 9.44
C THR E 164 36.48 -16.77 7.97
N THR E 165 35.55 -16.33 7.12
CA THR E 165 35.54 -16.61 5.69
C THR E 165 35.34 -15.30 4.90
N GLY E 166 35.95 -15.19 3.72
CA GLY E 166 35.73 -14.05 2.88
C GLY E 166 36.87 -13.68 1.97
N SER E 167 36.64 -12.61 1.18
CA SER E 167 37.60 -12.10 0.22
C SER E 167 38.37 -10.90 0.77
N PHE E 168 39.53 -10.64 0.18
CA PHE E 168 40.41 -9.60 0.67
C PHE E 168 41.26 -8.99 -0.40
N GLN E 169 41.85 -7.84 -0.05
CA GLN E 169 42.85 -7.17 -0.85
C GLN E 169 44.10 -7.05 0.03
N LEU E 170 45.22 -7.50 -0.51
CA LEU E 170 46.50 -7.41 0.16
C LEU E 170 47.42 -6.43 -0.58
N ILE E 171 47.94 -5.47 0.16
CA ILE E 171 48.88 -4.48 -0.36
C ILE E 171 50.26 -4.79 0.26
N LEU E 172 51.25 -5.02 -0.59
CA LEU E 172 52.60 -5.37 -0.18
C LEU E 172 53.58 -4.28 -0.59
N GLY E 173 54.44 -3.90 0.36
CA GLY E 173 55.38 -2.78 0.18
C GLY E 173 56.79 -3.14 0.59
N LEU E 174 57.76 -2.82 -0.26
CA LEU E 174 59.16 -3.06 0.02
C LEU E 174 59.81 -1.67 0.10
N ASN E 175 60.14 -1.26 1.32
CA ASN E 175 60.68 0.07 1.64
C ASN E 175 59.71 1.19 1.23
N ALA E 176 58.41 0.92 1.35
CA ALA E 176 57.34 1.84 0.97
C ALA E 176 56.37 2.09 2.16
N PRO E 177 56.70 3.06 3.03
CA PRO E 177 55.85 3.47 4.17
C PRO E 177 54.38 3.82 3.90
N GLN E 178 54.02 4.24 2.68
CA GLN E 178 52.61 4.57 2.36
C GLN E 178 51.64 3.36 2.45
N VAL E 179 52.18 2.14 2.42
CA VAL E 179 51.36 0.92 2.53
C VAL E 179 50.65 0.83 3.87
N ILE E 180 51.29 1.19 4.98
CA ILE E 180 50.62 1.23 6.30
C ILE E 180 49.78 2.48 6.54
N SER E 181 49.74 3.38 5.54
CA SER E 181 48.92 4.58 5.58
C SER E 181 47.54 4.39 4.91
N GLY E 182 47.25 3.17 4.46
CA GLY E 182 46.02 2.85 3.77
C GLY E 182 45.81 3.24 2.33
N GLU E 183 46.89 3.57 1.61
CA GLU E 183 46.83 3.94 0.19
C GLU E 183 47.90 3.08 -0.49
N GLY E 184 47.49 2.28 -1.47
CA GLY E 184 48.40 1.37 -2.15
C GLY E 184 48.28 1.52 -3.65
N GLU E 185 49.39 1.82 -4.31
CA GLU E 185 49.46 1.83 -5.76
C GLU E 185 50.60 0.90 -6.19
N PRO E 186 50.35 -0.04 -7.14
CA PRO E 186 51.43 -0.88 -7.70
C PRO E 186 52.57 0.00 -8.19
N GLU E 187 53.78 -0.21 -7.66
CA GLU E 187 54.88 0.80 -7.96
C GLU E 187 56.20 0.48 -8.81
N GLY E 188 56.87 -0.68 -8.60
CA GLY E 188 58.18 -1.04 -9.23
C GLY E 188 58.24 -2.48 -9.69
N GLU E 189 59.37 -3.15 -9.50
CA GLU E 189 59.59 -4.52 -9.97
C GLU E 189 58.87 -5.55 -9.09
N VAL E 190 58.46 -6.67 -9.71
CA VAL E 190 57.87 -7.82 -8.99
C VAL E 190 58.94 -8.44 -8.09
N PHE E 191 58.59 -8.65 -6.81
CA PHE E 191 59.41 -9.40 -5.86
C PHE E 191 58.69 -10.61 -5.23
N ALA E 192 57.39 -10.78 -5.47
CA ALA E 192 56.60 -11.80 -4.79
C ALA E 192 55.46 -12.35 -5.65
N SER E 193 55.08 -13.60 -5.36
CA SER E 193 53.90 -14.28 -5.96
C SER E 193 53.47 -15.59 -5.23
N LEU E 194 52.40 -16.24 -5.71
CA LEU E 194 51.74 -17.32 -4.96
C LEU E 194 52.56 -18.58 -4.79
N ALA E 195 52.89 -18.95 -3.54
CA ALA E 195 53.44 -20.28 -3.27
C ALA E 195 52.35 -21.36 -3.29
N ILE E 199 51.48 -25.72 -2.17
CA ILE E 199 52.39 -26.88 -2.28
C ILE E 199 52.00 -28.04 -1.31
N LYS E 200 50.75 -28.07 -0.82
CA LYS E 200 50.34 -28.82 0.34
C LYS E 200 48.92 -29.27 0.02
N PRO E 201 48.51 -30.47 0.47
CA PRO E 201 47.16 -31.06 0.33
C PRO E 201 46.14 -30.87 1.51
N GLU E 202 44.86 -30.75 1.17
CA GLU E 202 43.74 -30.56 2.12
C GLU E 202 42.54 -31.46 1.75
N ALA E 203 42.26 -32.43 2.62
CA ALA E 203 41.25 -33.47 2.38
C ALA E 203 39.84 -33.13 2.89
N HIS E 204 38.85 -33.28 2.02
CA HIS E 204 37.42 -33.17 2.38
C HIS E 204 36.63 -34.14 1.50
N VAL E 205 35.85 -35.05 2.08
CA VAL E 205 35.07 -35.98 1.28
C VAL E 205 33.73 -36.22 1.92
N GLN E 206 32.72 -36.51 1.08
CA GLN E 206 31.33 -36.77 1.46
C GLN E 206 30.65 -37.73 0.50
N GLU E 207 29.51 -38.27 0.91
CA GLU E 207 28.60 -39.02 0.04
C GLU E 207 27.20 -38.53 0.36
N LEU E 208 26.28 -38.69 -0.59
CA LEU E 208 24.83 -38.62 -0.44
C LEU E 208 24.01 -39.59 -1.25
N GLU E 209 22.74 -39.82 -0.93
CA GLU E 209 21.86 -40.74 -1.72
C GLU E 209 21.06 -39.91 -2.77
N ILE E 210 21.28 -40.19 -4.06
CA ILE E 210 20.58 -39.51 -5.15
C ILE E 210 19.39 -40.32 -5.62
N ARG E 211 18.28 -39.64 -5.89
CA ARG E 211 16.96 -40.26 -6.16
C ARG E 211 16.30 -39.55 -7.37
N LEU E 212 16.62 -40.04 -8.58
CA LEU E 212 15.88 -39.70 -9.81
C LEU E 212 14.65 -40.57 -9.95
N ASP E 213 13.52 -40.01 -10.41
CA ASP E 213 12.26 -40.73 -10.52
C ASP E 213 11.34 -40.08 -11.58
N LYS E 214 10.10 -40.58 -11.68
CA LYS E 214 9.07 -40.04 -12.58
C LYS E 214 8.98 -38.51 -12.55
N ASP E 215 9.02 -37.92 -11.35
CA ASP E 215 8.89 -36.44 -11.12
C ASP E 215 10.18 -35.58 -11.33
N THR E 216 11.20 -35.91 -10.55
CA THR E 216 12.51 -35.26 -10.59
C THR E 216 13.43 -36.04 -11.49
N ARG E 217 13.48 -35.73 -12.80
CA ARG E 217 14.27 -36.54 -13.73
C ARG E 217 15.68 -35.99 -14.03
N TYR E 218 16.11 -34.99 -13.28
CA TYR E 218 17.42 -34.40 -13.42
C TYR E 218 17.87 -33.72 -12.11
N LEU E 219 19.17 -33.69 -11.85
CA LEU E 219 19.66 -33.21 -10.58
C LEU E 219 20.95 -32.43 -10.65
N THR E 220 21.10 -31.48 -9.72
CA THR E 220 22.31 -30.68 -9.58
C THR E 220 22.74 -30.62 -8.12
N GLN E 221 23.96 -30.22 -7.86
CA GLN E 221 24.42 -29.92 -6.54
C GLN E 221 25.45 -28.84 -6.77
N HIS E 222 25.19 -27.71 -6.12
CA HIS E 222 26.12 -26.60 -6.04
C HIS E 222 27.16 -27.00 -4.99
N THR E 223 28.41 -26.97 -5.41
CA THR E 223 29.53 -27.39 -4.59
C THR E 223 30.08 -26.19 -3.86
N ARG E 224 31.03 -26.44 -2.96
CA ARG E 224 31.94 -25.43 -2.36
C ARG E 224 32.96 -24.78 -3.33
N ASN E 225 33.34 -23.55 -2.97
CA ASN E 225 34.30 -22.79 -3.75
C ASN E 225 35.69 -23.42 -3.67
N LEU E 226 36.15 -23.97 -4.79
CA LEU E 226 37.47 -24.58 -4.87
C LEU E 226 38.49 -23.47 -4.97
N GLN E 227 39.62 -23.66 -4.28
CA GLN E 227 40.72 -22.69 -4.25
C GLN E 227 41.52 -22.87 -5.52
N PRO E 228 42.37 -21.87 -5.90
CA PRO E 228 43.23 -22.06 -7.07
C PRO E 228 44.07 -23.33 -6.97
N GLY E 229 44.18 -24.09 -8.07
CA GLY E 229 45.02 -25.28 -8.12
C GLY E 229 44.66 -26.40 -7.14
N ASP E 230 43.37 -26.63 -6.96
CA ASP E 230 42.87 -27.65 -6.07
C ASP E 230 42.04 -28.66 -6.87
N THR E 231 42.18 -29.94 -6.54
CA THR E 231 41.58 -31.01 -7.34
C THR E 231 40.13 -31.31 -6.93
N PHE E 232 39.48 -32.21 -7.68
CA PHE E 232 38.14 -32.66 -7.41
C PHE E 232 37.89 -34.04 -8.01
N HIS E 233 37.24 -34.90 -7.23
CA HIS E 233 36.92 -36.28 -7.62
C HIS E 233 35.41 -36.55 -7.43
N ALA E 234 34.81 -37.30 -8.37
CA ALA E 234 33.39 -37.62 -8.30
C ALA E 234 33.05 -39.00 -8.90
N LEU E 235 32.03 -39.64 -8.32
CA LEU E 235 31.61 -40.99 -8.73
C LEU E 235 30.13 -41.23 -8.46
N VAL E 236 29.46 -41.90 -9.40
CA VAL E 236 28.10 -42.38 -9.24
C VAL E 236 28.08 -43.90 -9.34
N GLU E 237 27.27 -44.56 -8.49
CA GLU E 237 27.11 -46.03 -8.52
C GLU E 237 25.65 -46.44 -8.32
N PRO E 238 25.07 -47.24 -9.25
CA PRO E 238 23.67 -47.67 -9.10
C PRO E 238 23.50 -48.70 -7.96
N ILE E 239 23.17 -48.18 -6.77
CA ILE E 239 22.87 -48.96 -5.57
C ILE E 239 21.60 -49.83 -5.68
N GLY E 240 20.62 -49.44 -6.49
CA GLY E 240 19.36 -50.18 -6.58
C GLY E 240 19.14 -50.86 -7.90
N GLU E 241 20.19 -51.51 -8.43
CA GLU E 241 20.26 -52.10 -9.79
C GLU E 241 19.53 -51.34 -10.91
N ALA E 242 19.74 -50.02 -10.93
CA ALA E 242 19.11 -49.13 -11.93
C ALA E 242 20.04 -48.88 -13.14
N PRO E 243 19.48 -48.37 -14.27
CA PRO E 243 20.33 -48.09 -15.43
C PRO E 243 21.37 -46.99 -15.19
N LEU E 244 22.43 -47.03 -16.01
CA LEU E 244 23.59 -46.12 -15.89
C LEU E 244 23.30 -44.65 -16.25
N PRO E 245 23.69 -43.71 -15.36
CA PRO E 245 23.45 -42.27 -15.58
C PRO E 245 24.66 -41.51 -16.15
N ARG E 246 24.40 -40.34 -16.76
CA ARG E 246 25.50 -39.45 -17.18
C ARG E 246 25.81 -38.50 -16.05
N LEU E 247 27.08 -38.44 -15.67
CA LEU E 247 27.58 -37.47 -14.71
C LEU E 247 28.36 -36.39 -15.44
N ARG E 248 28.26 -35.17 -14.95
CA ARG E 248 29.02 -33.99 -15.43
C ARG E 248 29.34 -32.94 -14.37
N LEU E 249 30.40 -32.17 -14.60
CA LEU E 249 30.72 -31.05 -13.77
C LEU E 249 30.55 -29.81 -14.63
N THR E 250 29.98 -28.75 -14.06
CA THR E 250 29.80 -27.45 -14.75
C THR E 250 30.13 -26.31 -13.78
N ASP E 251 30.29 -25.10 -14.33
CA ASP E 251 30.60 -23.89 -13.51
C ASP E 251 29.31 -23.45 -12.81
N SER E 252 29.34 -22.30 -12.12
CA SER E 252 28.12 -21.80 -11.45
C SER E 252 27.04 -21.43 -12.48
N GLY E 253 27.46 -20.96 -13.65
CA GLY E 253 26.58 -20.78 -14.80
C GLY E 253 26.42 -22.06 -15.59
N GLY E 254 26.25 -21.94 -16.89
CA GLY E 254 26.02 -23.11 -17.73
C GLY E 254 27.28 -23.81 -18.18
N LYS E 255 28.34 -23.03 -18.42
CA LYS E 255 29.59 -23.46 -19.05
C LYS E 255 30.13 -24.66 -18.30
N PRO E 256 30.40 -25.78 -19.00
CA PRO E 256 30.73 -27.05 -18.35
C PRO E 256 32.23 -27.31 -18.28
N LEU E 257 32.64 -28.13 -17.31
CA LEU E 257 34.05 -28.47 -17.15
C LEU E 257 34.48 -29.93 -17.45
N ALA E 258 33.59 -30.92 -17.33
CA ALA E 258 34.04 -32.32 -17.45
C ALA E 258 33.01 -33.41 -17.79
N PHE E 259 33.53 -34.60 -18.08
CA PHE E 259 32.71 -35.86 -18.23
C PHE E 259 33.03 -36.99 -17.22
N GLY E 260 31.96 -37.46 -16.57
CA GLY E 260 31.96 -38.62 -15.71
C GLY E 260 31.98 -39.88 -16.55
N LEU E 261 33.18 -40.35 -16.90
CA LEU E 261 33.34 -41.52 -17.81
C LEU E 261 32.88 -42.85 -17.17
N ILE E 262 32.49 -43.83 -17.99
CA ILE E 262 32.04 -45.11 -17.49
C ILE E 262 33.32 -45.92 -17.32
N ASP E 263 33.51 -46.46 -16.11
CA ASP E 263 34.80 -47.03 -15.65
C ASP E 263 35.18 -48.41 -16.25
N GLN E 264 36.38 -48.91 -15.92
CA GLN E 264 36.89 -50.18 -16.46
C GLN E 264 35.97 -51.36 -16.09
N PRO E 265 35.69 -51.60 -14.78
CA PRO E 265 34.64 -52.54 -14.37
C PRO E 265 33.33 -52.49 -15.18
N GLY E 266 32.85 -51.27 -15.42
CA GLY E 266 31.63 -51.01 -16.19
C GLY E 266 30.34 -50.78 -15.41
N GLU E 267 30.47 -50.38 -14.14
CA GLU E 267 29.33 -50.06 -13.23
C GLU E 267 29.46 -48.69 -12.47
N SER E 268 30.61 -48.03 -12.58
CA SER E 268 30.91 -46.82 -11.83
C SER E 268 31.14 -45.66 -12.81
N VAL E 269 30.70 -44.47 -12.42
CA VAL E 269 30.84 -43.26 -13.25
C VAL E 269 31.95 -42.33 -12.70
N GLU E 270 33.21 -42.64 -13.06
CA GLU E 270 34.40 -41.91 -12.57
C GLU E 270 34.56 -40.55 -13.23
N LEU E 271 34.94 -39.54 -12.42
CA LEU E 271 34.99 -38.12 -12.84
C LEU E 271 36.09 -37.35 -12.13
N ASN E 272 36.77 -36.48 -12.87
CA ASN E 272 37.99 -35.78 -12.40
C ASN E 272 38.06 -34.34 -12.95
N TYR E 273 38.64 -33.41 -12.18
CA TYR E 273 38.87 -32.00 -12.56
C TYR E 273 39.75 -31.27 -11.54
N THR E 274 40.53 -30.29 -11.99
CA THR E 274 41.37 -29.45 -11.12
C THR E 274 41.19 -27.96 -11.49
N CYS E 275 41.20 -27.12 -10.48
CA CYS E 275 40.87 -25.71 -10.62
C CYS E 275 41.98 -24.88 -11.21
N ASP E 276 41.75 -24.28 -12.40
CA ASP E 276 42.74 -23.41 -13.07
C ASP E 276 42.41 -21.88 -13.02
N GLN E 277 41.12 -21.51 -12.97
CA GLN E 277 40.70 -20.11 -12.80
C GLN E 277 41.01 -19.58 -11.36
N ASP E 278 40.73 -18.29 -11.12
CA ASP E 278 41.00 -17.62 -9.83
C ASP E 278 40.19 -18.17 -8.65
N ILE E 279 38.88 -18.32 -8.85
CA ILE E 279 38.05 -19.15 -7.99
C ILE E 279 37.10 -20.05 -8.81
N CYS E 280 36.98 -21.28 -8.34
CA CYS E 280 36.10 -22.27 -8.95
C CYS E 280 34.92 -22.56 -8.03
N GLU E 281 33.72 -22.13 -8.45
CA GLU E 281 32.49 -22.54 -7.77
C GLU E 281 31.83 -23.51 -8.74
N LEU E 282 31.57 -24.71 -8.24
CA LEU E 282 31.22 -25.86 -9.10
C LEU E 282 29.86 -26.49 -8.86
N VAL E 283 29.30 -27.11 -9.89
CA VAL E 283 27.95 -27.68 -9.88
C VAL E 283 27.92 -29.05 -10.56
N VAL E 284 27.87 -30.10 -9.74
CA VAL E 284 27.80 -31.48 -10.23
C VAL E 284 26.40 -31.78 -10.79
N HIS E 285 26.35 -32.35 -12.01
CA HIS E 285 25.11 -32.80 -12.64
C HIS E 285 25.00 -34.31 -12.61
N VAL E 286 23.77 -34.81 -12.44
CA VAL E 286 23.45 -36.23 -12.55
C VAL E 286 22.26 -36.37 -13.51
N ASP E 287 22.58 -36.65 -14.78
CA ASP E 287 21.59 -36.74 -15.87
C ASP E 287 20.81 -38.05 -15.84
N GLY E 288 19.49 -37.92 -15.75
CA GLY E 288 18.59 -39.07 -15.58
C GLY E 288 17.54 -39.16 -16.68
N THR E 289 17.97 -38.86 -17.91
CA THR E 289 17.12 -38.86 -19.08
C THR E 289 17.21 -40.22 -19.80
N ASP E 290 18.37 -40.85 -19.76
CA ASP E 290 18.51 -42.20 -20.31
C ASP E 290 18.37 -43.19 -19.18
N GLY E 291 17.14 -43.69 -18.96
CA GLY E 291 16.87 -44.63 -17.88
C GLY E 291 15.59 -45.42 -18.04
N GLN E 292 15.13 -45.99 -16.93
CA GLN E 292 13.86 -46.74 -16.87
C GLN E 292 12.70 -45.74 -16.83
N LYS E 293 11.70 -45.99 -17.69
CA LYS E 293 10.57 -45.05 -17.86
C LYS E 293 9.74 -45.01 -16.59
N ASP E 294 9.49 -43.80 -16.07
CA ASP E 294 8.85 -43.56 -14.76
C ASP E 294 9.38 -44.47 -13.63
N SER E 295 10.72 -44.49 -13.46
CA SER E 295 11.38 -45.35 -12.46
C SER E 295 11.14 -44.87 -11.00
N GLY E 296 10.17 -45.51 -10.33
CA GLY E 296 9.67 -45.06 -9.05
C GLY E 296 10.81 -44.94 -8.07
N GLU E 297 11.57 -46.03 -7.95
CA GLU E 297 12.85 -46.05 -7.25
C GLU E 297 14.02 -46.17 -8.27
N ALA E 298 14.98 -45.29 -8.15
CA ALA E 298 16.24 -45.40 -8.84
C ALA E 298 17.03 -44.83 -7.73
N VAL E 299 18.01 -45.54 -7.27
CA VAL E 299 18.90 -44.93 -6.27
C VAL E 299 20.29 -44.82 -6.88
N TYR E 300 21.08 -43.88 -6.35
CA TYR E 300 22.51 -43.73 -6.68
C TYR E 300 23.31 -43.26 -5.47
N ARG E 301 24.55 -43.73 -5.39
CA ARG E 301 25.51 -43.30 -4.37
C ARG E 301 26.49 -42.32 -5.03
N LEU E 302 26.41 -41.04 -4.64
CA LEU E 302 27.28 -40.01 -5.18
C LEU E 302 28.46 -39.76 -4.26
N LEU E 303 29.63 -40.20 -4.72
CA LEU E 303 30.88 -40.05 -4.02
C LEU E 303 31.53 -38.78 -4.54
N VAL E 304 31.77 -37.81 -3.66
CA VAL E 304 32.41 -36.55 -4.05
C VAL E 304 33.40 -36.11 -2.99
N GLY E 305 34.56 -35.66 -3.47
CA GLY E 305 35.65 -35.19 -2.59
C GLY E 305 36.68 -34.34 -3.29
N ILE E 306 37.48 -33.61 -2.51
CA ILE E 306 38.37 -32.54 -3.04
C ILE E 306 39.79 -32.99 -3.38
N ASN E 307 40.51 -33.50 -2.38
CA ASN E 307 41.91 -33.96 -2.61
C ASN E 307 42.44 -35.46 -2.57
N ALA E 308 41.71 -36.46 -2.06
CA ALA E 308 42.20 -37.82 -1.92
C ALA E 308 41.40 -38.68 -2.91
N PRO E 309 42.09 -39.42 -3.84
CA PRO E 309 41.39 -40.42 -4.69
C PRO E 309 41.08 -41.76 -3.95
N ASN E 310 40.06 -41.75 -3.09
CA ASN E 310 39.68 -42.92 -2.31
C ASN E 310 38.32 -43.43 -2.78
N LEU E 311 38.19 -44.75 -2.97
CA LEU E 311 37.12 -45.32 -3.84
C LEU E 311 35.78 -45.65 -3.14
N SER E 321 36.12 -35.19 7.91
CA SER E 321 35.92 -34.09 8.87
C SER E 321 34.60 -33.28 8.68
N SER E 322 34.49 -32.57 7.55
CA SER E 322 33.48 -31.57 7.26
C SER E 322 32.91 -31.86 5.87
N VAL E 323 31.73 -31.29 5.63
CA VAL E 323 30.77 -31.67 4.57
C VAL E 323 31.00 -30.83 3.31
N PHE E 324 31.52 -31.46 2.25
CA PHE E 324 32.01 -30.81 1.01
C PHE E 324 31.06 -30.53 -0.15
N LEU E 325 29.77 -30.76 0.05
CA LEU E 325 28.71 -30.34 -0.86
C LEU E 325 28.23 -29.05 -0.24
N GLU E 326 28.36 -27.93 -0.97
CA GLU E 326 27.88 -26.65 -0.40
C GLU E 326 26.35 -26.64 -0.21
N SER E 327 25.91 -26.29 1.01
CA SER E 327 24.48 -26.33 1.44
C SER E 327 23.72 -25.01 1.47
N ASP E 328 22.51 -24.96 0.94
CA ASP E 328 21.57 -23.85 1.19
C ASP E 328 20.22 -24.58 1.40
N LEU E 329 19.60 -24.38 2.54
CA LEU E 329 18.66 -25.33 3.02
C LEU E 329 17.70 -24.57 3.86
N VAL E 330 16.41 -24.72 3.63
CA VAL E 330 15.52 -23.81 4.27
C VAL E 330 14.96 -24.44 5.48
N THR E 331 15.26 -23.92 6.65
CA THR E 331 14.57 -24.46 7.85
C THR E 331 13.21 -23.80 8.24
N VAL E 332 12.08 -24.47 7.97
CA VAL E 332 10.74 -23.88 8.32
C VAL E 332 10.16 -24.30 9.66
N GLY E 333 9.64 -23.32 10.36
CA GLY E 333 8.98 -23.51 11.63
C GLY E 333 7.70 -22.76 11.42
N LEU E 334 6.62 -23.31 11.97
CA LEU E 334 5.38 -22.57 12.07
C LEU E 334 4.69 -22.85 13.38
N ALA E 335 3.86 -21.91 13.82
CA ALA E 335 3.08 -22.08 15.03
C ALA E 335 1.76 -21.34 14.91
N VAL E 336 0.66 -22.03 15.23
CA VAL E 336 -0.65 -21.40 15.38
C VAL E 336 -0.76 -20.88 16.80
N ASP E 337 -1.29 -19.67 16.98
CA ASP E 337 -1.50 -19.11 18.31
C ASP E 337 -2.94 -18.73 18.58
N GLN E 338 -3.75 -18.59 17.53
CA GLN E 338 -5.18 -18.32 17.63
C GLN E 338 -5.96 -18.99 16.49
N ILE E 339 -7.10 -19.60 16.80
CA ILE E 339 -8.10 -19.97 15.82
C ILE E 339 -9.18 -18.91 15.97
N VAL E 340 -9.10 -17.89 15.15
CA VAL E 340 -10.02 -16.77 15.26
C VAL E 340 -11.42 -17.20 14.87
N GLY E 341 -11.56 -17.54 13.61
CA GLY E 341 -12.86 -17.91 13.01
C GLY E 341 -12.80 -19.33 12.45
N VAL E 342 -13.97 -20.03 12.44
CA VAL E 342 -14.14 -21.34 11.81
C VAL E 342 -15.49 -21.30 11.12
N ASP E 343 -15.46 -21.06 9.81
CA ASP E 343 -16.69 -21.08 9.03
C ASP E 343 -17.06 -22.53 8.70
N GLN E 344 -18.35 -22.77 8.62
CA GLN E 344 -18.81 -24.09 8.31
C GLN E 344 -19.34 -24.16 6.91
N ARG E 345 -20.16 -23.19 6.50
CA ARG E 345 -20.83 -23.14 5.17
C ARG E 345 -19.78 -23.02 4.02
N SER E 346 -18.95 -21.99 4.14
CA SER E 346 -17.88 -21.68 3.20
C SER E 346 -16.71 -22.65 3.27
N GLU E 347 -16.63 -23.40 4.37
CA GLU E 347 -15.64 -24.48 4.59
C GLU E 347 -14.21 -23.97 4.64
N ASN E 348 -14.05 -22.82 5.31
CA ASN E 348 -12.76 -22.19 5.54
C ASN E 348 -12.60 -21.91 7.03
N PHE E 349 -11.40 -21.44 7.45
CA PHE E 349 -11.18 -21.07 8.85
C PHE E 349 -10.00 -20.15 8.97
N SER E 350 -9.95 -19.42 10.07
CA SER E 350 -8.94 -18.36 10.20
C SER E 350 -8.08 -18.52 11.44
N VAL E 351 -6.78 -18.40 11.21
CA VAL E 351 -5.81 -18.54 12.29
C VAL E 351 -4.77 -17.43 12.28
N VAL E 352 -4.27 -17.14 13.46
CA VAL E 352 -3.16 -16.26 13.64
C VAL E 352 -2.01 -17.15 14.02
N GLY E 353 -0.82 -16.80 13.56
CA GLY E 353 0.34 -17.63 13.78
C GLY E 353 1.68 -16.94 13.63
N THR E 354 2.70 -17.76 13.38
CA THR E 354 4.06 -17.27 13.20
C THR E 354 4.79 -18.31 12.33
N LEU E 355 5.62 -17.81 11.40
CA LEU E 355 6.30 -18.66 10.44
C LEU E 355 7.73 -18.19 10.35
N LYS E 356 8.68 -19.09 10.63
CA LYS E 356 10.10 -18.79 10.72
C LYS E 356 10.91 -19.60 9.73
N LEU E 357 11.65 -18.95 8.83
CA LEU E 357 12.51 -19.61 7.86
C LEU E 357 13.94 -19.20 8.14
N SER E 358 14.85 -20.17 8.02
CA SER E 358 16.25 -19.93 8.36
C SER E 358 17.15 -20.80 7.51
N TRP E 359 18.32 -20.25 7.19
CA TRP E 359 19.17 -20.76 6.11
C TRP E 359 20.53 -20.10 6.11
N HIS E 360 21.59 -20.89 5.93
CA HIS E 360 22.94 -20.37 5.90
C HIS E 360 23.24 -19.92 4.47
N ASP E 361 23.69 -18.66 4.32
CA ASP E 361 24.27 -18.19 3.04
C ASP E 361 25.62 -17.61 3.37
N PRO E 362 26.70 -18.19 2.80
CA PRO E 362 28.02 -17.62 3.10
C PRO E 362 28.06 -16.20 2.57
N LYS E 363 27.09 -15.94 1.70
CA LYS E 363 26.89 -14.65 1.21
C LYS E 363 26.23 -13.64 2.14
N LEU E 364 26.11 -12.38 1.73
CA LEU E 364 25.58 -11.38 2.70
C LEU E 364 26.35 -11.50 4.01
N GLY E 365 27.68 -11.45 3.91
CA GLY E 365 28.62 -11.82 4.98
C GLY E 365 28.91 -10.56 5.75
N PHE E 366 28.24 -10.43 6.85
CA PHE E 366 28.21 -9.22 7.58
C PHE E 366 29.41 -9.05 8.54
N SER E 367 30.56 -8.66 7.97
CA SER E 367 31.74 -8.38 8.77
C SER E 367 31.43 -7.30 9.79
N PRO E 368 31.58 -7.59 11.11
CA PRO E 368 31.17 -6.58 12.04
C PRO E 368 32.31 -5.60 12.33
N ASP E 369 32.91 -5.06 11.28
CA ASP E 369 33.78 -3.94 11.42
C ASP E 369 32.99 -2.67 11.06
N GLN E 370 32.13 -2.79 10.06
CA GLN E 370 31.19 -1.74 9.68
C GLN E 370 30.18 -1.49 10.79
N CYS E 371 29.67 -2.54 11.41
CA CYS E 371 28.68 -2.38 12.44
C CYS E 371 29.15 -2.78 13.79
N GLY E 372 29.06 -1.87 14.75
CA GLY E 372 29.44 -2.17 16.10
C GLY E 372 28.37 -3.11 16.60
N CYS E 373 28.29 -4.31 16.03
CA CYS E 373 27.29 -5.28 16.45
C CYS E 373 27.43 -6.66 15.81
N THR E 374 26.82 -7.65 16.45
CA THR E 374 26.76 -8.97 15.85
C THR E 374 25.64 -9.16 14.83
N VAL E 375 24.53 -8.42 14.95
CA VAL E 375 23.32 -8.71 14.13
C VAL E 375 22.60 -7.46 13.58
N LYS E 376 22.22 -7.52 12.31
CA LYS E 376 21.41 -6.48 11.68
C LYS E 376 20.13 -7.10 11.19
N SER E 377 19.07 -6.29 11.14
CA SER E 377 17.69 -6.78 10.90
C SER E 377 16.99 -5.88 9.87
N PHE E 378 15.94 -6.38 9.22
CA PHE E 378 15.16 -5.58 8.25
C PHE E 378 13.68 -6.01 8.18
N GLU E 379 12.78 -5.09 7.82
CA GLU E 379 11.35 -5.32 7.68
C GLU E 379 11.06 -5.28 6.18
N ASP E 380 9.78 -5.37 5.79
CA ASP E 380 9.27 -5.86 4.49
C ASP E 380 9.76 -5.13 3.22
N ALA E 381 9.43 -3.84 3.11
CA ALA E 381 9.78 -3.01 1.96
C ALA E 381 11.31 -2.88 1.85
N SER E 382 12.01 -2.93 2.98
CA SER E 382 13.44 -2.87 3.00
C SER E 382 14.06 -4.15 2.48
N ILE E 383 13.66 -5.31 2.99
CA ILE E 383 14.22 -6.61 2.53
C ILE E 383 13.93 -6.92 1.04
N ARG E 384 12.65 -6.87 0.63
CA ARG E 384 12.29 -7.32 -0.74
C ARG E 384 12.97 -6.40 -1.79
N ALA E 385 13.17 -5.12 -1.46
CA ALA E 385 13.84 -4.16 -2.38
C ALA E 385 15.36 -4.12 -2.19
N VAL E 386 15.80 -3.72 -1.00
CA VAL E 386 17.23 -3.46 -0.68
C VAL E 386 18.06 -4.77 -0.58
N ALA E 387 17.49 -5.90 -0.19
CA ALA E 387 18.24 -7.17 -0.21
C ALA E 387 18.35 -7.71 -1.65
N GLY E 388 17.42 -7.29 -2.50
CA GLY E 388 17.47 -7.58 -3.95
C GLY E 388 18.36 -6.64 -4.73
N GLU E 389 19.16 -5.81 -4.04
CA GLU E 389 20.12 -4.89 -4.62
C GLU E 389 21.37 -5.63 -5.11
N ILE E 390 21.78 -6.68 -4.39
CA ILE E 390 22.94 -7.51 -4.77
C ILE E 390 22.54 -8.53 -5.87
N ASN E 391 21.24 -8.77 -6.00
CA ASN E 391 20.62 -9.74 -6.91
C ASN E 391 21.11 -11.15 -6.66
N LEU E 392 21.19 -11.52 -5.39
CA LEU E 392 21.35 -12.90 -5.01
C LEU E 392 19.95 -13.36 -4.64
N PRO E 393 19.69 -14.66 -4.74
CA PRO E 393 18.34 -15.15 -4.66
C PRO E 393 17.86 -15.28 -3.21
N LEU E 394 16.54 -15.18 -3.05
CA LEU E 394 15.88 -15.41 -1.78
C LEU E 394 14.75 -16.42 -1.87
N PRO E 395 14.67 -17.30 -0.86
CA PRO E 395 13.61 -18.34 -0.78
C PRO E 395 12.23 -17.77 -0.54
N SER E 396 11.42 -17.67 -1.60
CA SER E 396 10.06 -17.14 -1.52
C SER E 396 9.19 -18.29 -1.02
N PHE E 397 7.97 -17.93 -0.62
CA PHE E 397 7.01 -18.87 -0.06
C PHE E 397 5.57 -18.40 -0.17
N SER E 398 4.66 -19.36 -0.16
CA SER E 398 3.26 -19.10 -0.36
C SER E 398 2.44 -20.03 0.51
N PHE E 399 1.38 -19.54 1.11
CA PHE E 399 0.43 -20.39 1.81
C PHE E 399 -0.52 -20.87 0.72
N TYR E 400 -0.34 -22.13 0.32
CA TYR E 400 -1.06 -22.77 -0.81
C TYR E 400 -2.57 -22.56 -0.74
N ASN E 401 -3.12 -23.05 0.37
CA ASN E 401 -4.57 -23.12 0.59
C ASN E 401 -5.08 -21.88 1.31
N GLN E 402 -4.38 -20.76 1.12
CA GLN E 402 -4.85 -19.45 1.53
C GLN E 402 -6.02 -18.98 0.70
N GLN E 403 -7.02 -18.40 1.36
CA GLN E 403 -8.13 -17.77 0.68
C GLN E 403 -8.07 -16.30 1.00
N GLY E 404 -8.35 -15.46 0.01
CA GLY E 404 -8.24 -14.02 0.20
C GLY E 404 -6.80 -13.55 0.42
N ASN E 405 -6.62 -12.75 1.49
CA ASN E 405 -5.36 -12.11 1.84
C ASN E 405 -4.73 -12.67 3.12
N ARG E 406 -3.41 -12.49 3.25
CA ARG E 406 -2.66 -12.80 4.49
C ARG E 406 -2.34 -11.52 5.22
N TRP E 407 -2.86 -11.38 6.42
CA TRP E 407 -2.66 -10.16 7.19
C TRP E 407 -1.34 -10.19 7.97
N SER E 408 -0.30 -9.69 7.33
CA SER E 408 1.04 -9.80 7.85
C SER E 408 1.34 -8.64 8.79
N GLN E 409 1.57 -8.94 10.07
CA GLN E 409 1.80 -7.86 11.04
C GLN E 409 3.25 -7.39 11.09
N ASN E 410 4.20 -8.29 11.33
CA ASN E 410 5.63 -7.96 11.20
C ASN E 410 6.32 -8.98 10.26
N GLN E 411 7.11 -8.47 9.33
CA GLN E 411 7.83 -9.30 8.44
C GLN E 411 9.18 -8.74 8.73
N VAL E 412 9.81 -9.25 9.77
CA VAL E 412 11.17 -8.87 10.14
C VAL E 412 12.17 -10.03 9.90
N ILE E 413 13.39 -9.71 9.45
CA ILE E 413 14.43 -10.68 9.09
C ILE E 413 15.82 -10.28 9.56
N PHE E 414 16.46 -11.20 10.28
CA PHE E 414 17.76 -10.97 10.91
C PHE E 414 18.88 -11.74 10.21
N VAL E 415 20.10 -11.19 10.28
CA VAL E 415 21.30 -11.85 9.76
C VAL E 415 22.54 -11.55 10.56
N THR E 416 23.33 -12.60 10.73
CA THR E 416 24.60 -12.55 11.44
C THR E 416 25.77 -12.43 10.51
N PRO E 417 26.96 -12.14 11.05
CA PRO E 417 28.15 -12.01 10.22
C PRO E 417 28.38 -13.18 9.27
N ASP E 418 28.46 -14.39 9.85
CA ASP E 418 28.66 -15.68 9.12
C ASP E 418 27.62 -15.95 8.03
N GLY E 419 26.52 -15.20 8.11
CA GLY E 419 25.43 -15.29 7.14
C GLY E 419 24.38 -16.34 7.47
N ARG E 420 23.73 -16.16 8.62
CA ARG E 420 22.60 -17.03 9.00
C ARG E 420 21.36 -16.19 8.93
N ALA E 421 20.52 -16.52 7.95
CA ALA E 421 19.27 -15.81 7.70
C ALA E 421 18.22 -16.45 8.60
N SER E 422 17.33 -15.62 9.13
CA SER E 422 16.30 -16.06 10.04
C SER E 422 15.19 -15.11 9.73
N TYR E 423 14.19 -15.59 9.04
CA TYR E 423 13.05 -14.78 8.78
C TYR E 423 11.86 -15.44 9.46
N PHE E 424 11.27 -14.67 10.36
CA PHE E 424 9.95 -15.00 10.82
C PHE E 424 8.93 -13.93 10.53
N GLU E 425 7.67 -14.36 10.40
CA GLU E 425 6.54 -13.49 10.08
C GLU E 425 5.33 -13.88 10.91
N ARG E 426 4.83 -12.95 11.73
CA ARG E 426 3.55 -13.17 12.42
C ARG E 426 2.49 -12.79 11.41
N PHE E 427 1.43 -13.57 11.36
CA PHE E 427 0.39 -13.45 10.33
C PHE E 427 -1.02 -13.68 10.79
N THR E 428 -1.99 -13.13 10.03
CA THR E 428 -3.38 -13.60 10.07
C THR E 428 -3.84 -14.11 8.71
N VAL E 429 -4.37 -15.32 8.74
CA VAL E 429 -4.77 -16.05 7.51
C VAL E 429 -6.14 -16.61 7.62
N THR E 430 -6.80 -16.73 6.46
CA THR E 430 -7.97 -17.58 6.30
C THR E 430 -7.57 -18.68 5.34
N LEU E 431 -7.84 -19.91 5.75
CA LEU E 431 -7.40 -21.09 5.02
C LEU E 431 -8.57 -21.97 4.64
N GLN E 432 -8.40 -22.67 3.51
CA GLN E 432 -9.40 -23.61 3.04
C GLN E 432 -9.30 -24.96 3.75
N ALA E 433 -10.45 -25.54 4.04
CA ALA E 433 -10.55 -26.89 4.56
C ALA E 433 -11.53 -27.58 3.63
N PRO E 434 -11.00 -28.25 2.66
CA PRO E 434 -11.83 -29.00 1.71
C PRO E 434 -12.12 -30.36 2.23
N ASP E 435 -11.39 -30.80 3.30
CA ASP E 435 -11.66 -32.00 4.10
C ASP E 435 -12.40 -31.88 5.46
N PHE E 436 -13.64 -31.52 5.23
CA PHE E 436 -14.65 -31.32 6.18
C PHE E 436 -15.67 -32.36 5.84
N ASP E 437 -15.86 -33.36 6.69
CA ASP E 437 -16.90 -34.34 6.43
C ASP E 437 -17.97 -33.98 7.43
N PHE E 438 -19.16 -33.65 6.97
CA PHE E 438 -20.26 -33.26 7.83
C PHE E 438 -21.15 -34.41 8.21
N LEU E 439 -20.73 -35.64 7.93
CA LEU E 439 -21.68 -36.76 8.08
C LEU E 439 -21.86 -37.16 9.51
N ALA E 440 -20.71 -37.29 10.18
CA ALA E 440 -20.60 -37.55 11.63
C ALA E 440 -21.24 -36.52 12.58
N TYR E 441 -21.75 -35.42 12.04
CA TYR E 441 -22.30 -34.27 12.81
C TYR E 441 -23.48 -34.59 13.72
N PRO E 442 -23.44 -34.11 14.97
CA PRO E 442 -22.44 -33.18 15.53
C PRO E 442 -21.24 -33.86 16.25
N PHE E 443 -21.02 -35.13 15.96
CA PHE E 443 -19.99 -35.94 16.57
C PHE E 443 -18.73 -36.00 15.72
N ASP E 444 -18.57 -34.98 14.87
CA ASP E 444 -17.59 -34.93 13.74
C ASP E 444 -16.16 -34.51 13.99
N ARG E 445 -15.24 -35.24 13.35
CA ARG E 445 -13.81 -34.90 13.35
C ARG E 445 -13.40 -34.24 12.04
N GLN E 446 -12.38 -33.37 12.06
CA GLN E 446 -11.99 -32.59 10.92
C GLN E 446 -10.50 -32.35 10.84
N LYS E 447 -10.03 -32.01 9.63
CA LYS E 447 -8.61 -31.69 9.38
C LYS E 447 -8.49 -30.22 9.01
N PHE E 448 -7.83 -29.41 9.85
CA PHE E 448 -7.50 -28.03 9.48
C PHE E 448 -6.04 -27.99 9.14
N SER E 449 -5.73 -27.63 7.90
CA SER E 449 -4.35 -27.64 7.42
C SER E 449 -3.81 -26.26 7.07
N ILE E 450 -2.49 -26.13 7.07
CA ILE E 450 -1.80 -24.90 6.77
C ILE E 450 -0.61 -25.25 5.89
N LYS E 451 -0.92 -25.50 4.65
CA LYS E 451 0.07 -25.92 3.68
C LYS E 451 0.87 -24.69 3.21
N VAL E 452 2.18 -24.72 3.49
CA VAL E 452 3.07 -23.65 3.06
C VAL E 452 4.27 -24.03 2.16
N ASP E 453 4.02 -23.87 0.86
CA ASP E 453 4.98 -24.12 -0.23
C ASP E 453 6.07 -23.06 -0.31
N LEU E 454 7.09 -23.34 -1.10
CA LEU E 454 8.01 -22.36 -1.64
C LEU E 454 7.45 -21.91 -2.96
N ALA E 455 7.78 -20.70 -3.39
CA ALA E 455 7.36 -20.25 -4.73
C ALA E 455 8.39 -20.70 -5.75
N VAL E 456 9.65 -20.62 -5.32
CA VAL E 456 10.77 -21.13 -6.09
C VAL E 456 10.85 -22.65 -6.08
N PRO E 457 11.44 -23.26 -7.13
CA PRO E 457 11.70 -24.68 -7.14
C PRO E 457 12.88 -25.10 -6.27
N THR E 458 13.13 -26.42 -6.28
CA THR E 458 14.22 -27.03 -5.50
C THR E 458 15.56 -27.12 -6.28
N ASN E 459 15.65 -26.43 -7.41
CA ASN E 459 16.94 -26.08 -8.02
C ASN E 459 17.67 -25.04 -7.18
N MET E 460 16.85 -24.25 -6.49
CA MET E 460 17.22 -23.20 -5.53
C MET E 460 17.11 -23.52 -4.00
N PHE E 461 15.90 -23.88 -3.56
CA PHE E 461 15.60 -24.03 -2.14
C PHE E 461 14.64 -25.16 -1.79
N ILE E 462 14.90 -25.71 -0.61
CA ILE E 462 14.13 -26.82 -0.04
C ILE E 462 14.06 -26.53 1.43
N PHE E 463 12.97 -26.89 2.10
CA PHE E 463 12.97 -26.92 3.54
C PHE E 463 13.35 -28.42 3.69
N ASN E 464 14.32 -28.72 4.53
CA ASN E 464 14.66 -30.09 5.00
C ASN E 464 14.35 -30.59 6.43
N GLU E 465 14.51 -29.64 7.32
CA GLU E 465 14.36 -29.88 8.77
C GLU E 465 13.36 -28.94 9.44
N ILE E 466 12.39 -29.49 10.17
CA ILE E 466 11.45 -28.67 10.94
C ILE E 466 12.01 -28.29 12.33
N GLU E 467 12.07 -26.99 12.63
CA GLU E 467 12.36 -26.55 13.98
C GLU E 467 11.04 -26.12 14.61
N ARG E 468 10.75 -26.64 15.80
CA ARG E 468 9.61 -26.20 16.60
C ARG E 468 10.08 -25.01 17.39
N PHE E 469 9.96 -23.80 16.84
CA PHE E 469 10.49 -22.63 17.52
C PHE E 469 9.63 -22.13 18.69
N GLN E 470 8.35 -22.51 18.69
CA GLN E 470 7.52 -22.55 19.90
C GLN E 470 6.40 -23.57 19.69
N GLN E 471 5.61 -23.83 20.72
CA GLN E 471 4.66 -24.92 20.65
C GLN E 471 3.61 -24.62 19.59
N VAL E 472 3.33 -25.65 18.82
CA VAL E 472 2.54 -25.53 17.62
C VAL E 472 1.14 -25.09 17.93
N VAL E 473 0.54 -25.74 18.90
CA VAL E 473 -0.81 -25.38 19.27
C VAL E 473 -0.76 -24.55 20.55
N GLY E 474 -1.18 -23.28 20.46
CA GLY E 474 -1.12 -22.37 21.58
C GLY E 474 -2.02 -22.82 22.70
N ASP E 475 -1.63 -22.49 23.93
CA ASP E 475 -2.44 -22.80 25.10
C ASP E 475 -3.83 -22.21 24.88
N GLN E 476 -3.87 -20.94 24.51
CA GLN E 476 -5.10 -20.19 24.41
C GLN E 476 -5.44 -19.84 22.95
N LEU E 477 -6.06 -20.81 22.27
CA LEU E 477 -6.48 -20.63 20.89
C LEU E 477 -7.58 -19.62 20.81
N GLY E 478 -8.53 -19.72 21.74
CA GLY E 478 -9.66 -18.78 21.83
C GLY E 478 -10.88 -19.21 21.05
N GLU E 479 -11.06 -20.52 20.86
CA GLU E 479 -12.24 -21.05 20.17
C GLU E 479 -12.95 -22.10 21.02
N GLU E 480 -14.28 -22.02 21.04
CA GLU E 480 -15.09 -22.82 21.98
C GLU E 480 -15.95 -23.91 21.37
N GLU E 481 -16.15 -23.92 20.06
CA GLU E 481 -17.00 -24.92 19.40
C GLU E 481 -16.18 -26.20 19.07
N TRP E 482 -14.91 -25.98 18.68
CA TRP E 482 -13.92 -27.04 18.45
C TRP E 482 -12.76 -26.97 19.44
N VAL E 483 -12.14 -28.10 19.72
CA VAL E 483 -10.79 -28.12 20.30
C VAL E 483 -9.92 -29.17 19.65
N VAL E 484 -8.64 -28.85 19.56
CA VAL E 484 -7.66 -29.64 18.83
C VAL E 484 -7.39 -30.91 19.60
N THR E 485 -7.30 -32.01 18.85
CA THR E 485 -6.95 -33.38 19.32
C THR E 485 -5.45 -33.65 19.20
N SER E 486 -4.92 -33.45 18.01
CA SER E 486 -3.51 -33.76 17.74
C SER E 486 -3.12 -32.89 16.60
N TYR E 487 -1.82 -32.58 16.52
CA TYR E 487 -1.30 -31.79 15.38
C TYR E 487 -0.36 -32.61 14.51
N SER E 488 0.02 -32.07 13.36
CA SER E 488 0.89 -32.77 12.43
C SER E 488 1.61 -31.66 11.74
N GLN E 489 2.93 -31.77 11.74
CA GLN E 489 3.79 -30.92 10.90
C GLN E 489 4.66 -31.91 10.11
N GLU E 490 4.84 -31.66 8.80
CA GLU E 490 5.41 -32.66 7.88
C GLU E 490 5.73 -32.01 6.53
N ILE E 491 6.87 -32.36 5.93
CA ILE E 491 7.29 -31.80 4.65
C ILE E 491 7.00 -32.79 3.54
N THR E 492 6.70 -32.28 2.35
CA THR E 492 6.37 -33.06 1.15
C THR E 492 7.08 -32.29 0.04
N GLU E 493 7.08 -32.81 -1.16
CA GLU E 493 7.61 -32.15 -2.35
C GLU E 493 6.54 -32.28 -3.44
N VAL E 494 6.28 -31.19 -4.15
CA VAL E 494 5.10 -31.11 -5.01
C VAL E 494 5.49 -30.68 -6.42
N PRO E 495 4.81 -31.25 -7.42
CA PRO E 495 5.10 -30.89 -8.79
C PRO E 495 4.54 -29.50 -9.00
N PHE E 496 5.30 -28.68 -9.70
CA PHE E 496 4.77 -27.46 -10.29
C PHE E 496 5.37 -27.33 -11.68
N GLU E 497 4.66 -26.61 -12.53
CA GLU E 497 5.10 -26.36 -13.91
C GLU E 497 5.30 -27.68 -14.62
N ARG E 498 6.36 -27.85 -15.38
CA ARG E 498 6.67 -29.18 -15.89
C ARG E 498 8.00 -29.66 -15.37
N GLY E 499 7.97 -30.84 -14.79
CA GLY E 499 9.18 -31.46 -14.29
C GLY E 499 9.92 -30.62 -13.25
N SER E 500 9.17 -29.98 -12.37
CA SER E 500 9.81 -29.21 -11.32
C SER E 500 9.10 -29.43 -10.00
N THR E 501 9.87 -29.54 -8.94
CA THR E 501 9.33 -29.87 -7.63
C THR E 501 9.67 -28.75 -6.67
N ASN E 502 8.76 -28.40 -5.75
CA ASN E 502 8.98 -27.42 -4.70
C ASN E 502 8.49 -28.01 -3.38
N SER E 503 9.20 -27.69 -2.30
CA SER E 503 8.81 -28.17 -0.97
C SER E 503 7.46 -27.60 -0.51
N ARG E 504 6.75 -28.36 0.32
CA ARG E 504 5.48 -27.95 0.96
C ARG E 504 5.47 -28.31 2.45
N PHE E 505 5.38 -27.32 3.31
CA PHE E 505 5.38 -27.53 4.73
C PHE E 505 3.91 -27.57 5.09
N THR E 506 3.42 -28.80 5.20
CA THR E 506 2.05 -29.13 5.54
C THR E 506 2.03 -29.16 7.06
N THR E 507 1.30 -28.24 7.68
CA THR E 507 1.11 -28.18 9.15
C THR E 507 -0.38 -28.33 9.53
N THR E 508 -0.72 -29.57 9.82
CA THR E 508 -2.11 -30.01 10.04
C THR E 508 -2.63 -30.30 11.48
N LEU E 509 -3.65 -29.56 11.89
CA LEU E 509 -4.39 -29.79 13.13
C LEU E 509 -5.52 -30.74 12.86
N LEU E 510 -5.66 -31.76 13.70
CA LEU E 510 -6.85 -32.61 13.69
C LEU E 510 -7.69 -32.09 14.83
N VAL E 511 -9.00 -32.03 14.58
CA VAL E 511 -9.94 -31.39 15.48
C VAL E 511 -11.15 -32.22 15.73
N LYS E 512 -11.73 -32.13 16.94
CA LYS E 512 -13.06 -32.75 17.29
C LYS E 512 -14.00 -31.71 17.92
N ARG E 513 -15.29 -31.92 17.73
CA ARG E 513 -16.30 -30.96 18.16
C ARG E 513 -16.77 -31.13 19.62
N ASN E 514 -16.87 -29.97 20.29
CA ASN E 514 -17.46 -29.85 21.62
C ASN E 514 -18.93 -30.07 21.41
N LEU E 515 -19.41 -31.14 22.04
CA LEU E 515 -20.80 -31.65 21.99
C LEU E 515 -21.63 -31.29 23.24
N GLU E 516 -21.10 -30.41 24.06
CA GLU E 516 -21.65 -30.17 25.36
C GLU E 516 -22.81 -29.26 25.06
N TYR E 517 -22.62 -28.33 24.12
CA TYR E 517 -23.74 -27.53 23.59
C TYR E 517 -24.79 -28.46 22.99
N TYR E 518 -24.35 -29.36 22.10
CA TYR E 518 -25.24 -30.24 21.36
C TYR E 518 -26.00 -31.19 22.25
N ILE E 519 -25.42 -31.60 23.37
CA ILE E 519 -26.11 -32.50 24.28
C ILE E 519 -27.16 -31.73 25.08
N LEU E 520 -26.79 -30.59 25.68
CA LEU E 520 -27.74 -29.86 26.49
C LEU E 520 -28.83 -29.05 25.80
N ARG E 521 -28.59 -28.57 24.57
CA ARG E 521 -29.63 -27.86 23.83
C ARG E 521 -30.43 -28.57 22.69
N ILE E 522 -30.12 -29.79 22.35
CA ILE E 522 -30.90 -30.57 21.43
C ILE E 522 -31.19 -32.04 21.78
N PHE E 523 -30.24 -32.61 22.45
CA PHE E 523 -30.30 -34.04 22.80
C PHE E 523 -31.17 -34.21 24.05
N VAL E 524 -30.90 -33.42 25.09
CA VAL E 524 -31.74 -33.43 26.32
C VAL E 524 -33.21 -33.17 25.94
N PRO E 525 -33.46 -32.08 25.19
CA PRO E 525 -34.85 -31.81 24.83
C PRO E 525 -35.48 -32.97 24.06
N LEU E 526 -34.83 -33.45 22.99
CA LEU E 526 -35.34 -34.58 22.17
C LEU E 526 -35.84 -35.79 23.02
N PHE E 527 -35.01 -36.15 23.99
CA PHE E 527 -35.24 -37.23 24.90
C PHE E 527 -36.51 -36.87 25.66
N LEU E 528 -36.57 -35.64 26.18
CA LEU E 528 -37.81 -35.22 26.90
C LEU E 528 -39.10 -35.36 26.05
N ILE E 529 -39.00 -34.99 24.79
CA ILE E 529 -40.19 -34.88 23.92
C ILE E 529 -40.60 -36.28 23.58
N ILE E 530 -39.64 -37.14 23.26
CA ILE E 530 -40.00 -38.52 22.95
C ILE E 530 -40.46 -39.28 24.23
N SER E 531 -39.95 -38.83 25.38
CA SER E 531 -40.38 -39.39 26.68
C SER E 531 -41.89 -39.16 26.92
N VAL E 532 -42.35 -38.01 26.43
CA VAL E 532 -43.76 -37.67 26.56
C VAL E 532 -44.57 -38.66 25.75
N SER E 533 -44.15 -38.94 24.52
CA SER E 533 -44.88 -39.94 23.72
C SER E 533 -44.94 -41.30 24.41
N TRP E 534 -43.92 -41.63 25.16
CA TRP E 534 -43.91 -42.87 25.84
C TRP E 534 -44.94 -42.94 26.98
N VAL E 535 -44.87 -41.91 27.83
CA VAL E 535 -45.62 -41.82 29.08
C VAL E 535 -47.13 -41.67 28.84
N ILE E 536 -47.53 -41.06 27.73
CA ILE E 536 -48.96 -41.01 27.41
C ILE E 536 -49.56 -42.40 27.25
N PHE E 537 -48.84 -43.40 26.74
CA PHE E 537 -49.40 -44.75 26.74
C PHE E 537 -49.81 -45.31 28.11
N PHE E 538 -49.14 -44.90 29.19
CA PHE E 538 -49.58 -45.22 30.55
C PHE E 538 -51.03 -44.87 30.85
N LEU E 539 -51.46 -43.70 30.41
CA LEU E 539 -52.70 -43.04 30.83
C LEU E 539 -53.98 -43.74 30.40
N LYS E 540 -54.04 -44.03 29.10
CA LYS E 540 -55.24 -44.52 28.42
C LYS E 540 -56.58 -43.91 28.91
N ASP E 541 -56.73 -42.59 28.81
CA ASP E 541 -58.03 -41.95 28.80
C ASP E 541 -57.79 -41.53 27.38
N TYR E 542 -58.39 -42.26 26.48
CA TYR E 542 -57.94 -42.20 25.09
C TYR E 542 -58.13 -40.86 24.35
N GLY E 543 -59.25 -40.15 24.55
CA GLY E 543 -59.42 -38.83 24.01
C GLY E 543 -58.30 -37.94 24.46
N ARG E 544 -58.13 -37.86 25.77
CA ARG E 544 -57.08 -37.02 26.33
C ARG E 544 -55.69 -37.51 25.96
N GLN E 545 -55.51 -38.82 25.87
CA GLN E 545 -54.22 -39.39 25.51
C GLN E 545 -53.85 -38.87 24.14
N LEU E 546 -54.80 -38.99 23.23
CA LEU E 546 -54.56 -38.58 21.85
C LEU E 546 -54.26 -37.11 21.81
N GLU E 547 -55.03 -36.32 22.56
CA GLU E 547 -54.86 -34.87 22.57
C GLU E 547 -53.43 -34.56 22.97
N VAL E 548 -52.98 -35.19 24.04
CA VAL E 548 -51.63 -34.95 24.53
C VAL E 548 -50.60 -35.34 23.50
N ALA E 549 -50.74 -36.53 22.93
CA ALA E 549 -49.75 -37.02 21.99
C ALA E 549 -49.71 -36.10 20.83
N SER E 550 -50.87 -35.78 20.27
CA SER E 550 -50.89 -34.85 19.17
C SER E 550 -50.14 -33.57 19.55
N GLY E 551 -50.38 -33.07 20.76
CA GLY E 551 -49.73 -31.85 21.21
C GLY E 551 -48.21 -31.98 21.29
N ASN E 552 -47.79 -33.14 21.76
CA ASN E 552 -46.38 -33.41 21.87
C ASN E 552 -45.78 -33.43 20.49
N LEU E 553 -46.44 -34.05 19.50
CA LEU E 553 -45.92 -33.99 18.14
C LEU E 553 -45.85 -32.59 17.62
N LEU E 554 -46.85 -31.78 17.92
CA LEU E 554 -46.85 -30.38 17.47
C LEU E 554 -45.62 -29.63 17.96
N VAL E 555 -45.25 -29.84 19.24
CA VAL E 555 -44.07 -29.19 19.77
C VAL E 555 -42.88 -29.62 18.91
N PHE E 556 -42.81 -30.91 18.66
CA PHE E 556 -41.73 -31.46 17.89
C PHE E 556 -41.44 -30.63 16.69
N VAL E 557 -42.45 -30.19 15.98
CA VAL E 557 -42.25 -29.42 14.77
C VAL E 557 -41.53 -28.14 15.12
N ALA E 558 -41.99 -27.48 16.16
CA ALA E 558 -41.40 -26.24 16.59
C ALA E 558 -39.95 -26.47 16.94
N PHE E 559 -39.72 -27.51 17.72
CA PHE E 559 -38.40 -27.78 18.19
C PHE E 559 -37.46 -28.07 17.03
N ASN E 560 -37.99 -28.82 16.09
CA ASN E 560 -37.18 -29.27 14.98
C ASN E 560 -36.71 -28.08 14.19
N PHE E 561 -37.59 -27.16 13.87
CA PHE E 561 -37.11 -26.03 13.12
C PHE E 561 -36.31 -25.02 13.97
N THR E 562 -36.48 -25.02 15.30
CA THR E 562 -35.54 -24.35 16.17
C THR E 562 -34.09 -24.74 16.07
N ILE E 563 -33.83 -26.04 16.18
CA ILE E 563 -32.43 -26.43 16.15
C ILE E 563 -31.99 -25.83 14.84
N SER E 564 -30.85 -25.16 14.93
CA SER E 564 -30.23 -24.53 13.82
C SER E 564 -28.96 -25.30 13.54
N GLY E 565 -28.78 -25.66 12.29
CA GLY E 565 -27.57 -26.22 11.84
C GLY E 565 -26.99 -25.14 10.97
N ASP E 566 -25.74 -24.80 11.24
CA ASP E 566 -25.02 -23.84 10.44
C ASP E 566 -24.34 -24.47 9.24
N LEU E 567 -24.48 -25.78 9.06
CA LEU E 567 -23.96 -26.50 7.96
C LEU E 567 -24.40 -25.88 6.66
N PRO E 568 -23.48 -25.87 5.67
CA PRO E 568 -23.86 -25.53 4.34
C PRO E 568 -24.85 -26.56 3.87
N ARG E 569 -25.73 -26.13 2.99
CA ARG E 569 -26.57 -27.03 2.20
C ARG E 569 -25.72 -28.17 1.70
N LEU E 570 -26.17 -29.39 1.96
CA LEU E 570 -25.33 -30.57 1.85
C LEU E 570 -26.02 -31.65 1.09
N GLY E 571 -25.25 -32.41 0.31
CA GLY E 571 -25.76 -33.58 -0.35
C GLY E 571 -26.25 -34.66 0.60
N TYR E 572 -25.56 -34.87 1.72
CA TYR E 572 -25.92 -36.02 2.55
C TYR E 572 -26.79 -35.55 3.74
N LEU E 573 -27.48 -36.52 4.32
CA LEU E 573 -27.98 -36.55 5.71
C LEU E 573 -26.80 -36.67 6.65
N THR E 574 -26.77 -35.95 7.76
CA THR E 574 -25.73 -36.20 8.82
C THR E 574 -26.36 -37.14 9.84
N VAL E 575 -25.59 -37.43 10.90
CA VAL E 575 -26.06 -38.30 11.96
C VAL E 575 -27.32 -37.74 12.53
N LEU E 576 -27.27 -36.55 13.11
CA LEU E 576 -28.41 -35.91 13.77
C LEU E 576 -29.62 -35.76 12.85
N ASP E 577 -29.41 -35.52 11.56
CA ASP E 577 -30.51 -35.43 10.59
C ASP E 577 -31.29 -36.77 10.53
N ARG E 578 -30.55 -37.87 10.54
CA ARG E 578 -31.12 -39.21 10.57
C ARG E 578 -31.92 -39.55 11.84
N PHE E 579 -31.40 -39.19 13.02
CA PHE E 579 -32.06 -39.45 14.31
C PHE E 579 -33.28 -38.56 14.45
N MET E 580 -33.13 -37.36 13.94
CA MET E 580 -34.22 -36.41 13.99
C MET E 580 -35.36 -36.89 13.10
N ILE E 581 -35.08 -37.32 11.89
CA ILE E 581 -36.14 -37.78 10.99
C ILE E 581 -36.83 -39.04 11.50
N VAL E 582 -36.08 -39.94 12.15
CA VAL E 582 -36.65 -41.11 12.78
C VAL E 582 -37.55 -40.76 13.96
N SER E 583 -37.14 -39.82 14.80
CA SER E 583 -37.97 -39.35 15.91
C SER E 583 -39.30 -38.77 15.48
N PHE E 584 -39.28 -37.78 14.56
CA PHE E 584 -40.49 -37.09 14.04
C PHE E 584 -41.55 -38.06 13.58
N CYS E 585 -41.18 -38.93 12.64
CA CYS E 585 -42.12 -39.83 11.95
C CYS E 585 -42.89 -40.81 12.88
N LEU E 586 -42.16 -41.57 13.69
CA LEU E 586 -42.77 -42.47 14.70
C LEU E 586 -43.48 -41.74 15.86
N THR E 587 -43.06 -40.51 16.11
CA THR E 587 -43.71 -39.65 17.06
C THR E 587 -45.08 -39.43 16.49
N ALA E 588 -45.16 -39.30 15.16
CA ALA E 588 -46.45 -39.26 14.45
C ALA E 588 -47.11 -40.64 14.40
N ILE E 589 -46.32 -41.71 14.54
CA ILE E 589 -46.85 -43.06 14.61
C ILE E 589 -47.51 -43.29 15.97
N VAL E 590 -47.02 -42.64 17.03
CA VAL E 590 -47.68 -42.64 18.35
C VAL E 590 -49.05 -41.97 18.25
N VAL E 591 -49.16 -40.96 17.39
CA VAL E 591 -50.43 -40.29 17.12
C VAL E 591 -51.32 -41.19 16.26
N LEU E 592 -50.73 -41.90 15.28
CA LEU E 592 -51.47 -42.87 14.48
C LEU E 592 -52.11 -43.96 15.35
N ILE E 593 -51.41 -44.34 16.43
CA ILE E 593 -51.91 -45.30 17.40
C ILE E 593 -53.01 -44.68 18.32
N SER E 594 -52.92 -43.41 18.75
CA SER E 594 -53.92 -42.84 19.68
C SER E 594 -55.33 -42.79 19.13
N VAL E 595 -55.45 -42.35 17.88
CA VAL E 595 -56.63 -42.45 17.04
C VAL E 595 -57.26 -43.84 17.09
N CYS E 596 -56.43 -44.81 16.77
CA CYS E 596 -56.89 -46.17 16.63
C CYS E 596 -57.48 -46.62 17.95
N GLN E 597 -56.74 -46.42 19.02
CA GLN E 597 -57.21 -46.81 20.34
C GLN E 597 -58.51 -46.13 20.71
N LYS E 598 -58.63 -44.83 20.47
CA LYS E 598 -59.84 -44.07 20.81
C LYS E 598 -61.04 -44.67 20.09
N ARG E 599 -60.87 -44.95 18.79
CA ARG E 599 -61.92 -45.51 17.94
C ARG E 599 -62.44 -46.83 18.58
N LEU E 600 -61.48 -47.68 18.90
CA LEU E 600 -61.80 -48.97 19.48
C LEU E 600 -62.64 -48.69 20.70
N GLY E 601 -62.06 -47.94 21.63
CA GLY E 601 -62.70 -47.71 22.92
C GLY E 601 -64.12 -47.26 22.75
N ALA E 602 -64.35 -46.35 21.80
CA ALA E 602 -65.69 -45.84 21.54
C ALA E 602 -66.65 -46.93 21.07
N VAL E 603 -66.24 -47.72 20.08
CA VAL E 603 -67.14 -48.78 19.61
C VAL E 603 -67.21 -49.88 20.68
N GLY E 604 -66.08 -50.17 21.29
CA GLY E 604 -65.97 -51.21 22.27
C GLY E 604 -64.57 -51.76 22.25
N LYS E 605 -64.43 -53.00 22.72
CA LYS E 605 -63.13 -53.70 22.76
C LYS E 605 -62.03 -52.83 23.42
N GLN E 606 -62.39 -52.25 24.55
CA GLN E 606 -61.50 -51.33 25.26
C GLN E 606 -60.25 -52.04 25.74
N ALA E 607 -60.39 -53.28 26.19
CA ALA E 607 -59.26 -54.09 26.59
C ALA E 607 -58.32 -54.20 25.39
N VAL E 608 -58.87 -54.40 24.19
CA VAL E 608 -58.00 -54.50 23.02
C VAL E 608 -57.11 -53.26 22.97
N ALA E 609 -57.70 -52.10 23.18
CA ALA E 609 -56.88 -50.87 23.16
C ALA E 609 -55.81 -50.90 24.25
N ALA E 610 -56.16 -51.35 25.44
CA ALA E 610 -55.21 -51.41 26.55
C ALA E 610 -54.09 -52.39 26.27
N GLN E 611 -54.39 -53.50 25.58
CA GLN E 611 -53.37 -54.51 25.25
C GLN E 611 -52.21 -53.93 24.44
N ILE E 612 -52.59 -53.26 23.34
CA ILE E 612 -51.64 -52.63 22.44
C ILE E 612 -50.82 -51.53 23.15
N ASP E 613 -51.45 -50.73 24.03
CA ASP E 613 -50.79 -49.73 24.86
C ASP E 613 -49.60 -50.39 25.51
N THR E 614 -49.81 -51.55 26.13
CA THR E 614 -48.74 -52.23 26.85
C THR E 614 -47.83 -52.76 25.81
N TRP E 615 -48.46 -53.30 24.77
CA TRP E 615 -47.64 -53.81 23.72
C TRP E 615 -46.59 -52.76 23.23
N VAL E 616 -47.03 -51.62 22.74
CA VAL E 616 -46.16 -50.51 22.35
C VAL E 616 -45.08 -50.06 23.33
N LEU E 617 -45.43 -49.92 24.60
CA LEU E 617 -44.48 -49.45 25.61
C LEU E 617 -43.25 -50.32 25.64
N VAL E 618 -43.45 -51.64 25.58
CA VAL E 618 -42.32 -52.57 25.52
C VAL E 618 -41.44 -52.31 24.29
N ILE E 619 -42.07 -52.32 23.12
CA ILE E 619 -41.34 -52.33 21.82
C ILE E 619 -40.73 -50.94 21.47
N TYR E 620 -41.50 -49.89 21.70
CA TYR E 620 -41.17 -48.53 21.34
C TYR E 620 -39.75 -48.06 21.72
N PRO E 621 -39.36 -48.19 23.02
CA PRO E 621 -38.01 -47.72 23.36
C PRO E 621 -36.82 -48.64 23.02
N LEU E 622 -37.07 -49.88 22.60
CA LEU E 622 -36.03 -50.79 22.13
C LEU E 622 -35.63 -50.58 20.65
N VAL E 623 -36.63 -50.30 19.81
CA VAL E 623 -36.39 -49.93 18.42
C VAL E 623 -35.91 -48.53 18.75
N TYR E 624 -36.37 -47.97 19.87
CA TYR E 624 -35.71 -46.77 20.28
C TYR E 624 -34.23 -47.02 20.44
N SER E 625 -33.86 -47.92 21.32
CA SER E 625 -32.48 -48.35 21.46
C SER E 625 -31.61 -48.94 20.33
N LEU E 626 -32.15 -49.89 19.58
CA LEU E 626 -31.46 -50.49 18.46
C LEU E 626 -31.17 -49.54 17.33
N TYR E 627 -32.06 -48.61 17.10
CA TYR E 627 -31.85 -47.64 16.04
C TYR E 627 -30.57 -46.91 16.37
N ILE E 628 -30.42 -46.46 17.59
CA ILE E 628 -29.20 -45.82 18.05
C ILE E 628 -27.99 -46.71 17.86
N ILE E 629 -28.11 -47.95 18.25
CA ILE E 629 -26.99 -48.86 18.15
C ILE E 629 -26.70 -49.12 16.65
N TRP E 630 -27.76 -49.18 15.85
CA TRP E 630 -27.67 -49.33 14.36
C TRP E 630 -26.76 -48.34 13.73
N VAL E 631 -27.07 -47.06 13.96
CA VAL E 631 -26.28 -45.91 13.43
C VAL E 631 -24.90 -45.75 14.06
N TYR E 632 -24.73 -46.27 15.29
CA TYR E 632 -23.45 -46.33 15.94
C TYR E 632 -22.52 -46.98 14.93
N LEU E 633 -22.88 -48.21 14.55
CA LEU E 633 -22.08 -48.98 13.66
C LEU E 633 -21.83 -48.36 12.28
N ARG E 634 -22.88 -47.87 11.67
CA ARG E 634 -22.91 -47.29 10.33
C ARG E 634 -22.02 -46.03 10.38
N PHE E 635 -22.07 -45.26 11.45
CA PHE E 635 -21.42 -43.96 11.49
C PHE E 635 -20.21 -43.94 12.45
N PHE E 636 -19.74 -45.14 12.83
CA PHE E 636 -18.56 -45.26 13.70
C PHE E 636 -17.76 -46.55 13.35
#